data_2MHF
#
_entry.id   2MHF
#
_entity_poly.entity_id   1
_entity_poly.type   'polypeptide(L)'
_entity_poly.pdbx_seq_one_letter_code
;MNKELLQLPLFESASRGCLRSLSLIIKTSFCAPGEFLIRQGDALQAIYFVCSGSMEVLKDNTVLAILGKGDLIGSDSLTK
EQVIKTNANVKALTYCDLQYISLKGLREVLRLYPEYAQKFVSEIQHDLTYNLREGLEHHHHHH
;
_entity_poly.pdbx_strand_id   A
#
# COMPACT_ATOMS: atom_id res chain seq x y z
N MET A 1 17.61 -14.43 9.24
CA MET A 1 16.71 -14.78 8.15
C MET A 1 15.26 -14.57 8.55
N ASN A 2 14.61 -13.59 7.93
CA ASN A 2 13.22 -13.30 8.24
C ASN A 2 12.67 -12.25 7.26
N LYS A 3 11.41 -11.86 7.49
CA LYS A 3 10.78 -10.87 6.63
C LYS A 3 11.54 -9.54 6.69
N GLU A 4 12.28 -9.24 5.64
CA GLU A 4 13.05 -8.01 5.59
C GLU A 4 12.15 -6.82 5.29
N LEU A 5 12.58 -5.64 5.71
CA LEU A 5 11.80 -4.41 5.49
C LEU A 5 11.75 -4.04 4.01
N LEU A 6 12.69 -4.56 3.22
CA LEU A 6 12.71 -4.23 1.80
C LEU A 6 11.37 -4.48 1.14
N GLN A 7 10.31 -4.64 1.92
CA GLN A 7 9.01 -4.83 1.32
C GLN A 7 8.77 -3.61 0.46
N LEU A 8 9.37 -2.52 0.92
CA LEU A 8 9.34 -1.28 0.17
C LEU A 8 10.79 -0.92 -0.17
N PRO A 9 11.30 -1.46 -1.25
CA PRO A 9 12.70 -1.24 -1.69
C PRO A 9 13.04 0.22 -1.89
N LEU A 10 12.01 1.03 -2.06
CA LEU A 10 12.21 2.45 -2.29
C LEU A 10 13.03 3.09 -1.18
N PHE A 11 12.66 2.80 0.06
CA PHE A 11 13.39 3.39 1.16
C PHE A 11 14.47 2.43 1.67
N GLU A 12 14.11 1.16 1.85
CA GLU A 12 15.06 0.18 2.32
C GLU A 12 16.30 0.19 1.43
N SER A 13 16.13 0.60 0.18
CA SER A 13 17.23 0.67 -0.76
C SER A 13 17.77 2.09 -0.83
N ALA A 14 17.25 2.95 0.03
CA ALA A 14 17.67 4.34 0.08
C ALA A 14 18.45 4.61 1.36
N SER A 15 19.10 5.76 1.39
CA SER A 15 19.81 6.14 2.58
C SER A 15 18.78 6.41 3.67
N ARG A 16 19.11 6.09 4.91
CA ARG A 16 18.17 6.32 5.98
C ARG A 16 17.58 7.71 5.82
N GLY A 17 18.30 8.54 5.07
CA GLY A 17 17.84 9.90 4.82
C GLY A 17 16.48 9.88 4.15
N CYS A 18 16.29 8.96 3.19
CA CYS A 18 15.00 8.87 2.53
C CYS A 18 13.99 8.31 3.50
N LEU A 19 14.32 7.22 4.16
CA LEU A 19 13.39 6.66 5.10
C LEU A 19 12.94 7.75 6.07
N ARG A 20 13.84 8.71 6.32
CA ARG A 20 13.51 9.84 7.18
C ARG A 20 12.50 10.71 6.43
N SER A 21 12.65 10.71 5.12
CA SER A 21 11.75 11.45 4.24
C SER A 21 10.36 10.81 4.30
N LEU A 22 10.31 9.51 4.05
CA LEU A 22 9.05 8.80 4.13
C LEU A 22 8.47 8.98 5.51
N SER A 23 9.33 8.86 6.51
CA SER A 23 8.90 9.00 7.89
C SER A 23 8.28 10.36 8.13
N LEU A 24 8.74 11.38 7.40
CA LEU A 24 8.14 12.68 7.55
C LEU A 24 6.66 12.57 7.24
N ILE A 25 6.32 11.64 6.34
CA ILE A 25 4.91 11.44 5.97
C ILE A 25 4.45 10.00 6.16
N ILE A 26 5.11 9.23 7.02
CA ILE A 26 4.74 7.85 7.23
C ILE A 26 3.36 7.75 7.88
N LYS A 27 2.54 6.85 7.35
CA LYS A 27 1.20 6.65 7.91
C LYS A 27 1.03 5.20 8.35
N THR A 28 0.29 5.00 9.44
CA THR A 28 0.05 3.65 9.95
C THR A 28 -1.43 3.31 9.94
N SER A 29 -1.76 2.15 9.38
CA SER A 29 -3.15 1.69 9.30
C SER A 29 -3.27 0.29 9.89
N PHE A 30 -4.31 0.08 10.70
CA PHE A 30 -4.49 -1.24 11.31
C PHE A 30 -5.92 -1.76 11.10
N CYS A 31 -6.04 -3.08 10.99
CA CYS A 31 -7.35 -3.70 10.78
C CYS A 31 -7.55 -4.85 11.77
N ALA A 32 -8.80 -5.13 12.11
CA ALA A 32 -9.11 -6.20 13.04
C ALA A 32 -9.95 -7.30 12.38
N PRO A 33 -10.11 -8.42 13.04
CA PRO A 33 -10.92 -9.54 12.50
C PRO A 33 -12.33 -9.08 12.15
N GLY A 34 -12.73 -9.27 10.89
CA GLY A 34 -14.05 -8.86 10.47
C GLY A 34 -14.15 -7.34 10.40
N GLU A 35 -13.04 -6.67 10.67
CA GLU A 35 -13.01 -5.21 10.66
C GLU A 35 -13.08 -4.67 9.24
N PHE A 36 -13.96 -3.73 9.00
CA PHE A 36 -14.13 -3.14 7.67
C PHE A 36 -13.17 -1.97 7.46
N LEU A 37 -12.27 -2.11 6.48
CA LEU A 37 -11.31 -1.05 6.18
C LEU A 37 -11.83 -0.11 5.10
N ILE A 38 -12.49 -0.64 4.06
CA ILE A 38 -13.01 0.24 3.03
C ILE A 38 -14.40 -0.18 2.64
N ARG A 39 -15.12 0.78 2.08
CA ARG A 39 -16.48 0.53 1.64
C ARG A 39 -16.67 0.99 0.20
N GLN A 40 -16.99 0.04 -0.66
CA GLN A 40 -17.21 0.30 -2.08
C GLN A 40 -17.25 1.80 -2.38
N GLY A 41 -16.44 2.23 -3.34
CA GLY A 41 -16.40 3.63 -3.74
C GLY A 41 -15.48 4.46 -2.85
N ASP A 42 -14.73 3.82 -1.96
CA ASP A 42 -13.83 4.55 -1.09
C ASP A 42 -12.74 5.26 -1.89
N ALA A 43 -12.18 6.31 -1.31
CA ALA A 43 -11.13 7.07 -1.97
C ALA A 43 -9.76 6.44 -1.73
N LEU A 44 -9.07 6.14 -2.82
CA LEU A 44 -7.74 5.54 -2.73
C LEU A 44 -6.66 6.61 -2.87
N GLN A 45 -5.95 6.88 -1.78
CA GLN A 45 -4.89 7.89 -1.81
C GLN A 45 -3.57 7.30 -1.33
N ALA A 46 -3.67 6.26 -0.49
CA ALA A 46 -2.47 5.62 0.05
C ALA A 46 -2.45 4.13 -0.27
N ILE A 47 -1.27 3.54 -0.14
CA ILE A 47 -1.10 2.11 -0.38
C ILE A 47 -0.69 1.44 0.92
N TYR A 48 -1.18 0.22 1.16
CA TYR A 48 -0.86 -0.46 2.41
C TYR A 48 -0.09 -1.76 2.18
N PHE A 49 0.67 -2.15 3.20
CA PHE A 49 1.44 -3.38 3.19
C PHE A 49 1.09 -4.15 4.45
N VAL A 50 0.84 -5.44 4.30
CA VAL A 50 0.52 -6.26 5.44
C VAL A 50 1.75 -7.05 5.87
N CYS A 51 2.05 -7.03 7.16
CA CYS A 51 3.22 -7.74 7.66
C CYS A 51 2.82 -9.07 8.31
N SER A 52 1.60 -9.10 8.83
CA SER A 52 1.10 -10.31 9.49
C SER A 52 -0.41 -10.20 9.71
N GLY A 53 -1.09 -11.33 9.56
CA GLY A 53 -2.54 -11.35 9.75
C GLY A 53 -3.23 -11.82 8.47
N SER A 54 -4.52 -11.50 8.33
CA SER A 54 -5.26 -11.91 7.14
C SER A 54 -6.35 -10.92 6.81
N MET A 55 -6.51 -10.61 5.53
CA MET A 55 -7.53 -9.67 5.11
C MET A 55 -8.03 -9.97 3.69
N GLU A 56 -9.18 -9.42 3.36
CA GLU A 56 -9.76 -9.62 2.04
C GLU A 56 -10.89 -8.64 1.77
N VAL A 57 -11.17 -8.39 0.49
CA VAL A 57 -12.25 -7.50 0.10
C VAL A 57 -13.48 -8.34 -0.23
N LEU A 58 -14.65 -7.95 0.32
CA LEU A 58 -15.89 -8.69 0.10
C LEU A 58 -16.80 -7.97 -0.88
N LYS A 59 -17.18 -8.69 -1.94
CA LYS A 59 -18.05 -8.12 -2.94
C LYS A 59 -18.69 -9.23 -3.79
N ASP A 60 -19.94 -9.02 -4.18
CA ASP A 60 -20.67 -10.00 -4.98
C ASP A 60 -20.78 -11.34 -4.25
N ASN A 61 -21.07 -11.27 -2.96
CA ASN A 61 -21.23 -12.48 -2.15
C ASN A 61 -19.91 -13.22 -1.97
N THR A 62 -18.87 -12.80 -2.68
CA THR A 62 -17.58 -13.46 -2.57
C THR A 62 -16.47 -12.46 -2.34
N VAL A 63 -15.36 -12.96 -1.84
CA VAL A 63 -14.20 -12.14 -1.62
C VAL A 63 -13.60 -11.75 -2.95
N LEU A 64 -13.61 -10.46 -3.27
CA LEU A 64 -13.08 -10.01 -4.55
C LEU A 64 -11.56 -10.05 -4.51
N ALA A 65 -11.02 -10.22 -3.31
CA ALA A 65 -9.58 -10.30 -3.15
C ALA A 65 -9.23 -11.15 -1.93
N ILE A 66 -8.28 -12.06 -2.12
CA ILE A 66 -7.86 -12.94 -1.03
C ILE A 66 -6.36 -12.77 -0.79
N LEU A 67 -5.97 -12.07 0.27
CA LEU A 67 -4.55 -11.88 0.54
C LEU A 67 -4.19 -12.14 2.01
N GLY A 68 -2.90 -12.35 2.25
CA GLY A 68 -2.41 -12.60 3.60
C GLY A 68 -1.14 -11.81 3.91
N LYS A 69 -0.33 -12.35 4.81
CA LYS A 69 0.91 -11.71 5.23
C LYS A 69 1.81 -11.32 4.06
N GLY A 70 2.26 -10.07 4.07
CA GLY A 70 3.16 -9.56 3.05
C GLY A 70 2.42 -9.05 1.81
N ASP A 71 1.12 -9.32 1.76
CA ASP A 71 0.33 -8.90 0.61
C ASP A 71 0.39 -7.39 0.43
N LEU A 72 -0.07 -6.92 -0.72
CA LEU A 72 -0.06 -5.48 -1.01
C LEU A 72 -1.43 -5.05 -1.53
N ILE A 73 -1.87 -3.88 -1.08
CA ILE A 73 -3.17 -3.36 -1.49
C ILE A 73 -3.02 -2.03 -2.23
N GLY A 74 -3.57 -1.97 -3.44
CA GLY A 74 -3.50 -0.78 -4.27
C GLY A 74 -3.27 -1.15 -5.73
N SER A 75 -3.79 -0.34 -6.64
CA SER A 75 -3.63 -0.61 -8.07
C SER A 75 -2.23 -0.23 -8.55
N ASP A 76 -1.79 -0.86 -9.63
CA ASP A 76 -0.48 -0.59 -10.19
C ASP A 76 -0.50 0.67 -11.03
N SER A 77 0.58 0.91 -11.76
CA SER A 77 0.68 2.10 -12.61
C SER A 77 0.81 3.35 -11.76
N LEU A 78 1.55 3.24 -10.66
CA LEU A 78 1.75 4.37 -9.75
C LEU A 78 2.28 5.57 -10.52
N THR A 79 2.67 5.36 -11.77
CA THR A 79 3.20 6.44 -12.59
C THR A 79 2.05 7.22 -13.25
N LYS A 80 0.89 6.58 -13.34
CA LYS A 80 -0.27 7.23 -13.95
C LYS A 80 -0.97 8.13 -12.94
N GLU A 81 -0.57 8.01 -11.67
CA GLU A 81 -1.16 8.82 -10.60
C GLU A 81 -2.52 9.36 -11.01
N GLN A 82 -3.58 8.62 -10.65
CA GLN A 82 -4.93 9.04 -10.98
C GLN A 82 -5.88 8.75 -9.82
N VAL A 83 -7.11 9.23 -9.93
CA VAL A 83 -8.10 9.02 -8.88
C VAL A 83 -8.63 7.59 -8.94
N ILE A 84 -8.37 6.84 -7.88
CA ILE A 84 -8.83 5.45 -7.83
C ILE A 84 -9.64 5.22 -6.57
N LYS A 85 -10.78 4.56 -6.70
CA LYS A 85 -11.62 4.28 -5.55
C LYS A 85 -12.00 2.80 -5.53
N THR A 86 -11.84 2.19 -4.37
CA THR A 86 -12.16 0.77 -4.23
C THR A 86 -13.67 0.56 -4.32
N ASN A 87 -14.10 -0.18 -5.34
CA ASN A 87 -15.52 -0.44 -5.57
C ASN A 87 -16.06 -1.54 -4.66
N ALA A 88 -15.17 -2.37 -4.14
CA ALA A 88 -15.59 -3.46 -3.26
C ALA A 88 -15.49 -3.00 -1.80
N ASN A 89 -15.65 -3.92 -0.87
CA ASN A 89 -15.55 -3.59 0.54
C ASN A 89 -14.37 -4.33 1.14
N VAL A 90 -13.58 -3.67 1.99
CA VAL A 90 -12.45 -4.32 2.58
C VAL A 90 -12.77 -4.74 3.99
N LYS A 91 -12.47 -5.99 4.32
CA LYS A 91 -12.73 -6.50 5.64
C LYS A 91 -11.59 -7.41 6.09
N ALA A 92 -10.92 -7.02 7.17
CA ALA A 92 -9.84 -7.81 7.71
C ALA A 92 -10.39 -9.07 8.35
N LEU A 93 -9.97 -10.23 7.85
CA LEU A 93 -10.45 -11.50 8.36
C LEU A 93 -9.84 -11.77 9.74
N THR A 94 -8.53 -11.58 9.83
CA THR A 94 -7.83 -11.78 11.09
C THR A 94 -7.00 -10.55 11.41
N TYR A 95 -6.85 -10.25 12.70
CA TYR A 95 -6.08 -9.09 13.10
C TYR A 95 -4.77 -9.01 12.33
N CYS A 96 -4.56 -7.91 11.64
CA CYS A 96 -3.35 -7.73 10.85
C CYS A 96 -2.83 -6.30 10.94
N ASP A 97 -1.51 -6.17 10.92
CA ASP A 97 -0.89 -4.86 10.97
C ASP A 97 -0.60 -4.40 9.56
N LEU A 98 -1.03 -3.20 9.22
CA LEU A 98 -0.83 -2.68 7.87
C LEU A 98 -0.13 -1.33 7.89
N GLN A 99 0.88 -1.19 7.06
CA GLN A 99 1.59 0.08 6.96
C GLN A 99 1.23 0.74 5.65
N TYR A 100 0.90 2.01 5.68
CA TYR A 100 0.53 2.72 4.46
C TYR A 100 0.98 4.17 4.50
N ILE A 101 0.93 4.80 3.34
CA ILE A 101 1.33 6.18 3.21
C ILE A 101 0.61 6.83 2.04
N SER A 102 0.46 8.14 2.08
CA SER A 102 -0.19 8.85 1.00
C SER A 102 0.74 8.90 -0.21
N LEU A 103 0.24 8.43 -1.34
CA LEU A 103 1.04 8.41 -2.56
C LEU A 103 1.73 9.76 -2.77
N LYS A 104 1.06 10.84 -2.39
CA LYS A 104 1.63 12.17 -2.53
C LYS A 104 2.79 12.34 -1.56
N GLY A 105 2.64 11.75 -0.38
CA GLY A 105 3.67 11.84 0.66
C GLY A 105 4.95 11.13 0.25
N LEU A 106 4.79 9.93 -0.29
CA LEU A 106 5.95 9.12 -0.70
C LEU A 106 6.69 9.73 -1.88
N ARG A 107 5.96 10.23 -2.85
CA ARG A 107 6.59 10.80 -4.04
C ARG A 107 7.32 12.10 -3.73
N GLU A 108 6.83 12.85 -2.75
CA GLU A 108 7.45 14.12 -2.39
C GLU A 108 8.82 13.86 -1.79
N VAL A 109 8.82 13.00 -0.80
CA VAL A 109 10.04 12.60 -0.12
C VAL A 109 11.02 12.03 -1.15
N LEU A 110 10.54 11.06 -1.91
CA LEU A 110 11.34 10.47 -2.94
C LEU A 110 11.76 11.56 -3.92
N ARG A 111 10.93 12.59 -4.05
CA ARG A 111 11.26 13.70 -4.93
C ARG A 111 12.64 14.19 -4.52
N LEU A 112 12.90 14.16 -3.21
CA LEU A 112 14.20 14.55 -2.69
C LEU A 112 15.23 13.60 -3.28
N TYR A 113 14.75 12.40 -3.60
CA TYR A 113 15.60 11.37 -4.22
C TYR A 113 15.05 11.06 -5.61
N PRO A 114 15.43 11.85 -6.59
CA PRO A 114 14.94 11.70 -8.01
C PRO A 114 15.28 10.37 -8.69
N GLU A 115 16.48 9.86 -8.49
CA GLU A 115 16.86 8.61 -9.16
C GLU A 115 16.06 7.43 -8.61
N TYR A 116 16.07 7.29 -7.29
CA TYR A 116 15.34 6.21 -6.64
C TYR A 116 13.84 6.44 -6.76
N ALA A 117 13.45 7.71 -6.73
CA ALA A 117 12.04 8.07 -6.80
C ALA A 117 11.43 7.74 -8.15
N GLN A 118 11.98 8.30 -9.22
CA GLN A 118 11.45 8.03 -10.53
C GLN A 118 11.38 6.52 -10.71
N LYS A 119 12.33 5.83 -10.09
CA LYS A 119 12.39 4.38 -10.13
C LYS A 119 11.30 3.74 -9.26
N PHE A 120 10.87 4.46 -8.21
CA PHE A 120 9.88 3.92 -7.29
C PHE A 120 8.57 3.55 -7.99
N VAL A 121 8.03 4.46 -8.79
CA VAL A 121 6.79 4.18 -9.48
C VAL A 121 6.89 2.87 -10.26
N SER A 122 8.05 2.64 -10.88
CA SER A 122 8.28 1.43 -11.66
C SER A 122 8.78 0.28 -10.78
N GLU A 123 9.47 0.61 -9.70
CA GLU A 123 10.02 -0.41 -8.81
C GLU A 123 8.93 -1.03 -7.94
N ILE A 124 7.78 -0.38 -7.87
CA ILE A 124 6.67 -0.88 -7.05
C ILE A 124 6.22 -2.28 -7.48
N GLN A 125 6.15 -2.51 -8.79
CA GLN A 125 5.70 -3.82 -9.29
C GLN A 125 6.43 -4.96 -8.59
N HIS A 126 7.66 -4.71 -8.18
CA HIS A 126 8.44 -5.74 -7.49
C HIS A 126 7.74 -6.17 -6.20
N ASP A 127 6.75 -5.39 -5.78
CA ASP A 127 6.02 -5.71 -4.56
C ASP A 127 4.53 -5.89 -4.86
N LEU A 128 4.06 -5.21 -5.90
CA LEU A 128 2.65 -5.31 -6.27
C LEU A 128 2.13 -6.72 -6.10
N THR A 129 1.27 -6.92 -5.09
CA THR A 129 0.70 -8.24 -4.83
C THR A 129 -0.74 -8.29 -5.32
N TYR A 130 -1.52 -7.28 -4.97
CA TYR A 130 -2.91 -7.21 -5.39
C TYR A 130 -3.23 -5.83 -5.94
N ASN A 131 -3.59 -5.78 -7.21
CA ASN A 131 -3.92 -4.51 -7.85
C ASN A 131 -5.39 -4.18 -7.72
N LEU A 132 -5.70 -3.15 -6.94
CA LEU A 132 -7.09 -2.74 -6.74
C LEU A 132 -7.46 -1.67 -7.76
N ARG A 133 -8.41 -2.01 -8.63
CA ARG A 133 -8.85 -1.09 -9.66
C ARG A 133 -10.18 -0.44 -9.29
N GLU A 134 -10.42 0.75 -9.82
CA GLU A 134 -11.66 1.47 -9.52
C GLU A 134 -12.83 0.84 -10.26
N GLY A 135 -14.00 0.88 -9.65
CA GLY A 135 -15.20 0.31 -10.26
C GLY A 135 -15.09 -1.21 -10.36
N MET A 1 19.20 -3.00 10.72
CA MET A 1 18.05 -3.83 10.41
C MET A 1 16.92 -2.98 9.82
N ASN A 2 15.69 -3.40 10.06
CA ASN A 2 14.53 -2.66 9.55
C ASN A 2 13.23 -3.32 10.02
N LYS A 3 12.12 -2.85 9.46
CA LYS A 3 10.81 -3.40 9.82
C LYS A 3 9.72 -2.80 8.94
N GLU A 4 9.92 -1.54 8.54
CA GLU A 4 8.94 -0.86 7.69
C GLU A 4 9.07 -1.35 6.24
N LEU A 5 7.93 -1.45 5.56
CA LEU A 5 7.93 -1.92 4.17
C LEU A 5 8.87 -1.07 3.32
N LEU A 6 9.19 0.14 3.78
CA LEU A 6 10.08 0.99 3.01
C LEU A 6 11.36 0.24 2.66
N GLN A 7 11.40 -1.05 2.97
CA GLN A 7 12.58 -1.84 2.66
C GLN A 7 12.73 -1.88 1.15
N LEU A 8 11.68 -1.45 0.45
CA LEU A 8 11.71 -1.41 -1.00
C LEU A 8 12.83 -0.49 -1.48
N PRO A 9 13.37 -0.75 -2.64
CA PRO A 9 14.48 0.04 -3.25
C PRO A 9 14.32 1.56 -3.14
N LEU A 10 13.13 2.05 -2.83
CA LEU A 10 12.92 3.51 -2.77
C LEU A 10 13.92 4.19 -1.85
N PHE A 11 14.08 3.66 -0.65
CA PHE A 11 15.00 4.28 0.28
C PHE A 11 16.38 3.63 0.23
N GLU A 12 16.41 2.30 0.09
CA GLU A 12 17.66 1.57 0.03
C GLU A 12 18.56 2.11 -1.07
N SER A 13 17.97 2.43 -2.20
CA SER A 13 18.74 2.96 -3.32
C SER A 13 18.90 4.47 -3.18
N ALA A 14 18.41 5.00 -2.07
CA ALA A 14 18.50 6.43 -1.81
C ALA A 14 19.36 6.69 -0.60
N SER A 15 19.67 7.95 -0.39
CA SER A 15 20.46 8.32 0.78
C SER A 15 19.56 8.19 2.00
N ARG A 16 20.12 7.81 3.13
CA ARG A 16 19.30 7.68 4.31
C ARG A 16 18.41 8.91 4.41
N GLY A 17 18.83 9.96 3.72
CA GLY A 17 18.05 11.20 3.70
C GLY A 17 16.66 10.93 3.17
N CYS A 18 16.56 10.08 2.14
CA CYS A 18 15.26 9.74 1.59
C CYS A 18 14.51 8.89 2.59
N LEU A 19 15.26 8.12 3.37
CA LEU A 19 14.62 7.30 4.38
C LEU A 19 13.97 8.21 5.42
N ARG A 20 14.68 9.29 5.76
CA ARG A 20 14.15 10.27 6.71
C ARG A 20 13.01 11.04 6.03
N SER A 21 13.15 11.21 4.72
CA SER A 21 12.14 11.90 3.92
C SER A 21 10.84 11.11 3.98
N LEU A 22 10.91 9.83 3.65
CA LEU A 22 9.73 8.99 3.69
C LEU A 22 9.22 8.89 5.12
N SER A 23 10.09 8.49 6.03
CA SER A 23 9.68 8.34 7.41
C SER A 23 9.07 9.62 7.94
N LEU A 24 9.51 10.76 7.41
CA LEU A 24 8.95 12.02 7.82
C LEU A 24 7.45 11.99 7.55
N ILE A 25 7.06 11.33 6.46
CA ILE A 25 5.64 11.23 6.12
C ILE A 25 5.13 9.77 6.19
N ILE A 26 5.83 8.93 6.94
CA ILE A 26 5.43 7.55 7.07
C ILE A 26 4.06 7.44 7.72
N LYS A 27 3.19 6.59 7.15
CA LYS A 27 1.86 6.40 7.73
C LYS A 27 1.65 4.95 8.12
N THR A 28 0.85 4.71 9.15
CA THR A 28 0.58 3.36 9.61
C THR A 28 -0.92 3.07 9.66
N SER A 29 -1.32 1.95 9.08
CA SER A 29 -2.73 1.56 9.06
C SER A 29 -2.89 0.14 9.62
N PHE A 30 -3.90 -0.05 10.47
CA PHE A 30 -4.13 -1.37 11.08
C PHE A 30 -5.58 -1.79 10.92
N CYS A 31 -5.81 -3.11 10.92
CA CYS A 31 -7.17 -3.65 10.79
C CYS A 31 -7.37 -4.80 11.77
N ALA A 32 -8.62 -5.02 12.16
CA ALA A 32 -8.95 -6.09 13.11
C ALA A 32 -9.77 -7.18 12.42
N PRO A 33 -10.00 -8.29 13.09
CA PRO A 33 -10.80 -9.41 12.52
C PRO A 33 -12.24 -8.96 12.27
N GLY A 34 -12.71 -9.16 11.04
CA GLY A 34 -14.06 -8.75 10.69
C GLY A 34 -14.14 -7.22 10.60
N GLU A 35 -13.00 -6.56 10.78
CA GLU A 35 -12.95 -5.10 10.74
C GLU A 35 -13.00 -4.59 9.30
N PHE A 36 -13.86 -3.60 9.05
CA PHE A 36 -14.01 -3.05 7.70
C PHE A 36 -13.12 -1.83 7.48
N LEU A 37 -12.17 -1.96 6.56
CA LEU A 37 -11.26 -0.85 6.25
C LEU A 37 -11.81 -0.04 5.07
N ILE A 38 -12.22 -0.72 3.99
CA ILE A 38 -12.76 -0.04 2.83
C ILE A 38 -14.20 -0.46 2.60
N ARG A 39 -14.99 0.47 2.10
CA ARG A 39 -16.38 0.21 1.82
C ARG A 39 -16.74 0.67 0.41
N GLN A 40 -16.91 -0.29 -0.48
CA GLN A 40 -17.24 -0.01 -1.88
C GLN A 40 -17.52 1.47 -2.11
N GLY A 41 -16.80 2.05 -3.06
CA GLY A 41 -16.96 3.46 -3.39
C GLY A 41 -15.99 4.33 -2.59
N ASP A 42 -15.09 3.69 -1.86
CA ASP A 42 -14.11 4.43 -1.07
C ASP A 42 -13.10 5.13 -1.98
N ALA A 43 -12.13 5.79 -1.37
CA ALA A 43 -11.11 6.50 -2.15
C ALA A 43 -9.72 6.00 -1.80
N LEU A 44 -8.96 5.62 -2.82
CA LEU A 44 -7.61 5.12 -2.63
C LEU A 44 -6.59 6.23 -2.86
N GLN A 45 -5.85 6.58 -1.82
CA GLN A 45 -4.84 7.63 -1.93
C GLN A 45 -3.46 7.13 -1.49
N ALA A 46 -3.45 6.04 -0.71
CA ALA A 46 -2.19 5.49 -0.24
C ALA A 46 -2.09 4.00 -0.53
N ILE A 47 -0.90 3.45 -0.34
CA ILE A 47 -0.68 2.02 -0.58
C ILE A 47 -0.32 1.34 0.74
N TYR A 48 -0.91 0.17 0.99
CA TYR A 48 -0.66 -0.56 2.24
C TYR A 48 -0.07 -1.94 1.98
N PHE A 49 0.65 -2.44 2.98
CA PHE A 49 1.24 -3.77 2.91
C PHE A 49 0.81 -4.55 4.14
N VAL A 50 0.60 -5.84 3.98
CA VAL A 50 0.22 -6.67 5.08
C VAL A 50 1.43 -7.47 5.54
N CYS A 51 1.72 -7.43 6.84
CA CYS A 51 2.88 -8.14 7.36
C CYS A 51 2.47 -9.41 8.09
N SER A 52 1.24 -9.42 8.58
CA SER A 52 0.74 -10.58 9.31
C SER A 52 -0.77 -10.47 9.51
N GLY A 53 -1.46 -11.60 9.47
CA GLY A 53 -2.91 -11.60 9.66
C GLY A 53 -3.62 -12.05 8.39
N SER A 54 -4.89 -11.70 8.27
CA SER A 54 -5.67 -12.09 7.09
C SER A 54 -6.69 -11.02 6.74
N MET A 55 -6.91 -10.83 5.43
CA MET A 55 -7.87 -9.83 4.98
C MET A 55 -8.37 -10.18 3.58
N GLU A 56 -9.50 -9.57 3.19
CA GLU A 56 -10.08 -9.85 1.89
C GLU A 56 -11.11 -8.77 1.53
N VAL A 57 -11.32 -8.56 0.23
CA VAL A 57 -12.31 -7.57 -0.20
C VAL A 57 -13.64 -8.26 -0.43
N LEU A 58 -14.72 -7.66 0.06
CA LEU A 58 -16.05 -8.25 -0.05
C LEU A 58 -16.91 -7.54 -1.09
N LYS A 59 -17.34 -8.28 -2.10
CA LYS A 59 -18.17 -7.70 -3.16
C LYS A 59 -18.89 -8.79 -3.94
N ASP A 60 -20.13 -8.50 -4.34
CA ASP A 60 -20.95 -9.43 -5.11
C ASP A 60 -21.18 -10.73 -4.33
N ASN A 61 -21.48 -10.60 -3.05
CA ASN A 61 -21.76 -11.77 -2.21
C ASN A 61 -20.52 -12.63 -2.02
N THR A 62 -19.45 -12.31 -2.73
CA THR A 62 -18.22 -13.09 -2.60
C THR A 62 -17.04 -12.18 -2.38
N VAL A 63 -16.01 -12.73 -1.75
CA VAL A 63 -14.81 -11.95 -1.55
C VAL A 63 -14.11 -11.78 -2.88
N LEU A 64 -14.01 -10.53 -3.33
CA LEU A 64 -13.40 -10.25 -4.62
C LEU A 64 -11.89 -10.41 -4.53
N ALA A 65 -11.39 -10.50 -3.30
CA ALA A 65 -9.96 -10.67 -3.09
C ALA A 65 -9.70 -11.47 -1.83
N ILE A 66 -8.81 -12.45 -1.94
CA ILE A 66 -8.47 -13.27 -0.79
C ILE A 66 -6.96 -13.30 -0.63
N LEU A 67 -6.43 -12.58 0.35
CA LEU A 67 -4.98 -12.54 0.56
C LEU A 67 -4.60 -12.71 2.03
N GLY A 68 -3.32 -13.03 2.26
CA GLY A 68 -2.82 -13.22 3.61
C GLY A 68 -1.56 -12.36 3.86
N LYS A 69 -0.73 -12.83 4.77
CA LYS A 69 0.50 -12.14 5.15
C LYS A 69 1.38 -11.81 3.95
N GLY A 70 1.91 -10.59 3.93
CA GLY A 70 2.80 -10.12 2.87
C GLY A 70 2.03 -9.59 1.67
N ASP A 71 0.72 -9.76 1.68
CA ASP A 71 -0.09 -9.29 0.58
C ASP A 71 -0.02 -7.77 0.44
N LEU A 72 -0.28 -7.28 -0.76
CA LEU A 72 -0.24 -5.85 -1.03
C LEU A 72 -1.60 -5.36 -1.46
N ILE A 73 -1.99 -4.19 -0.96
CA ILE A 73 -3.26 -3.59 -1.31
C ILE A 73 -3.06 -2.26 -2.02
N GLY A 74 -3.77 -2.08 -3.12
CA GLY A 74 -3.63 -0.84 -3.90
C GLY A 74 -3.23 -1.16 -5.34
N SER A 75 -3.64 -0.31 -6.27
CA SER A 75 -3.32 -0.54 -7.68
C SER A 75 -1.88 -0.15 -7.99
N ASP A 76 -1.27 -0.89 -8.90
CA ASP A 76 0.11 -0.62 -9.29
C ASP A 76 0.17 0.48 -10.34
N SER A 77 1.34 0.65 -10.96
CA SER A 77 1.51 1.68 -11.98
C SER A 77 1.50 3.07 -11.36
N LEU A 78 2.16 3.19 -10.22
CA LEU A 78 2.24 4.47 -9.51
C LEU A 78 2.72 5.57 -10.46
N THR A 79 3.13 5.16 -11.66
CA THR A 79 3.61 6.12 -12.66
C THR A 79 2.43 6.79 -13.38
N LYS A 80 1.27 6.17 -13.29
CA LYS A 80 0.08 6.72 -13.94
C LYS A 80 -0.51 7.85 -13.10
N GLU A 81 0.08 8.08 -11.93
CA GLU A 81 -0.38 9.14 -11.04
C GLU A 81 -1.83 9.54 -11.35
N GLN A 82 -2.76 8.92 -10.64
CA GLN A 82 -4.18 9.21 -10.86
C GLN A 82 -4.99 8.87 -9.62
N VAL A 83 -6.26 9.25 -9.63
CA VAL A 83 -7.14 8.97 -8.50
C VAL A 83 -7.84 7.63 -8.66
N ILE A 84 -7.68 6.74 -7.68
CA ILE A 84 -8.31 5.44 -7.72
C ILE A 84 -9.35 5.31 -6.62
N LYS A 85 -10.53 4.82 -6.98
CA LYS A 85 -11.59 4.66 -6.00
C LYS A 85 -11.91 3.19 -5.81
N THR A 86 -12.03 2.77 -4.55
CA THR A 86 -12.33 1.38 -4.25
C THR A 86 -13.80 1.07 -4.53
N ASN A 87 -14.04 0.14 -5.44
CA ASN A 87 -15.41 -0.24 -5.78
C ASN A 87 -15.94 -1.32 -4.84
N ALA A 88 -15.03 -2.16 -4.35
CA ALA A 88 -15.43 -3.23 -3.42
C ALA A 88 -15.21 -2.79 -1.99
N ASN A 89 -15.41 -3.71 -1.06
CA ASN A 89 -15.22 -3.42 0.35
C ASN A 89 -14.06 -4.25 0.86
N VAL A 90 -13.55 -3.91 2.05
CA VAL A 90 -12.42 -4.60 2.61
C VAL A 90 -12.69 -4.90 4.06
N LYS A 91 -12.59 -6.17 4.40
CA LYS A 91 -12.81 -6.59 5.78
C LYS A 91 -11.67 -7.49 6.23
N ALA A 92 -10.97 -7.06 7.26
CA ALA A 92 -9.87 -7.84 7.80
C ALA A 92 -10.43 -9.09 8.42
N LEU A 93 -10.05 -10.24 7.89
CA LEU A 93 -10.53 -11.53 8.38
C LEU A 93 -9.91 -11.82 9.74
N THR A 94 -8.61 -11.63 9.83
CA THR A 94 -7.89 -11.85 11.08
C THR A 94 -7.07 -10.62 11.42
N TYR A 95 -6.89 -10.36 12.70
CA TYR A 95 -6.12 -9.18 13.11
C TYR A 95 -4.83 -9.11 12.30
N CYS A 96 -4.64 -7.98 11.63
CA CYS A 96 -3.45 -7.81 10.81
C CYS A 96 -2.83 -6.45 10.98
N ASP A 97 -1.50 -6.39 10.88
CA ASP A 97 -0.78 -5.13 10.98
C ASP A 97 -0.43 -4.66 9.57
N LEU A 98 -0.82 -3.43 9.23
CA LEU A 98 -0.55 -2.91 7.90
C LEU A 98 0.23 -1.60 7.94
N GLN A 99 1.05 -1.40 6.92
CA GLN A 99 1.84 -0.18 6.80
C GLN A 99 1.52 0.48 5.47
N TYR A 100 1.29 1.79 5.48
CA TYR A 100 0.97 2.51 4.26
C TYR A 100 1.46 3.94 4.32
N ILE A 101 1.42 4.59 3.16
CA ILE A 101 1.86 5.97 3.07
C ILE A 101 1.14 6.66 1.90
N SER A 102 1.00 7.97 1.99
CA SER A 102 0.32 8.71 0.94
C SER A 102 1.26 8.94 -0.24
N LEU A 103 0.82 8.53 -1.43
CA LEU A 103 1.62 8.71 -2.62
C LEU A 103 2.14 10.14 -2.70
N LYS A 104 1.34 11.07 -2.19
CA LYS A 104 1.75 12.47 -2.18
C LYS A 104 2.90 12.66 -1.21
N GLY A 105 2.86 11.90 -0.12
CA GLY A 105 3.90 11.96 0.91
C GLY A 105 5.18 11.32 0.39
N LEU A 106 5.04 10.15 -0.21
CA LEU A 106 6.19 9.42 -0.73
C LEU A 106 6.80 10.11 -1.93
N ARG A 107 5.96 10.63 -2.82
CA ARG A 107 6.45 11.29 -4.03
C ARG A 107 7.12 12.63 -3.72
N GLU A 108 6.68 13.29 -2.67
CA GLU A 108 7.25 14.58 -2.30
C GLU A 108 8.68 14.38 -1.82
N VAL A 109 8.82 13.48 -0.87
CA VAL A 109 10.13 13.13 -0.34
C VAL A 109 10.99 12.67 -1.50
N LEU A 110 10.39 11.83 -2.32
CA LEU A 110 11.04 11.34 -3.51
C LEU A 110 11.39 12.51 -4.42
N ARG A 111 10.58 13.57 -4.33
CA ARG A 111 10.85 14.77 -5.13
C ARG A 111 12.27 15.21 -4.85
N LEU A 112 12.67 15.08 -3.59
CA LEU A 112 14.03 15.43 -3.20
C LEU A 112 14.98 14.53 -3.97
N TYR A 113 14.49 13.32 -4.27
CA TYR A 113 15.27 12.35 -5.04
C TYR A 113 14.52 12.03 -6.34
N PRO A 114 14.65 12.88 -7.33
CA PRO A 114 13.95 12.75 -8.65
C PRO A 114 14.31 11.50 -9.46
N GLU A 115 15.59 11.14 -9.50
CA GLU A 115 16.00 9.98 -10.31
C GLU A 115 15.47 8.68 -9.70
N TYR A 116 15.74 8.48 -8.43
CA TYR A 116 15.29 7.29 -7.75
C TYR A 116 13.77 7.31 -7.62
N ALA A 117 13.23 8.51 -7.46
CA ALA A 117 11.80 8.69 -7.31
C ALA A 117 11.04 8.17 -8.51
N GLN A 118 11.32 8.72 -9.68
CA GLN A 118 10.64 8.27 -10.87
C GLN A 118 10.75 6.76 -10.95
N LYS A 119 11.87 6.25 -10.44
CA LYS A 119 12.12 4.82 -10.42
C LYS A 119 11.27 4.10 -9.36
N PHE A 120 10.85 4.83 -8.32
CA PHE A 120 10.09 4.23 -7.24
C PHE A 120 8.80 3.56 -7.73
N VAL A 121 8.10 4.22 -8.65
CA VAL A 121 6.85 3.68 -9.14
C VAL A 121 7.03 2.24 -9.63
N SER A 122 8.19 1.97 -10.21
CA SER A 122 8.48 0.62 -10.73
C SER A 122 9.04 -0.28 -9.63
N GLU A 123 9.72 0.33 -8.66
CA GLU A 123 10.31 -0.43 -7.56
C GLU A 123 9.25 -1.19 -6.77
N ILE A 124 8.14 -0.52 -6.45
CA ILE A 124 7.09 -1.15 -5.67
C ILE A 124 6.60 -2.44 -6.34
N GLN A 125 6.51 -2.40 -7.66
CA GLN A 125 6.03 -3.54 -8.43
C GLN A 125 6.69 -4.85 -7.98
N HIS A 126 7.92 -4.75 -7.53
CA HIS A 126 8.64 -5.95 -7.09
C HIS A 126 7.89 -6.64 -5.96
N ASP A 127 6.98 -5.90 -5.31
CA ASP A 127 6.21 -6.47 -4.20
C ASP A 127 4.71 -6.40 -4.49
N LEU A 128 4.34 -6.28 -5.75
CA LEU A 128 2.94 -6.20 -6.13
C LEU A 128 2.23 -7.55 -5.97
N THR A 129 1.35 -7.64 -4.99
CA THR A 129 0.61 -8.89 -4.76
C THR A 129 -0.83 -8.76 -5.23
N TYR A 130 -1.52 -7.70 -4.79
CA TYR A 130 -2.90 -7.50 -5.19
C TYR A 130 -3.10 -6.06 -5.64
N ASN A 131 -3.47 -5.88 -6.90
CA ASN A 131 -3.68 -4.55 -7.45
C ASN A 131 -5.17 -4.19 -7.40
N LEU A 132 -5.51 -3.27 -6.52
CA LEU A 132 -6.90 -2.84 -6.40
C LEU A 132 -7.19 -1.79 -7.46
N ARG A 133 -8.08 -2.11 -8.39
CA ARG A 133 -8.43 -1.19 -9.47
C ARG A 133 -9.79 -0.55 -9.22
N GLU A 134 -9.97 0.65 -9.78
CA GLU A 134 -11.23 1.37 -9.61
C GLU A 134 -12.34 0.69 -10.39
N GLY A 135 -13.55 0.73 -9.85
CA GLY A 135 -14.70 0.10 -10.50
C GLY A 135 -14.69 -1.40 -10.28
N MET A 1 18.30 1.93 11.90
CA MET A 1 18.15 0.66 12.57
C MET A 1 16.85 -0.02 12.15
N ASN A 2 15.73 0.63 12.42
CA ASN A 2 14.43 0.07 12.07
C ASN A 2 14.24 0.06 10.55
N LYS A 3 13.72 -1.05 10.04
CA LYS A 3 13.50 -1.17 8.60
C LYS A 3 12.03 -1.44 8.31
N GLU A 4 11.21 -0.41 8.36
CA GLU A 4 9.78 -0.55 8.10
C GLU A 4 9.55 -1.07 6.69
N LEU A 5 8.28 -1.26 6.33
CA LEU A 5 7.94 -1.76 5.00
C LEU A 5 8.79 -1.07 3.94
N LEU A 6 9.20 0.16 4.21
CA LEU A 6 10.01 0.89 3.24
C LEU A 6 11.22 0.08 2.80
N GLN A 7 11.23 -1.22 3.10
CA GLN A 7 12.34 -2.05 2.72
C GLN A 7 12.41 -2.08 1.19
N LEU A 8 11.38 -1.55 0.54
CA LEU A 8 11.34 -1.51 -0.91
C LEU A 8 12.50 -0.65 -1.44
N PRO A 9 13.02 -1.00 -2.59
CA PRO A 9 14.16 -0.26 -3.23
C PRO A 9 14.04 1.27 -3.16
N LEU A 10 12.85 1.78 -2.87
CA LEU A 10 12.66 3.24 -2.86
C LEU A 10 13.67 3.93 -1.97
N PHE A 11 13.86 3.44 -0.76
CA PHE A 11 14.80 4.08 0.14
C PHE A 11 16.17 3.41 0.07
N GLU A 12 16.17 2.08 -0.02
CA GLU A 12 17.41 1.33 -0.09
C GLU A 12 18.26 1.82 -1.27
N SER A 13 17.59 2.08 -2.38
CA SER A 13 18.27 2.56 -3.58
C SER A 13 18.56 4.06 -3.45
N ALA A 14 18.04 4.66 -2.39
CA ALA A 14 18.23 6.07 -2.15
C ALA A 14 19.17 6.31 -0.98
N SER A 15 19.54 7.56 -0.78
CA SER A 15 20.38 7.90 0.33
C SER A 15 19.51 7.88 1.58
N ARG A 16 20.10 7.56 2.72
CA ARG A 16 19.31 7.52 3.92
C ARG A 16 18.45 8.77 4.00
N GLY A 17 18.86 9.78 3.23
CA GLY A 17 18.11 11.04 3.19
C GLY A 17 16.69 10.78 2.73
N CYS A 18 16.52 9.92 1.73
CA CYS A 18 15.19 9.60 1.25
C CYS A 18 14.46 8.80 2.30
N LEU A 19 15.22 8.01 3.05
CA LEU A 19 14.60 7.21 4.10
C LEU A 19 14.00 8.14 5.14
N ARG A 20 14.70 9.22 5.43
CA ARG A 20 14.20 10.21 6.38
C ARG A 20 13.04 10.96 5.73
N SER A 21 13.14 11.10 4.41
CA SER A 21 12.10 11.76 3.63
C SER A 21 10.80 10.97 3.72
N LEU A 22 10.85 9.69 3.39
CA LEU A 22 9.67 8.86 3.48
C LEU A 22 9.16 8.81 4.92
N SER A 23 10.05 8.44 5.82
CA SER A 23 9.68 8.35 7.22
C SER A 23 9.10 9.65 7.71
N LEU A 24 9.55 10.76 7.14
CA LEU A 24 9.01 12.05 7.53
C LEU A 24 7.50 12.03 7.28
N ILE A 25 7.09 11.29 6.25
CA ILE A 25 5.67 11.20 5.94
C ILE A 25 5.12 9.78 6.07
N ILE A 26 5.81 8.93 6.83
CA ILE A 26 5.39 7.56 7.01
C ILE A 26 4.04 7.51 7.76
N LYS A 27 3.10 6.74 7.23
CA LYS A 27 1.80 6.59 7.90
C LYS A 27 1.54 5.14 8.24
N THR A 28 0.68 4.90 9.22
CA THR A 28 0.38 3.53 9.63
C THR A 28 -1.12 3.30 9.75
N SER A 29 -1.56 2.11 9.35
CA SER A 29 -2.97 1.75 9.42
C SER A 29 -3.11 0.34 10.00
N PHE A 30 -4.16 0.11 10.78
CA PHE A 30 -4.37 -1.20 11.39
C PHE A 30 -5.81 -1.69 11.22
N CYS A 31 -5.95 -3.00 11.00
CA CYS A 31 -7.28 -3.61 10.83
C CYS A 31 -7.47 -4.76 11.81
N ALA A 32 -8.72 -5.02 12.15
CA ALA A 32 -9.04 -6.09 13.10
C ALA A 32 -9.78 -7.23 12.40
N PRO A 33 -9.97 -8.34 13.07
CA PRO A 33 -10.71 -9.50 12.50
C PRO A 33 -12.16 -9.12 12.17
N GLY A 34 -12.57 -9.34 10.93
CA GLY A 34 -13.92 -8.99 10.53
C GLY A 34 -14.08 -7.48 10.45
N GLU A 35 -12.99 -6.76 10.68
CA GLU A 35 -13.02 -5.29 10.65
C GLU A 35 -13.12 -4.78 9.23
N PHE A 36 -14.09 -3.91 8.98
CA PHE A 36 -14.30 -3.33 7.65
C PHE A 36 -13.47 -2.06 7.45
N LEU A 37 -12.53 -2.12 6.51
CA LEU A 37 -11.68 -0.97 6.23
C LEU A 37 -12.25 -0.13 5.08
N ILE A 38 -12.63 -0.78 3.98
CA ILE A 38 -13.18 -0.06 2.84
C ILE A 38 -14.55 -0.58 2.46
N ARG A 39 -15.32 0.28 1.81
CA ARG A 39 -16.63 -0.08 1.37
C ARG A 39 -16.83 0.33 -0.08
N GLN A 40 -16.83 -0.66 -0.97
CA GLN A 40 -17.01 -0.42 -2.40
C GLN A 40 -17.36 1.03 -2.71
N GLY A 41 -16.60 1.62 -3.64
CA GLY A 41 -16.85 3.01 -4.04
C GLY A 41 -16.13 3.98 -3.13
N ASP A 42 -15.29 3.46 -2.25
CA ASP A 42 -14.54 4.30 -1.34
C ASP A 42 -13.50 5.12 -2.08
N ALA A 43 -12.72 5.90 -1.34
CA ALA A 43 -11.69 6.72 -1.95
C ALA A 43 -10.30 6.27 -1.51
N LEU A 44 -9.53 5.75 -2.45
CA LEU A 44 -8.18 5.28 -2.16
C LEU A 44 -7.16 6.39 -2.45
N GLN A 45 -6.38 6.74 -1.44
CA GLN A 45 -5.37 7.79 -1.60
C GLN A 45 -3.99 7.28 -1.21
N ALA A 46 -3.94 6.34 -0.26
CA ALA A 46 -2.67 5.80 0.19
C ALA A 46 -2.56 4.30 -0.12
N ILE A 47 -1.33 3.81 -0.10
CA ILE A 47 -1.08 2.39 -0.37
C ILE A 47 -0.77 1.67 0.94
N TYR A 48 -1.30 0.45 1.10
CA TYR A 48 -1.08 -0.31 2.32
C TYR A 48 -0.27 -1.58 2.07
N PHE A 49 0.41 -2.04 3.12
CA PHE A 49 1.18 -3.27 3.08
C PHE A 49 0.79 -4.12 4.28
N VAL A 50 0.70 -5.42 4.11
CA VAL A 50 0.34 -6.27 5.21
C VAL A 50 1.61 -6.97 5.72
N CYS A 51 1.85 -6.89 7.03
CA CYS A 51 3.04 -7.50 7.60
C CYS A 51 2.71 -8.85 8.23
N SER A 52 1.51 -8.98 8.75
CA SER A 52 1.08 -10.23 9.37
C SER A 52 -0.41 -10.19 9.67
N GLY A 53 -1.09 -11.29 9.43
CA GLY A 53 -2.52 -11.37 9.66
C GLY A 53 -3.25 -11.80 8.39
N SER A 54 -4.54 -11.51 8.30
CA SER A 54 -5.30 -11.89 7.10
C SER A 54 -6.37 -10.86 6.76
N MET A 55 -6.58 -10.64 5.45
CA MET A 55 -7.58 -9.68 5.01
C MET A 55 -8.02 -9.98 3.59
N GLU A 56 -9.15 -9.41 3.19
CA GLU A 56 -9.68 -9.64 1.85
C GLU A 56 -10.75 -8.61 1.50
N VAL A 57 -10.95 -8.38 0.19
CA VAL A 57 -11.96 -7.43 -0.25
C VAL A 57 -13.26 -8.17 -0.58
N LEU A 58 -14.37 -7.65 -0.04
CA LEU A 58 -15.68 -8.28 -0.22
C LEU A 58 -16.59 -7.56 -1.21
N LYS A 59 -17.04 -8.30 -2.23
CA LYS A 59 -17.96 -7.76 -3.23
C LYS A 59 -18.65 -8.90 -3.99
N ASP A 60 -19.92 -8.70 -4.32
CA ASP A 60 -20.72 -9.70 -5.05
C ASP A 60 -20.82 -11.03 -4.31
N ASN A 61 -21.16 -10.96 -3.03
CA ASN A 61 -21.35 -12.16 -2.20
C ASN A 61 -20.04 -12.92 -1.99
N THR A 62 -19.01 -12.60 -2.76
CA THR A 62 -17.73 -13.27 -2.60
C THR A 62 -16.61 -12.26 -2.49
N VAL A 63 -15.49 -12.71 -1.97
CA VAL A 63 -14.35 -11.84 -1.82
C VAL A 63 -13.69 -11.61 -3.17
N LEU A 64 -13.54 -10.34 -3.54
CA LEU A 64 -12.94 -10.01 -4.82
C LEU A 64 -11.44 -10.22 -4.76
N ALA A 65 -10.91 -10.32 -3.54
CA ALA A 65 -9.49 -10.55 -3.38
C ALA A 65 -9.19 -11.28 -2.08
N ILE A 66 -8.34 -12.29 -2.16
CA ILE A 66 -7.96 -13.07 -1.00
C ILE A 66 -6.45 -12.97 -0.79
N LEU A 67 -6.01 -12.21 0.22
CA LEU A 67 -4.56 -12.06 0.45
C LEU A 67 -4.18 -12.26 1.91
N GLY A 68 -2.89 -12.52 2.13
CA GLY A 68 -2.37 -12.74 3.47
C GLY A 68 -1.11 -11.90 3.73
N LYS A 69 -0.26 -12.40 4.62
CA LYS A 69 0.97 -11.73 5.01
C LYS A 69 1.82 -11.28 3.82
N GLY A 70 2.26 -10.02 3.87
CA GLY A 70 3.12 -9.45 2.84
C GLY A 70 2.32 -8.89 1.65
N ASP A 71 1.16 -9.46 1.39
CA ASP A 71 0.37 -8.99 0.25
C ASP A 71 0.27 -7.47 0.30
N LEU A 72 0.44 -6.84 -0.86
CA LEU A 72 0.37 -5.39 -0.94
C LEU A 72 -0.97 -4.95 -1.51
N ILE A 73 -1.40 -3.77 -1.10
CA ILE A 73 -2.68 -3.24 -1.56
C ILE A 73 -2.49 -1.93 -2.30
N GLY A 74 -3.18 -1.82 -3.42
CA GLY A 74 -3.11 -0.62 -4.25
C GLY A 74 -2.85 -0.98 -5.70
N SER A 75 -3.35 -0.16 -6.63
CA SER A 75 -3.16 -0.40 -8.05
C SER A 75 -1.76 0.04 -8.48
N ASP A 76 -1.08 -0.81 -9.25
CA ASP A 76 0.26 -0.49 -9.72
C ASP A 76 0.23 0.75 -10.61
N SER A 77 1.34 1.02 -11.26
CA SER A 77 1.43 2.18 -12.14
C SER A 77 1.31 3.47 -11.34
N LEU A 78 1.97 3.50 -10.19
CA LEU A 78 1.94 4.68 -9.32
C LEU A 78 2.41 5.92 -10.08
N THR A 79 3.04 5.69 -11.23
CA THR A 79 3.53 6.80 -12.04
C THR A 79 2.39 7.73 -12.43
N LYS A 80 1.24 7.14 -12.78
CA LYS A 80 0.08 7.92 -13.17
C LYS A 80 -0.65 8.45 -11.93
N GLU A 81 0.11 8.66 -10.87
CA GLU A 81 -0.46 9.16 -9.61
C GLU A 81 -1.80 9.85 -9.84
N GLN A 82 -2.87 9.08 -9.76
CA GLN A 82 -4.22 9.62 -9.97
C GLN A 82 -5.14 9.21 -8.83
N VAL A 83 -6.33 9.79 -8.80
CA VAL A 83 -7.30 9.48 -7.75
C VAL A 83 -7.98 8.14 -8.03
N ILE A 84 -7.66 7.15 -7.20
CA ILE A 84 -8.24 5.82 -7.37
C ILE A 84 -9.29 5.57 -6.30
N LYS A 85 -10.44 5.04 -6.72
CA LYS A 85 -11.51 4.75 -5.79
C LYS A 85 -11.68 3.24 -5.62
N THR A 86 -11.85 2.82 -4.38
CA THR A 86 -12.02 1.40 -4.09
C THR A 86 -13.35 0.89 -4.64
N ASN A 87 -13.27 -0.10 -5.52
CA ASN A 87 -14.46 -0.67 -6.13
C ASN A 87 -15.18 -1.60 -5.15
N ALA A 88 -14.44 -2.53 -4.56
CA ALA A 88 -15.04 -3.47 -3.62
C ALA A 88 -14.91 -2.96 -2.19
N ASN A 89 -15.24 -3.82 -1.24
CA ASN A 89 -15.14 -3.48 0.17
C ASN A 89 -13.94 -4.22 0.74
N VAL A 90 -13.50 -3.85 1.94
CA VAL A 90 -12.37 -4.47 2.54
C VAL A 90 -12.69 -4.85 3.98
N LYS A 91 -12.38 -6.09 4.32
CA LYS A 91 -12.63 -6.58 5.67
C LYS A 91 -11.50 -7.46 6.13
N ALA A 92 -10.83 -7.05 7.20
CA ALA A 92 -9.74 -7.85 7.74
C ALA A 92 -10.29 -9.12 8.33
N LEU A 93 -9.85 -10.26 7.79
CA LEU A 93 -10.31 -11.56 8.27
C LEU A 93 -9.73 -11.85 9.65
N THR A 94 -8.43 -11.65 9.78
CA THR A 94 -7.75 -11.87 11.04
C THR A 94 -6.97 -10.61 11.40
N TYR A 95 -6.83 -10.35 12.69
CA TYR A 95 -6.11 -9.15 13.12
C TYR A 95 -4.81 -9.04 12.33
N CYS A 96 -4.68 -7.97 11.57
CA CYS A 96 -3.50 -7.77 10.75
C CYS A 96 -2.95 -6.36 10.90
N ASP A 97 -1.63 -6.26 11.02
CA ASP A 97 -0.98 -4.96 11.13
C ASP A 97 -0.56 -4.50 9.74
N LEU A 98 -0.94 -3.30 9.36
CA LEU A 98 -0.61 -2.81 8.03
C LEU A 98 0.05 -1.43 8.10
N GLN A 99 0.90 -1.17 7.11
CA GLN A 99 1.59 0.11 7.02
C GLN A 99 1.22 0.77 5.71
N TYR A 100 0.88 2.05 5.76
CA TYR A 100 0.51 2.77 4.55
C TYR A 100 1.02 4.20 4.57
N ILE A 101 0.95 4.83 3.42
CA ILE A 101 1.40 6.21 3.28
C ILE A 101 0.68 6.88 2.13
N SER A 102 0.62 8.20 2.16
CA SER A 102 -0.05 8.92 1.10
C SER A 102 0.86 8.99 -0.11
N LEU A 103 0.35 8.55 -1.26
CA LEU A 103 1.14 8.55 -2.49
C LEU A 103 1.80 9.91 -2.68
N LYS A 104 1.12 10.96 -2.26
CA LYS A 104 1.66 12.31 -2.39
C LYS A 104 2.85 12.47 -1.43
N GLY A 105 2.77 11.81 -0.28
CA GLY A 105 3.84 11.88 0.71
C GLY A 105 5.08 11.15 0.25
N LEU A 106 4.89 9.94 -0.27
CA LEU A 106 6.00 9.12 -0.74
C LEU A 106 6.64 9.69 -1.99
N ARG A 107 5.83 10.17 -2.91
CA ARG A 107 6.36 10.71 -4.15
C ARG A 107 7.10 12.04 -3.95
N GLU A 108 6.68 12.81 -2.96
CA GLU A 108 7.32 14.11 -2.68
C GLU A 108 8.72 13.88 -2.18
N VAL A 109 8.83 13.04 -1.17
CA VAL A 109 10.12 12.68 -0.59
C VAL A 109 10.99 12.14 -1.71
N LEU A 110 10.36 11.31 -2.52
CA LEU A 110 11.01 10.73 -3.67
C LEU A 110 11.38 11.84 -4.66
N ARG A 111 10.60 12.92 -4.63
CA ARG A 111 10.90 14.05 -5.50
C ARG A 111 12.31 14.52 -5.20
N LEU A 112 12.69 14.45 -3.92
CA LEU A 112 14.03 14.83 -3.51
C LEU A 112 15.00 13.88 -4.21
N TYR A 113 14.53 12.65 -4.44
CA TYR A 113 15.32 11.64 -5.14
C TYR A 113 14.60 11.25 -6.43
N PRO A 114 14.77 12.03 -7.47
CA PRO A 114 14.09 11.81 -8.79
C PRO A 114 14.44 10.51 -9.53
N GLU A 115 15.71 10.11 -9.51
CA GLU A 115 16.09 8.90 -10.22
C GLU A 115 15.50 7.66 -9.56
N TYR A 116 15.74 7.55 -8.26
CA TYR A 116 15.21 6.44 -7.50
C TYR A 116 13.70 6.52 -7.42
N ALA A 117 13.19 7.75 -7.38
CA ALA A 117 11.76 7.99 -7.29
C ALA A 117 11.01 7.46 -8.49
N GLN A 118 11.33 7.97 -9.67
CA GLN A 118 10.65 7.52 -10.86
C GLN A 118 10.72 6.00 -10.91
N LYS A 119 11.79 5.47 -10.34
CA LYS A 119 11.99 4.03 -10.28
C LYS A 119 11.06 3.37 -9.25
N PHE A 120 10.61 4.14 -8.25
CA PHE A 120 9.76 3.58 -7.21
C PHE A 120 8.44 3.03 -7.76
N VAL A 121 7.81 3.78 -8.65
CA VAL A 121 6.54 3.35 -9.20
C VAL A 121 6.65 1.93 -9.77
N SER A 122 7.80 1.63 -10.39
CA SER A 122 8.02 0.32 -10.97
C SER A 122 8.55 -0.67 -9.93
N GLU A 123 9.55 -0.23 -9.16
CA GLU A 123 10.15 -1.09 -8.13
C GLU A 123 9.08 -1.63 -7.19
N ILE A 124 8.03 -0.85 -6.96
CA ILE A 124 6.95 -1.26 -6.08
C ILE A 124 6.35 -2.60 -6.54
N GLN A 125 6.28 -2.78 -7.86
CA GLN A 125 5.71 -3.99 -8.43
C GLN A 125 6.27 -5.24 -7.77
N HIS A 126 7.50 -5.17 -7.31
CA HIS A 126 8.13 -6.31 -6.66
C HIS A 126 7.33 -6.77 -5.46
N ASP A 127 6.37 -5.96 -5.03
CA ASP A 127 5.55 -6.32 -3.87
C ASP A 127 4.07 -6.40 -4.24
N LEU A 128 3.65 -5.54 -5.17
CA LEU A 128 2.25 -5.51 -5.60
C LEU A 128 1.66 -6.91 -5.68
N THR A 129 0.79 -7.25 -4.72
CA THR A 129 0.15 -8.55 -4.71
C THR A 129 -1.20 -8.46 -5.39
N TYR A 130 -1.96 -7.44 -5.03
CA TYR A 130 -3.29 -7.24 -5.60
C TYR A 130 -3.44 -5.78 -6.03
N ASN A 131 -3.79 -5.57 -7.30
CA ASN A 131 -3.93 -4.23 -7.83
C ASN A 131 -5.36 -3.72 -7.63
N LEU A 132 -5.52 -2.75 -6.74
CA LEU A 132 -6.84 -2.17 -6.49
C LEU A 132 -7.18 -1.23 -7.64
N ARG A 133 -8.21 -1.58 -8.40
CA ARG A 133 -8.60 -0.76 -9.54
C ARG A 133 -9.83 0.07 -9.23
N GLU A 134 -9.95 1.21 -9.93
CA GLU A 134 -11.09 2.09 -9.74
C GLU A 134 -12.22 1.73 -10.69
N GLY A 135 -13.46 1.95 -10.27
CA GLY A 135 -14.61 1.64 -11.09
C GLY A 135 -14.73 0.14 -11.32
N MET A 1 10.69 -13.50 10.86
CA MET A 1 9.24 -13.52 10.98
C MET A 1 8.67 -12.12 10.87
N ASN A 2 9.35 -11.16 11.50
CA ASN A 2 8.90 -9.77 11.47
C ASN A 2 9.00 -9.20 10.05
N LYS A 3 9.47 -10.03 9.12
CA LYS A 3 9.59 -9.61 7.74
C LYS A 3 10.52 -8.40 7.63
N GLU A 4 11.31 -8.34 6.56
CA GLU A 4 12.24 -7.24 6.36
C GLU A 4 11.47 -5.96 6.04
N LEU A 5 12.03 -4.82 6.45
CA LEU A 5 11.40 -3.53 6.20
C LEU A 5 11.31 -3.27 4.70
N LEU A 6 12.13 -3.96 3.93
CA LEU A 6 12.12 -3.78 2.48
C LEU A 6 10.74 -3.93 1.90
N GLN A 7 9.70 -3.88 2.74
CA GLN A 7 8.35 -4.00 2.21
C GLN A 7 8.23 -2.85 1.24
N LEU A 8 8.95 -1.78 1.56
CA LEU A 8 9.03 -0.63 0.69
C LEU A 8 10.50 -0.49 0.28
N PRO A 9 10.89 -1.20 -0.76
CA PRO A 9 12.30 -1.19 -1.25
C PRO A 9 12.80 0.20 -1.57
N LEU A 10 11.88 1.10 -1.85
CA LEU A 10 12.24 2.46 -2.20
C LEU A 10 13.06 3.12 -1.11
N PHE A 11 12.60 3.01 0.12
CA PHE A 11 13.33 3.63 1.20
C PHE A 11 14.38 2.68 1.77
N GLU A 12 13.98 1.44 2.02
CA GLU A 12 14.90 0.45 2.55
C GLU A 12 16.15 0.40 1.68
N SER A 13 16.03 0.96 0.48
CA SER A 13 17.16 0.98 -0.45
C SER A 13 17.73 2.39 -0.55
N ALA A 14 17.03 3.35 0.03
CA ALA A 14 17.48 4.74 0.01
C ALA A 14 18.22 5.06 1.28
N SER A 15 18.84 6.24 1.30
CA SER A 15 19.53 6.66 2.50
C SER A 15 18.48 6.90 3.56
N ARG A 16 18.80 6.59 4.80
CA ARG A 16 17.82 6.79 5.85
C ARG A 16 17.19 8.15 5.67
N GLY A 17 17.88 9.01 4.92
CA GLY A 17 17.38 10.35 4.65
C GLY A 17 16.02 10.29 3.96
N CYS A 18 15.89 9.40 2.97
CA CYS A 18 14.61 9.26 2.28
C CYS A 18 13.60 8.64 3.21
N LEU A 19 14.06 7.80 4.12
CA LEU A 19 13.14 7.19 5.06
C LEU A 19 12.64 8.26 6.00
N ARG A 20 13.49 9.25 6.28
CA ARG A 20 13.11 10.37 7.11
C ARG A 20 12.07 11.18 6.35
N SER A 21 12.31 11.28 5.05
CA SER A 21 11.43 11.96 4.13
C SER A 21 10.06 11.27 4.18
N LEU A 22 10.10 9.98 4.01
CA LEU A 22 8.88 9.20 4.09
C LEU A 22 8.23 9.39 5.44
N SER A 23 9.05 9.30 6.49
CA SER A 23 8.55 9.44 7.85
C SER A 23 7.88 10.79 8.03
N LEU A 24 8.34 11.79 7.30
CA LEU A 24 7.71 13.09 7.40
C LEU A 24 6.24 12.91 7.03
N ILE A 25 5.97 11.96 6.14
CA ILE A 25 4.59 11.70 5.71
C ILE A 25 4.16 10.24 5.93
N ILE A 26 4.81 9.52 6.84
CA ILE A 26 4.47 8.13 7.08
C ILE A 26 3.09 8.01 7.71
N LYS A 27 2.30 7.07 7.21
CA LYS A 27 0.97 6.85 7.77
C LYS A 27 0.84 5.40 8.24
N THR A 28 0.15 5.20 9.35
CA THR A 28 -0.02 3.86 9.90
C THR A 28 -1.50 3.48 9.99
N SER A 29 -1.87 2.35 9.39
CA SER A 29 -3.25 1.88 9.42
C SER A 29 -3.32 0.49 10.02
N PHE A 30 -4.33 0.24 10.85
CA PHE A 30 -4.48 -1.07 11.49
C PHE A 30 -5.88 -1.63 11.28
N CYS A 31 -5.97 -2.94 11.11
CA CYS A 31 -7.25 -3.60 10.90
C CYS A 31 -7.41 -4.78 11.86
N ALA A 32 -8.65 -5.09 12.20
CA ALA A 32 -8.94 -6.19 13.11
C ALA A 32 -9.70 -7.31 12.40
N PRO A 33 -9.89 -8.43 13.04
CA PRO A 33 -10.64 -9.57 12.45
C PRO A 33 -12.08 -9.15 12.15
N GLY A 34 -12.51 -9.33 10.91
CA GLY A 34 -13.86 -8.94 10.52
C GLY A 34 -13.99 -7.43 10.48
N GLU A 35 -12.87 -6.73 10.71
CA GLU A 35 -12.88 -5.27 10.71
C GLU A 35 -12.92 -4.74 9.28
N PHE A 36 -13.87 -3.85 9.00
CA PHE A 36 -14.03 -3.29 7.66
C PHE A 36 -13.18 -2.04 7.46
N LEU A 37 -12.25 -2.12 6.50
CA LEU A 37 -11.38 -0.99 6.19
C LEU A 37 -11.99 -0.15 5.07
N ILE A 38 -12.36 -0.81 3.96
CA ILE A 38 -12.97 -0.09 2.84
C ILE A 38 -14.38 -0.57 2.59
N ARG A 39 -15.23 0.34 2.12
CA ARG A 39 -16.60 0.00 1.81
C ARG A 39 -16.97 0.48 0.41
N GLN A 40 -17.06 -0.47 -0.51
CA GLN A 40 -17.40 -0.20 -1.91
C GLN A 40 -17.75 1.27 -2.13
N GLY A 41 -17.04 1.89 -3.08
CA GLY A 41 -17.29 3.30 -3.41
C GLY A 41 -16.41 4.23 -2.59
N ASP A 42 -15.47 3.66 -1.84
CA ASP A 42 -14.58 4.48 -1.03
C ASP A 42 -13.55 5.19 -1.89
N ALA A 43 -12.66 5.92 -1.24
CA ALA A 43 -11.62 6.66 -1.94
C ALA A 43 -10.24 6.13 -1.57
N LEU A 44 -9.55 5.58 -2.57
CA LEU A 44 -8.21 5.05 -2.35
C LEU A 44 -7.16 6.09 -2.70
N GLN A 45 -6.39 6.51 -1.70
CA GLN A 45 -5.34 7.51 -1.91
C GLN A 45 -3.98 6.95 -1.53
N ALA A 46 -3.93 6.23 -0.41
CA ALA A 46 -2.67 5.66 0.06
C ALA A 46 -2.62 4.15 -0.20
N ILE A 47 -1.41 3.62 -0.24
CA ILE A 47 -1.23 2.18 -0.46
C ILE A 47 -0.80 1.53 0.86
N TYR A 48 -1.32 0.33 1.13
CA TYR A 48 -0.99 -0.36 2.38
C TYR A 48 -0.20 -1.65 2.14
N PHE A 49 0.55 -2.03 3.16
CA PHE A 49 1.33 -3.26 3.15
C PHE A 49 1.01 -4.03 4.41
N VAL A 50 0.81 -5.32 4.28
CA VAL A 50 0.50 -6.14 5.42
C VAL A 50 1.76 -6.89 5.85
N CYS A 51 2.09 -6.81 7.13
CA CYS A 51 3.29 -7.47 7.63
C CYS A 51 2.92 -8.81 8.27
N SER A 52 1.71 -8.89 8.82
CA SER A 52 1.25 -10.11 9.45
C SER A 52 -0.27 -10.04 9.66
N GLY A 53 -0.93 -11.18 9.48
CA GLY A 53 -2.39 -11.24 9.66
C GLY A 53 -3.06 -11.65 8.36
N SER A 54 -4.36 -11.37 8.23
CA SER A 54 -5.08 -11.75 7.02
C SER A 54 -6.17 -10.73 6.68
N MET A 55 -6.46 -10.58 5.39
CA MET A 55 -7.48 -9.64 4.95
C MET A 55 -7.99 -10.02 3.57
N GLU A 56 -9.12 -9.45 3.18
CA GLU A 56 -9.71 -9.74 1.87
C GLU A 56 -10.76 -8.69 1.50
N VAL A 57 -10.98 -8.52 0.20
CA VAL A 57 -11.97 -7.55 -0.26
C VAL A 57 -13.29 -8.28 -0.52
N LEU A 58 -14.40 -7.67 -0.06
CA LEU A 58 -15.72 -8.29 -0.21
C LEU A 58 -16.55 -7.62 -1.29
N LYS A 59 -16.95 -8.40 -2.28
CA LYS A 59 -17.77 -7.89 -3.37
C LYS A 59 -18.45 -9.03 -4.11
N ASP A 60 -19.69 -8.78 -4.55
CA ASP A 60 -20.47 -9.77 -5.28
C ASP A 60 -20.69 -11.03 -4.45
N ASN A 61 -20.97 -10.85 -3.16
CA ASN A 61 -21.24 -11.96 -2.27
C ASN A 61 -19.99 -12.81 -2.06
N THR A 62 -18.92 -12.50 -2.76
CA THR A 62 -17.69 -13.25 -2.61
C THR A 62 -16.52 -12.32 -2.38
N VAL A 63 -15.50 -12.83 -1.73
CA VAL A 63 -14.31 -12.04 -1.50
C VAL A 63 -13.61 -11.89 -2.84
N LEU A 64 -13.53 -10.66 -3.33
CA LEU A 64 -12.90 -10.42 -4.62
C LEU A 64 -11.39 -10.55 -4.48
N ALA A 65 -10.92 -10.59 -3.25
CA ALA A 65 -9.49 -10.73 -3.02
C ALA A 65 -9.24 -11.52 -1.74
N ILE A 66 -8.33 -12.49 -1.83
CA ILE A 66 -7.98 -13.29 -0.67
C ILE A 66 -6.46 -13.30 -0.53
N LEU A 67 -5.93 -12.53 0.43
CA LEU A 67 -4.49 -12.47 0.62
C LEU A 67 -4.08 -12.59 2.09
N GLY A 68 -2.79 -12.89 2.30
CA GLY A 68 -2.25 -13.04 3.65
C GLY A 68 -1.10 -12.06 3.91
N LYS A 69 -0.19 -12.46 4.80
CA LYS A 69 0.95 -11.64 5.17
C LYS A 69 1.78 -11.21 3.97
N GLY A 70 2.25 -9.95 4.01
CA GLY A 70 3.10 -9.39 2.96
C GLY A 70 2.29 -8.85 1.79
N ASP A 71 1.01 -9.23 1.71
CA ASP A 71 0.16 -8.77 0.63
C ASP A 71 0.20 -7.26 0.49
N LEU A 72 -0.27 -6.77 -0.67
CA LEU A 72 -0.28 -5.34 -0.93
C LEU A 72 -1.64 -4.91 -1.48
N ILE A 73 -2.11 -3.76 -1.02
CA ILE A 73 -3.40 -3.23 -1.46
C ILE A 73 -3.22 -1.89 -2.18
N GLY A 74 -3.68 -1.82 -3.42
CA GLY A 74 -3.57 -0.60 -4.21
C GLY A 74 -3.27 -0.94 -5.67
N SER A 75 -3.75 -0.09 -6.58
CA SER A 75 -3.52 -0.31 -8.00
C SER A 75 -2.10 0.08 -8.40
N ASP A 76 -1.54 -0.69 -9.33
CA ASP A 76 -0.18 -0.42 -9.81
C ASP A 76 -0.17 0.72 -10.82
N SER A 77 0.96 0.91 -11.48
CA SER A 77 1.10 1.98 -12.46
C SER A 77 1.13 3.34 -11.78
N LEU A 78 1.82 3.40 -10.64
CA LEU A 78 1.93 4.65 -9.91
C LEU A 78 2.45 5.77 -10.80
N THR A 79 3.07 5.39 -11.91
CA THR A 79 3.61 6.36 -12.85
C THR A 79 2.51 7.28 -13.36
N LYS A 80 1.27 6.83 -13.26
CA LYS A 80 0.13 7.61 -13.71
C LYS A 80 -0.47 8.39 -12.54
N GLU A 81 -0.09 8.01 -11.33
CA GLU A 81 -0.58 8.67 -10.12
C GLU A 81 -1.90 9.38 -10.39
N GLN A 82 -3.01 8.69 -10.14
CA GLN A 82 -4.33 9.27 -10.36
C GLN A 82 -5.26 8.94 -9.21
N VAL A 83 -6.43 9.57 -9.19
CA VAL A 83 -7.40 9.33 -8.13
C VAL A 83 -8.09 7.99 -8.34
N ILE A 84 -7.91 7.08 -7.37
CA ILE A 84 -8.52 5.77 -7.46
C ILE A 84 -9.59 5.60 -6.39
N LYS A 85 -10.73 5.07 -6.78
CA LYS A 85 -11.83 4.87 -5.85
C LYS A 85 -12.09 3.38 -5.67
N THR A 86 -12.30 2.96 -4.42
CA THR A 86 -12.54 1.57 -4.12
C THR A 86 -13.95 1.16 -4.53
N ASN A 87 -14.03 0.17 -5.43
CA ASN A 87 -15.32 -0.32 -5.90
C ASN A 87 -15.82 -1.47 -5.03
N ALA A 88 -14.87 -2.19 -4.42
CA ALA A 88 -15.23 -3.30 -3.56
C ALA A 88 -15.09 -2.89 -2.10
N ASN A 89 -15.20 -3.87 -1.20
CA ASN A 89 -15.08 -3.59 0.22
C ASN A 89 -13.84 -4.32 0.77
N VAL A 90 -13.41 -3.97 1.97
CA VAL A 90 -12.25 -4.58 2.55
C VAL A 90 -12.54 -4.90 4.00
N LYS A 91 -12.23 -6.13 4.38
CA LYS A 91 -12.46 -6.57 5.75
C LYS A 91 -11.32 -7.46 6.22
N ALA A 92 -10.63 -7.04 7.26
CA ALA A 92 -9.53 -7.82 7.81
C ALA A 92 -10.08 -9.09 8.44
N LEU A 93 -9.66 -10.23 7.90
CA LEU A 93 -10.12 -11.53 8.38
C LEU A 93 -9.50 -11.82 9.74
N THR A 94 -8.19 -11.62 9.82
CA THR A 94 -7.46 -11.85 11.06
C THR A 94 -6.71 -10.58 11.43
N TYR A 95 -6.58 -10.31 12.72
CA TYR A 95 -5.89 -9.12 13.16
C TYR A 95 -4.59 -8.97 12.39
N CYS A 96 -4.47 -7.89 11.63
CA CYS A 96 -3.27 -7.66 10.84
C CYS A 96 -2.81 -6.22 10.93
N ASP A 97 -1.50 -6.04 10.92
CA ASP A 97 -0.92 -4.70 10.97
C ASP A 97 -0.63 -4.25 9.56
N LEU A 98 -1.11 -3.06 9.20
CA LEU A 98 -0.91 -2.56 7.85
C LEU A 98 -0.23 -1.20 7.86
N GLN A 99 0.79 -1.06 7.04
CA GLN A 99 1.50 0.20 6.93
C GLN A 99 1.14 0.84 5.60
N TYR A 100 0.79 2.12 5.63
CA TYR A 100 0.41 2.80 4.40
C TYR A 100 0.85 4.25 4.41
N ILE A 101 0.80 4.85 3.23
CA ILE A 101 1.20 6.23 3.07
C ILE A 101 0.48 6.83 1.86
N SER A 102 0.35 8.15 1.83
CA SER A 102 -0.30 8.80 0.72
C SER A 102 0.67 8.86 -0.46
N LEU A 103 0.21 8.37 -1.60
CA LEU A 103 1.04 8.33 -2.81
C LEU A 103 1.73 9.66 -3.04
N LYS A 104 1.02 10.76 -2.81
CA LYS A 104 1.61 12.08 -3.01
C LYS A 104 2.69 12.32 -1.96
N GLY A 105 2.48 11.77 -0.77
CA GLY A 105 3.44 11.91 0.32
C GLY A 105 4.76 11.23 -0.01
N LEU A 106 4.66 10.01 -0.54
CA LEU A 106 5.86 9.23 -0.88
C LEU A 106 6.61 9.81 -2.07
N ARG A 107 5.89 10.22 -3.09
CA ARG A 107 6.54 10.75 -4.29
C ARG A 107 7.26 12.07 -4.03
N GLU A 108 6.74 12.86 -3.09
CA GLU A 108 7.35 14.14 -2.77
C GLU A 108 8.68 13.91 -2.10
N VAL A 109 8.65 13.09 -1.07
CA VAL A 109 9.86 12.75 -0.33
C VAL A 109 10.85 12.13 -1.30
N LEU A 110 10.39 11.13 -2.03
CA LEU A 110 11.22 10.50 -3.02
C LEU A 110 11.67 11.54 -4.04
N ARG A 111 10.84 12.55 -4.25
CA ARG A 111 11.22 13.62 -5.17
C ARG A 111 12.57 14.15 -4.72
N LEU A 112 12.78 14.16 -3.41
CA LEU A 112 14.05 14.60 -2.86
C LEU A 112 15.11 13.64 -3.37
N TYR A 113 14.66 12.41 -3.63
CA TYR A 113 15.53 11.37 -4.17
C TYR A 113 15.01 10.94 -5.55
N PRO A 114 15.36 11.69 -6.57
CA PRO A 114 14.90 11.46 -7.97
C PRO A 114 15.27 10.08 -8.56
N GLU A 115 16.49 9.62 -8.32
CA GLU A 115 16.92 8.35 -8.90
C GLU A 115 16.09 7.19 -8.36
N TYR A 116 16.00 7.10 -7.04
CA TYR A 116 15.23 6.05 -6.40
C TYR A 116 13.74 6.30 -6.60
N ALA A 117 13.38 7.56 -6.63
CA ALA A 117 11.99 7.97 -6.78
C ALA A 117 11.44 7.59 -8.15
N GLN A 118 12.05 8.09 -9.20
CA GLN A 118 11.58 7.79 -10.53
C GLN A 118 11.49 6.27 -10.67
N LYS A 119 12.41 5.59 -10.01
CA LYS A 119 12.45 4.13 -10.02
C LYS A 119 11.34 3.54 -9.14
N PHE A 120 10.89 4.28 -8.13
CA PHE A 120 9.87 3.77 -7.21
C PHE A 120 8.58 3.42 -7.91
N VAL A 121 8.15 4.24 -8.85
CA VAL A 121 6.91 3.95 -9.57
C VAL A 121 7.03 2.61 -10.30
N SER A 122 8.20 2.38 -10.88
CA SER A 122 8.45 1.14 -11.63
C SER A 122 8.92 0.02 -10.71
N GLU A 123 9.55 0.37 -9.60
CA GLU A 123 10.06 -0.63 -8.66
C GLU A 123 8.95 -1.15 -7.75
N ILE A 124 7.85 -0.43 -7.65
CA ILE A 124 6.75 -0.83 -6.80
C ILE A 124 6.14 -2.16 -7.24
N GLN A 125 6.01 -2.34 -8.56
CA GLN A 125 5.40 -3.56 -9.08
C GLN A 125 6.03 -4.81 -8.45
N HIS A 126 7.29 -4.70 -8.07
CA HIS A 126 7.97 -5.83 -7.44
C HIS A 126 7.23 -6.29 -6.19
N ASP A 127 6.35 -5.43 -5.68
CA ASP A 127 5.58 -5.78 -4.48
C ASP A 127 4.09 -5.76 -4.78
N LEU A 128 3.74 -5.86 -6.06
CA LEU A 128 2.34 -5.84 -6.45
C LEU A 128 1.67 -7.19 -6.19
N THR A 129 0.81 -7.23 -5.17
CA THR A 129 0.11 -8.45 -4.83
C THR A 129 -1.33 -8.37 -5.35
N TYR A 130 -2.03 -7.31 -4.96
CA TYR A 130 -3.41 -7.10 -5.40
C TYR A 130 -3.60 -5.67 -5.87
N ASN A 131 -3.95 -5.51 -7.14
CA ASN A 131 -4.14 -4.19 -7.71
C ASN A 131 -5.59 -3.73 -7.55
N LEU A 132 -5.81 -2.75 -6.66
CA LEU A 132 -7.15 -2.23 -6.46
C LEU A 132 -7.50 -1.28 -7.60
N ARG A 133 -8.49 -1.66 -8.40
CA ARG A 133 -8.90 -0.85 -9.53
C ARG A 133 -10.18 -0.08 -9.24
N GLU A 134 -10.34 1.06 -9.92
CA GLU A 134 -11.53 1.89 -9.72
C GLU A 134 -12.70 1.33 -10.51
N GLY A 135 -13.88 1.35 -9.91
CA GLY A 135 -15.08 0.84 -10.57
C GLY A 135 -15.03 -0.67 -10.69
N MET A 1 6.27 -4.21 14.15
CA MET A 1 6.70 -5.60 14.33
C MET A 1 8.09 -5.80 13.73
N ASN A 2 8.13 -6.46 12.57
CA ASN A 2 9.41 -6.72 11.91
C ASN A 2 10.02 -5.43 11.38
N LYS A 3 10.51 -5.48 10.15
CA LYS A 3 11.12 -4.30 9.54
C LYS A 3 10.07 -3.48 8.80
N GLU A 4 10.45 -2.29 8.35
CA GLU A 4 9.54 -1.42 7.63
C GLU A 4 9.42 -1.87 6.17
N LEU A 5 8.22 -1.71 5.62
CA LEU A 5 7.98 -2.12 4.24
C LEU A 5 8.85 -1.34 3.27
N LEU A 6 9.24 -0.12 3.64
CA LEU A 6 10.06 0.69 2.75
C LEU A 6 11.32 -0.07 2.33
N GLN A 7 11.36 -1.38 2.60
CA GLN A 7 12.51 -2.18 2.22
C GLN A 7 12.64 -2.16 0.71
N LEU A 8 11.61 -1.67 0.05
CA LEU A 8 11.61 -1.58 -1.41
C LEU A 8 12.72 -0.64 -1.89
N PRO A 9 13.24 -0.89 -3.06
CA PRO A 9 14.35 -0.08 -3.67
C PRO A 9 14.20 1.44 -3.51
N LEU A 10 13.00 1.91 -3.18
CA LEU A 10 12.80 3.36 -3.07
C LEU A 10 13.81 4.02 -2.15
N PHE A 11 14.00 3.45 -0.97
CA PHE A 11 14.94 4.04 -0.03
C PHE A 11 16.30 3.38 -0.14
N GLU A 12 16.31 2.06 -0.32
CA GLU A 12 17.57 1.32 -0.42
C GLU A 12 18.43 1.90 -1.54
N SER A 13 17.79 2.25 -2.65
CA SER A 13 18.51 2.82 -3.77
C SER A 13 18.74 4.30 -3.54
N ALA A 14 18.31 4.78 -2.39
CA ALA A 14 18.46 6.18 -2.04
C ALA A 14 19.39 6.33 -0.84
N SER A 15 19.72 7.57 -0.52
CA SER A 15 20.54 7.83 0.63
C SER A 15 19.63 7.79 1.85
N ARG A 16 20.18 7.46 3.00
CA ARG A 16 19.35 7.40 4.18
C ARG A 16 18.49 8.65 4.22
N GLY A 17 18.91 9.66 3.47
CA GLY A 17 18.17 10.91 3.41
C GLY A 17 16.75 10.66 2.94
N CYS A 18 16.59 9.82 1.90
CA CYS A 18 15.26 9.50 1.41
C CYS A 18 14.53 8.67 2.44
N LEU A 19 15.28 7.86 3.15
CA LEU A 19 14.66 7.02 4.17
C LEU A 19 14.09 7.91 5.27
N ARG A 20 14.82 8.98 5.58
CA ARG A 20 14.36 9.94 6.57
C ARG A 20 13.19 10.71 5.98
N SER A 21 13.26 10.91 4.66
CA SER A 21 12.22 11.59 3.92
C SER A 21 10.93 10.79 4.02
N LEU A 22 10.98 9.53 3.66
CA LEU A 22 9.81 8.68 3.74
C LEU A 22 9.33 8.59 5.18
N SER A 23 10.24 8.20 6.07
CA SER A 23 9.89 8.06 7.47
C SER A 23 9.29 9.35 8.01
N LEU A 24 9.71 10.48 7.46
CA LEU A 24 9.15 11.74 7.88
C LEU A 24 7.65 11.71 7.64
N ILE A 25 7.25 11.01 6.58
CA ILE A 25 5.83 10.90 6.26
C ILE A 25 5.32 9.45 6.31
N ILE A 26 6.02 8.58 7.03
CA ILE A 26 5.63 7.20 7.13
C ILE A 26 4.27 7.08 7.82
N LYS A 27 3.35 6.34 7.22
CA LYS A 27 2.04 6.15 7.83
C LYS A 27 1.78 4.67 8.06
N THR A 28 0.84 4.36 8.95
CA THR A 28 0.51 2.97 9.25
C THR A 28 -0.96 2.80 9.58
N SER A 29 -1.58 1.76 9.01
CA SER A 29 -2.99 1.48 9.26
C SER A 29 -3.14 0.12 9.93
N PHE A 30 -4.19 -0.05 10.73
CA PHE A 30 -4.41 -1.32 11.43
C PHE A 30 -5.85 -1.79 11.28
N CYS A 31 -6.03 -3.09 11.11
CA CYS A 31 -7.36 -3.67 10.97
C CYS A 31 -7.52 -4.86 11.90
N ALA A 32 -8.76 -5.13 12.30
CA ALA A 32 -9.05 -6.23 13.20
C ALA A 32 -9.87 -7.32 12.49
N PRO A 33 -10.05 -8.46 13.12
CA PRO A 33 -10.84 -9.57 12.54
C PRO A 33 -12.29 -9.14 12.27
N GLY A 34 -12.75 -9.34 11.04
CA GLY A 34 -14.11 -8.96 10.69
C GLY A 34 -14.24 -7.44 10.64
N GLU A 35 -13.11 -6.75 10.85
CA GLU A 35 -13.12 -5.30 10.84
C GLU A 35 -13.17 -4.75 9.42
N PHE A 36 -14.12 -3.85 9.17
CA PHE A 36 -14.29 -3.26 7.84
C PHE A 36 -13.44 -2.00 7.67
N LEU A 37 -12.49 -2.05 6.74
CA LEU A 37 -11.62 -0.91 6.48
C LEU A 37 -12.17 -0.03 5.35
N ILE A 38 -12.52 -0.65 4.22
CA ILE A 38 -13.05 0.12 3.10
C ILE A 38 -14.47 -0.31 2.74
N ARG A 39 -15.22 0.62 2.20
CA ARG A 39 -16.60 0.34 1.77
C ARG A 39 -16.83 0.83 0.34
N GLN A 40 -16.87 -0.12 -0.59
CA GLN A 40 -17.10 0.18 -2.00
C GLN A 40 -17.46 1.65 -2.23
N GLY A 41 -16.74 2.30 -3.13
CA GLY A 41 -16.99 3.70 -3.44
C GLY A 41 -16.02 4.63 -2.71
N ASP A 42 -15.05 4.05 -2.02
CA ASP A 42 -14.08 4.85 -1.28
C ASP A 42 -13.02 5.41 -2.22
N ALA A 43 -12.04 6.10 -1.65
CA ALA A 43 -10.98 6.68 -2.46
C ALA A 43 -9.63 6.09 -2.07
N LEU A 44 -9.00 5.39 -3.01
CA LEU A 44 -7.70 4.77 -2.76
C LEU A 44 -6.57 5.69 -3.22
N GLN A 45 -5.80 6.21 -2.27
CA GLN A 45 -4.70 7.10 -2.60
C GLN A 45 -3.40 6.55 -2.01
N ALA A 46 -3.49 6.03 -0.78
CA ALA A 46 -2.31 5.48 -0.10
C ALA A 46 -2.20 3.98 -0.37
N ILE A 47 -0.97 3.48 -0.36
CA ILE A 47 -0.74 2.04 -0.59
C ILE A 47 -0.43 1.36 0.73
N TYR A 48 -1.00 0.18 0.94
CA TYR A 48 -0.77 -0.55 2.20
C TYR A 48 -0.11 -1.90 1.97
N PHE A 49 0.57 -2.36 3.01
CA PHE A 49 1.25 -3.66 3.00
C PHE A 49 0.82 -4.42 4.24
N VAL A 50 0.68 -5.72 4.13
CA VAL A 50 0.30 -6.52 5.25
C VAL A 50 1.54 -7.23 5.79
N CYS A 51 1.74 -7.20 7.10
CA CYS A 51 2.91 -7.83 7.70
C CYS A 51 2.56 -9.18 8.31
N SER A 52 1.35 -9.28 8.84
CA SER A 52 0.89 -10.52 9.46
C SER A 52 -0.60 -10.45 9.73
N GLY A 53 -1.30 -11.56 9.50
CA GLY A 53 -2.74 -11.60 9.72
C GLY A 53 -3.46 -12.02 8.45
N SER A 54 -4.75 -11.69 8.34
CA SER A 54 -5.51 -12.06 7.15
C SER A 54 -6.60 -11.05 6.85
N MET A 55 -6.83 -10.76 5.57
CA MET A 55 -7.86 -9.81 5.18
C MET A 55 -8.30 -10.05 3.73
N GLU A 56 -9.40 -9.42 3.34
CA GLU A 56 -9.92 -9.61 2.00
C GLU A 56 -10.92 -8.52 1.62
N VAL A 57 -11.12 -8.30 0.32
CA VAL A 57 -12.07 -7.31 -0.14
C VAL A 57 -13.41 -8.00 -0.43
N LEU A 58 -14.51 -7.41 0.07
CA LEU A 58 -15.84 -8.01 -0.09
C LEU A 58 -16.70 -7.27 -1.12
N LYS A 59 -17.12 -8.01 -2.15
CA LYS A 59 -17.99 -7.46 -3.17
C LYS A 59 -18.65 -8.60 -3.96
N ASP A 60 -19.91 -8.41 -4.35
CA ASP A 60 -20.65 -9.41 -5.10
C ASP A 60 -20.82 -10.72 -4.33
N ASN A 61 -21.20 -10.59 -3.06
CA ASN A 61 -21.46 -11.76 -2.20
C ASN A 61 -20.20 -12.57 -1.92
N THR A 62 -19.13 -12.33 -2.68
CA THR A 62 -17.89 -13.05 -2.46
C THR A 62 -16.72 -12.09 -2.39
N VAL A 63 -15.68 -12.51 -1.69
CA VAL A 63 -14.50 -11.69 -1.57
C VAL A 63 -13.73 -11.70 -2.89
N LEU A 64 -13.62 -10.53 -3.51
CA LEU A 64 -12.93 -10.44 -4.78
C LEU A 64 -11.44 -10.52 -4.55
N ALA A 65 -11.03 -10.39 -3.29
CA ALA A 65 -9.61 -10.47 -2.98
C ALA A 65 -9.40 -11.27 -1.70
N ILE A 66 -8.47 -12.19 -1.76
CA ILE A 66 -8.14 -13.02 -0.61
C ILE A 66 -6.63 -13.07 -0.45
N LEU A 67 -6.10 -12.35 0.55
CA LEU A 67 -4.66 -12.33 0.75
C LEU A 67 -4.27 -12.56 2.21
N GLY A 68 -2.98 -12.88 2.40
CA GLY A 68 -2.44 -13.12 3.73
C GLY A 68 -1.22 -12.24 3.99
N LYS A 69 -0.36 -12.72 4.89
CA LYS A 69 0.85 -11.99 5.27
C LYS A 69 1.71 -11.58 4.08
N GLY A 70 2.19 -10.33 4.12
CA GLY A 70 3.07 -9.80 3.08
C GLY A 70 2.31 -9.25 1.88
N ASP A 71 1.06 -9.69 1.70
CA ASP A 71 0.27 -9.23 0.58
C ASP A 71 0.31 -7.71 0.46
N LEU A 72 -0.13 -7.21 -0.69
CA LEU A 72 -0.15 -5.77 -0.94
C LEU A 72 -1.51 -5.34 -1.47
N ILE A 73 -1.96 -4.18 -0.99
CA ILE A 73 -3.26 -3.65 -1.41
C ILE A 73 -3.08 -2.32 -2.15
N GLY A 74 -3.67 -2.23 -3.33
CA GLY A 74 -3.57 -1.02 -4.14
C GLY A 74 -3.11 -1.35 -5.56
N SER A 75 -3.55 -0.54 -6.52
CA SER A 75 -3.18 -0.76 -7.91
C SER A 75 -1.76 -0.27 -8.18
N ASP A 76 -0.98 -1.09 -8.87
CA ASP A 76 0.38 -0.72 -9.21
C ASP A 76 0.39 0.36 -10.28
N SER A 77 1.56 0.66 -10.83
CA SER A 77 1.65 1.69 -11.86
C SER A 77 1.42 3.07 -11.23
N LEU A 78 2.03 3.30 -10.08
CA LEU A 78 1.88 4.56 -9.38
C LEU A 78 2.11 5.74 -10.32
N THR A 79 2.63 5.45 -11.51
CA THR A 79 2.87 6.50 -12.50
C THR A 79 1.61 6.74 -13.30
N LYS A 80 0.55 6.02 -12.94
CA LYS A 80 -0.74 6.14 -13.63
C LYS A 80 -1.54 7.32 -13.08
N GLU A 81 -0.84 8.37 -12.63
CA GLU A 81 -1.51 9.54 -12.09
C GLU A 81 -2.90 9.19 -11.58
N GLN A 82 -3.84 10.13 -11.76
CA GLN A 82 -5.23 9.96 -11.33
C GLN A 82 -5.39 8.92 -10.22
N VAL A 83 -6.00 9.36 -9.12
CA VAL A 83 -6.21 8.48 -7.97
C VAL A 83 -7.26 7.41 -8.28
N ILE A 84 -7.02 6.20 -7.80
CA ILE A 84 -7.93 5.09 -8.01
C ILE A 84 -8.93 5.00 -6.88
N LYS A 85 -10.20 4.91 -7.25
CA LYS A 85 -11.26 4.82 -6.26
C LYS A 85 -11.55 3.36 -5.92
N THR A 86 -11.90 3.12 -4.68
CA THR A 86 -12.20 1.77 -4.22
C THR A 86 -13.63 1.39 -4.59
N ASN A 87 -13.75 0.36 -5.42
CA ASN A 87 -15.07 -0.10 -5.85
C ASN A 87 -15.62 -1.16 -4.90
N ALA A 88 -14.72 -1.97 -4.35
CA ALA A 88 -15.14 -3.03 -3.44
C ALA A 88 -15.00 -2.59 -1.99
N ASN A 89 -15.20 -3.55 -1.09
CA ASN A 89 -15.10 -3.29 0.34
C ASN A 89 -13.90 -4.04 0.88
N VAL A 90 -13.47 -3.72 2.11
CA VAL A 90 -12.34 -4.37 2.71
C VAL A 90 -12.67 -4.74 4.13
N LYS A 91 -12.42 -5.98 4.48
CA LYS A 91 -12.68 -6.47 5.82
C LYS A 91 -11.58 -7.41 6.28
N ALA A 92 -10.89 -7.04 7.35
CA ALA A 92 -9.83 -7.88 7.87
C ALA A 92 -10.44 -9.13 8.47
N LEU A 93 -10.05 -10.29 7.93
CA LEU A 93 -10.56 -11.57 8.40
C LEU A 93 -9.97 -11.89 9.76
N THR A 94 -8.65 -11.74 9.86
CA THR A 94 -7.94 -12.00 11.10
C THR A 94 -7.14 -10.75 11.46
N TYR A 95 -6.96 -10.49 12.75
CA TYR A 95 -6.22 -9.32 13.17
C TYR A 95 -4.93 -9.22 12.36
N CYS A 96 -4.81 -8.13 11.60
CA CYS A 96 -3.64 -7.95 10.77
C CYS A 96 -3.10 -6.52 10.86
N ASP A 97 -1.78 -6.41 10.92
CA ASP A 97 -1.13 -5.10 10.99
C ASP A 97 -0.79 -4.65 9.58
N LEU A 98 -1.19 -3.43 9.24
CA LEU A 98 -0.93 -2.92 7.91
C LEU A 98 -0.11 -1.64 7.95
N GLN A 99 0.76 -1.48 6.96
CA GLN A 99 1.59 -0.28 6.85
C GLN A 99 1.29 0.40 5.53
N TYR A 100 1.10 1.71 5.56
CA TYR A 100 0.79 2.45 4.34
C TYR A 100 1.32 3.87 4.38
N ILE A 101 1.31 4.51 3.23
CA ILE A 101 1.78 5.88 3.12
C ILE A 101 1.04 6.59 2.01
N SER A 102 0.96 7.91 2.11
CA SER A 102 0.26 8.69 1.11
C SER A 102 1.18 8.90 -0.09
N LEU A 103 0.69 8.52 -1.26
CA LEU A 103 1.48 8.66 -2.48
C LEU A 103 2.04 10.07 -2.54
N LYS A 104 1.30 11.02 -1.98
CA LYS A 104 1.74 12.40 -1.94
C LYS A 104 2.92 12.53 -0.98
N GLY A 105 2.87 11.72 0.07
CA GLY A 105 3.93 11.72 1.08
C GLY A 105 5.19 11.09 0.53
N LEU A 106 5.01 9.95 -0.14
CA LEU A 106 6.11 9.21 -0.71
C LEU A 106 6.76 9.94 -1.88
N ARG A 107 5.94 10.50 -2.76
CA ARG A 107 6.46 11.19 -3.94
C ARG A 107 7.15 12.49 -3.58
N GLU A 108 6.70 13.12 -2.50
CA GLU A 108 7.30 14.38 -2.08
C GLU A 108 8.74 14.12 -1.61
N VAL A 109 8.85 13.18 -0.70
CA VAL A 109 10.14 12.77 -0.19
C VAL A 109 11.00 12.31 -1.35
N LEU A 110 10.41 11.48 -2.17
CA LEU A 110 11.06 10.99 -3.37
C LEU A 110 11.41 12.18 -4.26
N ARG A 111 10.63 13.24 -4.16
CA ARG A 111 10.91 14.45 -4.93
C ARG A 111 12.32 14.91 -4.62
N LEU A 112 12.70 14.76 -3.35
CA LEU A 112 14.05 15.12 -2.94
C LEU A 112 15.03 14.26 -3.73
N TYR A 113 14.57 13.05 -4.05
CA TYR A 113 15.37 12.11 -4.85
C TYR A 113 14.63 11.80 -6.15
N PRO A 114 14.76 12.66 -7.13
CA PRO A 114 14.06 12.55 -8.45
C PRO A 114 14.39 11.30 -9.28
N GLU A 115 15.66 10.89 -9.34
CA GLU A 115 16.02 9.74 -10.16
C GLU A 115 15.47 8.46 -9.57
N TYR A 116 15.76 8.25 -8.30
CA TYR A 116 15.29 7.08 -7.60
C TYR A 116 13.77 7.13 -7.49
N ALA A 117 13.26 8.35 -7.37
CA ALA A 117 11.83 8.57 -7.22
C ALA A 117 11.04 8.12 -8.44
N GLN A 118 11.32 8.73 -9.59
CA GLN A 118 10.60 8.37 -10.78
C GLN A 118 10.65 6.87 -10.96
N LYS A 119 11.75 6.28 -10.52
CA LYS A 119 11.94 4.84 -10.59
C LYS A 119 11.07 4.10 -9.56
N PHE A 120 10.72 4.77 -8.46
CA PHE A 120 9.94 4.12 -7.39
C PHE A 120 8.63 3.51 -7.90
N VAL A 121 7.90 4.26 -8.72
CA VAL A 121 6.64 3.76 -9.22
C VAL A 121 6.79 2.37 -9.85
N SER A 122 7.93 2.15 -10.49
CA SER A 122 8.19 0.87 -11.15
C SER A 122 8.81 -0.15 -10.18
N GLU A 123 9.53 0.34 -9.18
CA GLU A 123 10.19 -0.55 -8.22
C GLU A 123 9.17 -1.26 -7.31
N ILE A 124 8.10 -0.57 -6.95
CA ILE A 124 7.10 -1.16 -6.07
C ILE A 124 6.56 -2.46 -6.67
N GLN A 125 6.42 -2.48 -8.00
CA GLN A 125 5.89 -3.65 -8.70
C GLN A 125 6.56 -4.93 -8.23
N HIS A 126 7.81 -4.83 -7.80
CA HIS A 126 8.54 -6.01 -7.34
C HIS A 126 7.80 -6.69 -6.19
N ASP A 127 6.90 -5.95 -5.54
CA ASP A 127 6.14 -6.51 -4.43
C ASP A 127 4.64 -6.47 -4.71
N LEU A 128 4.27 -6.37 -5.98
CA LEU A 128 2.87 -6.31 -6.36
C LEU A 128 2.15 -7.63 -6.08
N THR A 129 1.24 -7.61 -5.12
CA THR A 129 0.48 -8.81 -4.78
C THR A 129 -0.95 -8.70 -5.30
N TYR A 130 -1.63 -7.61 -4.92
CA TYR A 130 -3.00 -7.39 -5.38
C TYR A 130 -3.17 -5.96 -5.89
N ASN A 131 -3.51 -5.83 -7.16
CA ASN A 131 -3.69 -4.52 -7.77
C ASN A 131 -5.16 -4.11 -7.73
N LEU A 132 -5.47 -3.11 -6.91
CA LEU A 132 -6.84 -2.64 -6.81
C LEU A 132 -7.12 -1.58 -7.87
N ARG A 133 -8.03 -1.89 -8.80
CA ARG A 133 -8.37 -0.95 -9.86
C ARG A 133 -9.70 -0.28 -9.58
N GLU A 134 -9.87 0.93 -10.10
CA GLU A 134 -11.10 1.68 -9.90
C GLU A 134 -12.28 0.95 -10.56
N GLY A 135 -13.46 1.12 -9.98
CA GLY A 135 -14.65 0.47 -10.51
C GLY A 135 -14.56 -1.04 -10.35
N MET A 1 8.94 -8.77 16.68
CA MET A 1 8.06 -8.60 15.52
C MET A 1 8.87 -8.16 14.30
N ASN A 2 8.22 -7.43 13.40
CA ASN A 2 8.90 -6.96 12.19
C ASN A 2 9.05 -5.45 12.21
N LYS A 3 9.51 -4.89 11.09
CA LYS A 3 9.71 -3.45 11.00
C LYS A 3 8.88 -2.87 9.85
N GLU A 4 9.24 -1.68 9.40
CA GLU A 4 8.52 -1.03 8.30
C GLU A 4 8.66 -1.84 7.02
N LEU A 5 7.58 -1.92 6.24
CA LEU A 5 7.61 -2.68 4.99
C LEU A 5 8.50 -2.00 3.97
N LEU A 6 8.74 -0.70 4.13
CA LEU A 6 9.59 0.01 3.17
C LEU A 6 10.93 -0.68 3.02
N GLN A 7 11.05 -1.91 3.52
CA GLN A 7 12.30 -2.63 3.40
C GLN A 7 12.58 -2.85 1.93
N LEU A 8 11.63 -2.46 1.09
CA LEU A 8 11.79 -2.60 -0.33
C LEU A 8 12.99 -1.77 -0.81
N PRO A 9 13.74 -2.28 -1.76
CA PRO A 9 14.95 -1.59 -2.32
C PRO A 9 14.77 -0.09 -2.58
N LEU A 10 13.54 0.40 -2.58
CA LEU A 10 13.31 1.81 -2.89
C LEU A 10 14.17 2.75 -2.05
N PHE A 11 14.19 2.54 -0.74
CA PHE A 11 14.98 3.43 0.10
C PHE A 11 16.40 2.89 0.26
N GLU A 12 16.52 1.59 0.51
CA GLU A 12 17.83 0.98 0.67
C GLU A 12 18.71 1.34 -0.52
N SER A 13 18.08 1.60 -1.65
CA SER A 13 18.80 1.96 -2.86
C SER A 13 18.88 3.49 -2.97
N ALA A 14 18.20 4.18 -2.07
CA ALA A 14 18.19 5.63 -2.06
C ALA A 14 19.07 6.14 -0.94
N SER A 15 19.38 7.42 -0.99
CA SER A 15 20.17 8.02 0.08
C SER A 15 19.33 7.96 1.34
N ARG A 16 19.97 7.72 2.47
CA ARG A 16 19.22 7.65 3.70
C ARG A 16 18.28 8.84 3.74
N GLY A 17 18.60 9.85 2.92
CA GLY A 17 17.78 11.03 2.83
C GLY A 17 16.37 10.67 2.39
N CYS A 18 16.26 9.72 1.45
CA CYS A 18 14.95 9.28 1.00
C CYS A 18 14.26 8.51 2.10
N LEU A 19 15.03 7.75 2.86
CA LEU A 19 14.45 6.99 3.96
C LEU A 19 13.89 7.98 4.98
N ARG A 20 14.59 9.10 5.14
CA ARG A 20 14.15 10.15 6.05
C ARG A 20 12.95 10.85 5.45
N SER A 21 13.03 11.03 4.14
CA SER A 21 11.97 11.65 3.37
C SER A 21 10.67 10.87 3.57
N LEU A 22 10.73 9.57 3.34
CA LEU A 22 9.55 8.74 3.52
C LEU A 22 9.12 8.75 4.98
N SER A 23 10.06 8.42 5.86
CA SER A 23 9.75 8.37 7.27
C SER A 23 9.15 9.69 7.74
N LEU A 24 9.54 10.77 7.08
CA LEU A 24 8.98 12.07 7.42
C LEU A 24 7.48 12.01 7.20
N ILE A 25 7.06 11.25 6.19
CA ILE A 25 5.63 11.12 5.90
C ILE A 25 5.13 9.67 6.04
N ILE A 26 5.83 8.87 6.82
CA ILE A 26 5.44 7.48 7.02
C ILE A 26 4.12 7.39 7.78
N LYS A 27 3.19 6.61 7.25
CA LYS A 27 1.90 6.43 7.91
C LYS A 27 1.67 4.96 8.24
N THR A 28 0.88 4.68 9.27
CA THR A 28 0.60 3.30 9.66
C THR A 28 -0.90 3.08 9.84
N SER A 29 -1.37 1.93 9.35
CA SER A 29 -2.79 1.58 9.45
C SER A 29 -2.95 0.16 9.98
N PHE A 30 -3.89 -0.05 10.88
CA PHE A 30 -4.10 -1.39 11.45
C PHE A 30 -5.53 -1.85 11.27
N CYS A 31 -5.70 -3.15 11.04
CA CYS A 31 -7.04 -3.73 10.87
C CYS A 31 -7.23 -4.90 11.83
N ALA A 32 -8.49 -5.15 12.19
CA ALA A 32 -8.81 -6.23 13.11
C ALA A 32 -9.58 -7.34 12.39
N PRO A 33 -9.80 -8.46 13.03
CA PRO A 33 -10.56 -9.59 12.42
C PRO A 33 -12.00 -9.18 12.14
N GLY A 34 -12.45 -9.36 10.91
CA GLY A 34 -13.81 -8.98 10.54
C GLY A 34 -13.93 -7.46 10.49
N GLU A 35 -12.81 -6.77 10.70
CA GLU A 35 -12.81 -5.31 10.69
C GLU A 35 -12.88 -4.78 9.26
N PHE A 36 -13.83 -3.88 9.02
CA PHE A 36 -14.01 -3.30 7.69
C PHE A 36 -13.15 -2.05 7.49
N LEU A 37 -12.23 -2.12 6.54
CA LEU A 37 -11.35 -0.99 6.26
C LEU A 37 -11.93 -0.11 5.14
N ILE A 38 -12.32 -0.74 4.02
CA ILE A 38 -12.89 0.01 2.91
C ILE A 38 -14.31 -0.43 2.61
N ARG A 39 -15.10 0.49 2.09
CA ARG A 39 -16.48 0.20 1.72
C ARG A 39 -16.76 0.66 0.29
N GLN A 40 -16.83 -0.31 -0.61
CA GLN A 40 -17.10 -0.04 -2.03
C GLN A 40 -17.45 1.42 -2.30
N GLY A 41 -16.74 2.02 -3.24
CA GLY A 41 -17.00 3.42 -3.60
C GLY A 41 -16.09 4.38 -2.82
N ASP A 42 -15.13 3.82 -2.09
CA ASP A 42 -14.23 4.65 -1.30
C ASP A 42 -13.21 5.34 -2.20
N ALA A 43 -12.29 6.09 -1.60
CA ALA A 43 -11.27 6.79 -2.33
C ALA A 43 -9.90 6.20 -2.07
N LEU A 44 -9.18 5.88 -3.14
CA LEU A 44 -7.84 5.31 -3.01
C LEU A 44 -6.78 6.39 -3.08
N GLN A 45 -6.10 6.62 -1.97
CA GLN A 45 -5.05 7.65 -1.92
C GLN A 45 -3.74 7.05 -1.42
N ALA A 46 -3.82 6.22 -0.38
CA ALA A 46 -2.63 5.60 0.18
C ALA A 46 -2.55 4.12 -0.15
N ILE A 47 -1.35 3.55 -0.01
CA ILE A 47 -1.14 2.13 -0.28
C ILE A 47 -0.79 1.42 1.03
N TYR A 48 -1.38 0.23 1.25
CA TYR A 48 -1.13 -0.51 2.48
C TYR A 48 -0.49 -1.87 2.21
N PHE A 49 0.50 -2.20 3.03
CA PHE A 49 1.17 -3.50 2.92
C PHE A 49 0.93 -4.28 4.20
N VAL A 50 0.69 -5.57 4.09
CA VAL A 50 0.46 -6.39 5.25
C VAL A 50 1.71 -7.19 5.58
N CYS A 51 2.11 -7.16 6.85
CA CYS A 51 3.30 -7.88 7.27
C CYS A 51 2.91 -9.19 7.96
N SER A 52 1.68 -9.25 8.47
CA SER A 52 1.20 -10.45 9.15
C SER A 52 -0.30 -10.35 9.41
N GLY A 53 -1.00 -11.47 9.22
CA GLY A 53 -2.45 -11.49 9.45
C GLY A 53 -3.17 -11.93 8.17
N SER A 54 -4.48 -11.65 8.11
CA SER A 54 -5.25 -12.04 6.93
C SER A 54 -6.32 -11.00 6.60
N MET A 55 -6.60 -10.83 5.31
CA MET A 55 -7.60 -9.85 4.89
C MET A 55 -8.14 -10.19 3.50
N GLU A 56 -9.25 -9.56 3.12
CA GLU A 56 -9.86 -9.81 1.82
C GLU A 56 -10.86 -8.71 1.47
N VAL A 57 -11.09 -8.50 0.17
CA VAL A 57 -12.05 -7.50 -0.27
C VAL A 57 -13.39 -8.17 -0.53
N LEU A 58 -14.48 -7.53 -0.07
CA LEU A 58 -15.82 -8.08 -0.20
C LEU A 58 -16.63 -7.37 -1.27
N LYS A 59 -17.10 -8.15 -2.25
CA LYS A 59 -17.91 -7.60 -3.32
C LYS A 59 -18.67 -8.72 -4.04
N ASP A 60 -19.89 -8.43 -4.45
CA ASP A 60 -20.73 -9.40 -5.15
C ASP A 60 -20.98 -10.63 -4.28
N ASN A 61 -21.19 -10.41 -2.99
CA ASN A 61 -21.46 -11.50 -2.06
C ASN A 61 -20.25 -12.41 -1.89
N THR A 62 -19.19 -12.15 -2.66
CA THR A 62 -17.99 -12.95 -2.56
C THR A 62 -16.78 -12.07 -2.36
N VAL A 63 -15.77 -12.62 -1.71
CA VAL A 63 -14.55 -11.88 -1.51
C VAL A 63 -13.86 -11.73 -2.85
N LEU A 64 -13.75 -10.50 -3.33
CA LEU A 64 -13.15 -10.26 -4.63
C LEU A 64 -11.64 -10.45 -4.54
N ALA A 65 -11.13 -10.49 -3.33
CA ALA A 65 -9.70 -10.71 -3.13
C ALA A 65 -9.47 -11.48 -1.84
N ILE A 66 -8.63 -12.50 -1.93
CA ILE A 66 -8.32 -13.30 -0.77
C ILE A 66 -6.80 -13.42 -0.64
N LEU A 67 -6.22 -12.70 0.31
CA LEU A 67 -4.78 -12.72 0.48
C LEU A 67 -4.36 -12.89 1.94
N GLY A 68 -3.09 -13.24 2.14
CA GLY A 68 -2.54 -13.43 3.47
C GLY A 68 -1.33 -12.52 3.69
N LYS A 69 -0.43 -12.95 4.57
CA LYS A 69 0.76 -12.17 4.89
C LYS A 69 1.45 -11.62 3.64
N GLY A 70 1.90 -10.37 3.73
CA GLY A 70 2.60 -9.73 2.63
C GLY A 70 1.66 -9.06 1.63
N ASP A 71 0.36 -9.31 1.77
CA ASP A 71 -0.60 -8.72 0.84
C ASP A 71 -0.35 -7.21 0.70
N LEU A 72 -0.82 -6.65 -0.40
CA LEU A 72 -0.64 -5.22 -0.65
C LEU A 72 -1.87 -4.67 -1.35
N ILE A 73 -2.31 -3.48 -0.94
CA ILE A 73 -3.51 -2.87 -1.52
C ILE A 73 -3.17 -1.58 -2.26
N GLY A 74 -3.67 -1.50 -3.49
CA GLY A 74 -3.46 -0.33 -4.33
C GLY A 74 -3.01 -0.75 -5.73
N SER A 75 -3.41 0.03 -6.73
CA SER A 75 -3.04 -0.27 -8.11
C SER A 75 -1.63 0.22 -8.42
N ASP A 76 -1.01 -0.39 -9.43
CA ASP A 76 0.35 -0.02 -9.83
C ASP A 76 0.36 1.38 -10.44
N SER A 77 1.49 1.74 -11.05
CA SER A 77 1.62 3.05 -11.67
C SER A 77 1.72 4.14 -10.61
N LEU A 78 2.49 3.85 -9.55
CA LEU A 78 2.68 4.81 -8.47
C LEU A 78 3.18 6.15 -9.01
N THR A 79 3.71 6.14 -10.23
CA THR A 79 4.24 7.35 -10.84
C THR A 79 3.11 8.24 -11.33
N LYS A 80 2.29 7.72 -12.24
CA LYS A 80 1.17 8.47 -12.78
C LYS A 80 -0.04 8.35 -11.86
N GLU A 81 0.23 8.15 -10.57
CA GLU A 81 -0.84 7.99 -9.59
C GLU A 81 -2.10 8.71 -10.04
N GLN A 82 -2.97 7.99 -10.76
CA GLN A 82 -4.21 8.58 -11.24
C GLN A 82 -5.29 8.45 -10.17
N VAL A 83 -6.43 9.10 -10.42
CA VAL A 83 -7.53 9.05 -9.45
C VAL A 83 -8.18 7.67 -9.45
N ILE A 84 -8.04 6.96 -8.34
CA ILE A 84 -8.62 5.63 -8.23
C ILE A 84 -9.55 5.54 -7.03
N LYS A 85 -10.75 5.05 -7.27
CA LYS A 85 -11.73 4.91 -6.20
C LYS A 85 -12.02 3.44 -5.93
N THR A 86 -12.08 3.08 -4.67
CA THR A 86 -12.34 1.70 -4.28
C THR A 86 -13.76 1.31 -4.69
N ASN A 87 -13.86 0.24 -5.48
CA ASN A 87 -15.16 -0.23 -5.95
C ASN A 87 -15.71 -1.33 -5.03
N ALA A 88 -14.80 -2.09 -4.41
CA ALA A 88 -15.20 -3.17 -3.51
C ALA A 88 -15.00 -2.76 -2.06
N ASN A 89 -15.20 -3.70 -1.16
CA ASN A 89 -15.04 -3.43 0.26
C ASN A 89 -13.82 -4.19 0.77
N VAL A 90 -13.35 -3.85 1.96
CA VAL A 90 -12.20 -4.49 2.53
C VAL A 90 -12.49 -4.84 3.97
N LYS A 91 -12.22 -6.10 4.33
CA LYS A 91 -12.45 -6.55 5.68
C LYS A 91 -11.33 -7.49 6.13
N ALA A 92 -10.63 -7.08 7.19
CA ALA A 92 -9.55 -7.90 7.72
C ALA A 92 -10.13 -9.15 8.34
N LEU A 93 -9.73 -10.30 7.81
CA LEU A 93 -10.22 -11.58 8.33
C LEU A 93 -9.61 -11.87 9.69
N THR A 94 -8.29 -11.72 9.77
CA THR A 94 -7.58 -11.95 11.01
C THR A 94 -6.76 -10.71 11.35
N TYR A 95 -6.59 -10.45 12.64
CA TYR A 95 -5.83 -9.27 13.06
C TYR A 95 -4.53 -9.19 12.27
N CYS A 96 -4.39 -8.11 11.52
CA CYS A 96 -3.19 -7.92 10.71
C CYS A 96 -2.66 -6.51 10.83
N ASP A 97 -1.35 -6.38 10.79
CA ASP A 97 -0.70 -5.08 10.87
C ASP A 97 -0.39 -4.60 9.46
N LEU A 98 -0.83 -3.39 9.14
CA LEU A 98 -0.59 -2.86 7.80
C LEU A 98 0.12 -1.52 7.84
N GLN A 99 1.07 -1.35 6.95
CA GLN A 99 1.81 -0.09 6.86
C GLN A 99 1.39 0.62 5.57
N TYR A 100 1.09 1.90 5.67
CA TYR A 100 0.68 2.64 4.49
C TYR A 100 1.17 4.07 4.50
N ILE A 101 1.05 4.71 3.35
CA ILE A 101 1.48 6.08 3.20
C ILE A 101 0.69 6.76 2.09
N SER A 102 0.60 8.07 2.14
CA SER A 102 -0.14 8.78 1.12
C SER A 102 0.73 8.91 -0.14
N LEU A 103 0.19 8.47 -1.27
CA LEU A 103 0.94 8.52 -2.52
C LEU A 103 1.56 9.91 -2.70
N LYS A 104 0.87 10.93 -2.24
CA LYS A 104 1.40 12.30 -2.34
C LYS A 104 2.62 12.43 -1.43
N GLY A 105 2.57 11.72 -0.30
CA GLY A 105 3.66 11.74 0.65
C GLY A 105 4.91 11.08 0.08
N LEU A 106 4.71 9.92 -0.53
CA LEU A 106 5.81 9.15 -1.11
C LEU A 106 6.39 9.81 -2.36
N ARG A 107 5.53 10.30 -3.23
CA ARG A 107 6.01 10.90 -4.46
C ARG A 107 6.74 12.23 -4.21
N GLU A 108 6.34 12.92 -3.15
CA GLU A 108 6.95 14.21 -2.80
C GLU A 108 8.36 13.98 -2.28
N VAL A 109 8.45 13.08 -1.31
CA VAL A 109 9.74 12.74 -0.75
C VAL A 109 10.61 12.30 -1.90
N LEU A 110 9.96 11.65 -2.86
CA LEU A 110 10.62 11.22 -4.06
C LEU A 110 11.05 12.45 -4.85
N ARG A 111 10.27 13.52 -4.74
CA ARG A 111 10.61 14.75 -5.42
C ARG A 111 12.02 15.14 -5.05
N LEU A 112 12.37 14.89 -3.79
CA LEU A 112 13.71 15.18 -3.31
C LEU A 112 14.68 14.31 -4.11
N TYR A 113 14.23 13.08 -4.40
CA TYR A 113 15.02 12.15 -5.19
C TYR A 113 14.25 11.78 -6.47
N PRO A 114 14.34 12.61 -7.47
CA PRO A 114 13.61 12.44 -8.77
C PRO A 114 14.03 11.20 -9.57
N GLU A 115 15.32 10.91 -9.63
CA GLU A 115 15.77 9.75 -10.40
C GLU A 115 15.37 8.46 -9.71
N TYR A 116 15.71 8.38 -8.43
CA TYR A 116 15.37 7.22 -7.65
C TYR A 116 13.86 7.05 -7.60
N ALA A 117 13.16 8.18 -7.61
CA ALA A 117 11.71 8.18 -7.56
C ALA A 117 11.10 7.40 -8.70
N GLN A 118 11.40 7.79 -9.93
CA GLN A 118 10.85 7.07 -11.05
C GLN A 118 11.11 5.60 -10.81
N LYS A 119 12.21 5.35 -10.10
CA LYS A 119 12.61 4.00 -9.75
C LYS A 119 11.73 3.45 -8.61
N PHE A 120 11.17 4.33 -7.78
CA PHE A 120 10.36 3.87 -6.65
C PHE A 120 9.27 2.90 -7.07
N VAL A 121 8.44 3.32 -8.01
CA VAL A 121 7.33 2.50 -8.46
C VAL A 121 7.82 1.19 -9.07
N SER A 122 8.82 1.28 -9.93
CA SER A 122 9.37 0.09 -10.59
C SER A 122 9.66 -1.01 -9.57
N GLU A 123 10.02 -0.61 -8.36
CA GLU A 123 10.33 -1.59 -7.32
C GLU A 123 9.04 -2.06 -6.65
N ILE A 124 7.96 -1.34 -6.86
CA ILE A 124 6.68 -1.69 -6.26
C ILE A 124 6.07 -2.93 -6.94
N GLN A 125 6.15 -2.98 -8.27
CA GLN A 125 5.60 -4.10 -9.02
C GLN A 125 6.07 -5.43 -8.44
N HIS A 126 7.28 -5.43 -7.88
CA HIS A 126 7.84 -6.64 -7.30
C HIS A 126 7.20 -6.91 -5.93
N ASP A 127 6.49 -5.93 -5.41
CA ASP A 127 5.84 -6.07 -4.11
C ASP A 127 4.33 -5.90 -4.24
N LEU A 128 3.83 -6.07 -5.45
CA LEU A 128 2.39 -5.93 -5.69
C LEU A 128 1.68 -7.28 -5.55
N THR A 129 0.89 -7.42 -4.49
CA THR A 129 0.16 -8.66 -4.26
C THR A 129 -1.29 -8.53 -4.74
N TYR A 130 -1.94 -7.44 -4.33
CA TYR A 130 -3.32 -7.22 -4.74
C TYR A 130 -3.48 -5.77 -5.20
N ASN A 131 -3.79 -5.62 -6.48
CA ASN A 131 -3.94 -4.30 -7.07
C ASN A 131 -5.41 -3.91 -7.10
N LEU A 132 -5.77 -2.88 -6.35
CA LEU A 132 -7.14 -2.44 -6.32
C LEU A 132 -7.38 -1.42 -7.41
N ARG A 133 -8.23 -1.77 -8.37
CA ARG A 133 -8.54 -0.88 -9.49
C ARG A 133 -9.89 -0.22 -9.30
N GLU A 134 -10.05 0.97 -9.89
CA GLU A 134 -11.30 1.70 -9.78
C GLU A 134 -12.39 1.03 -10.60
N GLY A 135 -13.63 1.14 -10.15
CA GLY A 135 -14.76 0.53 -10.84
C GLY A 135 -14.66 -0.99 -10.81
N MET A 1 14.33 -9.03 9.12
CA MET A 1 14.00 -7.61 9.28
C MET A 1 12.81 -7.24 8.41
N ASN A 2 12.01 -6.28 8.89
CA ASN A 2 10.84 -5.83 8.15
C ASN A 2 10.47 -4.40 8.55
N LYS A 3 10.43 -4.15 9.86
CA LYS A 3 10.08 -2.82 10.36
C LYS A 3 9.16 -2.10 9.37
N GLU A 4 9.48 -0.85 9.07
CA GLU A 4 8.68 -0.07 8.13
C GLU A 4 8.65 -0.74 6.77
N LEU A 5 7.54 -0.59 6.05
CA LEU A 5 7.41 -1.20 4.73
C LEU A 5 8.34 -0.55 3.72
N LEU A 6 8.70 0.71 3.95
CA LEU A 6 9.59 1.41 3.03
C LEU A 6 10.87 0.61 2.79
N GLN A 7 10.88 -0.66 3.23
CA GLN A 7 12.04 -1.50 3.04
C GLN A 7 12.26 -1.71 1.55
N LEU A 8 11.28 -1.29 0.76
CA LEU A 8 11.37 -1.41 -0.68
C LEU A 8 12.55 -0.59 -1.22
N PRO A 9 13.10 -0.97 -2.34
CA PRO A 9 14.25 -0.28 -2.98
C PRO A 9 14.14 1.25 -2.96
N LEU A 10 12.95 1.78 -2.73
CA LEU A 10 12.75 3.23 -2.77
C LEU A 10 13.73 3.97 -1.87
N PHE A 11 13.88 3.53 -0.64
CA PHE A 11 14.77 4.23 0.27
C PHE A 11 16.16 3.58 0.29
N GLU A 12 16.19 2.25 0.28
CA GLU A 12 17.46 1.52 0.31
C GLU A 12 18.37 2.00 -0.82
N SER A 13 17.77 2.44 -1.91
CA SER A 13 18.54 2.92 -3.05
C SER A 13 18.69 4.43 -3.00
N ALA A 14 18.02 5.06 -2.04
CA ALA A 14 18.08 6.50 -1.89
C ALA A 14 18.97 6.87 -0.72
N SER A 15 19.26 8.15 -0.59
CA SER A 15 20.04 8.62 0.52
C SER A 15 19.19 8.52 1.77
N ARG A 16 19.80 8.21 2.89
CA ARG A 16 19.02 8.09 4.10
C ARG A 16 18.08 9.28 4.17
N GLY A 17 18.43 10.32 3.44
CA GLY A 17 17.61 11.52 3.40
C GLY A 17 16.21 11.19 2.90
N CYS A 18 16.13 10.30 1.91
CA CYS A 18 14.82 9.90 1.39
C CYS A 18 14.11 9.08 2.44
N LEU A 19 14.88 8.33 3.21
CA LEU A 19 14.27 7.51 4.25
C LEU A 19 13.63 8.44 5.26
N ARG A 20 14.26 9.59 5.48
CA ARG A 20 13.74 10.61 6.38
C ARG A 20 12.52 11.25 5.74
N SER A 21 12.66 11.50 4.46
CA SER A 21 11.61 12.08 3.64
C SER A 21 10.36 11.21 3.72
N LEU A 22 10.51 9.93 3.45
CA LEU A 22 9.39 9.02 3.52
C LEU A 22 8.86 8.94 4.94
N SER A 23 9.76 8.65 5.87
CA SER A 23 9.37 8.53 7.26
C SER A 23 8.65 9.78 7.71
N LEU A 24 9.01 10.92 7.13
CA LEU A 24 8.35 12.15 7.46
C LEU A 24 6.85 11.98 7.20
N ILE A 25 6.52 11.23 6.15
CA ILE A 25 5.11 10.99 5.83
C ILE A 25 4.72 9.51 5.97
N ILE A 26 5.47 8.74 6.75
CA ILE A 26 5.17 7.34 6.95
C ILE A 26 3.84 7.18 7.69
N LYS A 27 2.97 6.33 7.16
CA LYS A 27 1.68 6.11 7.83
C LYS A 27 1.51 4.64 8.18
N THR A 28 1.00 4.37 9.38
CA THR A 28 0.80 3.00 9.83
C THR A 28 -0.58 2.83 10.47
N SER A 29 -1.29 1.77 10.09
CA SER A 29 -2.62 1.51 10.65
C SER A 29 -2.80 0.02 10.91
N PHE A 30 -3.80 -0.30 11.73
CA PHE A 30 -4.08 -1.70 12.08
C PHE A 30 -5.58 -1.99 11.98
N CYS A 31 -5.92 -3.20 11.52
CA CYS A 31 -7.32 -3.61 11.40
C CYS A 31 -7.58 -4.85 12.24
N ALA A 32 -8.83 -4.98 12.69
CA ALA A 32 -9.21 -6.12 13.52
C ALA A 32 -9.89 -7.21 12.68
N PRO A 33 -10.14 -8.37 13.26
CA PRO A 33 -10.82 -9.48 12.54
C PRO A 33 -12.29 -9.15 12.29
N GLY A 34 -12.77 -9.38 11.09
CA GLY A 34 -14.14 -9.07 10.76
C GLY A 34 -14.34 -7.55 10.70
N GLU A 35 -13.24 -6.82 10.88
CA GLU A 35 -13.28 -5.36 10.88
C GLU A 35 -13.28 -4.82 9.45
N PHE A 36 -14.23 -3.93 9.16
CA PHE A 36 -14.35 -3.34 7.82
C PHE A 36 -13.57 -2.03 7.71
N LEU A 37 -12.53 -2.02 6.88
CA LEU A 37 -11.73 -0.82 6.69
C LEU A 37 -12.25 -0.01 5.49
N ILE A 38 -12.45 -0.67 4.35
CA ILE A 38 -12.95 0.06 3.18
C ILE A 38 -14.33 -0.43 2.77
N ARG A 39 -15.11 0.48 2.19
CA ARG A 39 -16.45 0.14 1.74
C ARG A 39 -16.68 0.62 0.29
N GLN A 40 -16.69 -0.33 -0.62
CA GLN A 40 -16.91 -0.05 -2.05
C GLN A 40 -17.30 1.41 -2.29
N GLY A 41 -16.57 2.06 -3.20
CA GLY A 41 -16.86 3.45 -3.53
C GLY A 41 -15.97 4.39 -2.72
N ASP A 42 -15.01 3.83 -2.00
CA ASP A 42 -14.12 4.65 -1.18
C ASP A 42 -13.07 5.34 -2.04
N ALA A 43 -12.18 6.07 -1.38
CA ALA A 43 -11.12 6.78 -2.08
C ALA A 43 -9.75 6.24 -1.68
N LEU A 44 -8.91 6.01 -2.69
CA LEU A 44 -7.57 5.50 -2.44
C LEU A 44 -6.58 6.64 -2.27
N GLN A 45 -5.97 6.72 -1.08
CA GLN A 45 -5.02 7.78 -0.80
C GLN A 45 -3.64 7.20 -0.49
N ALA A 46 -3.61 6.10 0.25
CA ALA A 46 -2.35 5.46 0.61
C ALA A 46 -2.33 4.00 0.13
N ILE A 47 -1.13 3.50 -0.17
CA ILE A 47 -0.99 2.11 -0.60
C ILE A 47 -0.84 1.24 0.64
N TYR A 48 -1.34 0.00 0.59
CA TYR A 48 -1.28 -0.86 1.77
C TYR A 48 -0.36 -2.07 1.61
N PHE A 49 0.13 -2.53 2.76
CA PHE A 49 0.99 -3.71 2.86
C PHE A 49 0.62 -4.44 4.14
N VAL A 50 0.53 -5.73 4.08
CA VAL A 50 0.20 -6.50 5.25
C VAL A 50 1.46 -7.15 5.82
N CYS A 51 1.70 -6.97 7.11
CA CYS A 51 2.89 -7.53 7.73
C CYS A 51 2.59 -8.90 8.32
N SER A 52 1.37 -9.05 8.83
CA SER A 52 0.95 -10.32 9.42
C SER A 52 -0.55 -10.30 9.69
N GLY A 53 -1.20 -11.44 9.50
CA GLY A 53 -2.64 -11.53 9.72
C GLY A 53 -3.35 -11.95 8.44
N SER A 54 -4.65 -11.67 8.36
CA SER A 54 -5.41 -12.04 7.16
C SER A 54 -6.52 -11.02 6.87
N MET A 55 -6.73 -10.76 5.58
CA MET A 55 -7.76 -9.80 5.17
C MET A 55 -8.22 -10.08 3.75
N GLU A 56 -9.35 -9.50 3.38
CA GLU A 56 -9.89 -9.71 2.04
C GLU A 56 -10.92 -8.64 1.70
N VAL A 57 -11.10 -8.39 0.41
CA VAL A 57 -12.08 -7.39 -0.02
C VAL A 57 -13.39 -8.09 -0.37
N LEU A 58 -14.50 -7.57 0.15
CA LEU A 58 -15.82 -8.18 -0.07
C LEU A 58 -16.68 -7.41 -1.05
N LYS A 59 -17.13 -8.10 -2.09
CA LYS A 59 -18.00 -7.52 -3.09
C LYS A 59 -18.70 -8.63 -3.88
N ASP A 60 -19.96 -8.41 -4.24
CA ASP A 60 -20.72 -9.40 -4.99
C ASP A 60 -20.86 -10.71 -4.21
N ASN A 61 -21.09 -10.60 -2.90
CA ASN A 61 -21.28 -11.76 -2.05
C ASN A 61 -20.00 -12.59 -1.89
N THR A 62 -19.01 -12.34 -2.73
CA THR A 62 -17.75 -13.07 -2.64
C THR A 62 -16.60 -12.13 -2.41
N VAL A 63 -15.54 -12.65 -1.82
CA VAL A 63 -14.36 -11.86 -1.58
C VAL A 63 -13.70 -11.57 -2.92
N LEU A 64 -13.61 -10.29 -3.26
CA LEU A 64 -13.03 -9.91 -4.55
C LEU A 64 -11.53 -10.09 -4.50
N ALA A 65 -10.98 -10.14 -3.29
CA ALA A 65 -9.55 -10.35 -3.13
C ALA A 65 -9.29 -11.07 -1.83
N ILE A 66 -8.44 -12.08 -1.91
CA ILE A 66 -8.09 -12.87 -0.74
C ILE A 66 -6.57 -12.86 -0.56
N LEU A 67 -6.08 -12.13 0.44
CA LEU A 67 -4.65 -12.04 0.65
C LEU A 67 -4.25 -12.31 2.10
N GLY A 68 -2.96 -12.58 2.29
CA GLY A 68 -2.43 -12.86 3.61
C GLY A 68 -1.15 -12.06 3.89
N LYS A 69 -0.31 -12.60 4.75
CA LYS A 69 0.94 -11.97 5.16
C LYS A 69 1.80 -11.52 3.96
N GLY A 70 2.22 -10.26 4.00
CA GLY A 70 3.09 -9.70 2.97
C GLY A 70 2.32 -9.18 1.76
N ASP A 71 1.07 -9.58 1.62
CA ASP A 71 0.28 -9.13 0.49
C ASP A 71 0.41 -7.63 0.29
N LEU A 72 -0.12 -7.14 -0.83
CA LEU A 72 -0.07 -5.71 -1.12
C LEU A 72 -1.34 -5.26 -1.83
N ILE A 73 -1.74 -4.03 -1.56
CA ILE A 73 -2.95 -3.48 -2.18
C ILE A 73 -2.63 -2.18 -2.89
N GLY A 74 -3.41 -1.93 -3.91
CA GLY A 74 -3.26 -0.71 -4.71
C GLY A 74 -2.99 -1.06 -6.16
N SER A 75 -3.42 -0.19 -7.06
CA SER A 75 -3.22 -0.42 -8.49
C SER A 75 -1.78 -0.09 -8.88
N ASP A 76 -1.17 -1.00 -9.64
CA ASP A 76 0.21 -0.79 -10.08
C ASP A 76 0.31 0.49 -10.89
N SER A 77 1.47 0.70 -11.52
CA SER A 77 1.69 1.89 -12.32
C SER A 77 1.60 3.14 -11.46
N LEU A 78 2.18 3.07 -10.27
CA LEU A 78 2.16 4.20 -9.36
C LEU A 78 2.58 5.48 -10.07
N THR A 79 3.11 5.34 -11.28
CA THR A 79 3.55 6.48 -12.05
C THR A 79 2.35 7.24 -12.60
N LYS A 80 1.20 6.56 -12.65
CA LYS A 80 -0.03 7.18 -13.14
C LYS A 80 -0.76 7.88 -12.01
N GLU A 81 -0.01 8.32 -11.00
CA GLU A 81 -0.59 9.00 -9.85
C GLU A 81 -1.89 9.71 -10.25
N GLN A 82 -3.01 9.04 -10.02
CA GLN A 82 -4.31 9.61 -10.35
C GLN A 82 -5.32 9.26 -9.26
N VAL A 83 -6.50 9.86 -9.36
CA VAL A 83 -7.55 9.62 -8.37
C VAL A 83 -8.14 8.21 -8.53
N ILE A 84 -7.80 7.34 -7.59
CA ILE A 84 -8.31 5.97 -7.62
C ILE A 84 -9.27 5.74 -6.48
N LYS A 85 -10.41 5.12 -6.79
CA LYS A 85 -11.41 4.87 -5.78
C LYS A 85 -11.62 3.37 -5.61
N THR A 86 -11.82 2.96 -4.36
CA THR A 86 -12.03 1.55 -4.06
C THR A 86 -13.39 1.10 -4.53
N ASN A 87 -13.41 0.11 -5.42
CA ASN A 87 -14.66 -0.42 -5.96
C ASN A 87 -15.32 -1.38 -4.97
N ALA A 88 -14.51 -2.22 -4.33
CA ALA A 88 -15.03 -3.18 -3.38
C ALA A 88 -14.85 -2.69 -1.95
N ASN A 89 -15.14 -3.58 -1.00
CA ASN A 89 -14.99 -3.24 0.41
C ASN A 89 -13.85 -4.07 0.98
N VAL A 90 -13.36 -3.71 2.16
CA VAL A 90 -12.25 -4.41 2.76
C VAL A 90 -12.59 -4.78 4.19
N LYS A 91 -12.40 -6.06 4.51
CA LYS A 91 -12.67 -6.54 5.85
C LYS A 91 -11.57 -7.47 6.34
N ALA A 92 -10.89 -7.06 7.40
CA ALA A 92 -9.83 -7.87 7.97
C ALA A 92 -10.42 -9.15 8.54
N LEU A 93 -10.04 -10.28 7.95
CA LEU A 93 -10.55 -11.57 8.40
C LEU A 93 -9.92 -11.93 9.74
N THR A 94 -8.61 -11.78 9.81
CA THR A 94 -7.87 -12.05 11.04
C THR A 94 -7.08 -10.81 11.42
N TYR A 95 -6.94 -10.56 12.72
CA TYR A 95 -6.21 -9.39 13.17
C TYR A 95 -4.90 -9.26 12.40
N CYS A 96 -4.77 -8.17 11.67
CA CYS A 96 -3.56 -7.95 10.89
C CYS A 96 -3.11 -6.49 10.96
N ASP A 97 -1.82 -6.27 10.76
CA ASP A 97 -1.27 -4.92 10.79
C ASP A 97 -1.07 -4.42 9.36
N LEU A 98 -1.61 -3.24 9.07
CA LEU A 98 -1.48 -2.69 7.73
C LEU A 98 -0.74 -1.37 7.75
N GLN A 99 0.34 -1.30 7.00
CA GLN A 99 1.11 -0.08 6.91
C GLN A 99 0.89 0.54 5.54
N TYR A 100 0.62 1.84 5.51
CA TYR A 100 0.41 2.51 4.25
C TYR A 100 0.90 3.94 4.30
N ILE A 101 0.97 4.55 3.14
CA ILE A 101 1.44 5.92 3.05
C ILE A 101 0.78 6.61 1.87
N SER A 102 0.42 7.87 2.05
CA SER A 102 -0.22 8.59 0.98
C SER A 102 0.70 8.62 -0.23
N LEU A 103 0.19 8.13 -1.35
CA LEU A 103 0.99 8.10 -2.57
C LEU A 103 1.60 9.48 -2.82
N LYS A 104 0.87 10.52 -2.45
CA LYS A 104 1.36 11.88 -2.63
C LYS A 104 2.52 12.13 -1.67
N GLY A 105 2.41 11.57 -0.46
CA GLY A 105 3.44 11.73 0.56
C GLY A 105 4.75 11.08 0.12
N LEU A 106 4.63 9.85 -0.39
CA LEU A 106 5.80 9.11 -0.82
C LEU A 106 6.44 9.70 -2.08
N ARG A 107 5.61 10.09 -3.03
CA ARG A 107 6.14 10.64 -4.28
C ARG A 107 6.77 12.01 -4.08
N GLU A 108 6.28 12.77 -3.11
CA GLU A 108 6.81 14.11 -2.85
C GLU A 108 8.22 14.00 -2.31
N VAL A 109 8.34 13.20 -1.27
CA VAL A 109 9.63 12.95 -0.65
C VAL A 109 10.57 12.43 -1.74
N LEU A 110 10.03 11.52 -2.52
CA LEU A 110 10.76 10.97 -3.63
C LEU A 110 11.09 12.07 -4.62
N ARG A 111 10.20 13.06 -4.71
CA ARG A 111 10.44 14.19 -5.60
C ARG A 111 11.78 14.80 -5.26
N LEU A 112 12.11 14.79 -3.97
CA LEU A 112 13.40 15.31 -3.52
C LEU A 112 14.48 14.46 -4.16
N TYR A 113 14.15 13.18 -4.37
CA TYR A 113 15.08 12.24 -5.00
C TYR A 113 14.48 11.74 -6.31
N PRO A 114 14.67 12.48 -7.38
CA PRO A 114 14.11 12.15 -8.73
C PRO A 114 14.59 10.84 -9.36
N GLU A 115 15.86 10.51 -9.20
CA GLU A 115 16.38 9.29 -9.81
C GLU A 115 15.78 8.07 -9.14
N TYR A 116 15.87 8.04 -7.83
CA TYR A 116 15.34 6.94 -7.05
C TYR A 116 13.82 6.95 -7.10
N ALA A 117 13.26 8.15 -7.17
CA ALA A 117 11.82 8.32 -7.21
C ALA A 117 11.18 7.76 -8.46
N GLN A 118 11.59 8.27 -9.62
CA GLN A 118 11.03 7.78 -10.86
C GLN A 118 11.19 6.27 -10.90
N LYS A 119 12.26 5.81 -10.25
CA LYS A 119 12.56 4.40 -10.17
C LYS A 119 11.60 3.68 -9.21
N PHE A 120 11.04 4.40 -8.24
CA PHE A 120 10.16 3.79 -7.25
C PHE A 120 8.93 3.15 -7.87
N VAL A 121 8.25 3.87 -8.74
CA VAL A 121 7.05 3.31 -9.38
C VAL A 121 7.40 1.99 -10.07
N SER A 122 8.61 1.92 -10.63
CA SER A 122 9.06 0.74 -11.34
C SER A 122 9.59 -0.32 -10.37
N GLU A 123 10.09 0.13 -9.21
CA GLU A 123 10.64 -0.80 -8.22
C GLU A 123 9.54 -1.41 -7.36
N ILE A 124 8.43 -0.69 -7.20
CA ILE A 124 7.33 -1.16 -6.37
C ILE A 124 6.80 -2.52 -6.84
N GLN A 125 6.70 -2.68 -8.16
CA GLN A 125 6.16 -3.91 -8.74
C GLN A 125 6.77 -5.16 -8.10
N HIS A 126 8.00 -5.04 -7.64
CA HIS A 126 8.67 -6.19 -7.02
C HIS A 126 7.84 -6.70 -5.83
N ASP A 127 6.91 -5.88 -5.36
CA ASP A 127 6.07 -6.28 -4.22
C ASP A 127 4.58 -6.25 -4.59
N LEU A 128 4.29 -6.05 -5.86
CA LEU A 128 2.89 -6.00 -6.32
C LEU A 128 2.20 -7.33 -6.09
N THR A 129 1.16 -7.32 -5.24
CA THR A 129 0.41 -8.53 -4.96
C THR A 129 -0.96 -8.47 -5.65
N TYR A 130 -1.71 -7.42 -5.36
CA TYR A 130 -3.03 -7.25 -5.96
C TYR A 130 -3.21 -5.82 -6.45
N ASN A 131 -3.58 -5.70 -7.73
CA ASN A 131 -3.77 -4.37 -8.32
C ASN A 131 -5.21 -3.90 -8.13
N LEU A 132 -5.38 -2.84 -7.35
CA LEU A 132 -6.71 -2.30 -7.09
C LEU A 132 -7.06 -1.25 -8.14
N ARG A 133 -8.09 -1.54 -8.93
CA ARG A 133 -8.52 -0.62 -9.97
C ARG A 133 -9.78 0.13 -9.56
N GLU A 134 -9.96 1.32 -10.10
CA GLU A 134 -11.14 2.14 -9.78
C GLU A 134 -12.36 1.64 -10.54
N GLY A 135 -13.44 1.38 -9.80
CA GLY A 135 -14.67 0.89 -10.42
C GLY A 135 -14.50 -0.55 -10.90
N MET A 1 13.90 -3.04 16.54
CA MET A 1 12.89 -4.08 16.42
C MET A 1 11.84 -3.71 15.37
N ASN A 2 10.72 -4.41 15.39
CA ASN A 2 9.65 -4.14 14.43
C ASN A 2 10.22 -3.60 13.13
N LYS A 3 10.51 -4.51 12.19
CA LYS A 3 11.06 -4.11 10.90
C LYS A 3 10.00 -3.41 10.06
N GLU A 4 10.38 -2.28 9.46
CA GLU A 4 9.45 -1.52 8.63
C GLU A 4 9.38 -2.12 7.23
N LEU A 5 8.20 -2.05 6.62
CA LEU A 5 8.00 -2.60 5.28
C LEU A 5 8.76 -1.79 4.23
N LEU A 6 9.08 -0.54 4.54
CA LEU A 6 9.80 0.29 3.58
C LEU A 6 11.07 -0.41 3.09
N GLN A 7 11.17 -1.72 3.35
CA GLN A 7 12.32 -2.47 2.91
C GLN A 7 12.35 -2.43 1.39
N LEU A 8 11.24 -1.98 0.80
CA LEU A 8 11.15 -1.87 -0.64
C LEU A 8 12.30 -1.01 -1.19
N PRO A 9 12.78 -1.32 -2.35
CA PRO A 9 13.90 -0.59 -3.01
C PRO A 9 13.81 0.95 -2.90
N LEU A 10 12.64 1.48 -2.57
CA LEU A 10 12.48 2.94 -2.51
C LEU A 10 13.52 3.60 -1.61
N PHE A 11 13.69 3.08 -0.42
CA PHE A 11 14.65 3.67 0.50
C PHE A 11 16.01 2.98 0.41
N GLU A 12 15.99 1.66 0.21
CA GLU A 12 17.23 0.90 0.11
C GLU A 12 18.09 1.40 -1.03
N SER A 13 17.44 1.71 -2.16
CA SER A 13 18.16 2.21 -3.31
C SER A 13 18.42 3.70 -3.15
N ALA A 14 17.98 4.25 -2.03
CA ALA A 14 18.16 5.66 -1.75
C ALA A 14 19.09 5.84 -0.57
N SER A 15 19.44 7.09 -0.30
CA SER A 15 20.28 7.39 0.83
C SER A 15 19.41 7.33 2.08
N ARG A 16 20.00 6.93 3.19
CA ARG A 16 19.20 6.85 4.39
C ARG A 16 18.38 8.13 4.50
N GLY A 17 18.82 9.16 3.78
CA GLY A 17 18.12 10.42 3.77
C GLY A 17 16.70 10.23 3.28
N CYS A 18 16.52 9.38 2.27
CA CYS A 18 15.18 9.11 1.77
C CYS A 18 14.41 8.34 2.80
N LEU A 19 15.12 7.52 3.57
CA LEU A 19 14.45 6.77 4.61
C LEU A 19 13.91 7.75 5.64
N ARG A 20 14.66 8.84 5.84
CA ARG A 20 14.25 9.90 6.75
C ARG A 20 13.08 10.64 6.13
N SER A 21 13.21 10.87 4.84
CA SER A 21 12.19 11.54 4.05
C SER A 21 10.87 10.78 4.16
N LEU A 22 10.92 9.48 3.89
CA LEU A 22 9.73 8.67 4.00
C LEU A 22 9.22 8.67 5.43
N SER A 23 10.09 8.31 6.36
CA SER A 23 9.71 8.27 7.76
C SER A 23 9.14 9.60 8.21
N LEU A 24 9.61 10.67 7.59
CA LEU A 24 9.09 11.99 7.92
C LEU A 24 7.58 11.98 7.67
N ILE A 25 7.16 11.22 6.65
CA ILE A 25 5.74 11.14 6.32
C ILE A 25 5.19 9.71 6.43
N ILE A 26 5.86 8.85 7.19
CA ILE A 26 5.43 7.48 7.34
C ILE A 26 4.05 7.43 8.02
N LYS A 27 3.14 6.65 7.46
CA LYS A 27 1.81 6.51 8.05
C LYS A 27 1.56 5.05 8.43
N THR A 28 0.84 4.83 9.53
CA THR A 28 0.56 3.47 9.98
C THR A 28 -0.94 3.24 10.13
N SER A 29 -1.42 2.17 9.51
CA SER A 29 -2.83 1.81 9.58
C SER A 29 -2.97 0.39 10.13
N PHE A 30 -4.04 0.13 10.88
CA PHE A 30 -4.26 -1.19 11.46
C PHE A 30 -5.69 -1.66 11.22
N CYS A 31 -5.88 -2.97 11.18
CA CYS A 31 -7.19 -3.56 10.97
C CYS A 31 -7.45 -4.68 11.97
N ALA A 32 -8.73 -4.91 12.26
CA ALA A 32 -9.12 -5.95 13.21
C ALA A 32 -9.85 -7.08 12.49
N PRO A 33 -10.10 -8.18 13.15
CA PRO A 33 -10.85 -9.32 12.55
C PRO A 33 -12.26 -8.89 12.16
N GLY A 34 -12.63 -9.12 10.90
CA GLY A 34 -13.95 -8.73 10.43
C GLY A 34 -14.04 -7.21 10.32
N GLU A 35 -12.93 -6.53 10.58
CA GLU A 35 -12.90 -5.07 10.52
C GLU A 35 -12.86 -4.58 9.07
N PHE A 36 -13.77 -3.66 8.74
CA PHE A 36 -13.84 -3.12 7.38
C PHE A 36 -12.88 -1.96 7.17
N LEU A 37 -11.94 -2.14 6.24
CA LEU A 37 -10.97 -1.10 5.92
C LEU A 37 -11.47 -0.25 4.77
N ILE A 38 -11.93 -0.89 3.69
CA ILE A 38 -12.43 -0.17 2.54
C ILE A 38 -13.86 -0.56 2.25
N ARG A 39 -14.64 0.39 1.76
CA ARG A 39 -16.01 0.13 1.43
C ARG A 39 -16.33 0.62 0.03
N GLN A 40 -16.49 -0.31 -0.89
CA GLN A 40 -16.79 -0.01 -2.29
C GLN A 40 -17.09 1.48 -2.48
N GLY A 41 -16.40 2.10 -3.42
CA GLY A 41 -16.59 3.52 -3.69
C GLY A 41 -15.62 4.37 -2.88
N ASP A 42 -14.69 3.71 -2.21
CA ASP A 42 -13.70 4.42 -1.40
C ASP A 42 -12.69 5.14 -2.27
N ALA A 43 -11.72 5.79 -1.63
CA ALA A 43 -10.70 6.53 -2.37
C ALA A 43 -9.30 6.04 -2.00
N LEU A 44 -8.49 5.77 -3.02
CA LEU A 44 -7.12 5.31 -2.81
C LEU A 44 -6.14 6.47 -2.92
N GLN A 45 -5.51 6.83 -1.81
CA GLN A 45 -4.56 7.94 -1.81
C GLN A 45 -3.21 7.50 -1.26
N ALA A 46 -3.21 6.41 -0.51
CA ALA A 46 -1.97 5.91 0.09
C ALA A 46 -1.70 4.46 -0.31
N ILE A 47 -0.43 4.09 -0.41
CA ILE A 47 -0.06 2.72 -0.75
C ILE A 47 -0.05 1.89 0.53
N TYR A 48 -0.67 0.71 0.47
CA TYR A 48 -0.77 -0.13 1.65
C TYR A 48 0.06 -1.39 1.54
N PHE A 49 0.43 -1.92 2.70
CA PHE A 49 1.20 -3.16 2.80
C PHE A 49 0.81 -3.87 4.08
N VAL A 50 0.65 -5.18 4.01
CA VAL A 50 0.29 -5.95 5.16
C VAL A 50 1.53 -6.67 5.69
N CYS A 51 1.71 -6.65 7.01
CA CYS A 51 2.87 -7.29 7.61
C CYS A 51 2.52 -8.69 8.12
N SER A 52 1.32 -8.82 8.68
CA SER A 52 0.86 -10.11 9.19
C SER A 52 -0.64 -10.08 9.42
N GLY A 53 -1.23 -11.26 9.57
CA GLY A 53 -2.67 -11.37 9.80
C GLY A 53 -3.39 -11.87 8.56
N SER A 54 -4.70 -11.67 8.51
CA SER A 54 -5.48 -12.12 7.36
C SER A 54 -6.48 -11.04 6.94
N MET A 55 -6.66 -10.87 5.64
CA MET A 55 -7.60 -9.87 5.13
C MET A 55 -8.03 -10.21 3.71
N GLU A 56 -9.13 -9.62 3.27
CA GLU A 56 -9.63 -9.89 1.92
C GLU A 56 -10.65 -8.84 1.48
N VAL A 57 -10.80 -8.69 0.17
CA VAL A 57 -11.77 -7.73 -0.37
C VAL A 57 -13.07 -8.46 -0.72
N LEU A 58 -14.18 -7.92 -0.22
CA LEU A 58 -15.50 -8.55 -0.42
C LEU A 58 -16.37 -7.79 -1.41
N LYS A 59 -16.82 -8.51 -2.43
CA LYS A 59 -17.71 -7.96 -3.44
C LYS A 59 -18.40 -9.08 -4.22
N ASP A 60 -19.66 -8.86 -4.57
CA ASP A 60 -20.43 -9.86 -5.31
C ASP A 60 -20.57 -11.18 -4.53
N ASN A 61 -20.80 -11.06 -3.23
CA ASN A 61 -21.00 -12.24 -2.37
C ASN A 61 -19.71 -13.03 -2.18
N THR A 62 -18.69 -12.76 -2.97
CA THR A 62 -17.43 -13.48 -2.83
C THR A 62 -16.27 -12.52 -2.64
N VAL A 63 -15.20 -13.04 -2.09
CA VAL A 63 -14.02 -12.24 -1.89
C VAL A 63 -13.38 -11.94 -3.23
N LEU A 64 -13.24 -10.67 -3.57
CA LEU A 64 -12.66 -10.30 -4.84
C LEU A 64 -11.16 -10.53 -4.77
N ALA A 65 -10.63 -10.66 -3.56
CA ALA A 65 -9.21 -10.92 -3.39
C ALA A 65 -8.96 -11.55 -2.03
N ILE A 66 -8.16 -12.62 -2.04
CA ILE A 66 -7.82 -13.32 -0.81
C ILE A 66 -6.33 -13.17 -0.56
N LEU A 67 -5.95 -12.39 0.44
CA LEU A 67 -4.53 -12.17 0.71
C LEU A 67 -4.15 -12.37 2.18
N GLY A 68 -2.85 -12.54 2.42
CA GLY A 68 -2.32 -12.74 3.77
C GLY A 68 -1.14 -11.82 4.05
N LYS A 69 -0.25 -12.27 4.94
CA LYS A 69 0.92 -11.50 5.33
C LYS A 69 1.78 -11.07 4.14
N GLY A 70 2.20 -9.81 4.15
CA GLY A 70 3.06 -9.26 3.12
C GLY A 70 2.28 -8.78 1.90
N ASP A 71 1.03 -9.21 1.78
CA ASP A 71 0.21 -8.82 0.65
C ASP A 71 0.27 -7.31 0.45
N LEU A 72 -0.34 -6.85 -0.64
CA LEU A 72 -0.36 -5.42 -0.94
C LEU A 72 -1.76 -4.97 -1.33
N ILE A 73 -2.14 -3.79 -0.85
CA ILE A 73 -3.47 -3.26 -1.13
C ILE A 73 -3.36 -1.89 -1.80
N GLY A 74 -3.92 -1.83 -2.98
CA GLY A 74 -3.91 -0.62 -3.80
C GLY A 74 -3.54 -0.95 -5.23
N SER A 75 -4.06 -0.18 -6.19
CA SER A 75 -3.78 -0.44 -7.60
C SER A 75 -2.38 0.05 -7.97
N ASP A 76 -1.69 -0.76 -8.77
CA ASP A 76 -0.33 -0.43 -9.21
C ASP A 76 -0.35 0.81 -10.09
N SER A 77 0.78 1.09 -10.73
CA SER A 77 0.89 2.25 -11.60
C SER A 77 0.82 3.53 -10.77
N LEU A 78 1.52 3.54 -9.64
CA LEU A 78 1.52 4.70 -8.75
C LEU A 78 1.78 5.98 -9.53
N THR A 79 2.10 5.85 -10.82
CA THR A 79 2.36 7.01 -11.65
C THR A 79 1.13 7.38 -12.48
N LYS A 80 0.04 6.66 -12.27
CA LYS A 80 -1.21 6.93 -13.00
C LYS A 80 -1.97 8.08 -12.35
N GLU A 81 -1.25 8.98 -11.70
CA GLU A 81 -1.87 10.13 -11.03
C GLU A 81 -3.28 10.38 -11.55
N GLN A 82 -4.27 9.96 -10.78
CA GLN A 82 -5.67 10.16 -11.16
C GLN A 82 -6.59 9.66 -10.06
N VAL A 83 -7.89 9.92 -10.21
CA VAL A 83 -8.87 9.51 -9.21
C VAL A 83 -9.07 7.99 -9.24
N ILE A 84 -8.65 7.32 -8.17
CA ILE A 84 -8.79 5.88 -8.06
C ILE A 84 -9.60 5.51 -6.83
N LYS A 85 -10.82 5.02 -7.04
CA LYS A 85 -11.67 4.64 -5.93
C LYS A 85 -11.86 3.13 -5.90
N THR A 86 -11.79 2.57 -4.69
CA THR A 86 -11.96 1.13 -4.54
C THR A 86 -13.41 0.74 -4.78
N ASN A 87 -13.63 -0.04 -5.84
CA ASN A 87 -14.99 -0.47 -6.18
C ASN A 87 -15.49 -1.53 -5.21
N ALA A 88 -14.57 -2.37 -4.71
CA ALA A 88 -14.95 -3.41 -3.78
C ALA A 88 -14.76 -2.95 -2.34
N ASN A 89 -14.91 -3.87 -1.40
CA ASN A 89 -14.74 -3.55 0.00
C ASN A 89 -13.60 -4.38 0.57
N VAL A 90 -13.12 -4.00 1.75
CA VAL A 90 -12.02 -4.70 2.37
C VAL A 90 -12.34 -4.96 3.83
N LYS A 91 -12.11 -6.18 4.27
CA LYS A 91 -12.37 -6.54 5.64
C LYS A 91 -11.29 -7.47 6.18
N ALA A 92 -10.59 -7.02 7.20
CA ALA A 92 -9.55 -7.84 7.81
C ALA A 92 -10.19 -9.06 8.43
N LEU A 93 -9.82 -10.24 7.93
CA LEU A 93 -10.37 -11.49 8.45
C LEU A 93 -9.80 -11.75 9.83
N THR A 94 -8.50 -11.52 9.97
CA THR A 94 -7.81 -11.70 11.23
C THR A 94 -7.00 -10.45 11.52
N TYR A 95 -6.78 -10.15 12.81
CA TYR A 95 -6.02 -8.95 13.15
C TYR A 95 -4.76 -8.85 12.30
N CYS A 96 -4.67 -7.78 11.53
CA CYS A 96 -3.51 -7.57 10.65
C CYS A 96 -2.87 -6.20 10.88
N ASP A 97 -1.55 -6.16 10.83
CA ASP A 97 -0.84 -4.91 10.97
C ASP A 97 -0.62 -4.34 9.57
N LEU A 98 -1.01 -3.09 9.35
CA LEU A 98 -0.88 -2.53 8.01
C LEU A 98 -0.01 -1.28 7.99
N GLN A 99 0.94 -1.27 7.06
CA GLN A 99 1.82 -0.13 6.87
C GLN A 99 1.43 0.57 5.58
N TYR A 100 1.32 1.89 5.62
CA TYR A 100 0.93 2.63 4.44
C TYR A 100 1.36 4.08 4.54
N ILE A 101 1.43 4.75 3.41
CA ILE A 101 1.83 6.15 3.39
C ILE A 101 1.27 6.84 2.16
N SER A 102 0.71 8.04 2.36
CA SER A 102 0.12 8.79 1.25
C SER A 102 1.07 8.87 0.06
N LEU A 103 0.54 8.61 -1.13
CA LEU A 103 1.34 8.65 -2.34
C LEU A 103 2.10 9.96 -2.43
N LYS A 104 1.44 11.05 -2.05
CA LYS A 104 2.07 12.37 -2.08
C LYS A 104 3.19 12.43 -1.05
N GLY A 105 2.99 11.74 0.06
CA GLY A 105 3.99 11.73 1.12
C GLY A 105 5.23 10.96 0.69
N LEU A 106 4.99 9.78 0.13
CA LEU A 106 6.07 8.92 -0.32
C LEU A 106 6.75 9.49 -1.57
N ARG A 107 5.96 9.96 -2.51
CA ARG A 107 6.51 10.51 -3.75
C ARG A 107 7.21 11.86 -3.53
N GLU A 108 6.75 12.62 -2.55
CA GLU A 108 7.34 13.93 -2.27
C GLU A 108 8.76 13.73 -1.78
N VAL A 109 8.88 12.89 -0.77
CA VAL A 109 10.17 12.55 -0.21
C VAL A 109 11.02 11.99 -1.33
N LEU A 110 10.45 11.03 -2.03
CA LEU A 110 11.13 10.42 -3.16
C LEU A 110 11.49 11.51 -4.17
N ARG A 111 10.68 12.58 -4.19
CA ARG A 111 10.94 13.68 -5.10
C ARG A 111 12.33 14.21 -4.82
N LEU A 112 12.71 14.20 -3.54
CA LEU A 112 14.04 14.63 -3.17
C LEU A 112 15.02 13.70 -3.85
N TYR A 113 14.53 12.49 -4.10
CA TYR A 113 15.32 11.47 -4.81
C TYR A 113 14.59 11.09 -6.09
N PRO A 114 14.74 11.87 -7.12
CA PRO A 114 14.06 11.67 -8.44
C PRO A 114 14.45 10.39 -9.19
N GLU A 115 15.73 10.02 -9.18
CA GLU A 115 16.14 8.83 -9.90
C GLU A 115 15.57 7.57 -9.25
N TYR A 116 15.79 7.46 -7.95
CA TYR A 116 15.31 6.34 -7.20
C TYR A 116 13.78 6.37 -7.11
N ALA A 117 13.24 7.58 -7.07
CA ALA A 117 11.80 7.78 -6.97
C ALA A 117 11.08 7.31 -8.22
N GLN A 118 11.41 7.89 -9.36
CA GLN A 118 10.75 7.49 -10.58
C GLN A 118 10.83 5.98 -10.68
N LYS A 119 11.90 5.44 -10.11
CA LYS A 119 12.11 4.00 -10.09
C LYS A 119 11.17 3.32 -9.08
N PHE A 120 10.75 4.05 -8.05
CA PHE A 120 9.89 3.46 -7.01
C PHE A 120 8.56 2.97 -7.58
N VAL A 121 7.86 3.83 -8.32
CA VAL A 121 6.59 3.42 -8.88
C VAL A 121 6.76 2.13 -9.67
N SER A 122 7.94 1.95 -10.27
CA SER A 122 8.22 0.76 -11.05
C SER A 122 8.74 -0.37 -10.15
N GLU A 123 9.61 -0.04 -9.21
CA GLU A 123 10.17 -1.03 -8.30
C GLU A 123 9.09 -1.58 -7.38
N ILE A 124 8.06 -0.78 -7.13
CA ILE A 124 6.97 -1.19 -6.26
C ILE A 124 6.34 -2.49 -6.77
N GLN A 125 6.32 -2.64 -8.09
CA GLN A 125 5.73 -3.82 -8.72
C GLN A 125 6.20 -5.10 -8.06
N HIS A 126 7.42 -5.08 -7.53
CA HIS A 126 7.99 -6.25 -6.88
C HIS A 126 7.08 -6.73 -5.74
N ASP A 127 6.10 -5.92 -5.37
CA ASP A 127 5.18 -6.28 -4.30
C ASP A 127 3.74 -6.35 -4.81
N LEU A 128 3.55 -6.00 -6.07
CA LEU A 128 2.21 -6.03 -6.67
C LEU A 128 1.47 -7.32 -6.30
N THR A 129 0.63 -7.24 -5.27
CA THR A 129 -0.14 -8.39 -4.82
C THR A 129 -1.57 -8.28 -5.33
N TYR A 130 -2.31 -7.27 -4.84
CA TYR A 130 -3.68 -7.06 -5.26
C TYR A 130 -3.87 -5.59 -5.61
N ASN A 131 -4.16 -5.34 -6.87
CA ASN A 131 -4.34 -3.99 -7.35
C ASN A 131 -5.82 -3.67 -7.52
N LEU A 132 -6.33 -2.78 -6.68
CA LEU A 132 -7.72 -2.41 -6.76
C LEU A 132 -7.91 -1.30 -7.80
N ARG A 133 -8.66 -1.60 -8.85
CA ARG A 133 -8.90 -0.62 -9.91
C ARG A 133 -10.24 0.08 -9.70
N GLU A 134 -10.33 1.30 -10.21
CA GLU A 134 -11.56 2.09 -10.07
C GLU A 134 -12.68 1.47 -10.89
N GLY A 135 -13.88 1.48 -10.33
CA GLY A 135 -15.05 0.93 -11.00
C GLY A 135 -14.89 -0.58 -11.21
N MET A 1 14.57 -5.52 14.47
CA MET A 1 15.05 -5.42 13.10
C MET A 1 13.93 -4.96 12.17
N ASN A 2 13.28 -5.91 11.51
CA ASN A 2 12.20 -5.57 10.59
C ASN A 2 11.20 -4.64 11.26
N LYS A 3 11.28 -3.36 10.93
CA LYS A 3 10.38 -2.37 11.51
C LYS A 3 9.32 -1.94 10.50
N GLU A 4 9.61 -0.90 9.74
CA GLU A 4 8.67 -0.41 8.73
C GLU A 4 8.84 -1.19 7.43
N LEU A 5 7.73 -1.40 6.73
CA LEU A 5 7.75 -2.13 5.47
C LEU A 5 8.60 -1.42 4.42
N LEU A 6 8.90 -0.14 4.65
CA LEU A 6 9.69 0.61 3.69
C LEU A 6 10.98 -0.14 3.34
N GLN A 7 11.06 -1.41 3.73
CA GLN A 7 12.23 -2.20 3.42
C GLN A 7 12.31 -2.32 1.91
N LEU A 8 11.22 -1.96 1.25
CA LEU A 8 11.17 -2.00 -0.21
C LEU A 8 12.30 -1.15 -0.79
N PRO A 9 12.83 -1.53 -1.93
CA PRO A 9 13.94 -0.81 -2.62
C PRO A 9 13.80 0.72 -2.65
N LEU A 10 12.61 1.25 -2.39
CA LEU A 10 12.44 2.71 -2.47
C LEU A 10 13.44 3.46 -1.62
N PHE A 11 13.60 3.06 -0.37
CA PHE A 11 14.53 3.75 0.50
C PHE A 11 15.89 3.07 0.49
N GLU A 12 15.89 1.75 0.41
CA GLU A 12 17.13 0.97 0.39
C GLU A 12 18.06 1.48 -0.70
N SER A 13 17.49 1.82 -1.85
CA SER A 13 18.28 2.32 -2.96
C SER A 13 18.36 3.84 -2.91
N ALA A 14 17.89 4.41 -1.79
CA ALA A 14 17.93 5.85 -1.62
C ALA A 14 18.81 6.23 -0.44
N SER A 15 19.21 7.48 -0.40
CA SER A 15 20.01 7.94 0.71
C SER A 15 19.15 7.89 1.96
N ARG A 16 19.73 7.56 3.09
CA ARG A 16 18.95 7.50 4.30
C ARG A 16 18.07 8.73 4.35
N GLY A 17 18.47 9.75 3.58
CA GLY A 17 17.72 10.98 3.51
C GLY A 17 16.31 10.70 3.02
N CYS A 18 16.17 9.80 2.05
CA CYS A 18 14.85 9.46 1.54
C CYS A 18 14.09 8.71 2.60
N LEU A 19 14.82 7.95 3.41
CA LEU A 19 14.17 7.20 4.47
C LEU A 19 13.62 8.18 5.50
N ARG A 20 14.36 9.27 5.71
CA ARG A 20 13.92 10.32 6.62
C ARG A 20 12.73 11.00 5.99
N SER A 21 12.84 11.19 4.69
CA SER A 21 11.81 11.79 3.88
C SER A 21 10.52 10.98 4.01
N LEU A 22 10.61 9.68 3.76
CA LEU A 22 9.45 8.83 3.87
C LEU A 22 8.92 8.84 5.30
N SER A 23 9.80 8.54 6.25
CA SER A 23 9.40 8.51 7.64
C SER A 23 8.78 9.83 8.06
N LEU A 24 9.21 10.90 7.42
CA LEU A 24 8.64 12.20 7.72
C LEU A 24 7.15 12.15 7.43
N ILE A 25 6.77 11.34 6.43
CA ILE A 25 5.36 11.21 6.06
C ILE A 25 4.85 9.77 6.17
N ILE A 26 5.52 8.94 6.97
CA ILE A 26 5.13 7.56 7.12
C ILE A 26 3.75 7.44 7.79
N LYS A 27 2.89 6.63 7.22
CA LYS A 27 1.56 6.42 7.80
C LYS A 27 1.35 4.95 8.14
N THR A 28 0.57 4.68 9.19
CA THR A 28 0.32 3.31 9.61
C THR A 28 -1.16 3.05 9.88
N SER A 29 -1.71 2.05 9.20
CA SER A 29 -3.12 1.70 9.38
C SER A 29 -3.23 0.28 9.96
N PHE A 30 -4.27 0.05 10.76
CA PHE A 30 -4.45 -1.27 11.37
C PHE A 30 -5.88 -1.78 11.17
N CYS A 31 -6.00 -3.10 11.03
CA CYS A 31 -7.31 -3.72 10.85
C CYS A 31 -7.48 -4.92 11.78
N ALA A 32 -8.73 -5.20 12.12
CA ALA A 32 -9.03 -6.32 13.02
C ALA A 32 -9.86 -7.38 12.30
N PRO A 33 -10.04 -8.53 12.92
CA PRO A 33 -10.86 -9.64 12.33
C PRO A 33 -12.29 -9.18 12.09
N GLY A 34 -12.78 -9.36 10.88
CA GLY A 34 -14.14 -8.94 10.55
C GLY A 34 -14.24 -7.43 10.52
N GLU A 35 -13.10 -6.76 10.71
CA GLU A 35 -13.09 -5.30 10.72
C GLU A 35 -13.19 -4.72 9.31
N PHE A 36 -14.12 -3.80 9.13
CA PHE A 36 -14.34 -3.18 7.82
C PHE A 36 -13.39 -2.00 7.61
N LEU A 37 -12.48 -2.13 6.64
CA LEU A 37 -11.54 -1.05 6.37
C LEU A 37 -12.07 -0.11 5.28
N ILE A 38 -12.66 -0.65 4.20
CA ILE A 38 -13.18 0.21 3.17
C ILE A 38 -14.54 -0.25 2.72
N ARG A 39 -15.30 0.69 2.18
CA ARG A 39 -16.64 0.39 1.71
C ARG A 39 -16.83 0.91 0.28
N GLN A 40 -17.08 -0.02 -0.64
CA GLN A 40 -17.29 0.31 -2.05
C GLN A 40 -17.36 1.81 -2.29
N GLY A 41 -16.53 2.31 -3.20
CA GLY A 41 -16.53 3.72 -3.54
C GLY A 41 -15.52 4.52 -2.72
N ASP A 42 -14.70 3.83 -1.93
CA ASP A 42 -13.71 4.54 -1.12
C ASP A 42 -12.70 5.27 -2.00
N ALA A 43 -11.91 6.13 -1.38
CA ALA A 43 -10.91 6.90 -2.11
C ALA A 43 -9.52 6.36 -1.81
N LEU A 44 -8.84 5.87 -2.84
CA LEU A 44 -7.50 5.32 -2.67
C LEU A 44 -6.44 6.39 -2.96
N GLN A 45 -5.74 6.81 -1.92
CA GLN A 45 -4.71 7.82 -2.07
C GLN A 45 -3.39 7.33 -1.48
N ALA A 46 -3.47 6.30 -0.66
CA ALA A 46 -2.28 5.73 -0.02
C ALA A 46 -2.15 4.24 -0.34
N ILE A 47 -0.92 3.75 -0.40
CA ILE A 47 -0.67 2.34 -0.69
C ILE A 47 -0.49 1.60 0.63
N TYR A 48 -1.02 0.37 0.72
CA TYR A 48 -0.89 -0.40 1.96
C TYR A 48 -0.04 -1.65 1.78
N PHE A 49 0.53 -2.08 2.89
CA PHE A 49 1.35 -3.29 2.95
C PHE A 49 0.99 -4.06 4.21
N VAL A 50 0.84 -5.36 4.09
CA VAL A 50 0.51 -6.17 5.23
C VAL A 50 1.77 -6.89 5.71
N CYS A 51 2.01 -6.86 7.02
CA CYS A 51 3.20 -7.51 7.57
C CYS A 51 2.84 -8.87 8.16
N SER A 52 1.64 -8.98 8.70
CA SER A 52 1.17 -10.22 9.29
C SER A 52 -0.33 -10.17 9.51
N GLY A 53 -0.99 -11.32 9.38
CA GLY A 53 -2.44 -11.38 9.57
C GLY A 53 -3.12 -11.83 8.28
N SER A 54 -4.41 -11.53 8.14
CA SER A 54 -5.14 -11.93 6.93
C SER A 54 -6.32 -11.01 6.67
N MET A 55 -6.59 -10.75 5.39
CA MET A 55 -7.71 -9.89 5.04
C MET A 55 -8.18 -10.14 3.61
N GLU A 56 -9.36 -9.62 3.28
CA GLU A 56 -9.93 -9.80 1.96
C GLU A 56 -10.99 -8.73 1.68
N VAL A 57 -11.19 -8.43 0.41
CA VAL A 57 -12.21 -7.44 0.04
C VAL A 57 -13.50 -8.20 -0.29
N LEU A 58 -14.64 -7.68 0.18
CA LEU A 58 -15.92 -8.34 -0.01
C LEU A 58 -16.78 -7.67 -1.07
N LYS A 59 -17.13 -8.41 -2.11
CA LYS A 59 -17.96 -7.89 -3.18
C LYS A 59 -18.58 -9.01 -4.00
N ASP A 60 -19.81 -8.78 -4.46
CA ASP A 60 -20.52 -9.77 -5.25
C ASP A 60 -20.72 -11.09 -4.50
N ASN A 61 -21.10 -10.98 -3.23
CA ASN A 61 -21.35 -12.15 -2.40
C ASN A 61 -20.07 -12.94 -2.13
N THR A 62 -18.97 -12.55 -2.79
CA THR A 62 -17.72 -13.25 -2.57
C THR A 62 -16.59 -12.28 -2.31
N VAL A 63 -15.56 -12.77 -1.68
CA VAL A 63 -14.40 -11.96 -1.40
C VAL A 63 -13.69 -11.69 -2.73
N LEU A 64 -13.62 -10.42 -3.13
CA LEU A 64 -13.02 -10.08 -4.41
C LEU A 64 -11.50 -10.18 -4.36
N ALA A 65 -10.93 -10.14 -3.16
CA ALA A 65 -9.48 -10.27 -3.07
C ALA A 65 -9.11 -11.04 -1.82
N ILE A 66 -8.28 -12.05 -1.97
CA ILE A 66 -7.86 -12.86 -0.84
C ILE A 66 -6.35 -12.81 -0.70
N LEU A 67 -5.86 -12.10 0.31
CA LEU A 67 -4.42 -11.97 0.50
C LEU A 67 -4.01 -12.24 1.96
N GLY A 68 -2.71 -12.48 2.15
CA GLY A 68 -2.17 -12.74 3.47
C GLY A 68 -0.96 -11.86 3.79
N LYS A 69 -0.09 -12.35 4.65
CA LYS A 69 1.10 -11.63 5.07
C LYS A 69 1.97 -11.19 3.89
N GLY A 70 2.40 -9.93 3.94
CA GLY A 70 3.27 -9.37 2.91
C GLY A 70 2.48 -8.85 1.71
N ASP A 71 1.19 -9.13 1.70
CA ASP A 71 0.35 -8.68 0.60
C ASP A 71 0.29 -7.16 0.53
N LEU A 72 0.48 -6.64 -0.67
CA LEU A 72 0.44 -5.20 -0.89
C LEU A 72 -0.87 -4.82 -1.56
N ILE A 73 -1.38 -3.63 -1.25
CA ILE A 73 -2.63 -3.17 -1.84
C ILE A 73 -2.42 -1.91 -2.64
N GLY A 74 -3.22 -1.79 -3.68
CA GLY A 74 -3.18 -0.62 -4.55
C GLY A 74 -2.86 -1.02 -6.00
N SER A 75 -3.40 -0.27 -6.94
CA SER A 75 -3.16 -0.54 -8.36
C SER A 75 -1.79 0.01 -8.76
N ASP A 76 -1.03 -0.79 -9.49
CA ASP A 76 0.30 -0.36 -9.93
C ASP A 76 0.20 0.96 -10.69
N SER A 77 1.31 1.36 -11.30
CA SER A 77 1.35 2.61 -12.06
C SER A 77 1.20 3.81 -11.12
N LEU A 78 1.88 3.74 -9.98
CA LEU A 78 1.82 4.82 -9.00
C LEU A 78 2.17 6.15 -9.65
N THR A 79 2.60 6.10 -10.91
CA THR A 79 2.99 7.30 -11.63
C THR A 79 1.80 7.90 -12.38
N LYS A 80 0.79 7.06 -12.63
CA LYS A 80 -0.40 7.52 -13.34
C LYS A 80 -1.34 8.26 -12.41
N GLU A 81 -0.77 8.89 -11.39
CA GLU A 81 -1.56 9.64 -10.41
C GLU A 81 -2.94 10.01 -10.98
N GLN A 82 -3.92 9.16 -10.73
CA GLN A 82 -5.28 9.40 -11.21
C GLN A 82 -6.29 9.11 -10.12
N VAL A 83 -7.55 9.41 -10.37
CA VAL A 83 -8.60 9.17 -9.39
C VAL A 83 -8.85 7.68 -9.26
N ILE A 84 -8.55 7.15 -8.07
CA ILE A 84 -8.74 5.73 -7.80
C ILE A 84 -9.60 5.53 -6.57
N LYS A 85 -10.63 4.70 -6.72
CA LYS A 85 -11.53 4.42 -5.61
C LYS A 85 -11.85 2.93 -5.54
N THR A 86 -11.81 2.37 -4.34
CA THR A 86 -12.10 0.95 -4.18
C THR A 86 -13.60 0.69 -4.32
N ASN A 87 -13.96 -0.06 -5.36
CA ASN A 87 -15.36 -0.36 -5.64
C ASN A 87 -15.89 -1.47 -4.75
N ALA A 88 -15.01 -2.31 -4.24
CA ALA A 88 -15.42 -3.40 -3.36
C ALA A 88 -15.37 -2.97 -1.91
N ASN A 89 -15.50 -3.91 -1.01
CA ASN A 89 -15.46 -3.62 0.42
C ASN A 89 -14.21 -4.27 1.00
N VAL A 90 -13.67 -3.75 2.09
CA VAL A 90 -12.50 -4.34 2.68
C VAL A 90 -12.82 -4.78 4.09
N LYS A 91 -12.55 -6.05 4.38
CA LYS A 91 -12.80 -6.59 5.70
C LYS A 91 -11.63 -7.45 6.15
N ALA A 92 -10.99 -7.05 7.25
CA ALA A 92 -9.88 -7.80 7.79
C ALA A 92 -10.39 -9.11 8.37
N LEU A 93 -9.93 -10.22 7.81
CA LEU A 93 -10.35 -11.55 8.26
C LEU A 93 -9.71 -11.87 9.61
N THR A 94 -8.41 -11.65 9.68
CA THR A 94 -7.65 -11.90 10.90
C THR A 94 -6.85 -10.65 11.26
N TYR A 95 -6.70 -10.40 12.55
CA TYR A 95 -5.96 -9.22 12.99
C TYR A 95 -4.67 -9.11 12.22
N CYS A 96 -4.50 -8.00 11.51
CA CYS A 96 -3.31 -7.78 10.71
C CYS A 96 -2.83 -6.35 10.81
N ASP A 97 -1.51 -6.18 10.76
CA ASP A 97 -0.91 -4.86 10.82
C ASP A 97 -0.65 -4.38 9.40
N LEU A 98 -1.11 -3.18 9.09
CA LEU A 98 -0.94 -2.64 7.75
C LEU A 98 -0.19 -1.31 7.76
N GLN A 99 0.80 -1.21 6.89
CA GLN A 99 1.57 0.01 6.78
C GLN A 99 1.17 0.70 5.47
N TYR A 100 1.04 2.02 5.51
CA TYR A 100 0.64 2.73 4.31
C TYR A 100 1.05 4.19 4.36
N ILE A 101 1.12 4.80 3.19
CA ILE A 101 1.51 6.19 3.11
C ILE A 101 0.95 6.82 1.83
N SER A 102 0.41 8.03 1.97
CA SER A 102 -0.18 8.73 0.84
C SER A 102 0.79 8.76 -0.34
N LEU A 103 0.28 8.45 -1.53
CA LEU A 103 1.12 8.45 -2.73
C LEU A 103 1.87 9.77 -2.83
N LYS A 104 1.20 10.86 -2.46
CA LYS A 104 1.80 12.18 -2.50
C LYS A 104 2.90 12.29 -1.45
N GLY A 105 2.65 11.66 -0.29
CA GLY A 105 3.62 11.69 0.80
C GLY A 105 4.89 10.95 0.41
N LEU A 106 4.70 9.76 -0.14
CA LEU A 106 5.81 8.92 -0.55
C LEU A 106 6.50 9.48 -1.78
N ARG A 107 5.73 9.94 -2.75
CA ARG A 107 6.30 10.48 -3.98
C ARG A 107 6.99 11.83 -3.75
N GLU A 108 6.51 12.60 -2.80
CA GLU A 108 7.08 13.92 -2.51
C GLU A 108 8.50 13.73 -1.98
N VAL A 109 8.59 12.90 -0.95
CA VAL A 109 9.86 12.57 -0.35
C VAL A 109 10.76 11.99 -1.43
N LEU A 110 10.22 11.02 -2.13
CA LEU A 110 10.95 10.41 -3.23
C LEU A 110 11.34 11.52 -4.21
N ARG A 111 10.49 12.53 -4.33
CA ARG A 111 10.79 13.65 -5.20
C ARG A 111 12.13 14.21 -4.80
N LEU A 112 12.46 14.09 -3.51
CA LEU A 112 13.75 14.55 -3.02
C LEU A 112 14.81 13.76 -3.76
N TYR A 113 14.45 12.51 -4.05
CA TYR A 113 15.34 11.62 -4.79
C TYR A 113 14.63 11.20 -6.09
N PRO A 114 14.71 12.02 -7.09
CA PRO A 114 14.03 11.80 -8.42
C PRO A 114 14.45 10.52 -9.16
N GLU A 115 15.73 10.16 -9.09
CA GLU A 115 16.18 8.97 -9.81
C GLU A 115 15.64 7.70 -9.17
N TYR A 116 15.85 7.59 -7.87
CA TYR A 116 15.37 6.43 -7.14
C TYR A 116 13.85 6.45 -7.08
N ALA A 117 13.30 7.66 -7.01
CA ALA A 117 11.87 7.85 -6.92
C ALA A 117 11.15 7.34 -8.16
N GLN A 118 11.47 7.90 -9.32
CA GLN A 118 10.84 7.46 -10.53
C GLN A 118 10.96 5.95 -10.62
N LYS A 119 12.02 5.44 -10.03
CA LYS A 119 12.27 4.01 -10.00
C LYS A 119 11.33 3.30 -9.03
N PHE A 120 10.83 4.03 -8.02
CA PHE A 120 9.96 3.41 -7.02
C PHE A 120 8.67 2.87 -7.62
N VAL A 121 8.00 3.69 -8.41
CA VAL A 121 6.75 3.25 -9.02
C VAL A 121 6.96 1.93 -9.74
N SER A 122 8.14 1.76 -10.34
CA SER A 122 8.45 0.53 -11.07
C SER A 122 9.00 -0.54 -10.13
N GLU A 123 9.66 -0.10 -9.07
CA GLU A 123 10.24 -1.03 -8.11
C GLU A 123 9.16 -1.62 -7.21
N ILE A 124 8.08 -0.87 -7.02
CA ILE A 124 6.99 -1.33 -6.18
C ILE A 124 6.45 -2.68 -6.66
N GLN A 125 6.35 -2.83 -7.98
CA GLN A 125 5.81 -4.06 -8.56
C GLN A 125 6.48 -5.28 -7.95
N HIS A 126 7.73 -5.14 -7.54
CA HIS A 126 8.45 -6.25 -6.95
C HIS A 126 7.72 -6.77 -5.72
N ASP A 127 6.77 -5.98 -5.22
CA ASP A 127 6.00 -6.36 -4.04
C ASP A 127 4.51 -6.42 -4.37
N LEU A 128 4.08 -5.56 -5.30
CA LEU A 128 2.67 -5.51 -5.68
C LEU A 128 2.07 -6.92 -5.73
N THR A 129 1.10 -7.16 -4.85
CA THR A 129 0.44 -8.46 -4.81
C THR A 129 -0.96 -8.37 -5.40
N TYR A 130 -1.68 -7.30 -5.05
CA TYR A 130 -3.03 -7.12 -5.56
C TYR A 130 -3.22 -5.70 -6.06
N ASN A 131 -3.58 -5.56 -7.33
CA ASN A 131 -3.78 -4.25 -7.93
C ASN A 131 -5.21 -3.76 -7.73
N LEU A 132 -5.39 -2.88 -6.75
CA LEU A 132 -6.73 -2.34 -6.49
C LEU A 132 -7.16 -1.47 -7.66
N ARG A 133 -8.21 -1.88 -8.35
CA ARG A 133 -8.69 -1.12 -9.49
C ARG A 133 -9.95 -0.34 -9.12
N GLU A 134 -10.18 0.78 -9.82
CA GLU A 134 -11.35 1.60 -9.56
C GLU A 134 -12.50 1.19 -10.48
N GLY A 135 -13.73 1.38 -10.00
CA GLY A 135 -14.91 1.03 -10.79
C GLY A 135 -15.63 -0.16 -10.17
N MET A 1 9.44 -12.49 12.26
CA MET A 1 10.16 -11.35 11.70
C MET A 1 9.82 -11.17 10.23
N ASN A 2 8.78 -11.87 9.78
CA ASN A 2 8.36 -11.78 8.38
C ASN A 2 9.56 -11.57 7.47
N LYS A 3 9.32 -11.06 6.26
CA LYS A 3 10.38 -10.82 5.30
C LYS A 3 11.08 -9.49 5.60
N GLU A 4 12.02 -9.12 4.73
CA GLU A 4 12.76 -7.87 4.90
C GLU A 4 11.87 -6.69 4.54
N LEU A 5 12.26 -5.49 4.99
CA LEU A 5 11.50 -4.30 4.71
C LEU A 5 11.56 -3.95 3.23
N LEU A 6 12.66 -4.31 2.58
CA LEU A 6 12.82 -4.02 1.16
C LEU A 6 11.64 -4.51 0.34
N GLN A 7 10.52 -4.82 0.98
CA GLN A 7 9.37 -5.26 0.23
C GLN A 7 9.05 -4.15 -0.75
N LEU A 8 9.37 -2.93 -0.33
CA LEU A 8 9.22 -1.78 -1.19
C LEU A 8 10.64 -1.21 -1.40
N PRO A 9 11.33 -1.73 -2.37
CA PRO A 9 12.75 -1.34 -2.70
C PRO A 9 13.02 0.16 -2.64
N LEU A 10 11.98 0.95 -2.70
CA LEU A 10 12.15 2.40 -2.69
C LEU A 10 12.92 2.90 -1.48
N PHE A 11 12.53 2.44 -0.30
CA PHE A 11 13.19 2.93 0.91
C PHE A 11 14.36 2.06 1.39
N GLU A 12 14.11 0.80 1.76
CA GLU A 12 15.17 -0.06 2.25
C GLU A 12 16.36 -0.05 1.29
N SER A 13 16.13 0.42 0.08
CA SER A 13 17.20 0.49 -0.91
C SER A 13 17.70 1.93 -1.04
N ALA A 14 17.30 2.77 -0.10
CA ALA A 14 17.71 4.16 -0.09
C ALA A 14 18.49 4.47 1.16
N SER A 15 19.17 5.60 1.17
CA SER A 15 19.91 5.99 2.35
C SER A 15 18.89 6.14 3.48
N ARG A 16 19.27 5.72 4.67
CA ARG A 16 18.34 5.82 5.78
C ARG A 16 17.74 7.22 5.76
N GLY A 17 18.44 8.13 5.10
CA GLY A 17 17.98 9.50 4.98
C GLY A 17 16.62 9.54 4.29
N CYS A 18 16.46 8.69 3.26
CA CYS A 18 15.18 8.64 2.56
C CYS A 18 14.14 8.02 3.45
N LEU A 19 14.46 6.89 4.05
CA LEU A 19 13.49 6.27 4.93
C LEU A 19 13.01 7.30 5.94
N ARG A 20 13.89 8.23 6.30
CA ARG A 20 13.52 9.29 7.22
C ARG A 20 12.56 10.22 6.50
N SER A 21 12.81 10.38 5.20
CA SER A 21 11.96 11.20 4.35
C SER A 21 10.55 10.61 4.33
N LEU A 22 10.47 9.33 4.00
CA LEU A 22 9.18 8.67 4.00
C LEU A 22 8.57 8.72 5.39
N SER A 23 9.38 8.36 6.39
CA SER A 23 8.91 8.36 7.75
C SER A 23 8.38 9.72 8.15
N LEU A 24 8.93 10.77 7.56
CA LEU A 24 8.45 12.11 7.84
C LEU A 24 6.97 12.17 7.49
N ILE A 25 6.58 11.45 6.44
CA ILE A 25 5.18 11.42 6.02
C ILE A 25 4.57 10.02 6.11
N ILE A 26 5.15 9.17 6.95
CA ILE A 26 4.66 7.81 7.09
C ILE A 26 3.23 7.78 7.60
N LYS A 27 2.42 6.89 7.03
CA LYS A 27 1.04 6.73 7.47
C LYS A 27 0.83 5.30 7.95
N THR A 28 0.03 5.12 9.00
CA THR A 28 -0.21 3.79 9.54
C THR A 28 -1.70 3.45 9.52
N SER A 29 -2.02 2.27 9.00
CA SER A 29 -3.40 1.80 8.95
C SER A 29 -3.51 0.43 9.63
N PHE A 30 -4.55 0.22 10.41
CA PHE A 30 -4.71 -1.05 11.11
C PHE A 30 -6.10 -1.63 10.91
N CYS A 31 -6.20 -2.96 11.01
CA CYS A 31 -7.48 -3.65 10.86
C CYS A 31 -7.58 -4.83 11.81
N ALA A 32 -8.80 -5.17 12.19
CA ALA A 32 -9.04 -6.28 13.10
C ALA A 32 -9.83 -7.40 12.41
N PRO A 33 -9.97 -8.54 13.05
CA PRO A 33 -10.75 -9.66 12.46
C PRO A 33 -12.19 -9.26 12.21
N GLY A 34 -12.66 -9.41 10.98
CA GLY A 34 -14.02 -9.03 10.64
C GLY A 34 -14.16 -7.51 10.63
N GLU A 35 -13.04 -6.82 10.83
CA GLU A 35 -13.05 -5.35 10.86
C GLU A 35 -13.12 -4.78 9.44
N PHE A 36 -14.06 -3.86 9.23
CA PHE A 36 -14.23 -3.25 7.90
C PHE A 36 -13.28 -2.07 7.72
N LEU A 37 -12.41 -2.17 6.71
CA LEU A 37 -11.46 -1.10 6.43
C LEU A 37 -12.01 -0.13 5.40
N ILE A 38 -12.71 -0.63 4.36
CA ILE A 38 -13.26 0.26 3.38
C ILE A 38 -14.68 -0.11 3.06
N ARG A 39 -15.41 0.86 2.54
CA ARG A 39 -16.80 0.65 2.20
C ARG A 39 -17.08 1.11 0.77
N GLN A 40 -17.38 0.14 -0.08
CA GLN A 40 -17.67 0.40 -1.49
C GLN A 40 -17.76 1.89 -1.78
N GLY A 41 -16.99 2.34 -2.77
CA GLY A 41 -17.00 3.75 -3.15
C GLY A 41 -15.96 4.55 -2.38
N ASP A 42 -15.13 3.88 -1.61
CA ASP A 42 -14.10 4.59 -0.84
C ASP A 42 -13.05 5.17 -1.78
N ALA A 43 -12.15 5.97 -1.22
CA ALA A 43 -11.10 6.59 -2.02
C ALA A 43 -9.73 6.02 -1.66
N LEU A 44 -9.21 5.17 -2.55
CA LEU A 44 -7.91 4.57 -2.34
C LEU A 44 -6.83 5.33 -3.11
N GLN A 45 -5.95 6.00 -2.38
CA GLN A 45 -4.88 6.76 -3.01
C GLN A 45 -3.52 6.34 -2.48
N ALA A 46 -3.44 6.11 -1.18
CA ALA A 46 -2.20 5.71 -0.55
C ALA A 46 -1.84 4.27 -0.90
N ILE A 47 -0.54 3.96 -0.91
CA ILE A 47 -0.09 2.61 -1.21
C ILE A 47 -0.11 1.79 0.07
N TYR A 48 -0.70 0.60 0.01
CA TYR A 48 -0.81 -0.23 1.20
C TYR A 48 0.09 -1.46 1.16
N PHE A 49 0.46 -1.92 2.35
CA PHE A 49 1.28 -3.11 2.52
C PHE A 49 0.91 -3.77 3.84
N VAL A 50 0.79 -5.08 3.84
CA VAL A 50 0.45 -5.79 5.05
C VAL A 50 1.71 -6.44 5.61
N CYS A 51 1.92 -6.28 6.92
CA CYS A 51 3.10 -6.85 7.55
C CYS A 51 2.80 -8.22 8.15
N SER A 52 1.56 -8.40 8.62
CA SER A 52 1.16 -9.68 9.22
C SER A 52 -0.35 -9.71 9.45
N GLY A 53 -0.93 -10.89 9.34
CA GLY A 53 -2.37 -11.04 9.54
C GLY A 53 -3.05 -11.47 8.25
N SER A 54 -4.36 -11.28 8.15
CA SER A 54 -5.08 -11.67 6.94
C SER A 54 -6.30 -10.76 6.72
N MET A 55 -6.54 -10.42 5.46
CA MET A 55 -7.69 -9.57 5.13
C MET A 55 -8.14 -9.79 3.69
N GLU A 56 -9.33 -9.30 3.37
CA GLU A 56 -9.87 -9.48 2.03
C GLU A 56 -11.05 -8.53 1.78
N VAL A 57 -11.29 -8.24 0.49
CA VAL A 57 -12.41 -7.37 0.12
C VAL A 57 -13.59 -8.24 -0.33
N LEU A 58 -14.79 -7.95 0.20
CA LEU A 58 -15.97 -8.74 -0.11
C LEU A 58 -16.95 -8.02 -1.04
N LYS A 59 -17.29 -8.70 -2.14
CA LYS A 59 -18.25 -8.18 -3.11
C LYS A 59 -18.75 -9.30 -4.02
N ASP A 60 -20.03 -9.24 -4.38
CA ASP A 60 -20.64 -10.23 -5.26
C ASP A 60 -20.59 -11.64 -4.65
N ASN A 61 -20.96 -11.75 -3.37
CA ASN A 61 -21.01 -13.04 -2.68
C ASN A 61 -19.62 -13.65 -2.52
N THR A 62 -18.62 -13.13 -3.22
CA THR A 62 -17.27 -13.67 -3.11
C THR A 62 -16.27 -12.56 -2.83
N VAL A 63 -15.14 -12.95 -2.25
CA VAL A 63 -14.10 -12.00 -1.95
C VAL A 63 -13.44 -11.55 -3.25
N LEU A 64 -13.42 -10.25 -3.49
CA LEU A 64 -12.81 -9.75 -4.71
C LEU A 64 -11.30 -9.81 -4.58
N ALA A 65 -10.82 -9.89 -3.35
CA ALA A 65 -9.38 -9.98 -3.13
C ALA A 65 -9.07 -10.82 -1.88
N ILE A 66 -8.12 -11.73 -2.04
CA ILE A 66 -7.71 -12.58 -0.93
C ILE A 66 -6.20 -12.45 -0.72
N LEU A 67 -5.79 -11.75 0.33
CA LEU A 67 -4.36 -11.58 0.58
C LEU A 67 -3.96 -11.86 2.03
N GLY A 68 -2.67 -12.07 2.24
CA GLY A 68 -2.15 -12.35 3.57
C GLY A 68 -0.93 -11.48 3.89
N LYS A 69 -0.08 -11.98 4.79
CA LYS A 69 1.12 -11.28 5.22
C LYS A 69 2.04 -10.89 4.06
N GLY A 70 2.45 -9.63 4.05
CA GLY A 70 3.37 -9.12 3.02
C GLY A 70 2.61 -8.69 1.77
N ASP A 71 1.38 -9.14 1.65
CA ASP A 71 0.57 -8.82 0.48
C ASP A 71 0.62 -7.32 0.19
N LEU A 72 -0.08 -6.91 -0.86
CA LEU A 72 -0.13 -5.50 -1.24
C LEU A 72 -1.54 -5.14 -1.66
N ILE A 73 -1.98 -3.96 -1.24
CA ILE A 73 -3.33 -3.50 -1.57
C ILE A 73 -3.26 -2.14 -2.26
N GLY A 74 -3.84 -2.12 -3.45
CA GLY A 74 -3.88 -0.92 -4.26
C GLY A 74 -3.63 -1.25 -5.73
N SER A 75 -4.13 -0.40 -6.63
CA SER A 75 -3.95 -0.63 -8.06
C SER A 75 -2.54 -0.23 -8.49
N ASP A 76 -2.01 -0.92 -9.50
CA ASP A 76 -0.66 -0.63 -9.99
C ASP A 76 -0.64 0.71 -10.75
N SER A 77 0.47 0.97 -11.42
CA SER A 77 0.63 2.21 -12.17
C SER A 77 0.77 3.40 -11.23
N LEU A 78 1.51 3.22 -10.15
CA LEU A 78 1.72 4.28 -9.17
C LEU A 78 2.37 5.49 -9.85
N THR A 79 2.76 5.32 -11.11
CA THR A 79 3.39 6.40 -11.86
C THR A 79 2.35 7.45 -12.27
N LYS A 80 1.30 6.98 -12.95
CA LYS A 80 0.24 7.88 -13.40
C LYS A 80 -0.72 8.19 -12.26
N GLU A 81 -0.60 7.43 -11.17
CA GLU A 81 -1.45 7.63 -10.00
C GLU A 81 -2.73 8.37 -10.37
N GLN A 82 -3.81 7.63 -10.53
CA GLN A 82 -5.10 8.22 -10.88
C GLN A 82 -6.09 8.06 -9.72
N VAL A 83 -7.24 8.70 -9.84
CA VAL A 83 -8.26 8.62 -8.80
C VAL A 83 -8.91 7.24 -8.80
N ILE A 84 -8.58 6.44 -7.78
CA ILE A 84 -9.13 5.11 -7.66
C ILE A 84 -9.97 4.97 -6.39
N LYS A 85 -11.18 4.46 -6.55
CA LYS A 85 -12.06 4.26 -5.41
C LYS A 85 -12.47 2.80 -5.32
N THR A 86 -12.39 2.24 -4.12
CA THR A 86 -12.74 0.83 -3.94
C THR A 86 -14.26 0.66 -3.96
N ASN A 87 -14.74 -0.07 -4.96
CA ASN A 87 -16.17 -0.30 -5.12
C ASN A 87 -16.65 -1.46 -4.23
N ALA A 88 -15.70 -2.25 -3.74
CA ALA A 88 -16.04 -3.39 -2.89
C ALA A 88 -15.94 -2.98 -1.43
N ASN A 89 -16.02 -3.96 -0.53
CA ASN A 89 -15.93 -3.68 0.89
C ASN A 89 -14.70 -4.40 1.45
N VAL A 90 -13.89 -3.72 2.27
CA VAL A 90 -12.72 -4.34 2.81
C VAL A 90 -12.98 -4.77 4.23
N LYS A 91 -12.68 -6.02 4.52
CA LYS A 91 -12.86 -6.55 5.86
C LYS A 91 -11.70 -7.46 6.23
N ALA A 92 -10.99 -7.08 7.29
CA ALA A 92 -9.86 -7.87 7.76
C ALA A 92 -10.37 -9.17 8.37
N LEU A 93 -9.91 -10.29 7.83
CA LEU A 93 -10.33 -11.60 8.32
C LEU A 93 -9.69 -11.87 9.68
N THR A 94 -8.39 -11.65 9.75
CA THR A 94 -7.64 -11.86 10.99
C THR A 94 -6.87 -10.59 11.34
N TYR A 95 -6.72 -10.33 12.64
CA TYR A 95 -6.01 -9.13 13.07
C TYR A 95 -4.73 -8.97 12.27
N CYS A 96 -4.64 -7.87 11.53
CA CYS A 96 -3.47 -7.62 10.71
C CYS A 96 -3.02 -6.17 10.81
N ASP A 97 -1.71 -5.97 10.73
CA ASP A 97 -1.16 -4.62 10.77
C ASP A 97 -0.95 -4.13 9.36
N LEU A 98 -1.47 -2.95 9.06
CA LEU A 98 -1.35 -2.40 7.71
C LEU A 98 -0.48 -1.15 7.68
N GLN A 99 0.49 -1.15 6.79
CA GLN A 99 1.36 0.00 6.63
C GLN A 99 1.06 0.64 5.28
N TYR A 100 0.92 1.95 5.27
CA TYR A 100 0.62 2.66 4.03
C TYR A 100 1.05 4.11 4.12
N ILE A 101 1.06 4.77 2.97
CA ILE A 101 1.47 6.17 2.91
C ILE A 101 0.81 6.86 1.72
N SER A 102 0.70 8.17 1.80
CA SER A 102 0.09 8.93 0.72
C SER A 102 1.08 9.02 -0.44
N LEU A 103 0.63 8.62 -1.62
CA LEU A 103 1.47 8.66 -2.80
C LEU A 103 2.15 10.02 -2.94
N LYS A 104 1.43 11.07 -2.56
CA LYS A 104 1.98 12.42 -2.62
C LYS A 104 3.11 12.58 -1.60
N GLY A 105 2.89 12.00 -0.43
CA GLY A 105 3.88 12.06 0.65
C GLY A 105 5.16 11.36 0.26
N LEU A 106 5.01 10.16 -0.29
CA LEU A 106 6.16 9.35 -0.68
C LEU A 106 6.93 9.96 -1.85
N ARG A 107 6.21 10.49 -2.82
CA ARG A 107 6.87 11.07 -3.99
C ARG A 107 7.63 12.35 -3.66
N GLU A 108 7.17 13.08 -2.66
CA GLU A 108 7.83 14.33 -2.28
C GLU A 108 9.18 14.02 -1.67
N VAL A 109 9.14 13.14 -0.68
CA VAL A 109 10.35 12.70 -0.01
C VAL A 109 11.32 12.13 -1.05
N LEU A 110 10.81 11.20 -1.82
CA LEU A 110 11.60 10.61 -2.87
C LEU A 110 12.03 11.69 -3.86
N ARG A 111 11.23 12.74 -3.98
CA ARG A 111 11.59 13.84 -4.84
C ARG A 111 12.98 14.30 -4.44
N LEU A 112 13.23 14.27 -3.14
CA LEU A 112 14.55 14.63 -2.63
C LEU A 112 15.55 13.65 -3.20
N TYR A 113 15.05 12.44 -3.48
CA TYR A 113 15.88 11.38 -4.07
C TYR A 113 15.31 11.02 -5.45
N PRO A 114 15.70 11.76 -6.47
CA PRO A 114 15.20 11.56 -7.87
C PRO A 114 15.52 10.20 -8.49
N GLU A 115 16.74 9.69 -8.27
CA GLU A 115 17.11 8.43 -8.88
C GLU A 115 16.26 7.28 -8.34
N TYR A 116 16.21 7.18 -7.03
CA TYR A 116 15.41 6.14 -6.39
C TYR A 116 13.93 6.42 -6.55
N ALA A 117 13.59 7.70 -6.56
CA ALA A 117 12.20 8.12 -6.70
C ALA A 117 11.62 7.73 -8.04
N GLN A 118 12.22 8.21 -9.11
CA GLN A 118 11.72 7.87 -10.42
C GLN A 118 11.59 6.36 -10.51
N LYS A 119 12.48 5.67 -9.81
CA LYS A 119 12.47 4.21 -9.78
C LYS A 119 11.31 3.69 -8.91
N PHE A 120 10.89 4.48 -7.92
CA PHE A 120 9.82 4.06 -7.00
C PHE A 120 8.56 3.65 -7.74
N VAL A 121 8.24 4.35 -8.81
CA VAL A 121 7.03 4.05 -9.58
C VAL A 121 7.12 2.66 -10.21
N SER A 122 8.29 2.33 -10.75
CA SER A 122 8.48 1.03 -11.40
C SER A 122 8.88 -0.05 -10.41
N GLU A 123 9.56 0.35 -9.33
CA GLU A 123 10.00 -0.61 -8.32
C GLU A 123 8.81 -1.27 -7.63
N ILE A 124 7.69 -0.56 -7.54
CA ILE A 124 6.52 -1.10 -6.88
C ILE A 124 6.05 -2.40 -7.55
N GLN A 125 6.07 -2.43 -8.88
CA GLN A 125 5.64 -3.61 -9.61
C GLN A 125 6.29 -4.86 -9.04
N HIS A 126 7.50 -4.71 -8.52
CA HIS A 126 8.22 -5.83 -7.95
C HIS A 126 7.58 -6.29 -6.64
N ASP A 127 6.75 -5.43 -6.06
CA ASP A 127 6.08 -5.74 -4.81
C ASP A 127 4.57 -5.72 -4.99
N LEU A 128 4.12 -5.87 -6.23
CA LEU A 128 2.69 -5.87 -6.53
C LEU A 128 2.07 -7.23 -6.24
N THR A 129 1.17 -7.26 -5.26
CA THR A 129 0.51 -8.51 -4.89
C THR A 129 -0.91 -8.52 -5.45
N TYR A 130 -1.71 -7.53 -5.09
CA TYR A 130 -3.08 -7.45 -5.58
C TYR A 130 -3.39 -6.04 -6.06
N ASN A 131 -3.77 -5.94 -7.33
CA ASN A 131 -4.09 -4.64 -7.92
C ASN A 131 -5.55 -4.29 -7.70
N LEU A 132 -5.80 -3.28 -6.87
CA LEU A 132 -7.17 -2.87 -6.59
C LEU A 132 -7.66 -1.87 -7.64
N ARG A 133 -8.69 -2.26 -8.39
CA ARG A 133 -9.24 -1.39 -9.42
C ARG A 133 -10.56 -0.79 -8.94
N GLU A 134 -10.89 0.38 -9.47
CA GLU A 134 -12.13 1.05 -9.09
C GLU A 134 -13.33 0.46 -9.82
N GLY A 135 -14.49 0.53 -9.19
CA GLY A 135 -15.71 -0.01 -9.78
C GLY A 135 -15.66 -1.53 -9.84
N MET A 1 15.17 -9.28 15.77
CA MET A 1 15.20 -8.28 14.70
C MET A 1 14.77 -8.91 13.37
N ASN A 2 13.51 -8.71 13.01
CA ASN A 2 12.98 -9.26 11.77
C ASN A 2 13.21 -8.29 10.60
N LYS A 3 13.22 -8.82 9.39
CA LYS A 3 13.43 -8.01 8.20
C LYS A 3 12.15 -7.25 7.84
N GLU A 4 12.19 -5.93 7.98
CA GLU A 4 11.02 -5.12 7.67
C GLU A 4 10.64 -5.26 6.20
N LEU A 5 9.35 -5.18 5.92
CA LEU A 5 8.85 -5.31 4.55
C LEU A 5 9.43 -4.22 3.66
N LEU A 6 9.92 -3.15 4.25
CA LEU A 6 10.45 -2.06 3.45
C LEU A 6 11.47 -2.53 2.43
N GLN A 7 11.53 -3.83 2.17
CA GLN A 7 12.49 -4.32 1.21
C GLN A 7 12.16 -3.67 -0.12
N LEU A 8 10.94 -3.14 -0.24
CA LEU A 8 10.56 -2.45 -1.46
C LEU A 8 11.70 -1.48 -1.83
N PRO A 9 12.25 -1.63 -3.01
CA PRO A 9 13.40 -0.80 -3.50
C PRO A 9 13.38 0.71 -3.20
N LEU A 10 12.25 1.28 -2.80
CA LEU A 10 12.27 2.74 -2.59
C LEU A 10 13.07 3.13 -1.39
N PHE A 11 12.82 2.46 -0.28
CA PHE A 11 13.53 2.81 0.92
C PHE A 11 14.51 1.72 1.34
N GLU A 12 14.52 0.61 0.58
CA GLU A 12 15.42 -0.49 0.88
C GLU A 12 16.85 -0.15 0.46
N SER A 13 16.99 0.49 -0.69
CA SER A 13 18.32 0.84 -1.20
C SER A 13 18.59 2.34 -1.07
N ALA A 14 17.77 3.04 -0.29
CA ALA A 14 17.96 4.46 -0.10
C ALA A 14 18.76 4.72 1.15
N SER A 15 19.52 5.80 1.16
CA SER A 15 20.27 6.13 2.35
C SER A 15 19.28 6.31 3.47
N ARG A 16 19.66 5.94 4.68
CA ARG A 16 18.73 6.09 5.79
C ARG A 16 18.10 7.47 5.70
N GLY A 17 18.76 8.35 4.96
CA GLY A 17 18.27 9.69 4.76
C GLY A 17 16.89 9.67 4.09
N CYS A 18 16.74 8.82 3.06
CA CYS A 18 15.46 8.73 2.38
C CYS A 18 14.45 8.06 3.29
N LEU A 19 14.87 7.01 3.97
CA LEU A 19 13.93 6.33 4.86
C LEU A 19 13.42 7.34 5.87
N ARG A 20 14.28 8.31 6.22
CA ARG A 20 13.88 9.36 7.14
C ARG A 20 12.88 10.26 6.43
N SER A 21 13.09 10.42 5.13
CA SER A 21 12.21 11.21 4.29
C SER A 21 10.81 10.58 4.29
N LEU A 22 10.75 9.30 3.96
CA LEU A 22 9.47 8.62 3.98
C LEU A 22 8.91 8.65 5.39
N SER A 23 9.77 8.39 6.36
CA SER A 23 9.34 8.38 7.74
C SER A 23 8.78 9.73 8.15
N LEU A 24 9.29 10.79 7.55
CA LEU A 24 8.78 12.11 7.86
C LEU A 24 7.29 12.13 7.58
N ILE A 25 6.88 11.38 6.55
CA ILE A 25 5.45 11.31 6.21
C ILE A 25 4.89 9.88 6.37
N ILE A 26 5.54 9.06 7.19
CA ILE A 26 5.08 7.70 7.39
C ILE A 26 3.70 7.67 8.06
N LYS A 27 2.80 6.88 7.49
CA LYS A 27 1.46 6.75 8.07
C LYS A 27 1.21 5.30 8.45
N THR A 28 0.44 5.07 9.51
CA THR A 28 0.15 3.71 9.96
C THR A 28 -1.35 3.43 9.97
N SER A 29 -1.72 2.28 9.42
CA SER A 29 -3.12 1.86 9.37
C SER A 29 -3.25 0.44 9.94
N PHE A 30 -4.24 0.22 10.78
CA PHE A 30 -4.44 -1.11 11.38
C PHE A 30 -5.84 -1.65 11.13
N CYS A 31 -5.94 -2.97 11.02
CA CYS A 31 -7.22 -3.63 10.79
C CYS A 31 -7.39 -4.80 11.75
N ALA A 32 -8.64 -5.12 12.07
CA ALA A 32 -8.92 -6.20 13.00
C ALA A 32 -9.75 -7.30 12.32
N PRO A 33 -9.92 -8.42 12.99
CA PRO A 33 -10.73 -9.55 12.44
C PRO A 33 -12.14 -9.11 12.10
N GLY A 34 -12.56 -9.31 10.86
CA GLY A 34 -13.89 -8.91 10.44
C GLY A 34 -13.99 -7.39 10.37
N GLU A 35 -12.87 -6.71 10.62
CA GLU A 35 -12.85 -5.25 10.60
C GLU A 35 -12.89 -4.72 9.17
N PHE A 36 -13.82 -3.82 8.91
CA PHE A 36 -13.97 -3.24 7.58
C PHE A 36 -13.05 -2.05 7.35
N LEU A 37 -12.13 -2.19 6.38
CA LEU A 37 -11.20 -1.11 6.07
C LEU A 37 -11.78 -0.24 4.94
N ILE A 38 -12.21 -0.89 3.86
CA ILE A 38 -12.77 -0.16 2.73
C ILE A 38 -14.22 -0.58 2.47
N ARG A 39 -15.03 0.37 2.00
CA ARG A 39 -16.41 0.08 1.69
C ARG A 39 -16.76 0.60 0.29
N GLN A 40 -16.87 -0.33 -0.65
CA GLN A 40 -17.20 -0.01 -2.04
C GLN A 40 -17.58 1.46 -2.22
N GLY A 41 -16.92 2.12 -3.17
CA GLY A 41 -17.20 3.52 -3.45
C GLY A 41 -16.23 4.43 -2.70
N ASP A 42 -15.23 3.84 -2.07
CA ASP A 42 -14.25 4.63 -1.31
C ASP A 42 -13.31 5.36 -2.25
N ALA A 43 -12.36 6.09 -1.66
CA ALA A 43 -11.38 6.84 -2.43
C ALA A 43 -9.97 6.40 -2.08
N LEU A 44 -9.05 6.53 -3.03
CA LEU A 44 -7.66 6.13 -2.82
C LEU A 44 -6.82 7.34 -2.41
N GLN A 45 -6.19 7.23 -1.24
CA GLN A 45 -5.35 8.32 -0.75
C GLN A 45 -3.94 7.82 -0.43
N ALA A 46 -3.84 6.54 -0.07
CA ALA A 46 -2.55 5.96 0.27
C ALA A 46 -2.50 4.47 -0.08
N ILE A 47 -1.31 3.90 -0.03
CA ILE A 47 -1.12 2.47 -0.31
C ILE A 47 -0.73 1.77 0.98
N TYR A 48 -1.26 0.56 1.19
CA TYR A 48 -0.95 -0.18 2.42
C TYR A 48 -0.21 -1.48 2.16
N PHE A 49 0.50 -1.92 3.19
CA PHE A 49 1.25 -3.18 3.15
C PHE A 49 0.91 -3.96 4.42
N VAL A 50 0.73 -5.26 4.30
CA VAL A 50 0.42 -6.06 5.45
C VAL A 50 1.66 -6.80 5.92
N CYS A 51 1.98 -6.69 7.20
CA CYS A 51 3.16 -7.35 7.75
C CYS A 51 2.80 -8.72 8.30
N SER A 52 1.62 -8.83 8.89
CA SER A 52 1.17 -10.09 9.45
C SER A 52 -0.33 -10.05 9.69
N GLY A 53 -1.00 -11.18 9.48
CA GLY A 53 -2.44 -11.25 9.68
C GLY A 53 -3.13 -11.72 8.41
N SER A 54 -4.43 -11.44 8.28
CA SER A 54 -5.17 -11.86 7.07
C SER A 54 -6.27 -10.87 6.73
N MET A 55 -6.51 -10.67 5.43
CA MET A 55 -7.55 -9.76 4.99
C MET A 55 -8.00 -10.09 3.56
N GLU A 56 -9.13 -9.54 3.14
CA GLU A 56 -9.64 -9.80 1.81
C GLU A 56 -10.69 -8.78 1.40
N VAL A 57 -10.88 -8.62 0.09
CA VAL A 57 -11.88 -7.68 -0.43
C VAL A 57 -13.18 -8.45 -0.69
N LEU A 58 -14.28 -7.95 -0.12
CA LEU A 58 -15.58 -8.61 -0.24
C LEU A 58 -16.51 -7.88 -1.22
N LYS A 59 -16.94 -8.61 -2.24
CA LYS A 59 -17.86 -8.05 -3.23
C LYS A 59 -18.52 -9.18 -4.04
N ASP A 60 -19.79 -9.00 -4.38
CA ASP A 60 -20.53 -10.00 -5.14
C ASP A 60 -20.65 -11.33 -4.40
N ASN A 61 -20.98 -11.26 -3.11
CA ASN A 61 -21.16 -12.47 -2.31
C ASN A 61 -19.86 -13.24 -2.10
N THR A 62 -18.84 -12.93 -2.88
CA THR A 62 -17.56 -13.61 -2.74
C THR A 62 -16.43 -12.61 -2.67
N VAL A 63 -15.34 -13.01 -2.02
CA VAL A 63 -14.19 -12.15 -1.91
C VAL A 63 -13.44 -12.13 -3.23
N LEU A 64 -13.35 -10.95 -3.83
CA LEU A 64 -12.65 -10.82 -5.10
C LEU A 64 -11.16 -10.89 -4.88
N ALA A 65 -10.76 -10.76 -3.62
CA ALA A 65 -9.34 -10.85 -3.30
C ALA A 65 -9.14 -11.57 -1.98
N ILE A 66 -8.21 -12.50 -1.97
CA ILE A 66 -7.92 -13.27 -0.78
C ILE A 66 -6.40 -13.32 -0.58
N LEU A 67 -5.88 -12.56 0.38
CA LEU A 67 -4.44 -12.54 0.60
C LEU A 67 -4.07 -12.66 2.08
N GLY A 68 -2.80 -13.00 2.32
CA GLY A 68 -2.28 -13.16 3.67
C GLY A 68 -1.16 -12.15 3.94
N LYS A 69 -0.25 -12.50 4.83
CA LYS A 69 0.86 -11.64 5.18
C LYS A 69 1.66 -11.16 3.97
N GLY A 70 2.10 -9.91 4.02
CA GLY A 70 2.90 -9.33 2.96
C GLY A 70 2.03 -8.73 1.84
N ASP A 71 0.73 -8.99 1.89
CA ASP A 71 -0.16 -8.47 0.85
C ASP A 71 0.03 -6.97 0.65
N LEU A 72 -0.55 -6.46 -0.44
CA LEU A 72 -0.46 -5.04 -0.75
C LEU A 72 -1.76 -4.56 -1.36
N ILE A 73 -2.17 -3.34 -1.00
CA ILE A 73 -3.40 -2.78 -1.51
C ILE A 73 -3.14 -1.50 -2.27
N GLY A 74 -3.55 -1.49 -3.53
CA GLY A 74 -3.39 -0.34 -4.41
C GLY A 74 -3.08 -0.80 -5.83
N SER A 75 -3.54 -0.05 -6.81
CA SER A 75 -3.31 -0.40 -8.21
C SER A 75 -1.90 -0.03 -8.64
N ASP A 76 -1.33 -0.83 -9.54
CA ASP A 76 0.01 -0.59 -10.03
C ASP A 76 0.03 0.66 -10.91
N SER A 77 1.15 0.88 -11.59
CA SER A 77 1.28 2.04 -12.46
C SER A 77 1.14 3.33 -11.65
N LEU A 78 1.76 3.34 -10.47
CA LEU A 78 1.70 4.51 -9.61
C LEU A 78 2.04 5.78 -10.38
N THR A 79 2.49 5.61 -11.61
CA THR A 79 2.84 6.74 -12.45
C THR A 79 1.65 7.22 -13.27
N LYS A 80 0.51 6.55 -13.09
CA LYS A 80 -0.70 6.91 -13.82
C LYS A 80 -1.40 8.09 -13.15
N GLU A 81 -0.94 8.44 -11.95
CA GLU A 81 -1.53 9.55 -11.20
C GLU A 81 -2.95 9.85 -11.67
N GLN A 82 -3.93 9.24 -11.01
CA GLN A 82 -5.32 9.44 -11.37
C GLN A 82 -6.22 9.13 -10.19
N VAL A 83 -7.49 9.53 -10.29
CA VAL A 83 -8.44 9.28 -9.22
C VAL A 83 -8.83 7.81 -9.19
N ILE A 84 -8.65 7.17 -8.04
CA ILE A 84 -9.00 5.77 -7.91
C ILE A 84 -9.92 5.56 -6.73
N LYS A 85 -11.08 4.97 -6.99
CA LYS A 85 -12.06 4.72 -5.93
C LYS A 85 -12.27 3.22 -5.78
N THR A 86 -12.29 2.74 -4.55
CA THR A 86 -12.49 1.32 -4.31
C THR A 86 -13.92 0.92 -4.60
N ASN A 87 -14.10 0.06 -5.59
CA ASN A 87 -15.42 -0.41 -5.97
C ASN A 87 -15.90 -1.49 -5.01
N ALA A 88 -14.98 -2.32 -4.54
CA ALA A 88 -15.32 -3.39 -3.61
C ALA A 88 -15.13 -2.93 -2.18
N ASN A 89 -15.26 -3.87 -1.24
CA ASN A 89 -15.09 -3.56 0.16
C ASN A 89 -13.91 -4.38 0.71
N VAL A 90 -13.40 -4.02 1.87
CA VAL A 90 -12.28 -4.70 2.46
C VAL A 90 -12.57 -4.99 3.91
N LYS A 91 -12.30 -6.23 4.30
CA LYS A 91 -12.52 -6.64 5.67
C LYS A 91 -11.39 -7.53 6.15
N ALA A 92 -10.69 -7.09 7.18
CA ALA A 92 -9.60 -7.87 7.74
C ALA A 92 -10.16 -9.14 8.35
N LEU A 93 -9.74 -10.29 7.81
CA LEU A 93 -10.20 -11.58 8.30
C LEU A 93 -9.60 -11.87 9.66
N THR A 94 -8.30 -11.68 9.77
CA THR A 94 -7.60 -11.90 11.02
C THR A 94 -6.83 -10.64 11.40
N TYR A 95 -6.70 -10.38 12.70
CA TYR A 95 -6.00 -9.18 13.14
C TYR A 95 -4.69 -9.04 12.38
N CYS A 96 -4.52 -7.91 11.70
CA CYS A 96 -3.31 -7.69 10.93
C CYS A 96 -2.82 -6.25 11.06
N ASP A 97 -1.51 -6.09 11.03
CA ASP A 97 -0.90 -4.77 11.11
C ASP A 97 -0.56 -4.30 9.69
N LEU A 98 -1.00 -3.11 9.34
CA LEU A 98 -0.75 -2.59 8.00
C LEU A 98 -0.06 -1.24 8.05
N GLN A 99 0.86 -1.04 7.13
CA GLN A 99 1.57 0.22 7.03
C GLN A 99 1.22 0.90 5.72
N TYR A 100 0.90 2.18 5.78
CA TYR A 100 0.53 2.90 4.58
C TYR A 100 1.02 4.34 4.62
N ILE A 101 0.99 4.98 3.47
CA ILE A 101 1.44 6.35 3.36
C ILE A 101 0.76 7.02 2.18
N SER A 102 0.66 8.35 2.22
CA SER A 102 0.05 9.06 1.11
C SER A 102 1.04 9.16 -0.04
N LEU A 103 0.60 8.70 -1.20
CA LEU A 103 1.46 8.72 -2.38
C LEU A 103 2.10 10.09 -2.56
N LYS A 104 1.42 11.13 -2.07
CA LYS A 104 1.96 12.48 -2.16
C LYS A 104 3.17 12.62 -1.25
N GLY A 105 3.05 12.12 -0.03
CA GLY A 105 4.13 12.18 0.94
C GLY A 105 5.34 11.40 0.47
N LEU A 106 5.09 10.18 -0.01
CA LEU A 106 6.18 9.31 -0.47
C LEU A 106 6.91 9.87 -1.67
N ARG A 107 6.17 10.43 -2.61
CA ARG A 107 6.78 10.96 -3.82
C ARG A 107 7.63 12.20 -3.54
N GLU A 108 7.26 12.98 -2.54
CA GLU A 108 8.00 14.19 -2.21
C GLU A 108 9.36 13.82 -1.64
N VAL A 109 9.32 12.95 -0.65
CA VAL A 109 10.54 12.47 -0.02
C VAL A 109 11.42 11.84 -1.08
N LEU A 110 10.85 10.93 -1.84
CA LEU A 110 11.57 10.30 -2.91
C LEU A 110 11.99 11.36 -3.91
N ARG A 111 11.22 12.44 -4.00
CA ARG A 111 11.59 13.52 -4.90
C ARG A 111 13.01 13.94 -4.55
N LEU A 112 13.32 13.87 -3.25
CA LEU A 112 14.66 14.18 -2.80
C LEU A 112 15.59 13.20 -3.47
N TYR A 113 15.02 12.03 -3.77
CA TYR A 113 15.74 10.97 -4.48
C TYR A 113 15.07 10.72 -5.83
N PRO A 114 15.39 11.52 -6.82
CA PRO A 114 14.77 11.45 -8.18
C PRO A 114 14.99 10.13 -8.92
N GLU A 115 16.18 9.56 -8.87
CA GLU A 115 16.46 8.32 -9.59
C GLU A 115 15.64 7.16 -9.01
N TYR A 116 15.75 6.98 -7.71
CA TYR A 116 15.02 5.92 -7.03
C TYR A 116 13.53 6.22 -7.01
N ALA A 117 13.20 7.50 -6.94
CA ALA A 117 11.81 7.93 -6.88
C ALA A 117 11.06 7.64 -8.17
N GLN A 118 11.52 8.21 -9.27
CA GLN A 118 10.85 7.97 -10.53
C GLN A 118 10.70 6.47 -10.72
N LYS A 119 11.71 5.74 -10.24
CA LYS A 119 11.71 4.29 -10.34
C LYS A 119 10.73 3.66 -9.34
N PHE A 120 10.45 4.36 -8.23
CA PHE A 120 9.56 3.82 -7.20
C PHE A 120 8.22 3.36 -7.77
N VAL A 121 7.63 4.16 -8.64
CA VAL A 121 6.34 3.81 -9.22
C VAL A 121 6.41 2.44 -9.89
N SER A 122 7.52 2.18 -10.57
CA SER A 122 7.69 0.90 -11.27
C SER A 122 8.26 -0.17 -10.35
N GLU A 123 9.31 0.17 -9.61
CA GLU A 123 9.94 -0.78 -8.71
C GLU A 123 8.90 -1.41 -7.77
N ILE A 124 7.77 -0.72 -7.60
CA ILE A 124 6.71 -1.21 -6.74
C ILE A 124 6.18 -2.56 -7.23
N GLN A 125 6.11 -2.70 -8.55
CA GLN A 125 5.60 -3.93 -9.15
C GLN A 125 6.25 -5.16 -8.53
N HIS A 126 7.49 -5.00 -8.10
CA HIS A 126 8.23 -6.10 -7.49
C HIS A 126 7.55 -6.58 -6.21
N ASP A 127 6.76 -5.70 -5.59
CA ASP A 127 6.08 -6.07 -4.36
C ASP A 127 4.56 -5.96 -4.49
N LEU A 128 4.07 -5.97 -5.73
CA LEU A 128 2.64 -5.87 -5.97
C LEU A 128 1.95 -7.19 -5.65
N THR A 129 1.09 -7.18 -4.64
CA THR A 129 0.37 -8.39 -4.24
C THR A 129 -1.08 -8.34 -4.71
N TYR A 130 -1.78 -7.28 -4.35
CA TYR A 130 -3.18 -7.13 -4.75
C TYR A 130 -3.42 -5.73 -5.29
N ASN A 131 -3.75 -5.67 -6.58
CA ASN A 131 -3.98 -4.39 -7.23
C ASN A 131 -5.46 -4.03 -7.19
N LEU A 132 -5.76 -2.91 -6.53
CA LEU A 132 -7.14 -2.49 -6.43
C LEU A 132 -7.45 -1.45 -7.51
N ARG A 133 -8.33 -1.79 -8.43
CA ARG A 133 -8.71 -0.90 -9.51
C ARG A 133 -10.09 -0.29 -9.27
N GLU A 134 -10.30 0.90 -9.83
CA GLU A 134 -11.58 1.58 -9.68
C GLU A 134 -12.67 0.87 -10.47
N GLY A 135 -13.90 0.95 -9.97
CA GLY A 135 -15.03 0.31 -10.63
C GLY A 135 -15.09 -1.18 -10.31
N MET A 1 12.62 -4.33 14.83
CA MET A 1 11.98 -3.38 15.74
C MET A 1 11.04 -2.45 14.99
N ASN A 2 11.47 -2.04 13.79
CA ASN A 2 10.65 -1.13 12.98
C ASN A 2 10.67 -1.57 11.52
N LYS A 3 11.77 -1.27 10.84
CA LYS A 3 11.91 -1.63 9.43
C LYS A 3 10.54 -1.62 8.75
N GLU A 4 10.10 -0.43 8.33
CA GLU A 4 8.82 -0.29 7.67
C GLU A 4 8.88 -0.84 6.25
N LEU A 5 7.72 -0.90 5.60
CA LEU A 5 7.65 -1.41 4.24
C LEU A 5 8.63 -0.69 3.32
N LEU A 6 8.95 0.55 3.65
CA LEU A 6 9.88 1.31 2.82
C LEU A 6 11.16 0.52 2.57
N GLN A 7 11.18 -0.74 2.99
CA GLN A 7 12.33 -1.58 2.80
C GLN A 7 12.55 -1.79 1.30
N LEU A 8 11.60 -1.30 0.51
CA LEU A 8 11.70 -1.42 -0.94
C LEU A 8 12.82 -0.53 -1.48
N PRO A 9 13.34 -0.85 -2.63
CA PRO A 9 14.44 -0.10 -3.29
C PRO A 9 14.28 1.43 -3.22
N LEU A 10 13.08 1.91 -2.93
CA LEU A 10 12.84 3.35 -2.90
C LEU A 10 13.82 4.08 -2.00
N PHE A 11 14.01 3.58 -0.78
CA PHE A 11 14.91 4.24 0.13
C PHE A 11 16.29 3.59 0.11
N GLU A 12 16.32 2.27 0.03
CA GLU A 12 17.59 1.54 0.00
C GLU A 12 18.46 2.05 -1.14
N SER A 13 17.83 2.32 -2.28
CA SER A 13 18.54 2.83 -3.44
C SER A 13 18.78 4.32 -3.30
N ALA A 14 18.14 4.93 -2.30
CA ALA A 14 18.30 6.36 -2.07
C ALA A 14 19.22 6.61 -0.90
N SER A 15 19.52 7.88 -0.68
CA SER A 15 20.34 8.24 0.44
C SER A 15 19.47 8.18 1.69
N ARG A 16 20.05 7.84 2.81
CA ARG A 16 19.26 7.76 4.01
C ARG A 16 18.39 9.00 4.09
N GLY A 17 18.78 10.02 3.34
CA GLY A 17 18.03 11.27 3.29
C GLY A 17 16.60 11.00 2.81
N CYS A 18 16.47 10.15 1.79
CA CYS A 18 15.14 9.82 1.29
C CYS A 18 14.41 9.02 2.34
N LEU A 19 15.15 8.25 3.11
CA LEU A 19 14.53 7.46 4.16
C LEU A 19 13.92 8.39 5.19
N ARG A 20 14.65 9.45 5.53
CA ARG A 20 14.14 10.44 6.47
C ARG A 20 12.97 11.17 5.82
N SER A 21 13.08 11.31 4.50
CA SER A 21 12.05 11.96 3.70
C SER A 21 10.76 11.14 3.79
N LEU A 22 10.84 9.87 3.45
CA LEU A 22 9.68 9.00 3.51
C LEU A 22 9.16 8.92 4.94
N SER A 23 10.05 8.57 5.86
CA SER A 23 9.66 8.44 7.25
C SER A 23 9.03 9.73 7.74
N LEU A 24 9.46 10.85 7.19
CA LEU A 24 8.88 12.12 7.57
C LEU A 24 7.39 12.07 7.31
N ILE A 25 7.01 11.34 6.25
CA ILE A 25 5.59 11.21 5.91
C ILE A 25 5.09 9.77 6.03
N ILE A 26 5.79 8.95 6.81
CA ILE A 26 5.41 7.57 6.98
C ILE A 26 4.05 7.47 7.69
N LYS A 27 3.16 6.63 7.15
CA LYS A 27 1.85 6.45 7.77
C LYS A 27 1.64 4.98 8.16
N THR A 28 0.81 4.75 9.17
CA THR A 28 0.54 3.39 9.62
C THR A 28 -0.96 3.12 9.69
N SER A 29 -1.38 1.95 9.23
CA SER A 29 -2.79 1.55 9.25
C SER A 29 -2.94 0.15 9.84
N PHE A 30 -3.96 -0.04 10.67
CA PHE A 30 -4.17 -1.34 11.29
C PHE A 30 -5.64 -1.78 11.18
N CYS A 31 -5.84 -3.07 10.94
CA CYS A 31 -7.19 -3.62 10.83
C CYS A 31 -7.41 -4.75 11.83
N ALA A 32 -8.66 -4.94 12.23
CA ALA A 32 -8.99 -5.98 13.19
C ALA A 32 -9.79 -7.11 12.52
N PRO A 33 -10.01 -8.20 13.20
CA PRO A 33 -10.80 -9.34 12.64
C PRO A 33 -12.23 -8.90 12.36
N GLY A 34 -12.71 -9.14 11.15
CA GLY A 34 -14.07 -8.74 10.79
C GLY A 34 -14.17 -7.23 10.70
N GLU A 35 -13.04 -6.55 10.84
CA GLU A 35 -13.01 -5.09 10.80
C GLU A 35 -13.10 -4.57 9.36
N PHE A 36 -14.03 -3.64 9.12
CA PHE A 36 -14.22 -3.07 7.79
C PHE A 36 -13.20 -1.96 7.50
N LEU A 37 -12.37 -2.17 6.50
CA LEU A 37 -11.36 -1.18 6.13
C LEU A 37 -11.87 -0.23 5.05
N ILE A 38 -12.62 -0.75 4.06
CA ILE A 38 -13.13 0.13 3.02
C ILE A 38 -14.59 -0.14 2.79
N ARG A 39 -15.26 0.87 2.27
CA ARG A 39 -16.67 0.77 1.96
C ARG A 39 -16.94 1.24 0.54
N GLN A 40 -17.38 0.32 -0.28
CA GLN A 40 -17.66 0.61 -1.69
C GLN A 40 -17.91 2.09 -1.92
N GLY A 41 -17.22 2.65 -2.90
CA GLY A 41 -17.39 4.07 -3.24
C GLY A 41 -16.34 4.94 -2.56
N ASP A 42 -15.36 4.32 -1.90
CA ASP A 42 -14.33 5.09 -1.24
C ASP A 42 -13.26 5.51 -2.24
N ALA A 43 -12.24 6.20 -1.76
CA ALA A 43 -11.17 6.66 -2.62
C ALA A 43 -9.81 6.14 -2.13
N LEU A 44 -9.03 5.59 -3.05
CA LEU A 44 -7.72 5.06 -2.69
C LEU A 44 -6.63 6.08 -3.00
N GLN A 45 -5.90 6.49 -1.98
CA GLN A 45 -4.83 7.47 -2.16
C GLN A 45 -3.51 6.94 -1.61
N ALA A 46 -3.60 6.20 -0.51
CA ALA A 46 -2.41 5.63 0.11
C ALA A 46 -2.31 4.13 -0.16
N ILE A 47 -1.08 3.62 -0.23
CA ILE A 47 -0.86 2.20 -0.48
C ILE A 47 -0.50 1.50 0.83
N TYR A 48 -1.09 0.33 1.08
CA TYR A 48 -0.83 -0.41 2.31
C TYR A 48 -0.17 -1.76 2.04
N PHE A 49 0.55 -2.25 3.05
CA PHE A 49 1.21 -3.55 2.99
C PHE A 49 0.79 -4.36 4.21
N VAL A 50 0.67 -5.66 4.05
CA VAL A 50 0.30 -6.50 5.17
C VAL A 50 1.55 -7.21 5.70
N CYS A 51 1.78 -7.10 7.01
CA CYS A 51 2.95 -7.73 7.61
C CYS A 51 2.60 -9.11 8.15
N SER A 52 1.39 -9.24 8.65
CA SER A 52 0.92 -10.52 9.20
C SER A 52 -0.56 -10.42 9.54
N GLY A 53 -1.31 -11.47 9.23
CA GLY A 53 -2.75 -11.49 9.50
C GLY A 53 -3.51 -11.93 8.27
N SER A 54 -4.80 -11.59 8.19
CA SER A 54 -5.60 -11.98 7.03
C SER A 54 -6.66 -10.93 6.71
N MET A 55 -6.88 -10.68 5.43
CA MET A 55 -7.88 -9.70 5.01
C MET A 55 -8.41 -10.01 3.62
N GLU A 56 -9.58 -9.46 3.30
CA GLU A 56 -10.16 -9.69 1.98
C GLU A 56 -11.31 -8.72 1.70
N VAL A 57 -11.54 -8.43 0.41
CA VAL A 57 -12.64 -7.54 0.03
C VAL A 57 -13.85 -8.40 -0.35
N LEU A 58 -15.02 -8.03 0.17
CA LEU A 58 -16.24 -8.79 -0.09
C LEU A 58 -17.15 -8.06 -1.07
N LYS A 59 -17.49 -8.75 -2.15
CA LYS A 59 -18.36 -8.18 -3.15
C LYS A 59 -18.96 -9.27 -4.04
N ASP A 60 -20.22 -9.09 -4.42
CA ASP A 60 -20.91 -10.05 -5.27
C ASP A 60 -20.99 -11.42 -4.60
N ASN A 61 -21.29 -11.43 -3.31
CA ASN A 61 -21.42 -12.68 -2.56
C ASN A 61 -20.10 -13.41 -2.43
N THR A 62 -19.07 -12.90 -3.09
CA THR A 62 -17.76 -13.56 -3.01
C THR A 62 -16.67 -12.55 -2.69
N VAL A 63 -15.59 -13.04 -2.12
CA VAL A 63 -14.48 -12.18 -1.80
C VAL A 63 -13.82 -11.77 -3.12
N LEU A 64 -13.87 -10.48 -3.42
CA LEU A 64 -13.29 -10.00 -4.66
C LEU A 64 -11.78 -10.01 -4.56
N ALA A 65 -11.29 -10.19 -3.34
CA ALA A 65 -9.85 -10.24 -3.13
C ALA A 65 -9.53 -11.09 -1.91
N ILE A 66 -8.57 -11.99 -2.07
CA ILE A 66 -8.15 -12.86 -0.98
C ILE A 66 -6.64 -12.73 -0.79
N LEU A 67 -6.22 -12.04 0.26
CA LEU A 67 -4.78 -11.87 0.48
C LEU A 67 -4.37 -12.16 1.91
N GLY A 68 -3.07 -12.40 2.10
CA GLY A 68 -2.53 -12.69 3.43
C GLY A 68 -1.21 -11.96 3.67
N LYS A 69 -0.40 -12.54 4.55
CA LYS A 69 0.90 -11.97 4.91
C LYS A 69 1.73 -11.52 3.71
N GLY A 70 2.19 -10.27 3.77
CA GLY A 70 3.05 -9.72 2.72
C GLY A 70 2.24 -9.15 1.55
N ASP A 71 0.95 -9.45 1.51
CA ASP A 71 0.11 -8.96 0.43
C ASP A 71 0.16 -7.44 0.35
N LEU A 72 -0.06 -6.91 -0.85
CA LEU A 72 -0.06 -5.48 -1.06
C LEU A 72 -1.43 -5.03 -1.55
N ILE A 73 -1.88 -3.89 -1.03
CA ILE A 73 -3.18 -3.35 -1.40
C ILE A 73 -3.03 -1.99 -2.08
N GLY A 74 -3.81 -1.77 -3.13
CA GLY A 74 -3.78 -0.51 -3.87
C GLY A 74 -3.49 -0.77 -5.35
N SER A 75 -4.02 0.09 -6.22
CA SER A 75 -3.82 -0.07 -7.65
C SER A 75 -2.43 0.38 -8.09
N ASP A 76 -1.88 -0.35 -9.04
CA ASP A 76 -0.54 -0.08 -9.60
C ASP A 76 -0.55 1.20 -10.42
N SER A 77 0.51 1.38 -11.22
CA SER A 77 0.65 2.56 -12.05
C SER A 77 1.06 3.79 -11.23
N LEU A 78 2.00 3.58 -10.33
CA LEU A 78 2.51 4.66 -9.49
C LEU A 78 3.35 5.62 -10.33
N THR A 79 3.52 5.30 -11.60
CA THR A 79 4.35 6.09 -12.50
C THR A 79 4.11 7.60 -12.36
N LYS A 80 2.89 8.06 -12.60
CA LYS A 80 2.64 9.50 -12.49
C LYS A 80 1.45 9.79 -11.56
N GLU A 81 0.59 8.81 -11.37
CA GLU A 81 -0.56 9.00 -10.48
C GLU A 81 -1.28 7.68 -10.24
N GLN A 82 -2.39 7.78 -9.52
CA GLN A 82 -3.19 6.59 -9.22
C GLN A 82 -4.46 6.99 -8.48
N VAL A 83 -5.57 6.99 -9.21
CA VAL A 83 -6.85 7.34 -8.62
C VAL A 83 -7.87 6.21 -8.82
N ILE A 84 -8.13 5.47 -7.76
CA ILE A 84 -9.09 4.39 -7.86
C ILE A 84 -10.03 4.39 -6.67
N LYS A 85 -11.33 4.29 -6.95
CA LYS A 85 -12.32 4.26 -5.88
C LYS A 85 -12.73 2.82 -5.60
N THR A 86 -12.69 2.44 -4.32
CA THR A 86 -13.04 1.09 -3.95
C THR A 86 -14.55 0.88 -4.05
N ASN A 87 -14.95 0.00 -4.97
CA ASN A 87 -16.37 -0.28 -5.18
C ASN A 87 -16.82 -1.51 -4.41
N ALA A 88 -15.88 -2.19 -3.78
CA ALA A 88 -16.19 -3.39 -2.99
C ALA A 88 -16.11 -3.03 -1.51
N ASN A 89 -16.13 -4.03 -0.63
CA ASN A 89 -16.04 -3.75 0.80
C ASN A 89 -14.85 -4.50 1.37
N VAL A 90 -14.01 -3.84 2.16
CA VAL A 90 -12.86 -4.50 2.72
C VAL A 90 -13.12 -4.85 4.17
N LYS A 91 -12.86 -6.10 4.51
CA LYS A 91 -13.03 -6.56 5.87
C LYS A 91 -11.88 -7.46 6.28
N ALA A 92 -11.15 -7.05 7.30
CA ALA A 92 -10.03 -7.83 7.79
C ALA A 92 -10.56 -9.11 8.41
N LEU A 93 -10.15 -10.25 7.86
CA LEU A 93 -10.61 -11.54 8.37
C LEU A 93 -9.99 -11.82 9.73
N THR A 94 -8.68 -11.63 9.81
CA THR A 94 -7.96 -11.84 11.06
C THR A 94 -7.12 -10.61 11.37
N TYR A 95 -6.93 -10.33 12.66
CA TYR A 95 -6.15 -9.17 13.05
C TYR A 95 -4.87 -9.11 12.23
N CYS A 96 -4.72 -8.04 11.45
CA CYS A 96 -3.55 -7.89 10.61
C CYS A 96 -2.96 -6.49 10.74
N ASP A 97 -1.65 -6.43 10.89
CA ASP A 97 -0.96 -5.15 10.99
C ASP A 97 -0.55 -4.69 9.60
N LEU A 98 -0.89 -3.47 9.24
CA LEU A 98 -0.56 -2.95 7.92
C LEU A 98 0.16 -1.61 7.99
N GLN A 99 0.97 -1.35 6.97
CA GLN A 99 1.70 -0.10 6.88
C GLN A 99 1.38 0.57 5.55
N TYR A 100 1.10 1.87 5.60
CA TYR A 100 0.77 2.59 4.38
C TYR A 100 1.29 4.01 4.42
N ILE A 101 1.24 4.65 3.26
CA ILE A 101 1.70 6.02 3.13
C ILE A 101 0.97 6.69 1.98
N SER A 102 0.83 8.01 2.04
CA SER A 102 0.15 8.72 0.98
C SER A 102 1.05 8.81 -0.25
N LEU A 103 0.55 8.35 -1.38
CA LEU A 103 1.32 8.39 -2.62
C LEU A 103 1.92 9.77 -2.81
N LYS A 104 1.20 10.79 -2.38
CA LYS A 104 1.69 12.16 -2.48
C LYS A 104 2.86 12.36 -1.53
N GLY A 105 2.76 11.72 -0.37
CA GLY A 105 3.80 11.83 0.65
C GLY A 105 5.09 11.16 0.19
N LEU A 106 4.96 9.95 -0.36
CA LEU A 106 6.13 9.20 -0.82
C LEU A 106 6.76 9.82 -2.04
N ARG A 107 5.95 10.28 -2.98
CA ARG A 107 6.48 10.85 -4.20
C ARG A 107 7.16 12.20 -3.96
N GLU A 108 6.71 12.94 -2.97
CA GLU A 108 7.28 14.25 -2.66
C GLU A 108 8.69 14.08 -2.12
N VAL A 109 8.79 13.23 -1.11
CA VAL A 109 10.08 12.92 -0.51
C VAL A 109 10.99 12.42 -1.63
N LEU A 110 10.41 11.58 -2.46
CA LEU A 110 11.11 11.04 -3.60
C LEU A 110 11.47 12.19 -4.55
N ARG A 111 10.65 13.24 -4.52
CA ARG A 111 10.93 14.41 -5.35
C ARG A 111 12.32 14.91 -5.02
N LEU A 112 12.67 14.80 -3.73
CA LEU A 112 14.00 15.21 -3.29
C LEU A 112 15.01 14.33 -4.01
N TYR A 113 14.58 13.10 -4.29
CA TYR A 113 15.42 12.15 -5.02
C TYR A 113 14.73 11.77 -6.34
N PRO A 114 14.87 12.60 -7.34
CA PRO A 114 14.22 12.41 -8.68
C PRO A 114 14.63 11.14 -9.44
N GLU A 115 15.92 10.80 -9.44
CA GLU A 115 16.36 9.62 -10.18
C GLU A 115 15.82 8.35 -9.56
N TYR A 116 16.03 8.21 -8.26
CA TYR A 116 15.55 7.04 -7.54
C TYR A 116 14.03 7.07 -7.48
N ALA A 117 13.48 8.26 -7.40
CA ALA A 117 12.04 8.44 -7.31
C ALA A 117 11.32 7.93 -8.55
N GLN A 118 11.63 8.49 -9.70
CA GLN A 118 10.98 8.05 -10.91
C GLN A 118 11.11 6.54 -11.01
N LYS A 119 12.20 6.03 -10.45
CA LYS A 119 12.47 4.61 -10.44
C LYS A 119 11.56 3.88 -9.43
N PHE A 120 11.10 4.59 -8.40
CA PHE A 120 10.27 3.97 -7.37
C PHE A 120 8.99 3.36 -7.94
N VAL A 121 8.35 4.07 -8.86
CA VAL A 121 7.11 3.58 -9.43
C VAL A 121 7.29 2.17 -9.99
N SER A 122 8.38 1.95 -10.72
CA SER A 122 8.65 0.65 -11.31
C SER A 122 9.16 -0.34 -10.26
N GLU A 123 10.03 0.14 -9.38
CA GLU A 123 10.57 -0.71 -8.33
C GLU A 123 9.47 -1.29 -7.46
N ILE A 124 8.37 -0.55 -7.32
CA ILE A 124 7.25 -0.99 -6.51
C ILE A 124 6.75 -2.36 -6.99
N GLN A 125 6.69 -2.52 -8.31
CA GLN A 125 6.21 -3.76 -8.91
C GLN A 125 6.89 -4.99 -8.30
N HIS A 126 8.13 -4.82 -7.87
CA HIS A 126 8.86 -5.92 -7.26
C HIS A 126 8.11 -6.45 -6.05
N ASP A 127 7.13 -5.69 -5.57
CA ASP A 127 6.35 -6.11 -4.41
C ASP A 127 4.88 -6.23 -4.76
N LEU A 128 4.46 -5.53 -5.81
CA LEU A 128 3.06 -5.56 -6.24
C LEU A 128 2.48 -6.96 -6.09
N THR A 129 1.68 -7.17 -5.05
CA THR A 129 1.06 -8.47 -4.81
C THR A 129 -0.39 -8.44 -5.25
N TYR A 130 -1.15 -7.47 -4.75
CA TYR A 130 -2.56 -7.36 -5.12
C TYR A 130 -2.89 -5.91 -5.47
N ASN A 131 -3.31 -5.71 -6.73
CA ASN A 131 -3.66 -4.37 -7.18
C ASN A 131 -5.15 -4.12 -7.04
N LEU A 132 -5.52 -3.10 -6.26
CA LEU A 132 -6.93 -2.80 -6.07
C LEU A 132 -7.44 -1.86 -7.16
N ARG A 133 -8.34 -2.38 -7.98
CA ARG A 133 -8.94 -1.61 -9.07
C ARG A 133 -10.37 -1.25 -8.73
N GLU A 134 -10.87 -0.16 -9.29
CA GLU A 134 -12.24 0.27 -9.04
C GLU A 134 -13.16 -0.95 -9.00
N GLY A 135 -13.67 -1.26 -7.81
CA GLY A 135 -14.57 -2.41 -7.66
C GLY A 135 -13.86 -3.71 -7.97
N MET A 1 9.22 -12.72 9.91
CA MET A 1 8.86 -11.34 9.59
C MET A 1 9.95 -10.68 8.78
N ASN A 2 9.84 -9.37 8.58
CA ASN A 2 10.83 -8.62 7.81
C ASN A 2 10.65 -7.13 8.02
N LYS A 3 10.62 -6.70 9.28
CA LYS A 3 10.46 -5.29 9.60
C LYS A 3 9.55 -4.62 8.58
N GLU A 4 9.75 -3.31 8.38
CA GLU A 4 8.95 -2.56 7.42
C GLU A 4 9.15 -3.10 6.02
N LEU A 5 8.10 -3.08 5.20
CA LEU A 5 8.20 -3.57 3.84
C LEU A 5 9.09 -2.66 3.00
N LEU A 6 9.12 -1.38 3.34
CA LEU A 6 9.95 -0.43 2.60
C LEU A 6 11.38 -0.94 2.50
N GLN A 7 11.61 -2.19 2.91
CA GLN A 7 12.94 -2.76 2.83
C GLN A 7 13.32 -2.84 1.37
N LEU A 8 12.34 -2.58 0.50
CA LEU A 8 12.58 -2.60 -0.93
C LEU A 8 13.65 -1.57 -1.31
N PRO A 9 14.40 -1.85 -2.35
CA PRO A 9 15.48 -0.96 -2.86
C PRO A 9 15.11 0.53 -2.94
N LEU A 10 13.83 0.86 -2.85
CA LEU A 10 13.43 2.27 -3.00
C LEU A 10 14.21 3.21 -2.11
N PHE A 11 14.33 2.88 -0.83
CA PHE A 11 15.05 3.76 0.07
C PHE A 11 16.51 3.31 0.20
N GLU A 12 16.71 2.00 0.33
CA GLU A 12 18.07 1.47 0.45
C GLU A 12 18.94 1.99 -0.68
N SER A 13 18.37 2.06 -1.87
CA SER A 13 19.10 2.58 -3.02
C SER A 13 19.13 4.10 -2.98
N ALA A 14 18.34 4.66 -2.06
CA ALA A 14 18.27 6.10 -1.91
C ALA A 14 19.08 6.53 -0.71
N SER A 15 19.50 7.78 -0.70
CA SER A 15 20.25 8.27 0.43
C SER A 15 19.38 8.14 1.67
N ARG A 16 19.98 7.79 2.79
CA ARG A 16 19.18 7.66 3.99
C ARG A 16 18.27 8.86 4.08
N GLY A 17 18.64 9.90 3.33
CA GLY A 17 17.85 11.12 3.29
C GLY A 17 16.44 10.80 2.79
N CYS A 18 16.33 9.91 1.80
CA CYS A 18 15.01 9.55 1.29
C CYS A 18 14.28 8.76 2.34
N LEU A 19 15.03 7.94 3.07
CA LEU A 19 14.41 7.14 4.12
C LEU A 19 13.85 8.07 5.18
N ARG A 20 14.57 9.17 5.44
CA ARG A 20 14.12 10.17 6.40
C ARG A 20 12.93 10.91 5.80
N SER A 21 13.02 11.13 4.50
CA SER A 21 11.98 11.80 3.75
C SER A 21 10.69 11.02 3.92
N LEU A 22 10.78 9.74 3.67
CA LEU A 22 9.63 8.87 3.82
C LEU A 22 9.17 8.88 5.27
N SER A 23 10.09 8.61 6.19
CA SER A 23 9.74 8.57 7.60
C SER A 23 9.10 9.87 8.02
N LEU A 24 9.47 10.96 7.35
CA LEU A 24 8.87 12.24 7.67
C LEU A 24 7.37 12.14 7.42
N ILE A 25 7.00 11.32 6.44
CA ILE A 25 5.58 11.13 6.11
C ILE A 25 5.14 9.67 6.23
N ILE A 26 5.86 8.87 7.00
CA ILE A 26 5.53 7.48 7.15
C ILE A 26 4.18 7.32 7.85
N LYS A 27 3.33 6.47 7.29
CA LYS A 27 2.02 6.23 7.90
C LYS A 27 1.85 4.76 8.25
N THR A 28 1.17 4.49 9.36
CA THR A 28 0.97 3.12 9.81
C THR A 28 -0.51 2.87 10.13
N SER A 29 -1.10 1.93 9.41
CA SER A 29 -2.51 1.59 9.61
C SER A 29 -2.63 0.17 10.16
N PHE A 30 -3.66 -0.07 10.98
CA PHE A 30 -3.86 -1.39 11.56
C PHE A 30 -5.31 -1.83 11.38
N CYS A 31 -5.50 -3.14 11.19
CA CYS A 31 -6.85 -3.69 11.01
C CYS A 31 -7.09 -4.85 11.96
N ALA A 32 -8.36 -5.06 12.31
CA ALA A 32 -8.72 -6.13 13.24
C ALA A 32 -9.52 -7.21 12.52
N PRO A 33 -9.72 -8.35 13.15
CA PRO A 33 -10.51 -9.46 12.55
C PRO A 33 -11.93 -9.01 12.22
N GLY A 34 -12.32 -9.20 10.96
CA GLY A 34 -13.66 -8.81 10.53
C GLY A 34 -13.78 -7.28 10.46
N GLU A 35 -12.67 -6.59 10.70
CA GLU A 35 -12.67 -5.12 10.67
C GLU A 35 -12.73 -4.62 9.24
N PHE A 36 -13.62 -3.67 8.98
CA PHE A 36 -13.79 -3.11 7.63
C PHE A 36 -12.98 -1.83 7.43
N LEU A 37 -11.99 -1.89 6.54
CA LEU A 37 -11.16 -0.73 6.25
C LEU A 37 -11.74 0.07 5.07
N ILE A 38 -12.04 -0.63 3.96
CA ILE A 38 -12.61 0.05 2.80
C ILE A 38 -14.05 -0.41 2.55
N ARG A 39 -14.86 0.52 2.07
CA ARG A 39 -16.26 0.21 1.77
C ARG A 39 -16.62 0.70 0.37
N GLN A 40 -16.73 -0.25 -0.55
CA GLN A 40 -17.08 0.05 -1.95
C GLN A 40 -17.48 1.51 -2.14
N GLY A 41 -16.85 2.15 -3.12
CA GLY A 41 -17.15 3.55 -3.43
C GLY A 41 -16.18 4.49 -2.74
N ASP A 42 -15.14 3.93 -2.11
CA ASP A 42 -14.16 4.75 -1.43
C ASP A 42 -13.18 5.37 -2.42
N ALA A 43 -12.21 6.11 -1.90
CA ALA A 43 -11.22 6.76 -2.76
C ALA A 43 -9.81 6.29 -2.43
N LEU A 44 -8.97 6.17 -3.45
CA LEU A 44 -7.59 5.73 -3.25
C LEU A 44 -6.71 6.91 -2.85
N GLN A 45 -6.10 6.81 -1.67
CA GLN A 45 -5.23 7.88 -1.19
C GLN A 45 -3.83 7.35 -0.85
N ALA A 46 -3.77 6.19 -0.20
CA ALA A 46 -2.49 5.61 0.19
C ALA A 46 -2.40 4.13 -0.17
N ILE A 47 -1.18 3.60 -0.10
CA ILE A 47 -0.94 2.19 -0.39
C ILE A 47 -0.54 1.46 0.89
N TYR A 48 -1.10 0.26 1.11
CA TYR A 48 -0.81 -0.50 2.32
C TYR A 48 -0.10 -1.82 2.03
N PHE A 49 0.62 -2.30 3.05
CA PHE A 49 1.32 -3.57 2.96
C PHE A 49 1.08 -4.35 4.25
N VAL A 50 0.80 -5.63 4.13
CA VAL A 50 0.55 -6.44 5.28
C VAL A 50 1.78 -7.29 5.59
N CYS A 51 2.24 -7.25 6.83
CA CYS A 51 3.42 -8.02 7.23
C CYS A 51 3.01 -9.33 7.87
N SER A 52 1.79 -9.36 8.41
CA SER A 52 1.29 -10.56 9.07
C SER A 52 -0.21 -10.41 9.36
N GLY A 53 -0.95 -11.49 9.17
CA GLY A 53 -2.39 -11.46 9.42
C GLY A 53 -3.16 -11.91 8.17
N SER A 54 -4.43 -11.55 8.08
CA SER A 54 -5.23 -11.94 6.91
C SER A 54 -6.33 -10.92 6.61
N MET A 55 -6.61 -10.73 5.32
CA MET A 55 -7.65 -9.80 4.91
C MET A 55 -8.14 -10.12 3.50
N GLU A 56 -9.26 -9.53 3.11
CA GLU A 56 -9.83 -9.78 1.79
C GLU A 56 -10.85 -8.71 1.41
N VAL A 57 -11.09 -8.54 0.12
CA VAL A 57 -12.06 -7.56 -0.34
C VAL A 57 -13.40 -8.26 -0.58
N LEU A 58 -14.46 -7.74 0.05
CA LEU A 58 -15.79 -8.34 -0.05
C LEU A 58 -16.73 -7.56 -0.96
N LYS A 59 -17.26 -8.25 -1.96
CA LYS A 59 -18.21 -7.64 -2.90
C LYS A 59 -18.97 -8.74 -3.66
N ASP A 60 -20.25 -8.50 -3.93
CA ASP A 60 -21.08 -9.45 -4.65
C ASP A 60 -21.20 -10.80 -3.92
N ASN A 61 -21.44 -10.73 -2.62
CA ASN A 61 -21.62 -11.93 -1.80
C ASN A 61 -20.34 -12.76 -1.70
N THR A 62 -19.36 -12.47 -2.54
CA THR A 62 -18.10 -13.21 -2.49
C THR A 62 -16.93 -12.25 -2.47
N VAL A 63 -15.83 -12.73 -1.93
CA VAL A 63 -14.64 -11.91 -1.86
C VAL A 63 -13.97 -11.83 -3.23
N LEU A 64 -13.84 -10.63 -3.76
CA LEU A 64 -13.22 -10.46 -5.06
C LEU A 64 -11.72 -10.63 -4.92
N ALA A 65 -11.24 -10.62 -3.67
CA ALA A 65 -9.82 -10.80 -3.43
C ALA A 65 -9.59 -11.53 -2.12
N ILE A 66 -8.72 -12.52 -2.16
CA ILE A 66 -8.40 -13.29 -0.96
C ILE A 66 -6.87 -13.32 -0.78
N LEU A 67 -6.35 -12.58 0.19
CA LEU A 67 -4.90 -12.55 0.38
C LEU A 67 -4.50 -12.72 1.84
N GLY A 68 -3.23 -13.07 2.04
CA GLY A 68 -2.68 -13.26 3.38
C GLY A 68 -1.44 -12.38 3.58
N LYS A 69 -0.54 -12.84 4.44
CA LYS A 69 0.68 -12.11 4.73
C LYS A 69 1.35 -11.58 3.45
N GLY A 70 1.84 -10.33 3.52
CA GLY A 70 2.52 -9.71 2.39
C GLY A 70 1.56 -9.02 1.43
N ASP A 71 0.26 -9.22 1.62
CA ASP A 71 -0.72 -8.60 0.74
C ASP A 71 -0.48 -7.10 0.58
N LEU A 72 -0.95 -6.54 -0.52
CA LEU A 72 -0.79 -5.12 -0.79
C LEU A 72 -2.07 -4.57 -1.41
N ILE A 73 -2.46 -3.37 -0.99
CA ILE A 73 -3.68 -2.75 -1.51
C ILE A 73 -3.36 -1.47 -2.27
N GLY A 74 -3.84 -1.41 -3.50
CA GLY A 74 -3.64 -0.26 -4.36
C GLY A 74 -3.20 -0.69 -5.75
N SER A 75 -3.60 0.07 -6.76
CA SER A 75 -3.25 -0.26 -8.14
C SER A 75 -1.83 0.22 -8.47
N ASP A 76 -1.08 -0.62 -9.18
CA ASP A 76 0.28 -0.28 -9.56
C ASP A 76 0.31 1.04 -10.30
N SER A 77 1.46 1.37 -10.90
CA SER A 77 1.59 2.62 -11.63
C SER A 77 1.61 3.80 -10.68
N LEU A 78 2.35 3.66 -9.57
CA LEU A 78 2.43 4.74 -8.59
C LEU A 78 2.73 6.06 -9.27
N THR A 79 3.64 6.04 -10.22
CA THR A 79 4.02 7.25 -10.95
C THR A 79 2.83 7.78 -11.73
N LYS A 80 2.22 6.93 -12.54
CA LYS A 80 1.06 7.32 -13.34
C LYS A 80 -0.23 6.86 -12.67
N GLU A 81 -0.21 6.77 -11.35
CA GLU A 81 -1.38 6.34 -10.61
C GLU A 81 -2.51 7.35 -10.74
N GLN A 82 -3.42 7.09 -11.68
CA GLN A 82 -4.54 7.99 -11.91
C GLN A 82 -5.51 7.92 -10.73
N VAL A 83 -6.53 8.77 -10.76
CA VAL A 83 -7.52 8.79 -9.69
C VAL A 83 -8.39 7.55 -9.76
N ILE A 84 -8.27 6.69 -8.74
CA ILE A 84 -9.03 5.44 -8.69
C ILE A 84 -9.85 5.36 -7.43
N LYS A 85 -11.09 4.92 -7.57
CA LYS A 85 -11.99 4.77 -6.44
C LYS A 85 -12.20 3.30 -6.13
N THR A 86 -12.24 2.97 -4.86
CA THR A 86 -12.43 1.58 -4.44
C THR A 86 -13.85 1.14 -4.75
N ASN A 87 -13.97 0.13 -5.62
CA ASN A 87 -15.27 -0.39 -6.01
C ASN A 87 -15.80 -1.40 -4.99
N ALA A 88 -14.91 -2.22 -4.45
CA ALA A 88 -15.32 -3.23 -3.49
C ALA A 88 -15.04 -2.75 -2.06
N ASN A 89 -15.22 -3.65 -1.11
CA ASN A 89 -14.97 -3.34 0.29
C ASN A 89 -13.79 -4.17 0.78
N VAL A 90 -13.24 -3.82 1.93
CA VAL A 90 -12.10 -4.51 2.48
C VAL A 90 -12.34 -4.80 3.94
N LYS A 91 -12.21 -6.07 4.31
CA LYS A 91 -12.41 -6.48 5.68
C LYS A 91 -11.28 -7.39 6.15
N ALA A 92 -10.56 -6.96 7.16
CA ALA A 92 -9.48 -7.76 7.70
C ALA A 92 -10.07 -9.01 8.34
N LEU A 93 -9.67 -10.17 7.80
CA LEU A 93 -10.17 -11.45 8.31
C LEU A 93 -9.57 -11.75 9.67
N THR A 94 -8.25 -11.58 9.75
CA THR A 94 -7.54 -11.82 11.00
C THR A 94 -6.68 -10.61 11.33
N TYR A 95 -6.48 -10.36 12.61
CA TYR A 95 -5.67 -9.21 13.01
C TYR A 95 -4.40 -9.14 12.19
N CYS A 96 -4.17 -8.01 11.54
CA CYS A 96 -2.99 -7.86 10.72
C CYS A 96 -2.42 -6.46 10.83
N ASP A 97 -1.10 -6.36 10.75
CA ASP A 97 -0.44 -5.07 10.81
C ASP A 97 -0.23 -4.56 9.39
N LEU A 98 -0.66 -3.33 9.13
CA LEU A 98 -0.52 -2.77 7.80
C LEU A 98 0.27 -1.47 7.82
N GLN A 99 1.21 -1.38 6.89
CA GLN A 99 2.03 -0.19 6.75
C GLN A 99 1.59 0.54 5.50
N TYR A 100 1.40 1.84 5.59
CA TYR A 100 0.95 2.59 4.42
C TYR A 100 1.42 4.04 4.46
N ILE A 101 1.31 4.68 3.31
CA ILE A 101 1.71 6.07 3.18
C ILE A 101 0.90 6.73 2.07
N SER A 102 0.78 8.05 2.14
CA SER A 102 0.04 8.76 1.12
C SER A 102 0.93 8.92 -0.10
N LEU A 103 0.43 8.48 -1.25
CA LEU A 103 1.19 8.57 -2.49
C LEU A 103 1.79 9.96 -2.62
N LYS A 104 1.08 10.95 -2.10
CA LYS A 104 1.55 12.33 -2.13
C LYS A 104 2.76 12.48 -1.21
N GLY A 105 2.75 11.72 -0.13
CA GLY A 105 3.83 11.75 0.86
C GLY A 105 5.09 11.12 0.29
N LEU A 106 4.89 9.99 -0.37
CA LEU A 106 5.98 9.23 -0.96
C LEU A 106 6.59 9.93 -2.16
N ARG A 107 5.74 10.45 -3.04
CA ARG A 107 6.22 11.13 -4.23
C ARG A 107 6.90 12.46 -3.90
N GLU A 108 6.47 13.08 -2.82
CA GLU A 108 7.03 14.37 -2.40
C GLU A 108 8.44 14.14 -1.86
N VAL A 109 8.54 13.22 -0.92
CA VAL A 109 9.83 12.86 -0.36
C VAL A 109 10.71 12.47 -1.52
N LEU A 110 10.09 11.80 -2.46
CA LEU A 110 10.75 11.38 -3.68
C LEU A 110 11.15 12.62 -4.48
N ARG A 111 10.36 13.68 -4.35
CA ARG A 111 10.68 14.92 -5.06
C ARG A 111 12.11 15.30 -4.74
N LEU A 112 12.48 15.10 -3.47
CA LEU A 112 13.84 15.39 -3.04
C LEU A 112 14.78 14.46 -3.81
N TYR A 113 14.32 13.24 -4.03
CA TYR A 113 15.10 12.25 -4.79
C TYR A 113 14.31 11.83 -6.03
N PRO A 114 14.37 12.61 -7.08
CA PRO A 114 13.63 12.36 -8.35
C PRO A 114 14.09 11.12 -9.12
N GLU A 115 15.40 10.86 -9.15
CA GLU A 115 15.90 9.71 -9.89
C GLU A 115 15.46 8.41 -9.21
N TYR A 116 15.73 8.33 -7.92
CA TYR A 116 15.34 7.17 -7.15
C TYR A 116 13.83 7.03 -7.16
N ALA A 117 13.15 8.18 -7.20
CA ALA A 117 11.70 8.21 -7.20
C ALA A 117 11.12 7.45 -8.37
N GLN A 118 11.46 7.86 -9.57
CA GLN A 118 10.94 7.16 -10.72
C GLN A 118 11.22 5.69 -10.52
N LYS A 119 12.30 5.44 -9.77
CA LYS A 119 12.70 4.09 -9.43
C LYS A 119 11.79 3.49 -8.37
N PHE A 120 11.16 4.33 -7.54
CA PHE A 120 10.30 3.82 -6.46
C PHE A 120 9.26 2.85 -6.98
N VAL A 121 8.48 3.29 -7.96
CA VAL A 121 7.43 2.47 -8.52
C VAL A 121 7.97 1.16 -9.08
N SER A 122 9.12 1.24 -9.74
CA SER A 122 9.73 0.06 -10.33
C SER A 122 9.77 -1.11 -9.34
N GLU A 123 9.97 -0.78 -8.07
CA GLU A 123 10.02 -1.81 -7.04
C GLU A 123 8.64 -2.14 -6.47
N ILE A 124 7.79 -1.12 -6.36
CA ILE A 124 6.45 -1.29 -5.80
C ILE A 124 5.60 -2.31 -6.58
N GLN A 125 5.57 -2.21 -7.90
CA GLN A 125 4.76 -3.15 -8.70
C GLN A 125 5.32 -4.56 -8.61
N HIS A 126 6.64 -4.68 -8.65
CA HIS A 126 7.28 -5.99 -8.58
C HIS A 126 6.95 -6.70 -7.26
N ASP A 127 6.40 -5.94 -6.32
CA ASP A 127 6.04 -6.51 -5.02
C ASP A 127 4.54 -6.36 -4.75
N LEU A 128 3.80 -5.99 -5.78
CA LEU A 128 2.35 -5.82 -5.64
C LEU A 128 1.66 -7.17 -5.49
N THR A 129 0.78 -7.28 -4.48
CA THR A 129 0.06 -8.51 -4.25
C THR A 129 -1.38 -8.40 -4.76
N TYR A 130 -2.05 -7.31 -4.38
CA TYR A 130 -3.42 -7.10 -4.83
C TYR A 130 -3.59 -5.67 -5.32
N ASN A 131 -3.86 -5.53 -6.60
CA ASN A 131 -4.03 -4.24 -7.22
C ASN A 131 -5.50 -3.85 -7.25
N LEU A 132 -5.84 -2.79 -6.54
CA LEU A 132 -7.23 -2.36 -6.51
C LEU A 132 -7.49 -1.35 -7.63
N ARG A 133 -8.32 -1.74 -8.59
CA ARG A 133 -8.64 -0.88 -9.72
C ARG A 133 -10.04 -0.27 -9.56
N GLU A 134 -10.24 0.89 -10.16
CA GLU A 134 -11.54 1.55 -10.08
C GLU A 134 -12.63 0.66 -10.69
N GLY A 135 -13.84 0.80 -10.17
CA GLY A 135 -14.96 -0.01 -10.66
C GLY A 135 -14.81 -1.46 -10.24
N MET A 1 12.69 -21.31 3.45
CA MET A 1 13.59 -20.48 2.65
C MET A 1 13.36 -19.00 2.96
N ASN A 2 14.24 -18.15 2.43
CA ASN A 2 14.12 -16.72 2.64
C ASN A 2 13.99 -15.98 1.31
N LYS A 3 13.22 -14.90 1.31
CA LYS A 3 13.02 -14.11 0.10
C LYS A 3 13.94 -12.89 0.09
N GLU A 4 14.13 -12.31 -1.08
CA GLU A 4 14.97 -11.13 -1.22
C GLU A 4 14.47 -10.00 -0.32
N LEU A 5 15.37 -9.12 0.09
CA LEU A 5 15.01 -8.00 0.95
C LEU A 5 14.12 -7.01 0.21
N LEU A 6 14.16 -7.04 -1.12
CA LEU A 6 13.35 -6.13 -1.90
C LEU A 6 11.89 -6.18 -1.51
N GLN A 7 11.58 -6.79 -0.36
CA GLN A 7 10.20 -6.84 0.07
C GLN A 7 9.79 -5.39 0.23
N LEU A 8 10.79 -4.60 0.61
CA LEU A 8 10.64 -3.17 0.71
C LEU A 8 11.65 -2.57 -0.26
N PRO A 9 11.30 -2.48 -1.52
CA PRO A 9 12.21 -1.98 -2.61
C PRO A 9 12.65 -0.52 -2.52
N LEU A 10 11.68 0.37 -2.41
CA LEU A 10 12.00 1.80 -2.40
C LEU A 10 12.83 2.23 -1.21
N PHE A 11 12.41 1.84 -0.03
CA PHE A 11 13.13 2.28 1.15
C PHE A 11 14.26 1.35 1.59
N GLU A 12 14.08 0.04 1.50
CA GLU A 12 15.17 -0.86 1.93
C GLU A 12 16.44 -0.60 1.12
N SER A 13 16.28 -0.02 -0.07
CA SER A 13 17.42 0.25 -0.93
C SER A 13 17.75 1.74 -0.97
N ALA A 14 17.17 2.51 -0.05
CA ALA A 14 17.43 3.94 -0.01
C ALA A 14 18.31 4.28 1.18
N SER A 15 19.05 5.37 1.07
CA SER A 15 19.89 5.78 2.17
C SER A 15 18.97 6.02 3.36
N ARG A 16 19.44 5.70 4.56
CA ARG A 16 18.59 5.90 5.72
C ARG A 16 17.96 7.27 5.62
N GLY A 17 18.58 8.13 4.82
CA GLY A 17 18.07 9.48 4.62
C GLY A 17 16.68 9.42 4.00
N CYS A 18 16.47 8.52 3.04
CA CYS A 18 15.17 8.38 2.42
C CYS A 18 14.20 7.77 3.40
N LEU A 19 14.61 6.68 4.05
CA LEU A 19 13.73 6.04 5.02
C LEU A 19 13.27 7.09 6.02
N ARG A 20 14.15 8.05 6.29
CA ARG A 20 13.82 9.14 7.20
C ARG A 20 12.80 10.04 6.51
N SER A 21 12.99 10.19 5.20
CA SER A 21 12.09 11.00 4.37
C SER A 21 10.69 10.39 4.42
N LEU A 22 10.59 9.12 4.11
CA LEU A 22 9.29 8.45 4.16
C LEU A 22 8.76 8.54 5.58
N SER A 23 9.63 8.24 6.54
CA SER A 23 9.24 8.28 7.94
C SER A 23 8.75 9.65 8.34
N LEU A 24 9.27 10.69 7.69
CA LEU A 24 8.82 12.03 7.97
C LEU A 24 7.31 12.09 7.71
N ILE A 25 6.86 11.29 6.73
CA ILE A 25 5.44 11.27 6.39
C ILE A 25 4.83 9.86 6.47
N ILE A 26 5.44 8.97 7.25
CA ILE A 26 4.95 7.61 7.37
C ILE A 26 3.60 7.57 8.08
N LYS A 27 2.68 6.78 7.54
CA LYS A 27 1.37 6.61 8.14
C LYS A 27 1.14 5.14 8.47
N THR A 28 0.51 4.87 9.61
CA THR A 28 0.27 3.48 10.02
C THR A 28 -1.21 3.18 10.16
N SER A 29 -1.69 2.23 9.36
CA SER A 29 -3.09 1.83 9.40
C SER A 29 -3.21 0.41 9.95
N PHE A 30 -4.24 0.16 10.76
CA PHE A 30 -4.40 -1.17 11.34
C PHE A 30 -5.84 -1.67 11.19
N CYS A 31 -5.98 -2.97 10.89
CA CYS A 31 -7.30 -3.57 10.72
C CYS A 31 -7.47 -4.75 11.68
N ALA A 32 -8.71 -5.01 12.06
CA ALA A 32 -9.01 -6.11 12.98
C ALA A 32 -9.77 -7.23 12.27
N PRO A 33 -9.96 -8.35 12.92
CA PRO A 33 -10.72 -9.49 12.32
C PRO A 33 -12.16 -9.09 12.04
N GLY A 34 -12.61 -9.30 10.80
CA GLY A 34 -13.96 -8.94 10.44
C GLY A 34 -14.12 -7.42 10.38
N GLU A 35 -13.01 -6.71 10.58
CA GLU A 35 -13.02 -5.25 10.58
C GLU A 35 -13.10 -4.72 9.15
N PHE A 36 -14.06 -3.83 8.91
CA PHE A 36 -14.24 -3.24 7.57
C PHE A 36 -13.35 -2.02 7.38
N LEU A 37 -12.44 -2.10 6.41
CA LEU A 37 -11.53 -0.99 6.13
C LEU A 37 -12.10 -0.06 5.05
N ILE A 38 -12.72 -0.62 4.00
CA ILE A 38 -13.28 0.24 2.97
C ILE A 38 -14.65 -0.25 2.57
N ARG A 39 -15.44 0.66 2.01
CA ARG A 39 -16.78 0.33 1.59
C ARG A 39 -17.01 0.78 0.16
N GLN A 40 -17.22 -0.20 -0.72
CA GLN A 40 -17.45 0.06 -2.14
C GLN A 40 -17.66 1.55 -2.43
N GLY A 41 -16.88 2.06 -3.38
CA GLY A 41 -17.00 3.47 -3.77
C GLY A 41 -16.00 4.34 -3.01
N ASP A 42 -15.14 3.73 -2.21
CA ASP A 42 -14.15 4.50 -1.46
C ASP A 42 -13.15 5.15 -2.40
N ALA A 43 -12.25 5.94 -1.85
CA ALA A 43 -11.24 6.61 -2.65
C ALA A 43 -9.84 6.16 -2.25
N LEU A 44 -8.97 6.07 -3.25
CA LEU A 44 -7.59 5.65 -3.01
C LEU A 44 -6.71 6.88 -2.76
N GLN A 45 -6.09 6.93 -1.58
CA GLN A 45 -5.24 8.07 -1.24
C GLN A 45 -3.84 7.61 -0.85
N ALA A 46 -3.69 6.34 -0.49
CA ALA A 46 -2.38 5.84 -0.08
C ALA A 46 -2.25 4.34 -0.36
N ILE A 47 -1.03 3.84 -0.25
CA ILE A 47 -0.76 2.41 -0.49
C ILE A 47 -0.40 1.75 0.83
N TYR A 48 -0.91 0.52 1.05
CA TYR A 48 -0.62 -0.18 2.29
C TYR A 48 0.11 -1.50 2.07
N PHE A 49 0.84 -1.92 3.11
CA PHE A 49 1.58 -3.18 3.10
C PHE A 49 1.22 -3.95 4.36
N VAL A 50 1.00 -5.23 4.21
CA VAL A 50 0.67 -6.06 5.35
C VAL A 50 1.92 -6.82 5.80
N CYS A 51 2.19 -6.78 7.09
CA CYS A 51 3.37 -7.45 7.61
C CYS A 51 2.98 -8.77 8.28
N SER A 52 1.76 -8.83 8.78
CA SER A 52 1.27 -10.04 9.44
C SER A 52 -0.24 -9.97 9.64
N GLY A 53 -0.91 -11.11 9.48
CA GLY A 53 -2.36 -11.17 9.64
C GLY A 53 -3.02 -11.61 8.34
N SER A 54 -4.31 -11.31 8.19
CA SER A 54 -5.02 -11.70 6.97
C SER A 54 -6.20 -10.77 6.70
N MET A 55 -6.40 -10.43 5.43
CA MET A 55 -7.51 -9.56 5.06
C MET A 55 -7.94 -9.81 3.62
N GLU A 56 -9.12 -9.32 3.27
CA GLU A 56 -9.64 -9.51 1.93
C GLU A 56 -10.81 -8.56 1.66
N VAL A 57 -11.05 -8.27 0.38
CA VAL A 57 -12.15 -7.40 -0.01
C VAL A 57 -13.35 -8.26 -0.39
N LEU A 58 -14.52 -7.95 0.16
CA LEU A 58 -15.73 -8.73 -0.09
C LEU A 58 -16.71 -8.03 -1.03
N LYS A 59 -17.11 -8.74 -2.09
CA LYS A 59 -18.07 -8.23 -3.04
C LYS A 59 -18.67 -9.39 -3.86
N ASP A 60 -19.96 -9.29 -4.17
CA ASP A 60 -20.64 -10.34 -4.93
C ASP A 60 -20.59 -11.68 -4.21
N ASN A 61 -20.82 -11.65 -2.90
CA ASN A 61 -20.83 -12.87 -2.10
C ASN A 61 -19.45 -13.53 -2.02
N THR A 62 -18.54 -13.11 -2.89
CA THR A 62 -17.20 -13.67 -2.89
C THR A 62 -16.16 -12.59 -2.65
N VAL A 63 -15.01 -13.01 -2.17
CA VAL A 63 -13.93 -12.09 -1.92
C VAL A 63 -13.37 -11.59 -3.24
N LEU A 64 -13.39 -10.28 -3.46
CA LEU A 64 -12.88 -9.72 -4.70
C LEU A 64 -11.36 -9.77 -4.68
N ALA A 65 -10.80 -9.96 -3.50
CA ALA A 65 -9.35 -10.06 -3.35
C ALA A 65 -9.00 -10.85 -2.10
N ILE A 66 -8.07 -11.78 -2.24
CA ILE A 66 -7.63 -12.60 -1.12
C ILE A 66 -6.14 -12.42 -0.89
N LEU A 67 -5.76 -11.70 0.17
CA LEU A 67 -4.34 -11.48 0.44
C LEU A 67 -3.98 -11.75 1.90
N GLY A 68 -2.69 -11.94 2.15
CA GLY A 68 -2.21 -12.21 3.51
C GLY A 68 -0.90 -11.48 3.80
N LYS A 69 -0.13 -12.05 4.73
CA LYS A 69 1.14 -11.48 5.15
C LYS A 69 2.03 -11.08 3.97
N GLY A 70 2.50 -9.84 4.00
CA GLY A 70 3.41 -9.33 2.97
C GLY A 70 2.63 -8.79 1.76
N ASP A 71 1.34 -9.03 1.73
CA ASP A 71 0.52 -8.57 0.62
C ASP A 71 0.56 -7.05 0.51
N LEU A 72 -0.02 -6.54 -0.58
CA LEU A 72 -0.06 -5.10 -0.81
C LEU A 72 -1.41 -4.70 -1.37
N ILE A 73 -1.94 -3.58 -0.90
CA ILE A 73 -3.23 -3.10 -1.36
C ILE A 73 -3.06 -1.79 -2.13
N GLY A 74 -3.64 -1.75 -3.32
CA GLY A 74 -3.57 -0.57 -4.17
C GLY A 74 -3.26 -0.98 -5.61
N SER A 75 -3.74 -0.18 -6.56
CA SER A 75 -3.52 -0.48 -7.98
C SER A 75 -2.09 -0.14 -8.39
N ASP A 76 -1.51 -1.02 -9.20
CA ASP A 76 -0.14 -0.81 -9.67
C ASP A 76 -0.11 0.37 -10.63
N SER A 77 1.02 0.55 -11.31
CA SER A 77 1.17 1.65 -12.25
C SER A 77 1.08 2.98 -11.51
N LEU A 78 1.72 3.04 -10.35
CA LEU A 78 1.70 4.26 -9.54
C LEU A 78 2.05 5.48 -10.41
N THR A 79 2.49 5.22 -11.63
CA THR A 79 2.86 6.30 -12.54
C THR A 79 1.62 6.84 -13.25
N LYS A 80 0.47 6.23 -12.96
CA LYS A 80 -0.79 6.64 -13.56
C LYS A 80 -1.38 7.84 -12.82
N GLU A 81 -0.88 8.08 -11.60
CA GLU A 81 -1.36 9.18 -10.79
C GLU A 81 -2.73 9.65 -11.23
N GLN A 82 -3.77 9.06 -10.66
CA GLN A 82 -5.14 9.42 -11.01
C GLN A 82 -6.09 9.07 -9.87
N VAL A 83 -7.33 9.50 -10.00
CA VAL A 83 -8.34 9.25 -8.97
C VAL A 83 -8.87 7.81 -9.06
N ILE A 84 -8.54 7.01 -8.06
CA ILE A 84 -8.99 5.62 -8.03
C ILE A 84 -9.95 5.41 -6.87
N LYS A 85 -10.98 4.60 -7.08
CA LYS A 85 -11.96 4.34 -6.04
C LYS A 85 -12.22 2.84 -5.93
N THR A 86 -12.18 2.34 -4.70
CA THR A 86 -12.42 0.92 -4.46
C THR A 86 -13.91 0.61 -4.54
N ASN A 87 -14.28 -0.23 -5.51
CA ASN A 87 -15.67 -0.59 -5.74
C ASN A 87 -16.17 -1.69 -4.79
N ALA A 88 -15.24 -2.48 -4.27
CA ALA A 88 -15.62 -3.56 -3.35
C ALA A 88 -15.56 -3.08 -1.92
N ASN A 89 -15.67 -4.01 -0.98
CA ASN A 89 -15.61 -3.68 0.45
C ASN A 89 -14.39 -4.36 1.05
N VAL A 90 -13.66 -3.67 1.92
CA VAL A 90 -12.49 -4.28 2.52
C VAL A 90 -12.82 -4.73 3.93
N LYS A 91 -12.47 -5.97 4.22
CA LYS A 91 -12.72 -6.53 5.55
C LYS A 91 -11.55 -7.41 5.98
N ALA A 92 -10.90 -7.02 7.07
CA ALA A 92 -9.78 -7.80 7.59
C ALA A 92 -10.31 -9.08 8.22
N LEU A 93 -9.84 -10.21 7.70
CA LEU A 93 -10.28 -11.51 8.19
C LEU A 93 -9.67 -11.80 9.55
N THR A 94 -8.36 -11.58 9.67
CA THR A 94 -7.65 -11.80 10.92
C THR A 94 -6.86 -10.55 11.27
N TYR A 95 -6.71 -10.29 12.57
CA TYR A 95 -5.98 -9.11 13.00
C TYR A 95 -4.66 -8.99 12.25
N CYS A 96 -4.49 -7.87 11.56
CA CYS A 96 -3.27 -7.66 10.80
C CYS A 96 -2.78 -6.22 10.92
N ASP A 97 -1.46 -6.07 10.94
CA ASP A 97 -0.85 -4.75 11.02
C ASP A 97 -0.46 -4.31 9.63
N LEU A 98 -0.88 -3.10 9.25
CA LEU A 98 -0.57 -2.60 7.92
C LEU A 98 0.05 -1.21 7.96
N GLN A 99 1.07 -1.02 7.12
CA GLN A 99 1.73 0.26 7.01
C GLN A 99 1.33 0.90 5.70
N TYR A 100 1.13 2.20 5.68
CA TYR A 100 0.73 2.88 4.46
C TYR A 100 1.08 4.35 4.51
N ILE A 101 1.18 4.95 3.34
CA ILE A 101 1.53 6.35 3.25
C ILE A 101 0.98 6.97 1.98
N SER A 102 0.57 8.23 2.08
CA SER A 102 0.00 8.94 0.94
C SER A 102 1.00 9.04 -0.20
N LEU A 103 0.51 8.84 -1.42
CA LEU A 103 1.36 8.90 -2.60
C LEU A 103 2.12 10.22 -2.63
N LYS A 104 1.48 11.29 -2.17
CA LYS A 104 2.12 12.60 -2.14
C LYS A 104 3.27 12.62 -1.13
N GLY A 105 2.99 12.15 0.07
CA GLY A 105 4.00 12.10 1.13
C GLY A 105 5.19 11.25 0.71
N LEU A 106 4.88 10.08 0.15
CA LEU A 106 5.92 9.15 -0.28
C LEU A 106 6.68 9.67 -1.49
N ARG A 107 5.98 10.23 -2.45
CA ARG A 107 6.64 10.74 -3.65
C ARG A 107 7.49 11.99 -3.39
N GLU A 108 7.09 12.78 -2.40
CA GLU A 108 7.82 14.01 -2.09
C GLU A 108 9.19 13.64 -1.53
N VAL A 109 9.15 12.80 -0.52
CA VAL A 109 10.36 12.31 0.11
C VAL A 109 11.24 11.67 -0.95
N LEU A 110 10.65 10.76 -1.69
CA LEU A 110 11.36 10.10 -2.76
C LEU A 110 11.83 11.15 -3.76
N ARG A 111 11.07 12.25 -3.87
CA ARG A 111 11.47 13.33 -4.76
C ARG A 111 12.89 13.74 -4.41
N LEU A 112 13.20 13.69 -3.11
CA LEU A 112 14.54 14.02 -2.67
C LEU A 112 15.49 13.01 -3.31
N TYR A 113 14.95 11.83 -3.58
CA TYR A 113 15.71 10.77 -4.25
C TYR A 113 15.03 10.44 -5.58
N PRO A 114 15.31 11.21 -6.61
CA PRO A 114 14.68 11.07 -7.96
C PRO A 114 14.95 9.73 -8.67
N GLU A 115 16.18 9.22 -8.60
CA GLU A 115 16.49 7.97 -9.30
C GLU A 115 15.65 6.81 -8.76
N TYR A 116 15.70 6.62 -7.45
CA TYR A 116 14.94 5.55 -6.82
C TYR A 116 13.47 5.89 -6.81
N ALA A 117 13.17 7.17 -6.68
CA ALA A 117 11.79 7.63 -6.63
C ALA A 117 11.06 7.37 -7.93
N GLN A 118 11.57 7.93 -9.01
CA GLN A 118 10.93 7.73 -10.29
C GLN A 118 10.76 6.23 -10.51
N LYS A 119 11.72 5.47 -10.00
CA LYS A 119 11.67 4.02 -10.11
C LYS A 119 10.64 3.41 -9.14
N PHE A 120 10.36 4.11 -8.03
CA PHE A 120 9.42 3.59 -7.04
C PHE A 120 8.03 3.33 -7.62
N VAL A 121 7.51 4.28 -8.38
CA VAL A 121 6.19 4.10 -8.97
C VAL A 121 6.11 2.79 -9.74
N SER A 122 7.17 2.46 -10.48
CA SER A 122 7.21 1.23 -11.25
C SER A 122 7.71 0.06 -10.40
N GLU A 123 8.69 0.33 -9.54
CA GLU A 123 9.27 -0.71 -8.69
C GLU A 123 8.19 -1.34 -7.81
N ILE A 124 7.25 -0.53 -7.34
CA ILE A 124 6.19 -1.02 -6.49
C ILE A 124 5.44 -2.17 -7.16
N GLN A 125 5.35 -2.12 -8.48
CA GLN A 125 4.67 -3.16 -9.23
C GLN A 125 5.40 -4.49 -9.08
N HIS A 126 6.72 -4.40 -8.92
CA HIS A 126 7.53 -5.60 -8.76
C HIS A 126 7.22 -6.28 -7.43
N ASP A 127 7.12 -5.48 -6.37
CA ASP A 127 6.83 -6.02 -5.05
C ASP A 127 5.34 -5.95 -4.75
N LEU A 128 4.56 -5.53 -5.75
CA LEU A 128 3.12 -5.43 -5.58
C LEU A 128 2.48 -6.81 -5.51
N THR A 129 1.64 -7.03 -4.51
CA THR A 129 0.97 -8.32 -4.35
C THR A 129 -0.42 -8.28 -4.97
N TYR A 130 -1.18 -7.23 -4.69
CA TYR A 130 -2.52 -7.11 -5.24
C TYR A 130 -2.76 -5.72 -5.82
N ASN A 131 -3.36 -5.67 -6.99
CA ASN A 131 -3.65 -4.40 -7.66
C ASN A 131 -5.12 -4.03 -7.49
N LEU A 132 -5.38 -2.97 -6.75
CA LEU A 132 -6.76 -2.52 -6.54
C LEU A 132 -7.21 -1.67 -7.71
N ARG A 133 -8.21 -2.15 -8.45
CA ARG A 133 -8.72 -1.41 -9.59
C ARG A 133 -10.04 -0.74 -9.24
N GLU A 134 -10.34 0.37 -9.93
CA GLU A 134 -11.58 1.09 -9.69
C GLU A 134 -12.69 0.55 -10.57
N GLY A 135 -13.93 0.64 -10.08
CA GLY A 135 -15.08 0.16 -10.84
C GLY A 135 -15.24 -1.35 -10.68
N MET A 1 17.31 -7.03 13.34
CA MET A 1 17.32 -8.41 12.84
C MET A 1 16.01 -8.72 12.12
N ASN A 2 14.90 -8.68 12.85
CA ASN A 2 13.61 -8.97 12.26
C ASN A 2 13.50 -8.33 10.87
N LYS A 3 14.37 -7.36 10.59
CA LYS A 3 14.36 -6.68 9.31
C LYS A 3 13.00 -6.07 9.04
N GLU A 4 12.94 -4.73 9.09
CA GLU A 4 11.69 -4.03 8.85
C GLU A 4 11.14 -4.37 7.46
N LEU A 5 9.85 -4.19 7.28
CA LEU A 5 9.21 -4.49 6.00
C LEU A 5 9.68 -3.52 4.93
N LEU A 6 10.16 -2.36 5.34
CA LEU A 6 10.62 -1.38 4.36
C LEU A 6 11.63 -1.96 3.39
N GLN A 7 11.73 -3.27 3.32
CA GLN A 7 12.66 -3.87 2.40
C GLN A 7 12.28 -3.40 1.01
N LEU A 8 11.07 -2.87 0.91
CA LEU A 8 10.61 -2.36 -0.37
C LEU A 8 11.73 -1.47 -0.95
N PRO A 9 12.23 -1.80 -2.11
CA PRO A 9 13.34 -1.08 -2.78
C PRO A 9 13.33 0.45 -2.70
N LEU A 10 12.22 1.08 -2.35
CA LEU A 10 12.23 2.55 -2.35
C LEU A 10 13.03 3.11 -1.22
N PHE A 11 12.79 2.61 -0.03
CA PHE A 11 13.50 3.13 1.11
C PHE A 11 14.51 2.13 1.67
N GLU A 12 14.60 0.97 1.05
CA GLU A 12 15.53 -0.06 1.50
C GLU A 12 16.96 0.32 1.12
N SER A 13 17.13 0.86 -0.09
CA SER A 13 18.45 1.24 -0.57
C SER A 13 18.64 2.76 -0.60
N ALA A 14 17.75 3.50 0.06
CA ALA A 14 17.87 4.94 0.08
C ALA A 14 18.63 5.38 1.31
N SER A 15 19.35 6.47 1.20
CA SER A 15 20.08 6.97 2.36
C SER A 15 19.06 7.25 3.44
N ARG A 16 19.44 7.05 4.69
CA ARG A 16 18.48 7.29 5.75
C ARG A 16 17.79 8.61 5.50
N GLY A 17 18.41 9.43 4.66
CA GLY A 17 17.84 10.72 4.30
C GLY A 17 16.49 10.54 3.64
N CYS A 18 16.38 9.60 2.70
CA CYS A 18 15.12 9.36 2.04
C CYS A 18 14.14 8.71 2.99
N LEU A 19 14.62 7.74 3.77
CA LEU A 19 13.73 7.10 4.72
C LEU A 19 13.18 8.15 5.68
N ARG A 20 13.98 9.16 5.96
CA ARG A 20 13.54 10.25 6.82
C ARG A 20 12.50 11.05 6.06
N SER A 21 12.68 11.11 4.74
CA SER A 21 11.74 11.80 3.87
C SER A 21 10.39 11.09 3.92
N LEU A 22 10.39 9.79 3.66
CA LEU A 22 9.16 9.04 3.74
C LEU A 22 8.60 9.12 5.14
N SER A 23 9.48 8.95 6.12
CA SER A 23 9.06 8.99 7.51
C SER A 23 8.41 10.33 7.83
N LEU A 24 8.85 11.38 7.15
CA LEU A 24 8.24 12.68 7.38
C LEU A 24 6.75 12.57 7.10
N ILE A 25 6.40 11.69 6.14
CA ILE A 25 4.98 11.50 5.80
C ILE A 25 4.52 10.06 6.01
N ILE A 26 5.20 9.31 6.87
CA ILE A 26 4.84 7.93 7.14
C ILE A 26 3.47 7.84 7.79
N LYS A 27 2.62 6.96 7.26
CA LYS A 27 1.29 6.77 7.84
C LYS A 27 1.11 5.31 8.26
N THR A 28 0.24 5.07 9.23
CA THR A 28 0.01 3.70 9.71
C THR A 28 -1.48 3.36 9.72
N SER A 29 -1.79 2.10 9.41
CA SER A 29 -3.18 1.63 9.39
C SER A 29 -3.27 0.24 10.00
N PHE A 30 -4.29 0.00 10.82
CA PHE A 30 -4.44 -1.30 11.47
C PHE A 30 -5.86 -1.83 11.30
N CYS A 31 -5.96 -3.13 10.98
CA CYS A 31 -7.26 -3.77 10.81
C CYS A 31 -7.42 -4.92 11.80
N ALA A 32 -8.66 -5.22 12.15
CA ALA A 32 -8.93 -6.30 13.09
C ALA A 32 -9.74 -7.42 12.43
N PRO A 33 -9.91 -8.54 13.11
CA PRO A 33 -10.69 -9.69 12.57
C PRO A 33 -12.12 -9.27 12.23
N GLY A 34 -12.50 -9.46 10.97
CA GLY A 34 -13.85 -9.09 10.54
C GLY A 34 -14.00 -7.58 10.49
N GLU A 35 -12.90 -6.87 10.76
CA GLU A 35 -12.93 -5.41 10.75
C GLU A 35 -13.02 -4.85 9.34
N PHE A 36 -13.98 -3.95 9.11
CA PHE A 36 -14.18 -3.35 7.80
C PHE A 36 -13.27 -2.14 7.59
N LEU A 37 -12.36 -2.25 6.62
CA LEU A 37 -11.45 -1.16 6.33
C LEU A 37 -12.01 -0.26 5.23
N ILE A 38 -12.42 -0.87 4.11
CA ILE A 38 -12.96 -0.09 3.01
C ILE A 38 -14.42 -0.44 2.74
N ARG A 39 -15.17 0.55 2.26
CA ARG A 39 -16.57 0.33 1.95
C ARG A 39 -16.87 0.87 0.55
N GLN A 40 -17.02 -0.06 -0.39
CA GLN A 40 -17.32 0.28 -1.79
C GLN A 40 -17.64 1.75 -1.98
N GLY A 41 -16.99 2.37 -2.97
CA GLY A 41 -17.23 3.78 -3.26
C GLY A 41 -16.25 4.68 -2.50
N ASP A 42 -15.29 4.07 -1.83
CA ASP A 42 -14.31 4.84 -1.06
C ASP A 42 -13.29 5.49 -1.97
N ALA A 43 -12.33 6.18 -1.37
CA ALA A 43 -11.28 6.85 -2.12
C ALA A 43 -9.91 6.31 -1.72
N LEU A 44 -9.34 5.48 -2.59
CA LEU A 44 -8.03 4.91 -2.32
C LEU A 44 -6.92 5.83 -2.82
N GLN A 45 -6.12 6.34 -1.89
CA GLN A 45 -5.02 7.23 -2.25
C GLN A 45 -3.69 6.70 -1.72
N ALA A 46 -3.72 6.21 -0.47
CA ALA A 46 -2.51 5.67 0.14
C ALA A 46 -2.35 4.19 -0.18
N ILE A 47 -1.11 3.71 -0.10
CA ILE A 47 -0.82 2.31 -0.37
C ILE A 47 -0.43 1.62 0.94
N TYR A 48 -1.09 0.49 1.24
CA TYR A 48 -0.79 -0.22 2.48
C TYR A 48 -0.16 -1.59 2.23
N PHE A 49 0.73 -2.00 3.13
CA PHE A 49 1.35 -3.31 3.04
C PHE A 49 0.96 -4.11 4.27
N VAL A 50 0.74 -5.40 4.11
CA VAL A 50 0.40 -6.23 5.23
C VAL A 50 1.63 -7.02 5.66
N CYS A 51 1.92 -7.00 6.96
CA CYS A 51 3.10 -7.71 7.45
C CYS A 51 2.70 -9.03 8.12
N SER A 52 1.51 -9.05 8.71
CA SER A 52 1.01 -10.24 9.38
C SER A 52 -0.50 -10.17 9.57
N GLY A 53 -1.16 -11.32 9.52
CA GLY A 53 -2.60 -11.38 9.68
C GLY A 53 -3.27 -11.78 8.36
N SER A 54 -4.55 -11.45 8.22
CA SER A 54 -5.27 -11.82 6.99
C SER A 54 -6.42 -10.85 6.71
N MET A 55 -6.65 -10.59 5.43
CA MET A 55 -7.74 -9.69 5.03
C MET A 55 -8.15 -9.97 3.59
N GLU A 56 -9.28 -9.41 3.18
CA GLU A 56 -9.76 -9.62 1.82
C GLU A 56 -10.84 -8.60 1.43
N VAL A 57 -11.02 -8.42 0.13
CA VAL A 57 -12.02 -7.49 -0.38
C VAL A 57 -13.31 -8.25 -0.68
N LEU A 58 -14.43 -7.78 -0.11
CA LEU A 58 -15.72 -8.45 -0.26
C LEU A 58 -16.67 -7.71 -1.21
N LYS A 59 -17.11 -8.41 -2.25
CA LYS A 59 -18.05 -7.86 -3.22
C LYS A 59 -18.68 -8.98 -4.05
N ASP A 60 -19.96 -8.82 -4.39
CA ASP A 60 -20.70 -9.81 -5.18
C ASP A 60 -20.77 -11.18 -4.48
N ASN A 61 -21.08 -11.15 -3.19
CA ASN A 61 -21.23 -12.38 -2.40
C ASN A 61 -19.91 -13.13 -2.24
N THR A 62 -18.91 -12.77 -3.02
CA THR A 62 -17.61 -13.42 -2.92
C THR A 62 -16.51 -12.40 -2.78
N VAL A 63 -15.40 -12.83 -2.20
CA VAL A 63 -14.27 -11.96 -2.03
C VAL A 63 -13.62 -11.69 -3.37
N LEU A 64 -13.49 -10.42 -3.72
CA LEU A 64 -12.88 -10.07 -4.99
C LEU A 64 -11.38 -10.28 -4.91
N ALA A 65 -10.88 -10.41 -3.67
CA ALA A 65 -9.45 -10.65 -3.49
C ALA A 65 -9.20 -11.31 -2.14
N ILE A 66 -8.37 -12.35 -2.16
CA ILE A 66 -8.04 -13.07 -0.94
C ILE A 66 -6.53 -13.00 -0.70
N LEU A 67 -6.09 -12.23 0.30
CA LEU A 67 -4.66 -12.11 0.56
C LEU A 67 -4.33 -12.30 2.04
N GLY A 68 -3.04 -12.55 2.31
CA GLY A 68 -2.58 -12.76 3.69
C GLY A 68 -1.33 -11.95 4.00
N LYS A 69 -0.53 -12.45 4.94
CA LYS A 69 0.70 -11.79 5.36
C LYS A 69 1.60 -11.40 4.19
N GLY A 70 2.11 -10.18 4.26
CA GLY A 70 3.02 -9.66 3.24
C GLY A 70 2.26 -9.04 2.06
N ASP A 71 1.00 -9.42 1.90
CA ASP A 71 0.22 -8.88 0.80
C ASP A 71 0.36 -7.38 0.74
N LEU A 72 -0.16 -6.78 -0.33
CA LEU A 72 -0.07 -5.34 -0.49
C LEU A 72 -1.34 -4.78 -1.14
N ILE A 73 -1.77 -3.64 -0.63
CA ILE A 73 -2.97 -2.98 -1.13
C ILE A 73 -2.61 -1.76 -1.98
N GLY A 74 -3.36 -1.58 -3.06
CA GLY A 74 -3.16 -0.44 -3.95
C GLY A 74 -2.93 -0.89 -5.39
N SER A 75 -3.41 -0.07 -6.32
CA SER A 75 -3.26 -0.38 -7.74
C SER A 75 -1.84 -0.06 -8.22
N ASP A 76 -1.41 -0.77 -9.25
CA ASP A 76 -0.07 -0.55 -9.81
C ASP A 76 -0.05 0.70 -10.67
N SER A 77 1.05 0.90 -11.39
CA SER A 77 1.17 2.08 -12.26
C SER A 77 1.09 3.36 -11.43
N LEU A 78 1.76 3.34 -10.28
CA LEU A 78 1.76 4.52 -9.40
C LEU A 78 2.10 5.77 -10.18
N THR A 79 2.90 5.62 -11.23
CA THR A 79 3.28 6.76 -12.06
C THR A 79 2.06 7.39 -12.72
N LYS A 80 1.00 6.61 -12.85
CA LYS A 80 -0.23 7.09 -13.47
C LYS A 80 -1.06 7.88 -12.45
N GLU A 81 -0.39 8.51 -11.50
CA GLU A 81 -1.07 9.29 -10.47
C GLU A 81 -2.45 9.75 -10.95
N GLN A 82 -3.46 8.93 -10.68
CA GLN A 82 -4.82 9.25 -11.09
C GLN A 82 -5.80 8.99 -9.94
N VAL A 83 -7.06 9.38 -10.14
CA VAL A 83 -8.07 9.19 -9.11
C VAL A 83 -8.41 7.71 -8.96
N ILE A 84 -8.22 7.18 -7.75
CA ILE A 84 -8.51 5.78 -7.49
C ILE A 84 -9.55 5.65 -6.40
N LYS A 85 -10.68 5.01 -6.72
CA LYS A 85 -11.75 4.81 -5.77
C LYS A 85 -12.03 3.32 -5.60
N THR A 86 -12.24 2.90 -4.36
CA THR A 86 -12.51 1.50 -4.09
C THR A 86 -13.97 1.17 -4.39
N ASN A 87 -14.19 0.27 -5.35
CA ASN A 87 -15.54 -0.13 -5.72
C ASN A 87 -16.05 -1.23 -4.80
N ALA A 88 -15.15 -2.09 -4.34
CA ALA A 88 -15.53 -3.18 -3.45
C ALA A 88 -15.34 -2.78 -2.00
N ASN A 89 -15.46 -3.74 -1.10
CA ASN A 89 -15.30 -3.48 0.31
C ASN A 89 -14.09 -4.27 0.82
N VAL A 90 -13.60 -3.93 2.01
CA VAL A 90 -12.46 -4.59 2.57
C VAL A 90 -12.74 -4.93 4.02
N LYS A 91 -12.45 -6.17 4.39
CA LYS A 91 -12.66 -6.60 5.75
C LYS A 91 -11.52 -7.52 6.19
N ALA A 92 -10.81 -7.11 7.23
CA ALA A 92 -9.72 -7.91 7.74
C ALA A 92 -10.29 -9.19 8.33
N LEU A 93 -9.87 -10.33 7.79
CA LEU A 93 -10.36 -11.62 8.26
C LEU A 93 -9.79 -11.92 9.63
N THR A 94 -8.50 -11.71 9.78
CA THR A 94 -7.82 -11.94 11.04
C THR A 94 -7.00 -10.70 11.40
N TYR A 95 -6.83 -10.46 12.70
CA TYR A 95 -6.07 -9.28 13.13
C TYR A 95 -4.78 -9.18 12.34
N CYS A 96 -4.65 -8.08 11.60
CA CYS A 96 -3.45 -7.86 10.79
C CYS A 96 -2.94 -6.44 10.95
N ASP A 97 -1.63 -6.31 10.91
CA ASP A 97 -1.00 -4.99 11.02
C ASP A 97 -0.58 -4.51 9.65
N LEU A 98 -0.99 -3.30 9.28
CA LEU A 98 -0.66 -2.76 7.98
C LEU A 98 -0.03 -1.38 8.09
N GLN A 99 0.82 -1.05 7.13
CA GLN A 99 1.47 0.24 7.11
C GLN A 99 1.20 0.89 5.76
N TYR A 100 0.80 2.15 5.78
CA TYR A 100 0.52 2.86 4.53
C TYR A 100 1.01 4.29 4.57
N ILE A 101 0.97 4.91 3.40
CA ILE A 101 1.41 6.29 3.26
C ILE A 101 0.67 6.93 2.10
N SER A 102 0.58 8.25 2.12
CA SER A 102 -0.10 8.94 1.03
C SER A 102 0.79 8.95 -0.20
N LEU A 103 0.27 8.46 -1.31
CA LEU A 103 1.03 8.41 -2.55
C LEU A 103 1.67 9.77 -2.82
N LYS A 104 0.96 10.83 -2.48
CA LYS A 104 1.48 12.18 -2.67
C LYS A 104 2.66 12.41 -1.73
N GLY A 105 2.55 11.89 -0.51
CA GLY A 105 3.60 12.04 0.49
C GLY A 105 4.87 11.33 0.06
N LEU A 106 4.71 10.09 -0.42
CA LEU A 106 5.85 9.28 -0.84
C LEU A 106 6.57 9.87 -2.04
N ARG A 107 5.82 10.32 -3.02
CA ARG A 107 6.43 10.86 -4.24
C ARG A 107 7.15 12.18 -3.99
N GLU A 108 6.68 12.96 -3.03
CA GLU A 108 7.30 14.26 -2.73
C GLU A 108 8.68 14.02 -2.15
N VAL A 109 8.72 13.19 -1.13
CA VAL A 109 9.97 12.82 -0.48
C VAL A 109 10.90 12.23 -1.53
N LEU A 110 10.34 11.34 -2.32
CA LEU A 110 11.09 10.71 -3.39
C LEU A 110 11.48 11.77 -4.41
N ARG A 111 10.68 12.83 -4.49
CA ARG A 111 11.00 13.92 -5.39
C ARG A 111 12.38 14.42 -5.05
N LEU A 112 12.70 14.40 -3.75
CA LEU A 112 14.00 14.80 -3.29
C LEU A 112 15.03 13.85 -3.90
N TYR A 113 14.60 12.61 -4.09
CA TYR A 113 15.45 11.59 -4.72
C TYR A 113 14.82 11.14 -6.05
N PRO A 114 15.10 11.85 -7.10
CA PRO A 114 14.53 11.58 -8.47
C PRO A 114 14.92 10.23 -9.08
N GLU A 115 16.17 9.83 -8.95
CA GLU A 115 16.61 8.56 -9.55
C GLU A 115 15.89 7.39 -8.92
N TYR A 116 15.94 7.32 -7.59
CA TYR A 116 15.29 6.25 -6.86
C TYR A 116 13.79 6.40 -6.93
N ALA A 117 13.33 7.65 -6.96
CA ALA A 117 11.91 7.94 -7.00
C ALA A 117 11.27 7.47 -8.29
N GLN A 118 11.74 7.96 -9.41
CA GLN A 118 11.18 7.55 -10.68
C GLN A 118 11.20 6.04 -10.74
N LYS A 119 12.20 5.45 -10.09
CA LYS A 119 12.34 4.01 -10.02
C LYS A 119 11.32 3.39 -9.05
N PHE A 120 10.86 4.17 -8.07
CA PHE A 120 9.92 3.65 -7.07
C PHE A 120 8.62 3.18 -7.69
N VAL A 121 8.09 3.92 -8.64
CA VAL A 121 6.84 3.54 -9.27
C VAL A 121 7.01 2.22 -10.03
N SER A 122 8.18 2.04 -10.64
CA SER A 122 8.47 0.82 -11.39
C SER A 122 9.00 -0.28 -10.49
N GLU A 123 9.68 0.11 -9.41
CA GLU A 123 10.24 -0.87 -8.49
C GLU A 123 9.14 -1.52 -7.65
N ILE A 124 8.08 -0.77 -7.41
CA ILE A 124 6.97 -1.29 -6.61
C ILE A 124 6.41 -2.58 -7.23
N GLN A 125 6.34 -2.63 -8.56
CA GLN A 125 5.82 -3.80 -9.24
C GLN A 125 6.47 -5.06 -8.71
N HIS A 126 7.72 -4.95 -8.28
CA HIS A 126 8.45 -6.09 -7.75
C HIS A 126 7.89 -6.52 -6.40
N ASP A 127 7.16 -5.61 -5.75
CA ASP A 127 6.58 -5.91 -4.44
C ASP A 127 5.07 -5.77 -4.47
N LEU A 128 4.48 -5.83 -5.66
CA LEU A 128 3.04 -5.70 -5.80
C LEU A 128 2.34 -7.05 -5.59
N THR A 129 1.32 -7.05 -4.74
CA THR A 129 0.57 -8.27 -4.45
C THR A 129 -0.79 -8.22 -5.14
N TYR A 130 -1.58 -7.21 -4.79
CA TYR A 130 -2.90 -7.05 -5.38
C TYR A 130 -3.10 -5.60 -5.81
N ASN A 131 -3.49 -5.41 -7.07
CA ASN A 131 -3.69 -4.08 -7.60
C ASN A 131 -5.14 -3.63 -7.42
N LEU A 132 -5.37 -2.73 -6.47
CA LEU A 132 -6.72 -2.22 -6.24
C LEU A 132 -7.12 -1.33 -7.40
N ARG A 133 -8.11 -1.76 -8.17
CA ARG A 133 -8.56 -0.98 -9.32
C ARG A 133 -9.89 -0.28 -9.03
N GLU A 134 -10.13 0.83 -9.71
CA GLU A 134 -11.36 1.59 -9.52
C GLU A 134 -12.51 0.93 -10.28
N GLY A 135 -13.70 1.02 -9.72
CA GLY A 135 -14.89 0.43 -10.36
C GLY A 135 -14.77 -1.09 -10.41
N MET A 1 11.38 -0.39 16.72
CA MET A 1 10.50 -1.40 17.28
C MET A 1 10.04 -2.37 16.19
N ASN A 2 10.18 -1.94 14.94
CA ASN A 2 9.78 -2.79 13.82
C ASN A 2 10.24 -2.17 12.49
N LYS A 3 10.92 -2.98 11.68
CA LYS A 3 11.42 -2.49 10.38
C LYS A 3 10.25 -2.03 9.50
N GLU A 4 10.27 -0.76 9.14
CA GLU A 4 9.22 -0.20 8.29
C GLU A 4 9.18 -0.90 6.94
N LEU A 5 8.06 -0.77 6.23
CA LEU A 5 7.91 -1.41 4.93
C LEU A 5 8.82 -0.78 3.89
N LEU A 6 9.20 0.48 4.10
CA LEU A 6 10.07 1.15 3.14
C LEU A 6 11.31 0.33 2.85
N GLN A 7 11.32 -0.93 3.26
CA GLN A 7 12.47 -1.78 3.00
C GLN A 7 12.60 -1.95 1.50
N LEU A 8 11.58 -1.51 0.77
CA LEU A 8 11.61 -1.60 -0.69
C LEU A 8 12.76 -0.77 -1.25
N PRO A 9 13.32 -1.20 -2.36
CA PRO A 9 14.46 -0.51 -3.03
C PRO A 9 14.34 1.02 -3.09
N LEU A 10 13.15 1.56 -2.88
CA LEU A 10 12.99 3.02 -2.99
C LEU A 10 13.98 3.77 -2.14
N PHE A 11 14.12 3.39 -0.89
CA PHE A 11 15.04 4.08 -0.01
C PHE A 11 16.41 3.40 0.03
N GLU A 12 16.41 2.07 0.03
CA GLU A 12 17.65 1.30 0.08
C GLU A 12 18.60 1.77 -1.02
N SER A 13 18.05 2.27 -2.10
CA SER A 13 18.85 2.74 -3.22
C SER A 13 18.94 4.27 -3.18
N ALA A 14 18.30 4.87 -2.18
CA ALA A 14 18.32 6.32 -2.04
C ALA A 14 19.18 6.71 -0.86
N SER A 15 19.64 7.94 -0.86
CA SER A 15 20.42 8.41 0.27
C SER A 15 19.55 8.32 1.51
N ARG A 16 20.14 7.97 2.63
CA ARG A 16 19.35 7.86 3.84
C ARG A 16 18.46 9.10 3.93
N GLY A 17 18.86 10.13 3.18
CA GLY A 17 18.09 11.36 3.14
C GLY A 17 16.67 11.08 2.66
N CYS A 18 16.55 10.20 1.67
CA CYS A 18 15.22 9.86 1.16
C CYS A 18 14.49 9.06 2.21
N LEU A 19 15.26 8.30 2.99
CA LEU A 19 14.66 7.51 4.04
C LEU A 19 14.11 8.44 5.11
N ARG A 20 14.81 9.55 5.33
CA ARG A 20 14.36 10.57 6.27
C ARG A 20 13.15 11.25 5.68
N SER A 21 13.24 11.45 4.38
CA SER A 21 12.17 12.05 3.60
C SER A 21 10.90 11.21 3.73
N LEU A 22 11.03 9.92 3.49
CA LEU A 22 9.88 9.04 3.62
C LEU A 22 9.38 9.03 5.06
N SER A 23 10.31 8.76 5.98
CA SER A 23 9.95 8.70 7.37
C SER A 23 9.30 10.00 7.82
N LEU A 24 9.67 11.10 7.18
CA LEU A 24 9.06 12.37 7.50
C LEU A 24 7.55 12.24 7.28
N ILE A 25 7.18 11.43 6.30
CA ILE A 25 5.75 11.23 6.01
C ILE A 25 5.30 9.78 6.18
N ILE A 26 6.05 8.99 6.97
CA ILE A 26 5.71 7.60 7.20
C ILE A 26 4.40 7.48 7.99
N LYS A 27 3.46 6.69 7.47
CA LYS A 27 2.19 6.49 8.18
C LYS A 27 1.97 5.02 8.48
N THR A 28 1.14 4.72 9.48
CA THR A 28 0.87 3.33 9.84
C THR A 28 -0.58 3.15 10.29
N SER A 29 -1.29 2.23 9.63
CA SER A 29 -2.69 1.95 9.97
C SER A 29 -2.85 0.52 10.47
N PHE A 30 -3.93 0.24 11.18
CA PHE A 30 -4.16 -1.11 11.70
C PHE A 30 -5.59 -1.58 11.42
N CYS A 31 -5.80 -2.89 11.44
CA CYS A 31 -7.12 -3.46 11.19
C CYS A 31 -7.42 -4.59 12.19
N ALA A 32 -8.70 -4.77 12.47
CA ALA A 32 -9.14 -5.80 13.41
C ALA A 32 -9.84 -6.95 12.69
N PRO A 33 -10.08 -8.05 13.36
CA PRO A 33 -10.80 -9.21 12.76
C PRO A 33 -12.21 -8.84 12.31
N GLY A 34 -12.52 -9.11 11.05
CA GLY A 34 -13.84 -8.78 10.53
C GLY A 34 -14.00 -7.26 10.38
N GLU A 35 -12.93 -6.53 10.66
CA GLU A 35 -12.96 -5.07 10.58
C GLU A 35 -13.06 -4.61 9.12
N PHE A 36 -13.98 -3.67 8.87
CA PHE A 36 -14.19 -3.16 7.52
C PHE A 36 -13.36 -1.90 7.26
N LEU A 37 -12.40 -2.00 6.34
CA LEU A 37 -11.54 -0.87 6.00
C LEU A 37 -12.07 -0.09 4.80
N ILE A 38 -12.53 -0.80 3.76
CA ILE A 38 -13.04 -0.13 2.58
C ILE A 38 -14.47 -0.55 2.28
N ARG A 39 -15.20 0.36 1.67
CA ARG A 39 -16.57 0.09 1.30
C ARG A 39 -16.79 0.50 -0.16
N GLN A 40 -16.91 -0.50 -1.02
CA GLN A 40 -17.11 -0.27 -2.45
C GLN A 40 -17.59 1.15 -2.72
N GLY A 41 -16.92 1.82 -3.67
CA GLY A 41 -17.29 3.19 -4.02
C GLY A 41 -16.50 4.20 -3.19
N ASP A 42 -15.53 3.70 -2.43
CA ASP A 42 -14.71 4.57 -1.58
C ASP A 42 -13.59 5.22 -2.39
N ALA A 43 -12.75 6.00 -1.70
CA ALA A 43 -11.64 6.68 -2.35
C ALA A 43 -10.32 6.33 -1.67
N LEU A 44 -9.48 5.56 -2.37
CA LEU A 44 -8.18 5.18 -1.81
C LEU A 44 -7.09 6.11 -2.33
N GLN A 45 -6.29 6.64 -1.39
CA GLN A 45 -5.22 7.55 -1.76
C GLN A 45 -3.85 7.01 -1.34
N ALA A 46 -3.78 6.42 -0.15
CA ALA A 46 -2.53 5.88 0.35
C ALA A 46 -2.40 4.39 0.01
N ILE A 47 -1.19 3.86 0.10
CA ILE A 47 -0.95 2.45 -0.17
C ILE A 47 -0.61 1.71 1.12
N TYR A 48 -1.18 0.52 1.29
CA TYR A 48 -0.94 -0.26 2.50
C TYR A 48 -0.18 -1.56 2.22
N PHE A 49 0.48 -2.06 3.24
CA PHE A 49 1.22 -3.31 3.19
C PHE A 49 0.81 -4.14 4.39
N VAL A 50 0.69 -5.44 4.21
CA VAL A 50 0.32 -6.29 5.31
C VAL A 50 1.56 -7.01 5.82
N CYS A 51 1.81 -6.94 7.12
CA CYS A 51 2.98 -7.59 7.69
C CYS A 51 2.63 -8.96 8.26
N SER A 52 1.43 -9.06 8.80
CA SER A 52 0.97 -10.32 9.37
C SER A 52 -0.52 -10.24 9.71
N GLY A 53 -1.24 -11.31 9.42
CA GLY A 53 -2.68 -11.34 9.67
C GLY A 53 -3.42 -11.84 8.44
N SER A 54 -4.71 -11.53 8.34
CA SER A 54 -5.50 -11.97 7.18
C SER A 54 -6.52 -10.91 6.79
N MET A 55 -6.71 -10.74 5.48
CA MET A 55 -7.67 -9.76 4.99
C MET A 55 -8.15 -10.12 3.59
N GLU A 56 -9.26 -9.53 3.18
CA GLU A 56 -9.80 -9.81 1.85
C GLU A 56 -10.83 -8.78 1.43
N VAL A 57 -11.02 -8.62 0.12
CA VAL A 57 -12.00 -7.68 -0.40
C VAL A 57 -13.29 -8.43 -0.73
N LEU A 58 -14.42 -7.90 -0.27
CA LEU A 58 -15.72 -8.56 -0.46
C LEU A 58 -16.56 -7.86 -1.52
N LYS A 59 -16.91 -8.60 -2.57
CA LYS A 59 -17.72 -8.05 -3.64
C LYS A 59 -18.37 -9.14 -4.48
N ASP A 60 -19.60 -8.89 -4.93
CA ASP A 60 -20.33 -9.84 -5.76
C ASP A 60 -20.52 -11.17 -5.05
N ASN A 61 -20.95 -11.10 -3.80
CA ASN A 61 -21.21 -12.32 -3.02
C ASN A 61 -19.92 -13.08 -2.73
N THR A 62 -18.83 -12.71 -3.38
CA THR A 62 -17.57 -13.41 -3.16
C THR A 62 -16.45 -12.43 -2.90
N VAL A 63 -15.40 -12.93 -2.29
CA VAL A 63 -14.26 -12.11 -2.05
C VAL A 63 -13.56 -11.85 -3.37
N LEU A 64 -13.43 -10.59 -3.75
CA LEU A 64 -12.79 -10.28 -5.01
C LEU A 64 -11.29 -10.45 -4.85
N ALA A 65 -10.82 -10.59 -3.62
CA ALA A 65 -9.39 -10.79 -3.38
C ALA A 65 -9.13 -11.51 -2.06
N ILE A 66 -8.26 -12.50 -2.13
CA ILE A 66 -7.89 -13.29 -0.95
C ILE A 66 -6.38 -13.13 -0.70
N LEU A 67 -6.00 -12.37 0.33
CA LEU A 67 -4.58 -12.17 0.60
C LEU A 67 -4.23 -12.38 2.07
N GLY A 68 -2.93 -12.58 2.32
CA GLY A 68 -2.43 -12.80 3.68
C GLY A 68 -1.19 -11.96 3.96
N LYS A 69 -0.36 -12.45 4.89
CA LYS A 69 0.86 -11.75 5.28
C LYS A 69 1.72 -11.32 4.09
N GLY A 70 2.20 -10.08 4.16
CA GLY A 70 3.06 -9.53 3.12
C GLY A 70 2.25 -8.95 1.96
N ASP A 71 1.05 -9.45 1.77
CA ASP A 71 0.22 -8.96 0.68
C ASP A 71 0.19 -7.44 0.66
N LEU A 72 0.31 -6.88 -0.53
CA LEU A 72 0.30 -5.43 -0.68
C LEU A 72 -1.05 -4.96 -1.20
N ILE A 73 -1.44 -3.75 -0.81
CA ILE A 73 -2.70 -3.19 -1.24
C ILE A 73 -2.48 -1.89 -1.97
N GLY A 74 -3.24 -1.73 -3.04
CA GLY A 74 -3.16 -0.54 -3.88
C GLY A 74 -2.89 -0.93 -5.33
N SER A 75 -3.38 -0.11 -6.25
CA SER A 75 -3.19 -0.39 -7.68
C SER A 75 -1.79 0.00 -8.12
N ASP A 76 -1.17 -0.85 -8.94
CA ASP A 76 0.17 -0.57 -9.43
C ASP A 76 0.14 0.66 -10.33
N SER A 77 1.25 0.92 -11.03
CA SER A 77 1.32 2.07 -11.91
C SER A 77 1.13 3.35 -11.10
N LEU A 78 1.77 3.42 -9.94
CA LEU A 78 1.65 4.58 -9.08
C LEU A 78 1.87 5.87 -9.88
N THR A 79 2.26 5.70 -11.15
CA THR A 79 2.48 6.85 -12.03
C THR A 79 1.15 7.27 -12.64
N LYS A 80 0.09 6.59 -12.25
CA LYS A 80 -1.25 6.88 -12.76
C LYS A 80 -1.84 8.09 -12.06
N GLU A 81 -0.98 9.02 -11.64
CA GLU A 81 -1.42 10.23 -10.96
C GLU A 81 -2.78 10.02 -10.29
N GLN A 82 -3.58 11.08 -10.28
CA GLN A 82 -4.94 11.07 -9.68
C GLN A 82 -5.09 10.04 -8.54
N VAL A 83 -6.24 10.08 -7.89
CA VAL A 83 -6.52 9.18 -6.78
C VAL A 83 -7.18 7.90 -7.26
N ILE A 84 -6.81 6.78 -6.65
CA ILE A 84 -7.39 5.50 -7.02
C ILE A 84 -8.49 5.13 -6.05
N LYS A 85 -9.69 4.98 -6.59
CA LYS A 85 -10.83 4.63 -5.78
C LYS A 85 -11.02 3.13 -5.73
N THR A 86 -11.89 2.71 -4.83
CA THR A 86 -12.18 1.28 -4.65
C THR A 86 -13.65 1.01 -4.94
N ASN A 87 -13.91 -0.02 -5.74
CA ASN A 87 -15.28 -0.38 -6.09
C ASN A 87 -15.77 -1.57 -5.26
N ALA A 88 -14.84 -2.25 -4.60
CA ALA A 88 -15.20 -3.39 -3.76
C ALA A 88 -15.08 -3.02 -2.30
N ASN A 89 -15.28 -3.98 -1.42
CA ASN A 89 -15.18 -3.71 0.01
C ASN A 89 -13.95 -4.43 0.57
N VAL A 90 -13.54 -4.06 1.78
CA VAL A 90 -12.38 -4.66 2.39
C VAL A 90 -12.66 -4.94 3.85
N LYS A 91 -12.50 -6.20 4.23
CA LYS A 91 -12.72 -6.59 5.60
C LYS A 91 -11.59 -7.47 6.09
N ALA A 92 -10.90 -7.00 7.13
CA ALA A 92 -9.80 -7.77 7.70
C ALA A 92 -10.37 -9.01 8.34
N LEU A 93 -9.96 -10.18 7.83
CA LEU A 93 -10.45 -11.45 8.35
C LEU A 93 -9.87 -11.71 9.74
N THR A 94 -8.56 -11.52 9.85
CA THR A 94 -7.88 -11.71 11.13
C THR A 94 -7.07 -10.47 11.45
N TYR A 95 -6.88 -10.20 12.74
CA TYR A 95 -6.12 -9.02 13.15
C TYR A 95 -4.84 -8.94 12.32
N CYS A 96 -4.67 -7.81 11.63
CA CYS A 96 -3.49 -7.65 10.80
C CYS A 96 -2.93 -6.23 10.92
N ASP A 97 -1.60 -6.14 10.95
CA ASP A 97 -0.95 -4.84 11.05
C ASP A 97 -0.75 -4.28 9.64
N LEU A 98 -1.20 -3.05 9.43
CA LEU A 98 -1.07 -2.43 8.11
C LEU A 98 -0.12 -1.25 8.13
N GLN A 99 0.79 -1.22 7.16
CA GLN A 99 1.72 -0.12 7.04
C GLN A 99 1.35 0.66 5.79
N TYR A 100 1.24 1.98 5.89
CA TYR A 100 0.87 2.75 4.71
C TYR A 100 1.40 4.17 4.76
N ILE A 101 1.32 4.83 3.62
CA ILE A 101 1.78 6.20 3.47
C ILE A 101 1.02 6.87 2.34
N SER A 102 0.93 8.19 2.37
CA SER A 102 0.23 8.89 1.31
C SER A 102 1.10 8.91 0.07
N LEU A 103 0.54 8.42 -1.04
CA LEU A 103 1.29 8.39 -2.29
C LEU A 103 1.92 9.75 -2.55
N LYS A 104 1.23 10.80 -2.11
CA LYS A 104 1.73 12.16 -2.28
C LYS A 104 2.95 12.37 -1.38
N GLY A 105 2.90 11.77 -0.20
CA GLY A 105 3.98 11.89 0.77
C GLY A 105 5.24 11.18 0.28
N LEU A 106 5.07 9.97 -0.23
CA LEU A 106 6.19 9.17 -0.71
C LEU A 106 6.81 9.73 -1.98
N ARG A 107 5.98 10.16 -2.92
CA ARG A 107 6.50 10.67 -4.18
C ARG A 107 7.23 12.00 -4.00
N GLU A 108 6.81 12.78 -3.03
CA GLU A 108 7.44 14.08 -2.78
C GLU A 108 8.86 13.85 -2.25
N VAL A 109 8.94 13.04 -1.22
CA VAL A 109 10.22 12.70 -0.61
C VAL A 109 11.12 12.07 -1.68
N LEU A 110 10.60 11.06 -2.34
CA LEU A 110 11.35 10.42 -3.39
C LEU A 110 11.69 11.48 -4.44
N ARG A 111 10.85 12.50 -4.54
CA ARG A 111 11.11 13.58 -5.48
C ARG A 111 12.49 14.14 -5.20
N LEU A 112 12.87 14.19 -3.91
CA LEU A 112 14.20 14.67 -3.57
C LEU A 112 15.18 13.73 -4.24
N TYR A 113 14.70 12.52 -4.49
CA TYR A 113 15.49 11.50 -5.19
C TYR A 113 14.74 11.11 -6.46
N PRO A 114 14.84 11.92 -7.48
CA PRO A 114 14.12 11.72 -8.79
C PRO A 114 14.47 10.44 -9.56
N GLU A 115 15.74 10.07 -9.62
CA GLU A 115 16.12 8.90 -10.39
C GLU A 115 15.45 7.62 -9.88
N TYR A 116 15.63 7.34 -8.60
CA TYR A 116 15.03 6.16 -8.02
C TYR A 116 13.53 6.37 -7.82
N ALA A 117 13.16 7.61 -7.51
CA ALA A 117 11.76 7.92 -7.29
C ALA A 117 10.92 7.56 -8.50
N GLN A 118 11.25 8.15 -9.63
CA GLN A 118 10.51 7.86 -10.84
C GLN A 118 10.47 6.35 -11.02
N LYS A 119 11.56 5.70 -10.62
CA LYS A 119 11.64 4.25 -10.71
C LYS A 119 10.77 3.56 -9.65
N PHE A 120 10.52 4.26 -8.53
CA PHE A 120 9.73 3.67 -7.44
C PHE A 120 8.37 3.18 -7.91
N VAL A 121 7.68 3.98 -8.71
CA VAL A 121 6.37 3.59 -9.19
C VAL A 121 6.44 2.20 -9.84
N SER A 122 7.52 1.95 -10.57
CA SER A 122 7.70 0.67 -11.23
C SER A 122 8.35 -0.35 -10.29
N GLU A 123 9.39 0.09 -9.57
CA GLU A 123 10.10 -0.79 -8.65
C GLU A 123 9.14 -1.42 -7.64
N ILE A 124 8.08 -0.68 -7.31
CA ILE A 124 7.10 -1.17 -6.35
C ILE A 124 6.54 -2.51 -6.80
N GLN A 125 6.52 -2.72 -8.11
CA GLN A 125 5.99 -3.95 -8.69
C GLN A 125 6.53 -5.18 -7.98
N HIS A 126 7.74 -5.07 -7.47
CA HIS A 126 8.38 -6.20 -6.78
C HIS A 126 7.52 -6.67 -5.61
N ASP A 127 6.64 -5.80 -5.10
CA ASP A 127 5.78 -6.17 -3.98
C ASP A 127 4.31 -6.12 -4.38
N LEU A 128 4.03 -6.09 -5.68
CA LEU A 128 2.66 -6.03 -6.16
C LEU A 128 1.93 -7.34 -5.88
N THR A 129 1.02 -7.30 -4.91
CA THR A 129 0.24 -8.49 -4.56
C THR A 129 -1.20 -8.34 -5.06
N TYR A 130 -1.84 -7.24 -4.67
CA TYR A 130 -3.21 -6.98 -5.09
C TYR A 130 -3.32 -5.55 -5.59
N ASN A 131 -3.61 -5.42 -6.87
CA ASN A 131 -3.73 -4.11 -7.49
C ASN A 131 -5.15 -3.59 -7.36
N LEU A 132 -5.41 -2.85 -6.29
CA LEU A 132 -6.73 -2.31 -6.08
C LEU A 132 -7.10 -1.38 -7.24
N ARG A 133 -8.12 -1.75 -8.00
CA ARG A 133 -8.54 -0.94 -9.14
C ARG A 133 -9.79 -0.15 -8.81
N GLU A 134 -9.95 0.99 -9.48
CA GLU A 134 -11.11 1.85 -9.27
C GLU A 134 -12.22 1.50 -10.27
N GLY A 135 -13.45 1.48 -9.79
CA GLY A 135 -14.59 1.16 -10.65
C GLY A 135 -14.66 -0.34 -10.93
N MET A 1 19.24 -4.07 9.00
CA MET A 1 17.90 -4.61 8.96
C MET A 1 16.88 -3.56 9.41
N ASN A 2 15.65 -3.68 8.91
CA ASN A 2 14.60 -2.73 9.26
C ASN A 2 13.28 -3.46 9.47
N LYS A 3 12.35 -2.80 10.15
CA LYS A 3 11.04 -3.40 10.41
C LYS A 3 9.98 -2.80 9.49
N GLU A 4 10.28 -1.63 8.92
CA GLU A 4 9.35 -0.97 8.03
C GLU A 4 9.34 -1.64 6.66
N LEU A 5 8.20 -1.57 5.97
CA LEU A 5 8.07 -2.19 4.66
C LEU A 5 8.94 -1.50 3.62
N LEU A 6 9.28 -0.24 3.85
CA LEU A 6 10.10 0.49 2.89
C LEU A 6 11.37 -0.29 2.54
N GLN A 7 11.42 -1.56 2.92
CA GLN A 7 12.59 -2.37 2.60
C GLN A 7 12.73 -2.47 1.10
N LEU A 8 11.72 -1.96 0.40
CA LEU A 8 11.74 -1.96 -1.06
C LEU A 8 12.91 -1.10 -1.56
N PRO A 9 13.53 -1.50 -2.63
CA PRO A 9 14.70 -0.77 -3.22
C PRO A 9 14.54 0.76 -3.27
N LEU A 10 13.31 1.26 -3.09
CA LEU A 10 13.11 2.71 -3.18
C LEU A 10 14.04 3.50 -2.28
N PHE A 11 14.14 3.10 -1.02
CA PHE A 11 15.02 3.82 -0.12
C PHE A 11 16.42 3.22 -0.10
N GLU A 12 16.50 1.89 -0.10
CA GLU A 12 17.79 1.22 -0.09
C GLU A 12 18.66 1.75 -1.22
N SER A 13 18.02 2.13 -2.32
CA SER A 13 18.75 2.66 -3.46
C SER A 13 18.91 4.17 -3.30
N ALA A 14 18.14 4.75 -2.40
CA ALA A 14 18.21 6.17 -2.14
C ALA A 14 19.09 6.46 -0.95
N SER A 15 19.57 7.68 -0.85
CA SER A 15 20.38 8.04 0.29
C SER A 15 19.54 7.85 1.54
N ARG A 16 20.15 7.37 2.61
CA ARG A 16 19.38 7.17 3.81
C ARG A 16 18.53 8.41 4.04
N GLY A 17 18.94 9.50 3.39
CA GLY A 17 18.21 10.75 3.48
C GLY A 17 16.77 10.55 3.00
N CYS A 18 16.60 9.78 1.92
CA CYS A 18 15.27 9.52 1.41
C CYS A 18 14.53 8.66 2.41
N LEU A 19 15.27 7.82 3.11
CA LEU A 19 14.66 6.97 4.11
C LEU A 19 14.09 7.83 5.23
N ARG A 20 14.83 8.88 5.56
CA ARG A 20 14.38 9.82 6.59
C ARG A 20 13.22 10.62 6.04
N SER A 21 13.35 10.95 4.77
CA SER A 21 12.33 11.69 4.03
C SER A 21 11.02 10.89 4.07
N LEU A 22 11.09 9.63 3.68
CA LEU A 22 9.91 8.80 3.70
C LEU A 22 9.38 8.68 5.12
N SER A 23 10.25 8.28 6.04
CA SER A 23 9.85 8.11 7.41
C SER A 23 9.23 9.39 7.95
N LEU A 24 9.67 10.53 7.43
CA LEU A 24 9.10 11.79 7.84
C LEU A 24 7.61 11.78 7.56
N ILE A 25 7.23 11.08 6.48
CA ILE A 25 5.82 10.98 6.11
C ILE A 25 5.32 9.53 6.11
N ILE A 26 5.99 8.65 6.83
CA ILE A 26 5.59 7.26 6.88
C ILE A 26 4.22 7.12 7.51
N LYS A 27 3.35 6.33 6.90
CA LYS A 27 2.02 6.10 7.45
C LYS A 27 1.79 4.63 7.73
N THR A 28 0.93 4.33 8.71
CA THR A 28 0.66 2.95 9.06
C THR A 28 -0.81 2.77 9.44
N SER A 29 -1.51 1.92 8.70
CA SER A 29 -2.91 1.65 8.97
C SER A 29 -3.06 0.24 9.54
N PHE A 30 -4.04 0.04 10.40
CA PHE A 30 -4.24 -1.27 11.02
C PHE A 30 -5.70 -1.70 10.98
N CYS A 31 -5.93 -3.00 10.71
CA CYS A 31 -7.29 -3.54 10.67
C CYS A 31 -7.41 -4.71 11.64
N ALA A 32 -8.63 -4.95 12.13
CA ALA A 32 -8.86 -6.03 13.08
C ALA A 32 -9.70 -7.15 12.45
N PRO A 33 -9.81 -8.27 13.12
CA PRO A 33 -10.62 -9.42 12.62
C PRO A 33 -12.07 -9.03 12.41
N GLY A 34 -12.57 -9.27 11.19
CA GLY A 34 -13.95 -8.92 10.87
C GLY A 34 -14.11 -7.40 10.81
N GLU A 35 -13.00 -6.69 10.98
CA GLU A 35 -13.03 -5.24 10.96
C GLU A 35 -13.25 -4.70 9.55
N PHE A 36 -14.16 -3.75 9.43
CA PHE A 36 -14.48 -3.15 8.13
C PHE A 36 -13.57 -1.95 7.85
N LEU A 37 -12.73 -2.07 6.81
CA LEU A 37 -11.83 -0.99 6.45
C LEU A 37 -12.45 -0.05 5.42
N ILE A 38 -13.01 -0.60 4.33
CA ILE A 38 -13.61 0.27 3.33
C ILE A 38 -14.99 -0.21 2.95
N ARG A 39 -15.79 0.71 2.43
CA ARG A 39 -17.15 0.40 2.00
C ARG A 39 -17.38 0.86 0.56
N GLN A 40 -17.53 -0.11 -0.31
CA GLN A 40 -17.75 0.14 -1.74
C GLN A 40 -17.93 1.62 -2.04
N GLY A 41 -17.10 2.12 -2.96
CA GLY A 41 -17.16 3.52 -3.35
C GLY A 41 -16.09 4.36 -2.67
N ASP A 42 -15.19 3.71 -1.95
CA ASP A 42 -14.12 4.44 -1.26
C ASP A 42 -13.12 4.98 -2.28
N ALA A 43 -12.22 5.81 -1.80
CA ALA A 43 -11.20 6.40 -2.67
C ALA A 43 -9.81 5.94 -2.23
N LEU A 44 -9.10 5.27 -3.14
CA LEU A 44 -7.77 4.79 -2.83
C LEU A 44 -6.71 5.76 -3.36
N GLN A 45 -5.93 6.32 -2.45
CA GLN A 45 -4.89 7.26 -2.84
C GLN A 45 -3.51 6.79 -2.37
N ALA A 46 -3.49 6.12 -1.22
CA ALA A 46 -2.23 5.62 -0.67
C ALA A 46 -2.09 4.12 -0.95
N ILE A 47 -0.88 3.60 -0.72
CA ILE A 47 -0.64 2.18 -0.96
C ILE A 47 -0.27 1.50 0.36
N TYR A 48 -0.84 0.31 0.60
CA TYR A 48 -0.56 -0.40 1.85
C TYR A 48 0.06 -1.78 1.60
N PHE A 49 0.79 -2.24 2.61
CA PHE A 49 1.43 -3.55 2.60
C PHE A 49 1.00 -4.29 3.85
N VAL A 50 0.82 -5.60 3.74
CA VAL A 50 0.44 -6.37 4.89
C VAL A 50 1.66 -7.11 5.43
N CYS A 51 1.92 -6.95 6.72
CA CYS A 51 3.07 -7.60 7.33
C CYS A 51 2.71 -8.95 7.93
N SER A 52 1.45 -9.08 8.35
CA SER A 52 0.97 -10.32 8.95
C SER A 52 -0.54 -10.26 9.17
N GLY A 53 -1.17 -11.42 9.26
CA GLY A 53 -2.61 -11.48 9.47
C GLY A 53 -3.32 -11.84 8.17
N SER A 54 -4.60 -11.52 8.06
CA SER A 54 -5.33 -11.84 6.84
C SER A 54 -6.54 -10.93 6.66
N MET A 55 -6.76 -10.51 5.41
CA MET A 55 -7.89 -9.63 5.13
C MET A 55 -8.42 -9.90 3.72
N GLU A 56 -9.59 -9.36 3.43
CA GLU A 56 -10.19 -9.57 2.12
C GLU A 56 -11.34 -8.58 1.88
N VAL A 57 -11.63 -8.32 0.62
CA VAL A 57 -12.72 -7.42 0.27
C VAL A 57 -13.96 -8.27 -0.03
N LEU A 58 -15.13 -7.86 0.50
CA LEU A 58 -16.36 -8.61 0.31
C LEU A 58 -17.29 -7.93 -0.68
N LYS A 59 -17.68 -8.67 -1.71
CA LYS A 59 -18.58 -8.13 -2.73
C LYS A 59 -19.24 -9.26 -3.52
N ASP A 60 -20.49 -9.07 -3.90
CA ASP A 60 -21.22 -10.08 -4.67
C ASP A 60 -21.31 -11.39 -3.89
N ASN A 61 -21.55 -11.29 -2.59
CA ASN A 61 -21.69 -12.47 -1.74
C ASN A 61 -20.37 -13.22 -1.58
N THR A 62 -19.35 -12.80 -2.31
CA THR A 62 -18.05 -13.47 -2.23
C THR A 62 -16.94 -12.47 -2.03
N VAL A 63 -15.81 -12.95 -1.54
CA VAL A 63 -14.66 -12.11 -1.33
C VAL A 63 -14.09 -11.73 -2.70
N LEU A 64 -14.12 -10.44 -3.01
CA LEU A 64 -13.61 -10.00 -4.30
C LEU A 64 -12.10 -10.02 -4.28
N ALA A 65 -11.53 -10.13 -3.09
CA ALA A 65 -10.09 -10.20 -2.96
C ALA A 65 -9.71 -11.04 -1.75
N ILE A 66 -8.76 -11.95 -1.95
CA ILE A 66 -8.30 -12.81 -0.87
C ILE A 66 -6.79 -12.67 -0.74
N LEU A 67 -6.33 -11.96 0.29
CA LEU A 67 -4.88 -11.79 0.46
C LEU A 67 -4.46 -12.04 1.90
N GLY A 68 -3.15 -12.24 2.09
CA GLY A 68 -2.61 -12.49 3.42
C GLY A 68 -1.26 -11.81 3.61
N LYS A 69 -0.45 -12.38 4.50
CA LYS A 69 0.87 -11.85 4.82
C LYS A 69 1.67 -11.47 3.58
N GLY A 70 2.19 -10.23 3.57
CA GLY A 70 3.01 -9.74 2.47
C GLY A 70 2.17 -9.16 1.35
N ASP A 71 0.91 -9.55 1.27
CA ASP A 71 0.05 -9.04 0.21
C ASP A 71 0.14 -7.53 0.10
N LEU A 72 -0.08 -7.03 -1.11
CA LEU A 72 -0.03 -5.58 -1.35
C LEU A 72 -1.38 -5.10 -1.86
N ILE A 73 -1.81 -3.94 -1.37
CA ILE A 73 -3.09 -3.38 -1.76
C ILE A 73 -2.92 -2.04 -2.49
N GLY A 74 -3.69 -1.87 -3.56
CA GLY A 74 -3.64 -0.65 -4.35
C GLY A 74 -3.43 -0.98 -5.83
N SER A 75 -3.98 -0.15 -6.70
CA SER A 75 -3.84 -0.37 -8.14
C SER A 75 -2.46 0.03 -8.65
N ASP A 76 -2.07 -0.56 -9.77
CA ASP A 76 -0.78 -0.31 -10.40
C ASP A 76 -0.74 1.09 -11.02
N SER A 77 0.27 1.30 -11.87
CA SER A 77 0.45 2.59 -12.54
C SER A 77 0.98 3.64 -11.57
N LEU A 78 1.89 3.23 -10.69
CA LEU A 78 2.49 4.14 -9.73
C LEU A 78 3.44 5.11 -10.44
N THR A 79 3.61 4.89 -11.75
CA THR A 79 4.51 5.71 -12.56
C THR A 79 4.35 7.21 -12.28
N LYS A 80 3.16 7.76 -12.50
CA LYS A 80 2.97 9.19 -12.28
C LYS A 80 1.80 9.46 -11.33
N GLU A 81 0.88 8.52 -11.22
CA GLU A 81 -0.26 8.69 -10.34
C GLU A 81 -1.06 7.40 -10.22
N GLN A 82 -2.17 7.47 -9.51
CA GLN A 82 -3.02 6.30 -9.33
C GLN A 82 -4.26 6.65 -8.52
N VAL A 83 -5.39 6.77 -9.20
CA VAL A 83 -6.64 7.09 -8.52
C VAL A 83 -7.66 5.99 -8.77
N ILE A 84 -7.90 5.17 -7.76
CA ILE A 84 -8.86 4.08 -7.88
C ILE A 84 -9.75 4.01 -6.64
N LYS A 85 -11.06 4.05 -6.86
CA LYS A 85 -12.00 3.95 -5.75
C LYS A 85 -12.39 2.48 -5.57
N THR A 86 -12.39 2.01 -4.34
CA THR A 86 -12.75 0.61 -4.09
C THR A 86 -14.25 0.41 -4.21
N ASN A 87 -14.65 -0.37 -5.21
CA ASN A 87 -16.06 -0.64 -5.48
C ASN A 87 -16.61 -1.69 -4.52
N ALA A 88 -15.72 -2.52 -3.99
CA ALA A 88 -16.13 -3.57 -3.05
C ALA A 88 -16.01 -3.06 -1.62
N ASN A 89 -16.16 -3.96 -0.66
CA ASN A 89 -16.03 -3.58 0.74
C ASN A 89 -14.81 -4.28 1.31
N VAL A 90 -14.07 -3.63 2.21
CA VAL A 90 -12.90 -4.25 2.77
C VAL A 90 -13.16 -4.67 4.20
N LYS A 91 -12.85 -5.92 4.50
CA LYS A 91 -13.04 -6.46 5.84
C LYS A 91 -11.88 -7.37 6.21
N ALA A 92 -11.15 -7.01 7.26
CA ALA A 92 -10.02 -7.82 7.70
C ALA A 92 -10.54 -9.07 8.40
N LEU A 93 -10.14 -10.23 7.90
CA LEU A 93 -10.58 -11.50 8.47
C LEU A 93 -9.89 -11.76 9.81
N THR A 94 -8.58 -11.58 9.82
CA THR A 94 -7.79 -11.77 11.03
C THR A 94 -6.95 -10.53 11.27
N TYR A 95 -6.70 -10.22 12.54
CA TYR A 95 -5.91 -9.04 12.88
C TYR A 95 -4.67 -8.97 11.99
N CYS A 96 -4.59 -7.91 11.20
CA CYS A 96 -3.46 -7.74 10.30
C CYS A 96 -2.86 -6.35 10.42
N ASP A 97 -1.54 -6.28 10.42
CA ASP A 97 -0.85 -4.99 10.50
C ASP A 97 -0.53 -4.53 9.08
N LEU A 98 -0.91 -3.30 8.75
CA LEU A 98 -0.66 -2.80 7.40
C LEU A 98 0.10 -1.48 7.42
N GLN A 99 1.11 -1.39 6.57
CA GLN A 99 1.91 -0.17 6.45
C GLN A 99 1.57 0.51 5.13
N TYR A 100 1.36 1.81 5.17
CA TYR A 100 1.01 2.55 3.96
C TYR A 100 1.50 3.99 4.02
N ILE A 101 1.46 4.65 2.88
CA ILE A 101 1.89 6.03 2.80
C ILE A 101 1.14 6.75 1.67
N SER A 102 1.05 8.06 1.78
CA SER A 102 0.37 8.83 0.76
C SER A 102 1.31 9.07 -0.41
N LEU A 103 0.88 8.72 -1.61
CA LEU A 103 1.71 8.89 -2.79
C LEU A 103 2.28 10.30 -2.80
N LYS A 104 1.52 11.25 -2.28
CA LYS A 104 1.97 12.64 -2.20
C LYS A 104 3.11 12.75 -1.19
N GLY A 105 3.02 11.93 -0.14
CA GLY A 105 4.04 11.92 0.91
C GLY A 105 5.34 11.36 0.39
N LEU A 106 5.24 10.24 -0.33
CA LEU A 106 6.40 9.58 -0.88
C LEU A 106 7.04 10.37 -2.01
N ARG A 107 6.22 10.98 -2.85
CA ARG A 107 6.73 11.75 -3.99
C ARG A 107 7.44 13.02 -3.56
N GLU A 108 6.99 13.57 -2.47
CA GLU A 108 7.58 14.80 -1.95
C GLU A 108 8.99 14.51 -1.45
N VAL A 109 9.07 13.52 -0.58
CA VAL A 109 10.35 13.08 -0.05
C VAL A 109 11.23 12.69 -1.23
N LEU A 110 10.62 12.01 -2.17
CA LEU A 110 11.30 11.61 -3.38
C LEU A 110 11.69 12.85 -4.16
N ARG A 111 10.93 13.91 -3.99
CA ARG A 111 11.25 15.17 -4.67
C ARG A 111 12.69 15.50 -4.36
N LEU A 112 13.08 15.27 -3.10
CA LEU A 112 14.45 15.51 -2.69
C LEU A 112 15.35 14.59 -3.49
N TYR A 113 14.84 13.39 -3.77
CA TYR A 113 15.59 12.41 -4.56
C TYR A 113 14.79 12.05 -5.82
N PRO A 114 14.88 12.89 -6.83
CA PRO A 114 14.13 12.72 -8.11
C PRO A 114 14.51 11.49 -8.95
N GLU A 115 15.81 11.17 -9.04
CA GLU A 115 16.22 10.03 -9.85
C GLU A 115 15.71 8.72 -9.25
N TYR A 116 15.99 8.54 -7.97
CA TYR A 116 15.55 7.36 -7.27
C TYR A 116 14.03 7.29 -7.29
N ALA A 117 13.41 8.46 -7.27
CA ALA A 117 11.96 8.56 -7.27
C ALA A 117 11.34 7.93 -8.50
N GLN A 118 11.72 8.40 -9.67
CA GLN A 118 11.16 7.83 -10.87
C GLN A 118 11.31 6.31 -10.78
N LYS A 119 12.36 5.91 -10.08
CA LYS A 119 12.64 4.50 -9.86
C LYS A 119 11.68 3.89 -8.83
N PHE A 120 11.15 4.71 -7.91
CA PHE A 120 10.26 4.20 -6.87
C PHE A 120 9.03 3.52 -7.46
N VAL A 121 8.42 4.16 -8.44
CA VAL A 121 7.22 3.61 -9.05
C VAL A 121 7.44 2.18 -9.52
N SER A 122 8.58 1.93 -10.15
CA SER A 122 8.90 0.60 -10.65
C SER A 122 9.16 -0.37 -9.50
N GLU A 123 9.65 0.18 -8.39
CA GLU A 123 9.97 -0.62 -7.21
C GLU A 123 8.75 -1.39 -6.70
N ILE A 124 7.60 -0.71 -6.62
CA ILE A 124 6.40 -1.35 -6.12
C ILE A 124 6.07 -2.61 -6.91
N GLN A 125 6.18 -2.53 -8.24
CA GLN A 125 5.88 -3.67 -9.09
C GLN A 125 6.55 -4.93 -8.56
N HIS A 126 7.73 -4.75 -7.98
CA HIS A 126 8.47 -5.89 -7.44
C HIS A 126 7.67 -6.61 -6.36
N ASP A 127 6.66 -5.92 -5.82
CA ASP A 127 5.83 -6.53 -4.77
C ASP A 127 4.35 -6.58 -5.17
N LEU A 128 4.07 -6.28 -6.44
CA LEU A 128 2.69 -6.29 -6.91
C LEU A 128 2.01 -7.62 -6.62
N THR A 129 1.19 -7.65 -5.57
CA THR A 129 0.47 -8.86 -5.21
C THR A 129 -1.00 -8.74 -5.61
N TYR A 130 -1.66 -7.69 -5.12
CA TYR A 130 -3.06 -7.46 -5.45
C TYR A 130 -3.28 -6.02 -5.87
N ASN A 131 -3.84 -5.83 -7.05
CA ASN A 131 -4.09 -4.48 -7.55
C ASN A 131 -5.56 -4.11 -7.40
N LEU A 132 -5.83 -3.11 -6.56
CA LEU A 132 -7.20 -2.66 -6.35
C LEU A 132 -7.64 -1.79 -7.52
N ARG A 133 -8.62 -2.27 -8.27
CA ARG A 133 -9.13 -1.54 -9.43
C ARG A 133 -10.47 -0.88 -9.09
N GLU A 134 -10.77 0.21 -9.78
CA GLU A 134 -12.02 0.92 -9.54
C GLU A 134 -13.18 0.23 -10.26
N GLY A 135 -14.35 0.25 -9.63
CA GLY A 135 -15.53 -0.38 -10.20
C GLY A 135 -15.45 -1.90 -10.10
N MET A 1 17.65 -6.66 13.97
CA MET A 1 17.32 -8.06 14.24
C MET A 1 15.97 -8.41 13.63
N ASN A 2 15.31 -7.42 13.04
CA ASN A 2 14.01 -7.63 12.42
C ASN A 2 14.03 -7.18 10.96
N LYS A 3 13.76 -8.12 10.05
CA LYS A 3 13.75 -7.80 8.63
C LYS A 3 12.55 -6.92 8.28
N GLU A 4 12.82 -5.65 8.03
CA GLU A 4 11.75 -4.72 7.69
C GLU A 4 11.30 -4.94 6.24
N LEU A 5 10.00 -4.80 6.02
CA LEU A 5 9.44 -5.00 4.68
C LEU A 5 9.91 -3.91 3.73
N LEU A 6 10.35 -2.78 4.26
CA LEU A 6 10.79 -1.68 3.41
C LEU A 6 11.82 -2.13 2.39
N GLN A 7 11.94 -3.42 2.15
CA GLN A 7 12.90 -3.87 1.17
C GLN A 7 12.54 -3.25 -0.16
N LEU A 8 11.33 -2.67 -0.21
CA LEU A 8 10.90 -2.00 -1.42
C LEU A 8 12.00 -1.01 -1.85
N PRO A 9 12.51 -1.17 -3.04
CA PRO A 9 13.61 -0.32 -3.58
C PRO A 9 13.54 1.18 -3.30
N LEU A 10 12.39 1.71 -2.90
CA LEU A 10 12.33 3.15 -2.69
C LEU A 10 13.12 3.59 -1.49
N PHE A 11 12.91 2.91 -0.39
CA PHE A 11 13.61 3.30 0.81
C PHE A 11 14.65 2.25 1.22
N GLU A 12 14.70 1.14 0.50
CA GLU A 12 15.66 0.09 0.80
C GLU A 12 17.05 0.48 0.33
N SER A 13 17.12 1.12 -0.84
CA SER A 13 18.41 1.53 -1.39
C SER A 13 18.60 3.04 -1.30
N ALA A 14 17.78 3.72 -0.50
CA ALA A 14 17.92 5.15 -0.34
C ALA A 14 18.71 5.47 0.91
N SER A 15 19.46 6.56 0.87
CA SER A 15 20.21 6.93 2.05
C SER A 15 19.21 7.17 3.16
N ARG A 16 19.60 6.91 4.39
CA ARG A 16 18.68 7.10 5.49
C ARG A 16 18.00 8.44 5.31
N GLY A 17 18.61 9.31 4.51
CA GLY A 17 18.06 10.62 4.24
C GLY A 17 16.67 10.49 3.62
N CYS A 18 16.54 9.58 2.65
CA CYS A 18 15.25 9.39 2.01
C CYS A 18 14.30 8.71 2.98
N LEU A 19 14.77 7.65 3.63
CA LEU A 19 13.91 6.96 4.58
C LEU A 19 13.37 7.98 5.57
N ARG A 20 14.17 9.00 5.87
CA ARG A 20 13.73 10.05 6.78
C ARG A 20 12.67 10.88 6.07
N SER A 21 12.84 10.99 4.75
CA SER A 21 11.90 11.71 3.91
C SER A 21 10.55 11.00 3.96
N LEU A 22 10.55 9.72 3.63
CA LEU A 22 9.32 8.96 3.69
C LEU A 22 8.76 9.00 5.11
N SER A 23 9.64 8.73 6.07
CA SER A 23 9.23 8.72 7.46
C SER A 23 8.62 10.06 7.85
N LEU A 24 9.08 11.13 7.22
CA LEU A 24 8.51 12.42 7.51
C LEU A 24 7.02 12.38 7.26
N ILE A 25 6.62 11.56 6.27
CA ILE A 25 5.20 11.41 5.95
C ILE A 25 4.70 9.97 6.13
N ILE A 26 5.40 9.18 6.93
CA ILE A 26 5.01 7.81 7.17
C ILE A 26 3.63 7.73 7.82
N LYS A 27 2.76 6.88 7.28
CA LYS A 27 1.43 6.71 7.85
C LYS A 27 1.22 5.26 8.26
N THR A 28 0.41 5.04 9.30
CA THR A 28 0.16 3.68 9.78
C THR A 28 -1.34 3.38 9.84
N SER A 29 -1.71 2.16 9.44
CA SER A 29 -3.11 1.76 9.46
C SER A 29 -3.23 0.32 9.99
N PHE A 30 -4.18 0.10 10.88
CA PHE A 30 -4.38 -1.23 11.46
C PHE A 30 -5.82 -1.71 11.29
N CYS A 31 -5.98 -3.01 11.05
CA CYS A 31 -7.31 -3.59 10.88
C CYS A 31 -7.52 -4.74 11.86
N ALA A 32 -8.77 -4.97 12.21
CA ALA A 32 -9.13 -6.03 13.16
C ALA A 32 -9.91 -7.13 12.47
N PRO A 33 -10.14 -8.24 13.13
CA PRO A 33 -10.94 -9.36 12.54
C PRO A 33 -12.37 -8.91 12.26
N GLY A 34 -12.84 -9.14 11.04
CA GLY A 34 -14.19 -8.73 10.68
C GLY A 34 -14.27 -7.21 10.57
N GLU A 35 -13.13 -6.54 10.73
CA GLU A 35 -13.09 -5.08 10.66
C GLU A 35 -13.12 -4.60 9.20
N PHE A 36 -14.04 -3.69 8.91
CA PHE A 36 -14.17 -3.17 7.54
C PHE A 36 -13.43 -1.84 7.37
N LEU A 37 -12.38 -1.87 6.56
CA LEU A 37 -11.59 -0.65 6.30
C LEU A 37 -12.08 0.08 5.05
N ILE A 38 -12.65 -0.64 4.09
CA ILE A 38 -13.14 -0.02 2.88
C ILE A 38 -14.48 -0.61 2.51
N ARG A 39 -15.35 0.24 1.99
CA ARG A 39 -16.65 -0.23 1.59
C ARG A 39 -16.99 0.25 0.18
N GLN A 40 -16.96 -0.68 -0.77
CA GLN A 40 -17.24 -0.37 -2.17
C GLN A 40 -17.73 1.07 -2.33
N GLY A 41 -17.05 1.83 -3.19
CA GLY A 41 -17.42 3.22 -3.42
C GLY A 41 -16.56 4.16 -2.58
N ASP A 42 -15.55 3.60 -1.93
CA ASP A 42 -14.66 4.40 -1.08
C ASP A 42 -13.61 5.11 -1.92
N ALA A 43 -12.72 5.84 -1.25
CA ALA A 43 -11.67 6.57 -1.95
C ALA A 43 -10.28 6.09 -1.52
N LEU A 44 -9.50 5.61 -2.48
CA LEU A 44 -8.15 5.12 -2.21
C LEU A 44 -7.12 6.21 -2.52
N GLN A 45 -6.32 6.57 -1.51
CA GLN A 45 -5.30 7.59 -1.71
C GLN A 45 -3.92 7.08 -1.33
N ALA A 46 -3.87 6.10 -0.44
CA ALA A 46 -2.59 5.55 0.01
C ALA A 46 -2.50 4.06 -0.28
N ILE A 47 -1.29 3.52 -0.13
CA ILE A 47 -1.06 2.09 -0.35
C ILE A 47 -0.65 1.44 0.97
N TYR A 48 -1.15 0.23 1.23
CA TYR A 48 -0.83 -0.45 2.48
C TYR A 48 -0.07 -1.75 2.25
N PHE A 49 0.69 -2.15 3.26
CA PHE A 49 1.45 -3.40 3.24
C PHE A 49 1.10 -4.17 4.49
N VAL A 50 0.85 -5.46 4.34
CA VAL A 50 0.52 -6.27 5.48
C VAL A 50 1.77 -7.01 5.95
N CYS A 51 2.03 -6.96 7.25
CA CYS A 51 3.22 -7.61 7.80
C CYS A 51 2.83 -8.92 8.47
N SER A 52 1.59 -8.99 8.94
CA SER A 52 1.10 -10.19 9.61
C SER A 52 -0.41 -10.11 9.78
N GLY A 53 -1.09 -11.26 9.67
CA GLY A 53 -2.54 -11.29 9.82
C GLY A 53 -3.19 -11.77 8.53
N SER A 54 -4.47 -11.45 8.35
CA SER A 54 -5.18 -11.89 7.14
C SER A 54 -6.37 -10.97 6.83
N MET A 55 -6.61 -10.73 5.54
CA MET A 55 -7.72 -9.87 5.14
C MET A 55 -8.18 -10.18 3.72
N GLU A 56 -9.36 -9.66 3.37
CA GLU A 56 -9.92 -9.91 2.05
C GLU A 56 -10.87 -8.79 1.63
N VAL A 57 -10.96 -8.53 0.32
CA VAL A 57 -11.88 -7.51 -0.18
C VAL A 57 -13.17 -8.21 -0.60
N LEU A 58 -14.32 -7.63 -0.20
CA LEU A 58 -15.61 -8.25 -0.48
C LEU A 58 -16.38 -7.55 -1.60
N LYS A 59 -16.68 -8.31 -2.64
CA LYS A 59 -17.42 -7.78 -3.78
C LYS A 59 -18.03 -8.91 -4.61
N ASP A 60 -19.21 -8.67 -5.15
CA ASP A 60 -19.90 -9.66 -5.98
C ASP A 60 -20.17 -10.95 -5.22
N ASN A 61 -20.62 -10.83 -3.98
CA ASN A 61 -20.95 -11.99 -3.16
C ASN A 61 -19.72 -12.80 -2.82
N THR A 62 -18.57 -12.46 -3.41
CA THR A 62 -17.35 -13.18 -3.12
C THR A 62 -16.23 -12.22 -2.78
N VAL A 63 -15.25 -12.73 -2.07
CA VAL A 63 -14.12 -11.91 -1.74
C VAL A 63 -13.31 -11.70 -3.00
N LEU A 64 -13.19 -10.44 -3.42
CA LEU A 64 -12.48 -10.15 -4.66
C LEU A 64 -10.98 -10.30 -4.46
N ALA A 65 -10.55 -10.42 -3.21
CA ALA A 65 -9.13 -10.59 -2.95
C ALA A 65 -8.90 -11.41 -1.69
N ILE A 66 -8.02 -12.40 -1.80
CA ILE A 66 -7.68 -13.24 -0.66
C ILE A 66 -6.18 -13.16 -0.44
N LEU A 67 -5.76 -12.42 0.59
CA LEU A 67 -4.32 -12.29 0.83
C LEU A 67 -3.94 -12.50 2.30
N GLY A 68 -2.65 -12.74 2.52
CA GLY A 68 -2.12 -12.95 3.86
C GLY A 68 -0.94 -12.03 4.14
N LYS A 69 -0.06 -12.47 5.03
CA LYS A 69 1.11 -11.70 5.42
C LYS A 69 1.98 -11.30 4.23
N GLY A 70 2.43 -10.05 4.23
CA GLY A 70 3.31 -9.53 3.18
C GLY A 70 2.52 -9.01 1.98
N ASP A 71 1.28 -9.44 1.85
CA ASP A 71 0.46 -9.01 0.72
C ASP A 71 0.51 -7.50 0.56
N LEU A 72 -0.12 -7.00 -0.49
CA LEU A 72 -0.15 -5.56 -0.74
C LEU A 72 -1.52 -5.15 -1.29
N ILE A 73 -2.00 -4.00 -0.80
CA ILE A 73 -3.29 -3.49 -1.22
C ILE A 73 -3.15 -2.16 -1.96
N GLY A 74 -3.67 -2.09 -3.18
CA GLY A 74 -3.59 -0.88 -3.98
C GLY A 74 -3.36 -1.20 -5.45
N SER A 75 -3.80 -0.30 -6.33
CA SER A 75 -3.62 -0.51 -7.76
C SER A 75 -2.19 -0.16 -8.18
N ASP A 76 -1.66 -0.91 -9.15
CA ASP A 76 -0.30 -0.67 -9.62
C ASP A 76 -0.28 0.50 -10.61
N SER A 77 0.86 0.68 -11.27
CA SER A 77 1.00 1.77 -12.22
C SER A 77 0.98 3.11 -11.51
N LEU A 78 1.65 3.18 -10.37
CA LEU A 78 1.70 4.40 -9.59
C LEU A 78 2.14 5.58 -10.45
N THR A 79 2.61 5.29 -11.66
CA THR A 79 3.05 6.33 -12.57
C THR A 79 1.86 7.03 -13.20
N LYS A 80 0.66 6.54 -12.90
CA LYS A 80 -0.56 7.11 -13.45
C LYS A 80 -0.97 8.35 -12.66
N GLU A 81 -0.29 8.59 -11.54
CA GLU A 81 -0.59 9.74 -10.69
C GLU A 81 -2.00 10.27 -10.95
N GLN A 82 -2.95 9.76 -10.17
CA GLN A 82 -4.35 10.18 -10.31
C GLN A 82 -5.18 9.68 -9.14
N VAL A 83 -6.43 10.13 -9.07
CA VAL A 83 -7.32 9.73 -7.99
C VAL A 83 -7.87 8.33 -8.24
N ILE A 84 -7.59 7.41 -7.31
CA ILE A 84 -8.05 6.04 -7.43
C ILE A 84 -8.98 5.69 -6.29
N LYS A 85 -10.21 5.36 -6.64
CA LYS A 85 -11.19 5.00 -5.64
C LYS A 85 -11.28 3.49 -5.50
N THR A 86 -12.04 3.06 -4.52
CA THR A 86 -12.22 1.64 -4.25
C THR A 86 -13.63 1.20 -4.61
N ASN A 87 -13.73 0.25 -5.55
CA ASN A 87 -15.03 -0.24 -5.99
C ASN A 87 -15.51 -1.38 -5.08
N ALA A 88 -14.57 -2.16 -4.55
CA ALA A 88 -14.93 -3.27 -3.68
C ALA A 88 -14.86 -2.84 -2.22
N ASN A 89 -15.02 -3.80 -1.33
CA ASN A 89 -14.97 -3.52 0.09
C ASN A 89 -13.80 -4.26 0.70
N VAL A 90 -13.43 -3.91 1.93
CA VAL A 90 -12.31 -4.52 2.59
C VAL A 90 -12.69 -4.91 4.01
N LYS A 91 -12.55 -6.19 4.32
CA LYS A 91 -12.85 -6.68 5.65
C LYS A 91 -11.69 -7.52 6.15
N ALA A 92 -11.08 -7.07 7.24
CA ALA A 92 -9.97 -7.80 7.83
C ALA A 92 -10.49 -9.08 8.44
N LEU A 93 -10.02 -10.21 7.91
CA LEU A 93 -10.44 -11.52 8.37
C LEU A 93 -9.83 -11.81 9.74
N THR A 94 -8.53 -11.57 9.84
CA THR A 94 -7.82 -11.78 11.10
C THR A 94 -7.00 -10.55 11.43
N TYR A 95 -6.84 -10.27 12.71
CA TYR A 95 -6.09 -9.10 13.13
C TYR A 95 -4.79 -9.02 12.36
N CYS A 96 -4.58 -7.90 11.68
CA CYS A 96 -3.37 -7.73 10.89
C CYS A 96 -2.85 -6.30 10.99
N ASP A 97 -1.54 -6.17 10.98
CA ASP A 97 -0.90 -4.86 11.04
C ASP A 97 -0.56 -4.40 9.64
N LEU A 98 -0.98 -3.19 9.29
CA LEU A 98 -0.73 -2.69 7.94
C LEU A 98 -0.06 -1.33 7.97
N GLN A 99 0.92 -1.15 7.11
CA GLN A 99 1.62 0.12 7.02
C GLN A 99 1.28 0.77 5.68
N TYR A 100 0.94 2.05 5.70
CA TYR A 100 0.58 2.74 4.47
C TYR A 100 1.04 4.19 4.50
N ILE A 101 1.00 4.81 3.33
CA ILE A 101 1.40 6.20 3.20
C ILE A 101 0.70 6.82 2.01
N SER A 102 0.57 8.14 2.03
CA SER A 102 -0.08 8.83 0.92
C SER A 102 0.90 8.98 -0.23
N LEU A 103 0.51 8.50 -1.41
CA LEU A 103 1.37 8.58 -2.58
C LEU A 103 1.90 9.99 -2.75
N LYS A 104 1.16 10.97 -2.25
CA LYS A 104 1.58 12.36 -2.34
C LYS A 104 2.80 12.58 -1.45
N GLY A 105 2.72 12.06 -0.23
CA GLY A 105 3.82 12.20 0.73
C GLY A 105 5.04 11.43 0.25
N LEU A 106 4.81 10.20 -0.21
CA LEU A 106 5.89 9.34 -0.66
C LEU A 106 6.60 9.89 -1.90
N ARG A 107 5.85 10.42 -2.85
CA ARG A 107 6.45 10.93 -4.07
C ARG A 107 7.27 12.21 -3.84
N GLU A 108 6.84 13.02 -2.88
CA GLU A 108 7.54 14.28 -2.60
C GLU A 108 8.93 13.98 -2.03
N VAL A 109 8.93 13.15 -1.00
CA VAL A 109 10.16 12.74 -0.37
C VAL A 109 11.04 12.13 -1.45
N LEU A 110 10.40 11.31 -2.26
CA LEU A 110 11.07 10.69 -3.37
C LEU A 110 11.59 11.78 -4.30
N ARG A 111 10.90 12.92 -4.31
CA ARG A 111 11.35 14.04 -5.12
C ARG A 111 12.78 14.36 -4.73
N LEU A 112 13.06 14.21 -3.43
CA LEU A 112 14.41 14.42 -2.93
C LEU A 112 15.33 13.41 -3.61
N TYR A 113 14.75 12.28 -3.96
CA TYR A 113 15.47 11.21 -4.66
C TYR A 113 14.84 10.98 -6.03
N PRO A 114 15.19 11.79 -7.00
CA PRO A 114 14.61 11.74 -8.39
C PRO A 114 14.85 10.42 -9.13
N GLU A 115 16.05 9.85 -9.04
CA GLU A 115 16.32 8.61 -9.77
C GLU A 115 15.55 7.43 -9.19
N TYR A 116 15.67 7.25 -7.88
CA TYR A 116 14.98 6.16 -7.20
C TYR A 116 13.48 6.41 -7.23
N ALA A 117 13.10 7.68 -7.16
CA ALA A 117 11.70 8.07 -7.13
C ALA A 117 10.97 7.68 -8.40
N GLN A 118 11.43 8.20 -9.53
CA GLN A 118 10.78 7.89 -10.79
C GLN A 118 10.69 6.38 -10.93
N LYS A 119 11.70 5.70 -10.41
CA LYS A 119 11.75 4.25 -10.46
C LYS A 119 10.77 3.61 -9.45
N PHE A 120 10.45 4.34 -8.38
CA PHE A 120 9.57 3.80 -7.35
C PHE A 120 8.25 3.26 -7.91
N VAL A 121 7.66 3.99 -8.84
CA VAL A 121 6.40 3.53 -9.42
C VAL A 121 6.63 2.24 -10.21
N SER A 122 7.80 2.13 -10.80
CA SER A 122 8.16 0.96 -11.60
C SER A 122 8.74 -0.16 -10.73
N GLU A 123 9.34 0.22 -9.61
CA GLU A 123 9.95 -0.77 -8.71
C GLU A 123 8.91 -1.42 -7.80
N ILE A 124 7.83 -0.70 -7.51
CA ILE A 124 6.79 -1.21 -6.64
C ILE A 124 6.22 -2.54 -7.14
N GLN A 125 6.01 -2.63 -8.46
CA GLN A 125 5.45 -3.84 -9.05
C GLN A 125 6.16 -5.09 -8.53
N HIS A 126 7.43 -4.95 -8.21
CA HIS A 126 8.20 -6.09 -7.71
C HIS A 126 7.55 -6.67 -6.47
N ASP A 127 6.70 -5.87 -5.82
CA ASP A 127 6.01 -6.32 -4.62
C ASP A 127 4.50 -6.25 -4.82
N LEU A 128 4.07 -6.24 -6.08
CA LEU A 128 2.65 -6.16 -6.40
C LEU A 128 1.93 -7.46 -6.02
N THR A 129 1.02 -7.37 -5.05
CA THR A 129 0.25 -8.54 -4.62
C THR A 129 -1.17 -8.47 -5.17
N TYR A 130 -1.87 -7.38 -4.84
CA TYR A 130 -3.24 -7.20 -5.32
C TYR A 130 -3.42 -5.80 -5.87
N ASN A 131 -4.20 -5.68 -6.95
CA ASN A 131 -4.45 -4.38 -7.57
C ASN A 131 -5.85 -3.89 -7.29
N LEU A 132 -5.96 -2.87 -6.44
CA LEU A 132 -7.27 -2.31 -6.12
C LEU A 132 -7.63 -1.27 -7.17
N ARG A 133 -8.68 -1.55 -7.94
CA ARG A 133 -9.12 -0.65 -8.99
C ARG A 133 -10.36 0.13 -8.57
N GLU A 134 -10.51 1.33 -9.13
CA GLU A 134 -11.66 2.17 -8.80
C GLU A 134 -12.80 1.93 -9.79
N GLY A 135 -14.03 2.00 -9.30
CA GLY A 135 -15.19 1.78 -10.14
C GLY A 135 -15.31 0.31 -10.55
N MET A 1 16.86 -15.25 6.79
CA MET A 1 15.60 -15.86 7.17
C MET A 1 14.74 -14.90 7.97
N ASN A 2 15.09 -13.61 7.92
CA ASN A 2 14.34 -12.59 8.64
C ASN A 2 13.90 -11.48 7.70
N LYS A 3 12.70 -11.62 7.15
CA LYS A 3 12.17 -10.61 6.22
C LYS A 3 12.71 -9.23 6.58
N GLU A 4 13.59 -8.71 5.74
CA GLU A 4 14.17 -7.39 5.97
C GLU A 4 13.20 -6.29 5.55
N LEU A 5 13.49 -5.06 5.94
CA LEU A 5 12.62 -3.94 5.59
C LEU A 5 12.45 -3.83 4.07
N LEU A 6 13.38 -4.44 3.33
CA LEU A 6 13.30 -4.37 1.87
C LEU A 6 11.93 -4.81 1.36
N GLN A 7 10.94 -4.91 2.24
CA GLN A 7 9.62 -5.29 1.77
C GLN A 7 9.23 -4.22 0.77
N LEU A 8 9.73 -3.03 1.05
CA LEU A 8 9.55 -1.91 0.15
C LEU A 8 10.95 -1.46 -0.29
N PRO A 9 11.49 -2.09 -1.29
CA PRO A 9 12.86 -1.79 -1.79
C PRO A 9 13.16 -0.30 -1.89
N LEU A 10 12.12 0.50 -1.91
CA LEU A 10 12.29 1.95 -2.04
C LEU A 10 13.05 2.56 -0.89
N PHE A 11 12.69 2.22 0.34
CA PHE A 11 13.35 2.85 1.46
C PHE A 11 14.50 2.01 2.04
N GLU A 12 14.53 0.71 1.76
CA GLU A 12 15.61 -0.13 2.28
C GLU A 12 16.89 0.11 1.49
N SER A 13 16.73 0.64 0.27
CA SER A 13 17.87 0.91 -0.58
C SER A 13 18.15 2.41 -0.65
N ALA A 14 17.48 3.17 0.23
CA ALA A 14 17.67 4.60 0.27
C ALA A 14 18.44 4.99 1.52
N SER A 15 19.07 6.14 1.48
CA SER A 15 19.79 6.59 2.65
C SER A 15 18.78 6.71 3.78
N ARG A 16 19.18 6.33 4.98
CA ARG A 16 18.25 6.42 6.09
C ARG A 16 17.54 7.76 6.01
N GLY A 17 18.17 8.69 5.29
CA GLY A 17 17.61 10.01 5.11
C GLY A 17 16.26 9.91 4.40
N CYS A 18 16.16 9.04 3.40
CA CYS A 18 14.90 8.88 2.69
C CYS A 18 13.89 8.20 3.59
N LEU A 19 14.36 7.30 4.44
CA LEU A 19 13.44 6.63 5.34
C LEU A 19 12.91 7.64 6.36
N ARG A 20 13.77 8.59 6.71
CA ARG A 20 13.36 9.65 7.64
C ARG A 20 12.37 10.54 6.90
N SER A 21 12.65 10.72 5.62
CA SER A 21 11.80 11.50 4.73
C SER A 21 10.43 10.87 4.72
N LEU A 22 10.40 9.57 4.49
CA LEU A 22 9.14 8.85 4.50
C LEU A 22 8.49 9.01 5.87
N SER A 23 9.25 8.69 6.91
CA SER A 23 8.75 8.77 8.26
C SER A 23 8.21 10.16 8.57
N LEU A 24 8.76 11.16 7.92
CA LEU A 24 8.27 12.51 8.12
C LEU A 24 6.79 12.53 7.74
N ILE A 25 6.43 11.71 6.74
CA ILE A 25 5.03 11.64 6.30
C ILE A 25 4.46 10.21 6.34
N ILE A 26 5.03 9.34 7.15
CA ILE A 26 4.57 7.97 7.23
C ILE A 26 3.14 7.89 7.76
N LYS A 27 2.34 7.03 7.15
CA LYS A 27 0.97 6.84 7.60
C LYS A 27 0.76 5.39 8.01
N THR A 28 -0.01 5.16 9.06
CA THR A 28 -0.25 3.80 9.54
C THR A 28 -1.73 3.45 9.54
N SER A 29 -2.06 2.33 8.90
CA SER A 29 -3.44 1.86 8.84
C SER A 29 -3.52 0.47 9.49
N PHE A 30 -4.57 0.24 10.26
CA PHE A 30 -4.72 -1.05 10.94
C PHE A 30 -6.12 -1.62 10.76
N CYS A 31 -6.23 -2.95 10.88
CA CYS A 31 -7.53 -3.62 10.75
C CYS A 31 -7.61 -4.81 11.70
N ALA A 32 -8.83 -5.15 12.09
CA ALA A 32 -9.05 -6.26 13.01
C ALA A 32 -9.85 -7.38 12.35
N PRO A 33 -9.97 -8.51 12.99
CA PRO A 33 -10.75 -9.66 12.44
C PRO A 33 -12.20 -9.27 12.18
N GLY A 34 -12.65 -9.46 10.94
CA GLY A 34 -14.01 -9.11 10.58
C GLY A 34 -14.17 -7.59 10.54
N GLU A 35 -13.07 -6.87 10.77
CA GLU A 35 -13.11 -5.41 10.78
C GLU A 35 -13.18 -4.85 9.36
N PHE A 36 -14.14 -3.96 9.15
CA PHE A 36 -14.32 -3.35 7.83
C PHE A 36 -13.39 -2.15 7.66
N LEU A 37 -12.49 -2.23 6.68
CA LEU A 37 -11.56 -1.13 6.43
C LEU A 37 -12.13 -0.16 5.40
N ILE A 38 -12.74 -0.67 4.33
CA ILE A 38 -13.31 0.23 3.34
C ILE A 38 -14.73 -0.15 3.00
N ARG A 39 -15.46 0.85 2.54
CA ARG A 39 -16.86 0.66 2.15
C ARG A 39 -17.09 1.23 0.74
N GLN A 40 -17.30 0.32 -0.20
CA GLN A 40 -17.52 0.69 -1.60
C GLN A 40 -17.61 2.20 -1.78
N GLY A 41 -16.77 2.74 -2.65
CA GLY A 41 -16.76 4.17 -2.92
C GLY A 41 -15.54 4.84 -2.29
N ASP A 42 -14.62 4.04 -1.76
CA ASP A 42 -13.42 4.59 -1.13
C ASP A 42 -12.48 5.15 -2.19
N ALA A 43 -11.37 5.71 -1.74
CA ALA A 43 -10.39 6.30 -2.65
C ALA A 43 -8.99 5.76 -2.38
N LEU A 44 -8.28 5.44 -3.46
CA LEU A 44 -6.91 4.92 -3.34
C LEU A 44 -5.90 6.05 -3.55
N GLN A 45 -5.18 6.42 -2.49
CA GLN A 45 -4.19 7.49 -2.60
C GLN A 45 -2.82 7.03 -2.11
N ALA A 46 -2.80 6.30 -1.00
CA ALA A 46 -1.55 5.81 -0.43
C ALA A 46 -1.25 4.38 -0.89
N ILE A 47 0.02 4.01 -0.84
CA ILE A 47 0.42 2.65 -1.20
C ILE A 47 0.30 1.78 0.04
N TYR A 48 -0.29 0.59 -0.12
CA TYR A 48 -0.52 -0.27 1.03
C TYR A 48 0.35 -1.51 1.02
N PHE A 49 0.72 -1.95 2.22
CA PHE A 49 1.52 -3.16 2.40
C PHE A 49 1.13 -3.79 3.73
N VAL A 50 0.96 -5.10 3.73
CA VAL A 50 0.60 -5.79 4.94
C VAL A 50 1.84 -6.50 5.49
N CYS A 51 2.08 -6.32 6.79
CA CYS A 51 3.25 -6.93 7.41
C CYS A 51 2.91 -8.32 7.94
N SER A 52 1.73 -8.45 8.54
CA SER A 52 1.32 -9.74 9.10
C SER A 52 -0.17 -9.71 9.45
N GLY A 53 -0.86 -10.82 9.18
CA GLY A 53 -2.29 -10.92 9.47
C GLY A 53 -3.04 -11.46 8.26
N SER A 54 -4.36 -11.21 8.22
CA SER A 54 -5.16 -11.70 7.10
C SER A 54 -6.30 -10.75 6.79
N MET A 55 -6.54 -10.51 5.50
CA MET A 55 -7.62 -9.61 5.11
C MET A 55 -8.07 -9.87 3.68
N GLU A 56 -9.27 -9.39 3.35
CA GLU A 56 -9.82 -9.59 2.02
C GLU A 56 -11.00 -8.64 1.79
N VAL A 57 -11.25 -8.29 0.53
CA VAL A 57 -12.38 -7.42 0.20
C VAL A 57 -13.58 -8.28 -0.20
N LEU A 58 -14.75 -7.98 0.37
CA LEU A 58 -15.96 -8.77 0.11
C LEU A 58 -16.94 -8.07 -0.81
N LYS A 59 -17.33 -8.76 -1.88
CA LYS A 59 -18.31 -8.25 -2.83
C LYS A 59 -18.88 -9.39 -3.68
N ASP A 60 -20.15 -9.31 -4.01
CA ASP A 60 -20.80 -10.34 -4.82
C ASP A 60 -20.77 -11.70 -4.12
N ASN A 61 -21.01 -11.70 -2.81
CA ASN A 61 -21.04 -12.94 -2.04
C ASN A 61 -19.68 -13.60 -1.94
N THR A 62 -18.73 -13.16 -2.77
CA THR A 62 -17.39 -13.73 -2.73
C THR A 62 -16.35 -12.65 -2.47
N VAL A 63 -15.21 -13.08 -1.96
CA VAL A 63 -14.13 -12.16 -1.70
C VAL A 63 -13.56 -11.67 -3.02
N LEU A 64 -13.59 -10.37 -3.25
CA LEU A 64 -13.08 -9.84 -4.51
C LEU A 64 -11.55 -9.87 -4.47
N ALA A 65 -11.01 -9.97 -3.26
CA ALA A 65 -9.56 -10.04 -3.12
C ALA A 65 -9.19 -10.87 -1.89
N ILE A 66 -8.23 -11.77 -2.07
CA ILE A 66 -7.79 -12.61 -0.97
C ILE A 66 -6.27 -12.45 -0.78
N LEU A 67 -5.86 -11.75 0.27
CA LEU A 67 -4.43 -11.54 0.50
C LEU A 67 -4.03 -11.82 1.94
N GLY A 68 -2.72 -12.01 2.15
CA GLY A 68 -2.20 -12.29 3.49
C GLY A 68 -0.93 -11.47 3.78
N LYS A 69 -0.09 -12.01 4.66
CA LYS A 69 1.14 -11.35 5.06
C LYS A 69 2.03 -10.98 3.87
N GLY A 70 2.45 -9.71 3.84
CA GLY A 70 3.34 -9.23 2.79
C GLY A 70 2.56 -8.77 1.57
N ASP A 71 1.31 -9.21 1.47
CA ASP A 71 0.49 -8.84 0.33
C ASP A 71 0.55 -7.34 0.07
N LEU A 72 0.05 -6.92 -1.07
CA LEU A 72 0.04 -5.52 -1.43
C LEU A 72 -1.35 -5.09 -1.87
N ILE A 73 -1.77 -3.91 -1.43
CA ILE A 73 -3.10 -3.41 -1.78
C ILE A 73 -2.98 -2.07 -2.49
N GLY A 74 -3.85 -1.90 -3.48
CA GLY A 74 -3.89 -0.70 -4.29
C GLY A 74 -3.67 -1.03 -5.76
N SER A 75 -4.22 -0.21 -6.64
CA SER A 75 -4.09 -0.45 -8.08
C SER A 75 -2.71 -0.01 -8.57
N ASP A 76 -2.12 -0.81 -9.45
CA ASP A 76 -0.81 -0.50 -10.01
C ASP A 76 -0.82 0.85 -10.70
N SER A 77 0.25 1.14 -11.44
CA SER A 77 0.36 2.40 -12.15
C SER A 77 0.57 3.55 -11.18
N LEU A 78 1.41 3.33 -10.17
CA LEU A 78 1.69 4.36 -9.18
C LEU A 78 2.21 5.62 -9.85
N THR A 79 2.46 5.54 -11.15
CA THR A 79 2.96 6.69 -11.90
C THR A 79 1.82 7.40 -12.63
N LYS A 80 0.76 6.65 -12.93
CA LYS A 80 -0.39 7.21 -13.64
C LYS A 80 -1.47 7.64 -12.65
N GLU A 81 -1.05 8.02 -11.45
CA GLU A 81 -1.99 8.45 -10.40
C GLU A 81 -3.31 8.89 -11.02
N GLN A 82 -4.23 7.94 -11.14
CA GLN A 82 -5.56 8.23 -11.70
C GLN A 82 -6.63 8.09 -10.65
N VAL A 83 -7.86 8.47 -11.00
CA VAL A 83 -8.97 8.38 -10.07
C VAL A 83 -9.37 6.92 -9.85
N ILE A 84 -9.05 6.40 -8.66
CA ILE A 84 -9.36 5.01 -8.32
C ILE A 84 -10.08 4.93 -6.98
N LYS A 85 -11.25 4.31 -6.98
CA LYS A 85 -12.02 4.16 -5.76
C LYS A 85 -12.44 2.71 -5.58
N THR A 86 -12.33 2.21 -4.36
CA THR A 86 -12.69 0.82 -4.09
C THR A 86 -14.21 0.64 -4.12
N ASN A 87 -14.69 -0.18 -5.07
CA ASN A 87 -16.11 -0.42 -5.22
C ASN A 87 -16.58 -1.56 -4.31
N ALA A 88 -15.64 -2.37 -3.84
CA ALA A 88 -15.98 -3.49 -2.97
C ALA A 88 -15.88 -3.05 -1.51
N ASN A 89 -15.94 -4.01 -0.61
CA ASN A 89 -15.84 -3.70 0.82
C ASN A 89 -14.61 -4.40 1.36
N VAL A 90 -13.84 -3.72 2.21
CA VAL A 90 -12.66 -4.33 2.76
C VAL A 90 -12.94 -4.79 4.16
N LYS A 91 -12.62 -6.05 4.43
CA LYS A 91 -12.83 -6.61 5.75
C LYS A 91 -11.67 -7.51 6.15
N ALA A 92 -10.99 -7.12 7.23
CA ALA A 92 -9.87 -7.90 7.72
C ALA A 92 -10.36 -9.19 8.35
N LEU A 93 -9.84 -10.31 7.86
CA LEU A 93 -10.22 -11.61 8.37
C LEU A 93 -9.62 -11.82 9.76
N THR A 94 -8.33 -11.53 9.86
CA THR A 94 -7.61 -11.67 11.11
C THR A 94 -6.81 -10.39 11.39
N TYR A 95 -6.59 -10.09 12.67
CA TYR A 95 -5.85 -8.89 13.03
C TYR A 95 -4.60 -8.76 12.17
N CYS A 96 -4.51 -7.66 11.43
CA CYS A 96 -3.37 -7.43 10.56
C CYS A 96 -2.90 -5.99 10.63
N ASP A 97 -1.58 -5.82 10.76
CA ASP A 97 -1.00 -4.48 10.79
C ASP A 97 -0.73 -4.04 9.36
N LEU A 98 -1.20 -2.85 9.01
CA LEU A 98 -1.02 -2.37 7.64
C LEU A 98 -0.22 -1.08 7.59
N GLN A 99 0.79 -1.05 6.74
CA GLN A 99 1.63 0.13 6.57
C GLN A 99 1.32 0.76 5.22
N TYR A 100 1.13 2.08 5.21
CA TYR A 100 0.81 2.77 3.97
C TYR A 100 1.15 4.25 4.10
N ILE A 101 1.29 4.92 2.96
CA ILE A 101 1.61 6.34 2.98
C ILE A 101 1.14 7.04 1.72
N SER A 102 0.59 8.24 1.89
CA SER A 102 0.09 9.03 0.76
C SER A 102 1.12 9.11 -0.35
N LEU A 103 0.65 8.96 -1.59
CA LEU A 103 1.54 9.03 -2.74
C LEU A 103 2.26 10.37 -2.77
N LYS A 104 1.54 11.43 -2.38
CA LYS A 104 2.13 12.76 -2.37
C LYS A 104 3.18 12.86 -1.27
N GLY A 105 2.92 12.19 -0.15
CA GLY A 105 3.85 12.20 0.98
C GLY A 105 5.10 11.40 0.67
N LEU A 106 4.89 10.20 0.13
CA LEU A 106 5.99 9.31 -0.21
C LEU A 106 6.78 9.83 -1.40
N ARG A 107 6.08 10.34 -2.39
CA ARG A 107 6.75 10.84 -3.58
C ARG A 107 7.52 12.13 -3.32
N GLU A 108 7.06 12.92 -2.36
CA GLU A 108 7.72 14.18 -2.02
C GLU A 108 9.07 13.89 -1.40
N VAL A 109 9.05 13.05 -0.39
CA VAL A 109 10.26 12.65 0.29
C VAL A 109 11.21 12.03 -0.72
N LEU A 110 10.70 11.08 -1.46
CA LEU A 110 11.47 10.44 -2.49
C LEU A 110 11.90 11.50 -3.50
N ARG A 111 11.10 12.55 -3.65
CA ARG A 111 11.46 13.63 -4.55
C ARG A 111 12.83 14.12 -4.15
N LEU A 112 13.09 14.09 -2.84
CA LEU A 112 14.39 14.49 -2.33
C LEU A 112 15.41 13.55 -2.94
N TYR A 113 14.94 12.33 -3.21
CA TYR A 113 15.77 11.30 -3.84
C TYR A 113 15.14 10.92 -5.18
N PRO A 114 15.43 11.67 -6.21
CA PRO A 114 14.86 11.47 -7.59
C PRO A 114 15.20 10.13 -8.23
N GLU A 115 16.44 9.66 -8.07
CA GLU A 115 16.84 8.39 -8.70
C GLU A 115 16.02 7.23 -8.13
N TYR A 116 16.02 7.14 -6.81
CA TYR A 116 15.29 6.08 -6.14
C TYR A 116 13.78 6.33 -6.26
N ALA A 117 13.41 7.59 -6.26
CA ALA A 117 12.00 7.98 -6.34
C ALA A 117 11.39 7.64 -7.68
N GLN A 118 11.94 8.18 -8.75
CA GLN A 118 11.42 7.91 -10.06
C GLN A 118 11.33 6.40 -10.24
N LYS A 119 12.28 5.71 -9.62
CA LYS A 119 12.33 4.26 -9.67
C LYS A 119 11.25 3.63 -8.77
N PHE A 120 10.85 4.34 -7.71
CA PHE A 120 9.87 3.81 -6.78
C PHE A 120 8.56 3.42 -7.47
N VAL A 121 7.97 4.33 -8.20
CA VAL A 121 6.72 4.02 -8.89
C VAL A 121 6.87 2.77 -9.75
N SER A 122 8.06 2.60 -10.32
CA SER A 122 8.34 1.44 -11.17
C SER A 122 8.80 0.24 -10.36
N GLU A 123 9.43 0.50 -9.22
CA GLU A 123 9.94 -0.60 -8.38
C GLU A 123 8.80 -1.29 -7.62
N ILE A 124 7.67 -0.60 -7.50
CA ILE A 124 6.52 -1.17 -6.79
C ILE A 124 6.12 -2.52 -7.39
N GLN A 125 6.16 -2.60 -8.72
CA GLN A 125 5.78 -3.82 -9.41
C GLN A 125 6.43 -5.05 -8.79
N HIS A 126 7.64 -4.85 -8.26
CA HIS A 126 8.37 -5.96 -7.64
C HIS A 126 7.57 -6.56 -6.49
N ASP A 127 6.59 -5.81 -6.00
CA ASP A 127 5.76 -6.28 -4.89
C ASP A 127 4.29 -6.35 -5.31
N LEU A 128 4.05 -6.40 -6.61
CA LEU A 128 2.68 -6.46 -7.12
C LEU A 128 1.97 -7.74 -6.69
N THR A 129 1.14 -7.63 -5.66
CA THR A 129 0.39 -8.79 -5.16
C THR A 129 -1.04 -8.72 -5.67
N TYR A 130 -1.78 -7.72 -5.23
CA TYR A 130 -3.16 -7.56 -5.65
C TYR A 130 -3.43 -6.12 -6.05
N ASN A 131 -3.77 -5.90 -7.31
CA ASN A 131 -4.04 -4.56 -7.81
C ASN A 131 -5.51 -4.20 -7.62
N LEU A 132 -5.77 -3.28 -6.70
CA LEU A 132 -7.15 -2.87 -6.43
C LEU A 132 -7.66 -1.97 -7.56
N ARG A 133 -8.68 -2.44 -8.26
CA ARG A 133 -9.26 -1.68 -9.37
C ARG A 133 -10.56 -1.01 -8.94
N GLU A 134 -10.90 0.11 -9.59
CA GLU A 134 -12.13 0.82 -9.28
C GLU A 134 -13.32 0.21 -9.98
N GLY A 135 -14.50 0.32 -9.36
CA GLY A 135 -15.71 -0.23 -9.94
C GLY A 135 -15.90 -1.69 -9.53
N MET A 1 14.80 -21.13 4.20
CA MET A 1 15.23 -20.16 3.20
C MET A 1 15.09 -18.74 3.74
N ASN A 2 15.26 -17.76 2.86
CA ASN A 2 15.13 -16.36 3.24
C ASN A 2 14.93 -15.48 2.02
N LYS A 3 14.18 -14.40 2.19
CA LYS A 3 13.91 -13.47 1.10
C LYS A 3 14.82 -12.24 1.20
N GLU A 4 15.15 -11.66 0.06
CA GLU A 4 16.00 -10.49 0.03
C GLU A 4 15.34 -9.34 0.79
N LEU A 5 16.16 -8.42 1.31
CA LEU A 5 15.63 -7.29 2.05
C LEU A 5 14.82 -6.37 1.15
N LEU A 6 15.07 -6.44 -0.15
CA LEU A 6 14.35 -5.58 -1.08
C LEU A 6 12.84 -5.73 -0.92
N GLN A 7 12.40 -6.35 0.17
CA GLN A 7 10.97 -6.48 0.38
C GLN A 7 10.44 -5.06 0.42
N LEU A 8 11.31 -4.17 0.88
CA LEU A 8 11.02 -2.76 0.88
C LEU A 8 12.08 -2.12 -0.04
N PRO A 9 11.84 -2.11 -1.33
CA PRO A 9 12.84 -1.61 -2.34
C PRO A 9 13.12 -0.11 -2.33
N LEU A 10 12.07 0.70 -2.42
CA LEU A 10 12.27 2.15 -2.47
C LEU A 10 13.03 2.67 -1.29
N PHE A 11 12.61 2.28 -0.12
CA PHE A 11 13.23 2.77 1.09
C PHE A 11 14.39 1.89 1.58
N GLU A 12 14.14 0.61 1.84
CA GLU A 12 15.21 -0.25 2.33
C GLU A 12 16.42 -0.17 1.43
N SER A 13 16.23 0.37 0.22
CA SER A 13 17.33 0.49 -0.73
C SER A 13 17.77 1.94 -0.87
N ALA A 14 17.29 2.82 0.00
CA ALA A 14 17.66 4.22 -0.05
C ALA A 14 18.49 4.59 1.15
N SER A 15 19.23 5.68 1.03
CA SER A 15 20.00 6.14 2.16
C SER A 15 19.03 6.43 3.28
N ARG A 16 19.43 6.16 4.50
CA ARG A 16 18.54 6.42 5.61
C ARG A 16 17.91 7.79 5.44
N GLY A 17 18.56 8.61 4.62
CA GLY A 17 18.06 9.94 4.36
C GLY A 17 16.65 9.88 3.76
N CYS A 18 16.44 8.98 2.79
CA CYS A 18 15.13 8.84 2.19
C CYS A 18 14.17 8.24 3.20
N LEU A 19 14.62 7.20 3.89
CA LEU A 19 13.76 6.57 4.88
C LEU A 19 13.27 7.65 5.84
N ARG A 20 14.11 8.65 6.07
CA ARG A 20 13.74 9.77 6.92
C ARG A 20 12.69 10.61 6.21
N SER A 21 12.81 10.66 4.88
CA SER A 21 11.89 11.39 4.03
C SER A 21 10.51 10.75 4.11
N LEU A 22 10.46 9.46 3.84
CA LEU A 22 9.19 8.75 3.93
C LEU A 22 8.67 8.82 5.35
N SER A 23 9.59 8.69 6.31
CA SER A 23 9.20 8.73 7.70
C SER A 23 8.62 10.08 8.06
N LEU A 24 9.06 11.12 7.37
CA LEU A 24 8.52 12.44 7.61
C LEU A 24 7.02 12.39 7.35
N ILE A 25 6.61 11.54 6.41
CA ILE A 25 5.18 11.40 6.09
C ILE A 25 4.67 9.95 6.27
N ILE A 26 5.36 9.16 7.09
CA ILE A 26 4.95 7.79 7.31
C ILE A 26 3.58 7.71 7.98
N LYS A 27 2.72 6.86 7.44
CA LYS A 27 1.39 6.68 8.02
C LYS A 27 1.18 5.21 8.40
N THR A 28 0.38 4.97 9.44
CA THR A 28 0.12 3.61 9.88
C THR A 28 -1.38 3.31 9.95
N SER A 29 -1.76 2.17 9.39
CA SER A 29 -3.17 1.75 9.39
C SER A 29 -3.30 0.36 10.03
N PHE A 30 -4.41 0.12 10.73
CA PHE A 30 -4.60 -1.18 11.37
C PHE A 30 -6.00 -1.74 11.11
N CYS A 31 -6.09 -3.07 11.04
CA CYS A 31 -7.37 -3.74 10.82
C CYS A 31 -7.54 -4.90 11.79
N ALA A 32 -8.80 -5.23 12.10
CA ALA A 32 -9.09 -6.31 13.02
C ALA A 32 -9.85 -7.44 12.33
N PRO A 33 -10.04 -8.56 12.98
CA PRO A 33 -10.79 -9.71 12.40
C PRO A 33 -12.22 -9.30 12.09
N GLY A 34 -12.64 -9.48 10.85
CA GLY A 34 -14.00 -9.12 10.46
C GLY A 34 -14.13 -7.59 10.43
N GLU A 35 -13.02 -6.89 10.65
CA GLU A 35 -13.02 -5.44 10.65
C GLU A 35 -13.11 -4.90 9.23
N PHE A 36 -14.06 -3.99 9.01
CA PHE A 36 -14.26 -3.40 7.69
C PHE A 36 -13.46 -2.11 7.53
N LEU A 37 -12.47 -2.13 6.65
CA LEU A 37 -11.64 -0.96 6.40
C LEU A 37 -12.20 -0.13 5.25
N ILE A 38 -12.46 -0.78 4.11
CA ILE A 38 -13.00 -0.05 2.96
C ILE A 38 -14.41 -0.50 2.64
N ARG A 39 -15.22 0.45 2.20
CA ARG A 39 -16.60 0.16 1.83
C ARG A 39 -16.91 0.74 0.44
N GLN A 40 -16.98 -0.15 -0.54
CA GLN A 40 -17.24 0.23 -1.93
C GLN A 40 -17.58 1.71 -2.06
N GLY A 41 -16.85 2.40 -2.92
CA GLY A 41 -17.07 3.82 -3.16
C GLY A 41 -16.04 4.69 -2.44
N ASP A 42 -15.03 4.06 -1.86
CA ASP A 42 -14.00 4.82 -1.14
C ASP A 42 -13.05 5.50 -2.11
N ALA A 43 -12.14 6.30 -1.55
CA ALA A 43 -11.16 7.01 -2.35
C ALA A 43 -9.75 6.50 -2.06
N LEU A 44 -9.23 5.67 -2.95
CA LEU A 44 -7.89 5.11 -2.76
C LEU A 44 -6.82 6.16 -3.07
N GLN A 45 -6.07 6.54 -2.04
CA GLN A 45 -5.02 7.54 -2.20
C GLN A 45 -3.68 7.01 -1.70
N ALA A 46 -3.72 6.22 -0.62
CA ALA A 46 -2.49 5.67 -0.04
C ALA A 46 -2.32 4.19 -0.39
N ILE A 47 -1.11 3.69 -0.19
CA ILE A 47 -0.81 2.28 -0.46
C ILE A 47 -0.53 1.57 0.86
N TYR A 48 -1.04 0.33 0.98
CA TYR A 48 -0.85 -0.41 2.22
C TYR A 48 0.00 -1.66 2.03
N PHE A 49 0.63 -2.07 3.13
CA PHE A 49 1.44 -3.28 3.17
C PHE A 49 1.06 -4.06 4.42
N VAL A 50 0.87 -5.35 4.29
CA VAL A 50 0.52 -6.16 5.43
C VAL A 50 1.76 -6.91 5.90
N CYS A 51 2.01 -6.90 7.20
CA CYS A 51 3.18 -7.57 7.74
C CYS A 51 2.81 -8.92 8.33
N SER A 52 1.62 -8.99 8.93
CA SER A 52 1.15 -10.23 9.52
C SER A 52 -0.35 -10.16 9.77
N GLY A 53 -1.05 -11.25 9.49
CA GLY A 53 -2.50 -11.28 9.67
C GLY A 53 -3.18 -11.73 8.38
N SER A 54 -4.47 -11.42 8.24
CA SER A 54 -5.19 -11.82 7.04
C SER A 54 -6.33 -10.85 6.73
N MET A 55 -6.56 -10.59 5.44
CA MET A 55 -7.64 -9.70 5.03
C MET A 55 -8.06 -9.97 3.60
N GLU A 56 -9.17 -9.37 3.18
CA GLU A 56 -9.67 -9.57 1.83
C GLU A 56 -10.70 -8.53 1.43
N VAL A 57 -10.93 -8.39 0.12
CA VAL A 57 -11.92 -7.45 -0.39
C VAL A 57 -13.22 -8.19 -0.69
N LEU A 58 -14.34 -7.70 -0.12
CA LEU A 58 -15.65 -8.36 -0.31
C LEU A 58 -16.59 -7.58 -1.19
N LYS A 59 -17.15 -8.28 -2.18
CA LYS A 59 -18.13 -7.70 -3.08
C LYS A 59 -18.91 -8.80 -3.77
N ASP A 60 -20.20 -8.56 -3.98
CA ASP A 60 -21.06 -9.53 -4.62
C ASP A 60 -21.10 -10.85 -3.85
N ASN A 61 -21.05 -10.75 -2.52
CA ASN A 61 -21.14 -11.95 -1.67
C ASN A 61 -19.83 -12.74 -1.60
N THR A 62 -18.87 -12.44 -2.47
CA THR A 62 -17.60 -13.17 -2.43
C THR A 62 -16.43 -12.23 -2.37
N VAL A 63 -15.33 -12.71 -1.82
CA VAL A 63 -14.15 -11.92 -1.73
C VAL A 63 -13.40 -11.94 -3.06
N LEU A 64 -13.28 -10.76 -3.67
CA LEU A 64 -12.60 -10.67 -4.96
C LEU A 64 -11.11 -10.76 -4.74
N ALA A 65 -10.69 -10.56 -3.50
CA ALA A 65 -9.27 -10.66 -3.20
C ALA A 65 -9.06 -11.39 -1.89
N ILE A 66 -8.15 -12.35 -1.92
CA ILE A 66 -7.84 -13.13 -0.74
C ILE A 66 -6.32 -13.14 -0.53
N LEU A 67 -5.84 -12.38 0.46
CA LEU A 67 -4.40 -12.31 0.70
C LEU A 67 -4.04 -12.49 2.18
N GLY A 68 -2.76 -12.77 2.42
CA GLY A 68 -2.26 -12.96 3.77
C GLY A 68 -1.09 -12.02 4.08
N LYS A 69 -0.23 -12.45 4.99
CA LYS A 69 0.92 -11.67 5.41
C LYS A 69 1.82 -11.24 4.24
N GLY A 70 2.29 -9.99 4.31
CA GLY A 70 3.18 -9.44 3.29
C GLY A 70 2.41 -8.87 2.11
N ASP A 71 1.20 -9.38 1.90
CA ASP A 71 0.39 -8.91 0.79
C ASP A 71 0.34 -7.38 0.71
N LEU A 72 0.48 -6.86 -0.50
CA LEU A 72 0.45 -5.42 -0.70
C LEU A 72 -0.88 -5.01 -1.33
N ILE A 73 -1.35 -3.82 -0.98
CA ILE A 73 -2.61 -3.33 -1.53
C ILE A 73 -2.38 -2.06 -2.31
N GLY A 74 -3.14 -1.92 -3.37
CA GLY A 74 -3.05 -0.74 -4.23
C GLY A 74 -2.85 -1.13 -5.69
N SER A 75 -3.35 -0.31 -6.60
CA SER A 75 -3.23 -0.59 -8.03
C SER A 75 -1.83 -0.23 -8.52
N ASP A 76 -1.37 -0.95 -9.54
CA ASP A 76 -0.04 -0.71 -10.11
C ASP A 76 -0.03 0.57 -10.94
N SER A 77 1.07 0.79 -11.63
CA SER A 77 1.21 1.98 -12.47
C SER A 77 1.16 3.24 -11.61
N LEU A 78 1.83 3.19 -10.46
CA LEU A 78 1.86 4.34 -9.56
C LEU A 78 2.30 5.59 -10.29
N THR A 79 2.78 5.42 -11.52
CA THR A 79 3.24 6.55 -12.32
C THR A 79 2.07 7.23 -13.02
N LYS A 80 0.88 6.63 -12.91
CA LYS A 80 -0.31 7.19 -13.54
C LYS A 80 -0.95 8.23 -12.62
N GLU A 81 -0.59 8.19 -11.35
CA GLU A 81 -1.13 9.12 -10.36
C GLU A 81 -2.44 9.73 -10.85
N GLN A 82 -3.55 9.07 -10.51
CA GLN A 82 -4.86 9.57 -10.93
C GLN A 82 -5.90 9.28 -9.85
N VAL A 83 -7.11 9.81 -10.05
CA VAL A 83 -8.18 9.62 -9.08
C VAL A 83 -8.67 8.18 -9.11
N ILE A 84 -8.58 7.52 -7.96
CA ILE A 84 -9.02 6.13 -7.86
C ILE A 84 -9.94 5.94 -6.66
N LYS A 85 -11.02 5.18 -6.88
CA LYS A 85 -11.98 4.92 -5.82
C LYS A 85 -12.22 3.42 -5.70
N THR A 86 -12.21 2.92 -4.47
CA THR A 86 -12.43 1.50 -4.24
C THR A 86 -13.86 1.12 -4.53
N ASN A 87 -14.06 0.24 -5.52
CA ASN A 87 -15.39 -0.19 -5.90
C ASN A 87 -15.91 -1.29 -4.97
N ALA A 88 -14.99 -2.08 -4.43
CA ALA A 88 -15.36 -3.15 -3.52
C ALA A 88 -15.18 -2.72 -2.07
N ASN A 89 -15.32 -3.68 -1.16
CA ASN A 89 -15.16 -3.41 0.26
C ASN A 89 -13.98 -4.21 0.78
N VAL A 90 -13.51 -3.89 1.98
CA VAL A 90 -12.38 -4.56 2.55
C VAL A 90 -12.69 -4.92 3.98
N LYS A 91 -12.48 -6.19 4.31
CA LYS A 91 -12.71 -6.68 5.66
C LYS A 91 -11.56 -7.57 6.10
N ALA A 92 -10.89 -7.17 7.16
CA ALA A 92 -9.79 -7.95 7.69
C ALA A 92 -10.32 -9.24 8.28
N LEU A 93 -9.85 -10.37 7.74
CA LEU A 93 -10.30 -11.68 8.21
C LEU A 93 -9.72 -11.96 9.58
N THR A 94 -8.43 -11.71 9.72
CA THR A 94 -7.74 -11.91 10.99
C THR A 94 -6.96 -10.64 11.33
N TYR A 95 -6.79 -10.38 12.63
CA TYR A 95 -6.07 -9.18 13.04
C TYR A 95 -4.78 -9.05 12.24
N CYS A 96 -4.68 -7.96 11.48
CA CYS A 96 -3.50 -7.74 10.67
C CYS A 96 -3.00 -6.30 10.76
N ASP A 97 -1.70 -6.15 10.92
CA ASP A 97 -1.09 -4.83 11.00
C ASP A 97 -0.78 -4.35 9.59
N LEU A 98 -1.23 -3.16 9.25
CA LEU A 98 -0.99 -2.63 7.90
C LEU A 98 -0.25 -1.30 7.94
N GLN A 99 0.76 -1.20 7.10
CA GLN A 99 1.54 0.03 7.00
C GLN A 99 1.19 0.72 5.69
N TYR A 100 0.94 2.02 5.74
CA TYR A 100 0.58 2.74 4.54
C TYR A 100 1.03 4.19 4.60
N ILE A 101 0.99 4.84 3.45
CA ILE A 101 1.39 6.22 3.33
C ILE A 101 0.66 6.89 2.17
N SER A 102 0.52 8.19 2.23
CA SER A 102 -0.16 8.89 1.15
C SER A 102 0.78 8.99 -0.06
N LEU A 103 0.30 8.53 -1.20
CA LEU A 103 1.10 8.54 -2.42
C LEU A 103 1.74 9.91 -2.62
N LYS A 104 1.03 10.96 -2.21
CA LYS A 104 1.56 12.31 -2.34
C LYS A 104 2.74 12.50 -1.39
N GLY A 105 2.61 11.93 -0.20
CA GLY A 105 3.65 12.01 0.81
C GLY A 105 4.91 11.29 0.37
N LEU A 106 4.74 10.09 -0.17
CA LEU A 106 5.86 9.27 -0.61
C LEU A 106 6.56 9.85 -1.82
N ARG A 107 5.80 10.33 -2.78
CA ARG A 107 6.40 10.86 -4.00
C ARG A 107 7.14 12.17 -3.75
N GLU A 108 6.71 12.94 -2.76
CA GLU A 108 7.35 14.21 -2.45
C GLU A 108 8.73 13.95 -1.89
N VAL A 109 8.77 13.12 -0.88
CA VAL A 109 10.01 12.73 -0.25
C VAL A 109 10.95 12.14 -1.31
N LEU A 110 10.42 11.18 -2.03
CA LEU A 110 11.18 10.56 -3.09
C LEU A 110 11.54 11.61 -4.13
N ARG A 111 10.69 12.64 -4.25
CA ARG A 111 10.99 13.73 -5.18
C ARG A 111 12.38 14.25 -4.87
N LEU A 112 12.71 14.29 -3.58
CA LEU A 112 14.04 14.71 -3.17
C LEU A 112 15.04 13.74 -3.76
N TYR A 113 14.55 12.52 -3.98
CA TYR A 113 15.37 11.46 -4.58
C TYR A 113 14.74 11.04 -5.92
N PRO A 114 15.00 11.79 -6.97
CA PRO A 114 14.43 11.53 -8.33
C PRO A 114 14.79 10.18 -8.95
N GLU A 115 16.05 9.76 -8.83
CA GLU A 115 16.47 8.50 -9.43
C GLU A 115 15.73 7.32 -8.80
N TYR A 116 15.79 7.27 -7.48
CA TYR A 116 15.13 6.21 -6.74
C TYR A 116 13.62 6.39 -6.78
N ALA A 117 13.19 7.64 -6.81
CA ALA A 117 11.77 7.96 -6.83
C ALA A 117 11.09 7.55 -8.12
N GLN A 118 11.56 8.09 -9.24
CA GLN A 118 10.97 7.74 -10.51
C GLN A 118 10.96 6.22 -10.62
N LYS A 119 11.97 5.61 -10.03
CA LYS A 119 12.11 4.16 -10.02
C LYS A 119 11.10 3.52 -9.06
N PHE A 120 10.68 4.26 -8.04
CA PHE A 120 9.76 3.71 -7.04
C PHE A 120 8.44 3.28 -7.67
N VAL A 121 7.96 4.02 -8.65
CA VAL A 121 6.72 3.67 -9.30
C VAL A 121 6.83 2.30 -9.98
N SER A 122 8.01 2.02 -10.54
CA SER A 122 8.25 0.76 -11.21
C SER A 122 8.70 -0.31 -10.22
N GLU A 123 9.62 0.06 -9.34
CA GLU A 123 10.13 -0.88 -8.34
C GLU A 123 8.99 -1.53 -7.57
N ILE A 124 7.90 -0.79 -7.39
CA ILE A 124 6.74 -1.31 -6.67
C ILE A 124 6.23 -2.58 -7.33
N GLN A 125 6.21 -2.59 -8.66
CA GLN A 125 5.72 -3.75 -9.40
C GLN A 125 6.39 -5.01 -8.88
N HIS A 126 7.62 -4.88 -8.42
CA HIS A 126 8.37 -6.02 -7.90
C HIS A 126 7.74 -6.54 -6.61
N ASP A 127 6.96 -5.69 -5.93
CA ASP A 127 6.31 -6.09 -4.68
C ASP A 127 4.80 -5.97 -4.78
N LEU A 128 4.29 -5.95 -6.01
CA LEU A 128 2.85 -5.83 -6.23
C LEU A 128 2.14 -7.14 -5.93
N THR A 129 1.24 -7.13 -4.95
CA THR A 129 0.48 -8.32 -4.58
C THR A 129 -0.86 -8.33 -5.28
N TYR A 130 -1.69 -7.33 -4.95
CA TYR A 130 -3.01 -7.22 -5.56
C TYR A 130 -3.25 -5.80 -6.02
N ASN A 131 -3.50 -5.65 -7.32
CA ASN A 131 -3.73 -4.32 -7.88
C ASN A 131 -5.21 -3.95 -7.81
N LEU A 132 -5.53 -2.98 -6.96
CA LEU A 132 -6.92 -2.55 -6.81
C LEU A 132 -7.19 -1.37 -7.73
N ARG A 133 -8.07 -1.58 -8.70
CA ARG A 133 -8.43 -0.55 -9.66
C ARG A 133 -9.81 0.04 -9.35
N GLU A 134 -10.01 1.28 -9.77
CA GLU A 134 -11.29 1.95 -9.53
C GLU A 134 -12.36 1.39 -10.45
N GLY A 135 -13.57 1.25 -9.92
CA GLY A 135 -14.68 0.71 -10.71
C GLY A 135 -14.82 -0.79 -10.52
#